data_5I7F
#
_entry.id   5I7F
#
_cell.length_a   138.434
_cell.length_b   109.775
_cell.length_c   269.802
_cell.angle_alpha   90.00
_cell.angle_beta   104.51
_cell.angle_gamma   90.00
#
_symmetry.space_group_name_H-M   'I 1 2 1'
#
loop_
_entity.id
_entity.type
_entity.pdbx_description
1 polymer 'Enoyl-[acyl-carrier-protein] reductase [NADH]'
2 non-polymer NICOTINAMIDE-ADENINE-DINUCLEOTIDE
3 non-polymer 5-ethyl-4-fluoro-2-(2-fluorophenoxy)phenol
4 water water
#
_entity_poly.entity_id   1
_entity_poly.type   'polypeptide(L)'
_entity_poly.pdbx_seq_one_letter_code
;MGFLDGKRILLTGLLSNRSIAYGIAKACKREGAELAFTYVGDRFKDRITEFAAEFGSELVFPCDVADDAQIDALFASLKT
HWDSLDGLVHSIGFAPREAIAGDFLDGLTRENFRIAHDISAYSFPALAKAALPMLSDDASLLTLSYLGAERAIPNYNTMG
LAKAALEASVRYLAVSLGAKGVRVNAISAGPIKTLAASGIKSFGKILDFVESNSPLKRNVTIEQVGNAGAFLLSDLASGV
TAEVMHVDSGFNAVVGGMAGLEEKLAAALEHHHHHH
;
_entity_poly.pdbx_strand_id   B,E,H,C,A,F,G,D,I,K,L,J
#
# COMPACT_ATOMS: atom_id res chain seq x y z
N GLY A 2 -6.49 -48.32 -15.91
CA GLY A 2 -7.27 -47.23 -15.33
C GLY A 2 -8.63 -47.11 -15.99
N PHE A 3 -9.40 -46.10 -15.61
CA PHE A 3 -10.75 -45.94 -16.13
C PHE A 3 -10.78 -45.03 -17.37
N LEU A 4 -9.62 -44.84 -18.00
CA LEU A 4 -9.55 -44.16 -19.28
C LEU A 4 -8.76 -44.97 -20.31
N ASP A 5 -8.64 -46.27 -20.07
CA ASP A 5 -7.92 -47.16 -20.99
C ASP A 5 -8.42 -47.02 -22.42
N GLY A 6 -7.51 -46.73 -23.34
CA GLY A 6 -7.84 -46.71 -24.76
C GLY A 6 -8.60 -45.49 -25.23
N LYS A 7 -8.82 -44.53 -24.33
CA LYS A 7 -9.51 -43.28 -24.68
C LYS A 7 -8.51 -42.28 -25.26
N ARG A 8 -8.85 -41.66 -26.37
CA ARG A 8 -7.99 -40.64 -26.98
C ARG A 8 -8.54 -39.26 -26.68
N ILE A 9 -7.71 -38.47 -26.00
CA ILE A 9 -8.14 -37.18 -25.48
C ILE A 9 -7.27 -36.03 -25.99
N LEU A 10 -7.93 -34.99 -26.48
CA LEU A 10 -7.25 -33.76 -26.92
C LEU A 10 -7.40 -32.71 -25.84
N LEU A 11 -6.27 -32.20 -25.32
CA LEU A 11 -6.32 -31.21 -24.26
C LEU A 11 -5.80 -29.88 -24.77
N THR A 12 -6.58 -28.82 -24.55
CA THR A 12 -6.14 -27.46 -24.84
C THR A 12 -5.79 -26.76 -23.53
N GLY A 13 -5.06 -25.66 -23.64
CA GLY A 13 -4.83 -24.81 -22.49
C GLY A 13 -3.69 -25.25 -21.60
N LEU A 14 -2.88 -26.20 -22.07
CA LEU A 14 -1.68 -26.58 -21.34
C LEU A 14 -0.58 -25.60 -21.71
N LEU A 15 -0.17 -24.79 -20.74
CA LEU A 15 0.76 -23.70 -20.98
C LEU A 15 1.95 -23.84 -20.04
N SER A 16 1.68 -24.33 -18.84
CA SER A 16 2.73 -24.59 -17.88
C SER A 16 2.37 -25.72 -16.95
N ASN A 17 3.30 -26.08 -16.06
CA ASN A 17 3.05 -27.15 -15.12
C ASN A 17 2.16 -26.72 -13.97
N ARG A 18 1.66 -25.48 -14.03
CA ARG A 18 0.67 -25.00 -13.07
C ARG A 18 -0.72 -25.00 -13.68
N SER A 19 -0.78 -25.09 -15.01
CA SER A 19 -2.06 -25.01 -15.73
C SER A 19 -3.01 -26.11 -15.29
N ILE A 20 -4.30 -25.77 -15.24
CA ILE A 20 -5.32 -26.74 -14.89
C ILE A 20 -5.27 -27.90 -15.86
N ALA A 21 -5.03 -27.60 -17.13
CA ALA A 21 -4.95 -28.60 -18.16
C ALA A 21 -3.83 -29.60 -17.91
N TYR A 22 -2.78 -29.17 -17.21
CA TYR A 22 -1.66 -30.03 -16.88
C TYR A 22 -2.06 -31.07 -15.84
N GLY A 23 -2.87 -30.65 -14.87
CA GLY A 23 -3.37 -31.55 -13.84
C GLY A 23 -4.28 -32.60 -14.44
N ILE A 24 -5.11 -32.17 -15.39
CA ILE A 24 -6.03 -33.07 -16.08
C ILE A 24 -5.29 -34.07 -16.94
N ALA A 25 -4.29 -33.60 -17.68
CA ALA A 25 -3.48 -34.46 -18.53
C ALA A 25 -2.90 -35.61 -17.71
N LYS A 26 -2.31 -35.24 -16.59
CA LYS A 26 -1.62 -36.18 -15.71
C LYS A 26 -2.58 -37.22 -15.14
N ALA A 27 -3.79 -36.80 -14.79
CA ALA A 27 -4.77 -37.73 -14.29
C ALA A 27 -5.25 -38.61 -15.43
N CYS A 28 -5.45 -38.00 -16.61
CA CYS A 28 -5.89 -38.76 -17.78
C CYS A 28 -4.83 -39.79 -18.21
N LYS A 29 -3.58 -39.39 -18.23
CA LYS A 29 -2.49 -40.31 -18.55
C LYS A 29 -2.39 -41.44 -17.54
N ARG A 30 -2.50 -41.07 -16.27
CA ARG A 30 -2.42 -42.02 -15.18
C ARG A 30 -3.47 -43.11 -15.36
N GLU A 31 -4.63 -42.71 -15.87
CA GLU A 31 -5.76 -43.62 -15.99
C GLU A 31 -5.82 -44.28 -17.37
N GLY A 32 -4.76 -44.14 -18.16
CA GLY A 32 -4.58 -44.95 -19.35
C GLY A 32 -4.95 -44.30 -20.68
N ALA A 33 -5.15 -42.98 -20.69
CA ALA A 33 -5.56 -42.29 -21.90
C ALA A 33 -4.38 -42.01 -22.81
N GLU A 34 -4.68 -41.80 -24.09
CA GLU A 34 -3.71 -41.28 -25.04
C GLU A 34 -3.99 -39.81 -25.26
N LEU A 35 -2.96 -38.99 -25.20
CA LEU A 35 -3.13 -37.55 -25.20
C LEU A 35 -2.60 -36.86 -26.44
N ALA A 36 -3.28 -35.78 -26.79
CA ALA A 36 -2.83 -34.86 -27.81
C ALA A 36 -3.03 -33.47 -27.24
N PHE A 37 -2.21 -32.52 -27.65
CA PHE A 37 -2.20 -31.20 -27.05
C PHE A 37 -2.25 -30.10 -28.09
N THR A 38 -2.74 -28.92 -27.70
CA THR A 38 -2.68 -27.75 -28.56
C THR A 38 -1.87 -26.63 -27.94
N TYR A 39 -1.43 -25.71 -28.79
CA TYR A 39 -0.68 -24.53 -28.38
C TYR A 39 -1.12 -23.36 -29.24
N VAL A 40 -0.78 -22.15 -28.82
CA VAL A 40 -1.16 -20.97 -29.59
C VAL A 40 0.08 -20.12 -29.81
N GLY A 41 0.35 -19.76 -31.06
CA GLY A 41 1.59 -19.09 -31.39
C GLY A 41 2.65 -20.12 -31.74
N ASP A 42 3.73 -19.67 -32.38
CA ASP A 42 4.83 -20.56 -32.75
C ASP A 42 5.78 -20.77 -31.59
N ARG A 43 6.24 -19.68 -30.98
CA ARG A 43 7.17 -19.74 -29.85
C ARG A 43 6.85 -20.80 -28.80
N PHE A 44 5.56 -21.11 -28.66
CA PHE A 44 5.11 -22.02 -27.63
C PHE A 44 5.17 -23.47 -28.11
N LYS A 45 5.53 -23.65 -29.38
CA LYS A 45 5.56 -24.98 -29.99
C LYS A 45 6.57 -25.90 -29.31
N ASP A 46 7.73 -25.36 -28.97
CA ASP A 46 8.78 -26.14 -28.33
C ASP A 46 8.32 -26.51 -26.94
N ARG A 47 7.67 -25.56 -26.27
CA ARG A 47 7.27 -25.73 -24.88
C ARG A 47 6.26 -26.86 -24.70
N ILE A 48 5.26 -26.91 -25.58
CA ILE A 48 4.21 -27.91 -25.49
C ILE A 48 4.71 -29.28 -25.95
N THR A 49 5.62 -29.28 -26.92
CA THR A 49 6.19 -30.50 -27.43
C THR A 49 6.97 -31.20 -26.31
N GLU A 50 7.62 -30.40 -25.47
CA GLU A 50 8.32 -30.95 -24.31
C GLU A 50 7.31 -31.51 -23.32
N PHE A 51 6.19 -30.82 -23.15
CA PHE A 51 5.13 -31.28 -22.26
C PHE A 51 4.47 -32.54 -22.79
N ALA A 52 4.25 -32.59 -24.10
CA ALA A 52 3.63 -33.75 -24.73
C ALA A 52 4.49 -35.00 -24.55
N ALA A 53 5.81 -34.83 -24.57
CA ALA A 53 6.73 -35.95 -24.45
C ALA A 53 6.67 -36.55 -23.05
N GLU A 54 6.44 -35.69 -22.07
CA GLU A 54 6.30 -36.12 -20.68
C GLU A 54 5.11 -37.06 -20.53
N PHE A 55 4.13 -36.95 -21.43
CA PHE A 55 2.95 -37.81 -21.41
C PHE A 55 2.95 -38.80 -22.56
N GLY A 56 4.14 -39.06 -23.11
CA GLY A 56 4.30 -40.09 -24.13
C GLY A 56 3.58 -39.79 -25.42
N SER A 57 3.57 -38.53 -25.82
CA SER A 57 2.85 -38.10 -27.02
C SER A 57 3.69 -37.20 -27.91
N GLU A 58 3.49 -37.35 -29.22
CA GLU A 58 4.10 -36.47 -30.21
C GLU A 58 3.02 -35.61 -30.88
N LEU A 59 1.77 -35.85 -30.51
CA LEU A 59 0.66 -35.20 -31.20
C LEU A 59 0.44 -33.80 -30.62
N VAL A 60 0.99 -32.80 -31.31
CA VAL A 60 0.79 -31.41 -30.92
C VAL A 60 0.39 -30.62 -32.15
N PHE A 61 -0.59 -29.73 -31.99
CA PHE A 61 -1.11 -28.98 -33.11
C PHE A 61 -1.36 -27.52 -32.72
N PRO A 62 -1.11 -26.58 -33.64
CA PRO A 62 -1.40 -25.19 -33.27
C PRO A 62 -2.88 -24.87 -33.38
N CYS A 63 -3.40 -24.08 -32.44
CA CYS A 63 -4.78 -23.64 -32.49
C CYS A 63 -5.04 -22.39 -31.67
N ASP A 64 -5.02 -21.24 -32.35
CA ASP A 64 -5.50 -19.98 -31.78
C ASP A 64 -7.00 -19.88 -32.06
N VAL A 65 -7.84 -20.01 -31.04
CA VAL A 65 -9.28 -20.10 -31.25
C VAL A 65 -9.90 -18.81 -31.78
N ALA A 66 -9.11 -17.76 -31.94
CA ALA A 66 -9.61 -16.53 -32.55
C ALA A 66 -9.71 -16.72 -34.05
N ASP A 67 -8.93 -17.67 -34.57
CA ASP A 67 -8.86 -17.92 -36.01
C ASP A 67 -9.67 -19.16 -36.39
N ASP A 68 -10.70 -18.94 -37.20
CA ASP A 68 -11.55 -20.03 -37.70
C ASP A 68 -10.73 -21.09 -38.43
N ALA A 69 -9.69 -20.65 -39.12
CA ALA A 69 -8.89 -21.53 -39.96
C ALA A 69 -8.15 -22.58 -39.16
N GLN A 70 -7.56 -22.17 -38.04
CA GLN A 70 -6.76 -23.09 -37.23
C GLN A 70 -7.63 -24.13 -36.55
N ILE A 71 -8.86 -23.75 -36.22
CA ILE A 71 -9.82 -24.66 -35.61
C ILE A 71 -10.13 -25.81 -36.55
N ASP A 72 -10.50 -25.46 -37.78
CA ASP A 72 -10.81 -26.47 -38.78
C ASP A 72 -9.56 -27.28 -39.10
N ALA A 73 -8.42 -26.60 -39.15
CA ALA A 73 -7.15 -27.24 -39.47
C ALA A 73 -6.69 -28.14 -38.32
N LEU A 74 -7.09 -27.80 -37.10
CA LEU A 74 -6.72 -28.59 -35.92
C LEU A 74 -7.20 -30.03 -36.07
N PHE A 75 -8.46 -30.19 -36.42
CA PHE A 75 -9.07 -31.51 -36.46
C PHE A 75 -8.85 -32.22 -37.80
N ALA A 76 -8.40 -31.47 -38.80
CA ALA A 76 -7.97 -32.09 -40.04
C ALA A 76 -6.65 -32.82 -39.80
N SER A 77 -5.75 -32.16 -39.09
CA SER A 77 -4.45 -32.72 -38.76
C SER A 77 -4.58 -33.89 -37.81
N LEU A 78 -5.43 -33.75 -36.79
CA LEU A 78 -5.61 -34.78 -35.79
C LEU A 78 -6.17 -36.04 -36.43
N LYS A 79 -6.98 -35.85 -37.47
CA LYS A 79 -7.66 -36.95 -38.15
C LYS A 79 -6.67 -37.90 -38.81
N THR A 80 -5.50 -37.38 -39.18
CA THR A 80 -4.50 -38.18 -39.86
C THR A 80 -3.80 -39.12 -38.88
N HIS A 81 -3.90 -38.82 -37.59
CA HIS A 81 -3.31 -39.66 -36.54
C HIS A 81 -4.36 -40.49 -35.83
N TRP A 82 -5.49 -39.85 -35.52
CA TRP A 82 -6.57 -40.50 -34.78
C TRP A 82 -7.80 -40.68 -35.64
N ASP A 83 -8.29 -41.90 -35.69
CA ASP A 83 -9.50 -42.21 -36.45
C ASP A 83 -10.72 -41.58 -35.77
N SER A 84 -10.65 -41.46 -34.44
CA SER A 84 -11.74 -40.88 -33.67
C SER A 84 -11.20 -40.20 -32.42
N LEU A 85 -12.04 -39.36 -31.81
CA LEU A 85 -11.67 -38.60 -30.62
C LEU A 85 -12.64 -38.89 -29.47
N ASP A 86 -12.11 -39.31 -28.32
CA ASP A 86 -12.94 -39.75 -27.21
C ASP A 86 -13.20 -38.66 -26.15
N GLY A 87 -12.33 -37.67 -26.09
CA GLY A 87 -12.47 -36.61 -25.11
C GLY A 87 -11.86 -35.31 -25.58
N LEU A 88 -12.52 -34.20 -25.27
CA LEU A 88 -12.01 -32.88 -25.59
C LEU A 88 -12.11 -31.97 -24.37
N VAL A 89 -11.00 -31.36 -24.00
CA VAL A 89 -10.94 -30.45 -22.87
C VAL A 89 -10.68 -29.03 -23.29
N HIS A 90 -11.63 -28.17 -22.94
CA HIS A 90 -11.56 -26.76 -23.23
C HIS A 90 -11.11 -26.00 -21.98
N SER A 91 -9.81 -25.77 -21.88
CA SER A 91 -9.24 -25.05 -20.75
C SER A 91 -8.67 -23.71 -21.20
N ILE A 92 -9.52 -22.93 -21.88
CA ILE A 92 -9.09 -21.68 -22.50
C ILE A 92 -9.90 -20.51 -21.95
N GLY A 93 -9.21 -19.40 -21.71
CA GLY A 93 -9.86 -18.18 -21.28
C GLY A 93 -8.99 -16.98 -21.56
N PHE A 94 -9.61 -15.86 -21.90
CA PHE A 94 -8.87 -14.62 -22.10
C PHE A 94 -9.75 -13.39 -22.02
N ALA A 95 -9.19 -12.32 -21.45
CA ALA A 95 -9.78 -10.99 -21.57
C ALA A 95 -8.70 -9.95 -21.34
N PRO A 96 -8.81 -8.81 -22.03
CA PRO A 96 -7.92 -7.67 -21.73
C PRO A 96 -7.94 -7.37 -20.24
N ARG A 97 -6.78 -7.10 -19.66
CA ARG A 97 -6.63 -7.02 -18.22
C ARG A 97 -7.50 -5.93 -17.61
N GLU A 98 -7.75 -4.87 -18.37
CA GLU A 98 -8.54 -3.76 -17.85
C GLU A 98 -9.98 -4.20 -17.60
N ALA A 99 -10.42 -5.21 -18.33
CA ALA A 99 -11.80 -5.70 -18.20
C ALA A 99 -11.95 -6.67 -17.03
N ILE A 100 -10.83 -7.06 -16.43
CA ILE A 100 -10.83 -7.93 -15.26
C ILE A 100 -10.01 -7.29 -14.15
N ALA A 101 -10.16 -5.98 -14.00
CA ALA A 101 -9.46 -5.23 -12.98
C ALA A 101 -10.31 -4.05 -12.56
N GLY A 102 -10.42 -3.83 -11.26
CA GLY A 102 -11.15 -2.70 -10.74
C GLY A 102 -12.64 -2.82 -10.95
N ASP A 103 -13.28 -1.70 -11.28
CA ASP A 103 -14.73 -1.67 -11.46
C ASP A 103 -15.14 -2.29 -12.78
N PHE A 104 -16.34 -2.86 -12.79
CA PHE A 104 -16.89 -3.53 -13.96
C PHE A 104 -17.07 -2.58 -15.16
N LEU A 105 -17.58 -1.38 -14.91
CA LEU A 105 -17.87 -0.46 -15.99
C LEU A 105 -16.62 0.26 -16.49
N ASP A 106 -15.68 0.50 -15.59
CA ASP A 106 -14.44 1.19 -15.96
C ASP A 106 -13.71 0.42 -17.05
N GLY A 107 -13.74 -0.91 -16.97
CA GLY A 107 -13.04 -1.74 -17.93
C GLY A 107 -13.94 -2.29 -19.02
N LEU A 108 -15.17 -1.79 -19.07
CA LEU A 108 -16.12 -2.23 -20.09
C LEU A 108 -15.99 -1.44 -21.38
N THR A 109 -15.62 -2.13 -22.45
CA THR A 109 -15.66 -1.56 -23.79
C THR A 109 -16.24 -2.61 -24.72
N ARG A 110 -16.83 -2.19 -25.83
CA ARG A 110 -17.44 -3.13 -26.77
C ARG A 110 -16.42 -4.16 -27.22
N GLU A 111 -15.17 -3.73 -27.36
CA GLU A 111 -14.12 -4.61 -27.85
C GLU A 111 -13.64 -5.58 -26.76
N ASN A 112 -13.53 -5.09 -25.53
CA ASN A 112 -13.16 -5.96 -24.41
C ASN A 112 -14.21 -7.02 -24.17
N PHE A 113 -15.46 -6.62 -24.28
CA PHE A 113 -16.58 -7.54 -24.15
C PHE A 113 -16.49 -8.59 -25.25
N ARG A 114 -16.31 -8.13 -26.48
CA ARG A 114 -16.28 -9.02 -27.63
C ARG A 114 -15.20 -10.08 -27.50
N ILE A 115 -13.97 -9.65 -27.16
CA ILE A 115 -12.85 -10.58 -27.11
C ILE A 115 -13.05 -11.60 -26.00
N ALA A 116 -13.48 -11.14 -24.84
CA ALA A 116 -13.65 -12.02 -23.70
C ALA A 116 -14.63 -13.14 -24.04
N HIS A 117 -15.70 -12.78 -24.73
CA HIS A 117 -16.72 -13.74 -25.10
C HIS A 117 -16.27 -14.59 -26.29
N ASP A 118 -15.49 -13.99 -27.19
CA ASP A 118 -14.98 -14.72 -28.34
C ASP A 118 -14.11 -15.89 -27.89
N ILE A 119 -13.14 -15.60 -27.02
CA ILE A 119 -12.15 -16.58 -26.60
C ILE A 119 -12.65 -17.51 -25.49
N SER A 120 -13.36 -16.94 -24.52
CA SER A 120 -13.71 -17.67 -23.31
C SER A 120 -15.04 -18.40 -23.42
N ALA A 121 -15.88 -18.00 -24.36
CA ALA A 121 -17.21 -18.60 -24.51
C ALA A 121 -17.39 -19.29 -25.85
N TYR A 122 -17.36 -18.53 -26.94
CA TYR A 122 -17.64 -19.09 -28.26
C TYR A 122 -16.71 -20.25 -28.64
N SER A 123 -15.45 -20.18 -28.23
CA SER A 123 -14.47 -21.17 -28.66
C SER A 123 -14.80 -22.59 -28.20
N PHE A 124 -15.62 -22.74 -27.16
CA PHE A 124 -15.94 -24.07 -26.66
C PHE A 124 -16.90 -24.78 -27.61
N PRO A 125 -18.09 -24.20 -27.86
CA PRO A 125 -18.94 -24.86 -28.85
C PRO A 125 -18.36 -24.80 -30.26
N ALA A 126 -17.50 -23.83 -30.53
CA ALA A 126 -16.84 -23.75 -31.83
C ALA A 126 -15.97 -24.98 -32.05
N LEU A 127 -15.18 -25.34 -31.03
CA LEU A 127 -14.36 -26.53 -31.08
C LEU A 127 -15.21 -27.79 -31.09
N ALA A 128 -16.36 -27.73 -30.41
CA ALA A 128 -17.27 -28.87 -30.40
C ALA A 128 -17.81 -29.13 -31.79
N LYS A 129 -18.20 -28.06 -32.48
CA LYS A 129 -18.75 -28.20 -33.82
C LYS A 129 -17.67 -28.71 -34.76
N ALA A 130 -16.45 -28.22 -34.59
CA ALA A 130 -15.36 -28.58 -35.47
C ALA A 130 -14.88 -30.00 -35.24
N ALA A 131 -15.16 -30.55 -34.06
CA ALA A 131 -14.68 -31.88 -33.71
C ALA A 131 -15.70 -32.97 -34.00
N LEU A 132 -16.96 -32.57 -34.11
CA LEU A 132 -18.07 -33.52 -34.20
C LEU A 132 -17.89 -34.60 -35.26
N PRO A 133 -17.34 -34.24 -36.44
CA PRO A 133 -17.15 -35.25 -37.48
C PRO A 133 -16.30 -36.45 -37.07
N MET A 134 -15.46 -36.33 -36.04
CA MET A 134 -14.57 -37.42 -35.65
C MET A 134 -14.77 -37.81 -34.18
N LEU A 135 -15.81 -37.27 -33.55
CA LEU A 135 -16.12 -37.63 -32.17
C LEU A 135 -16.76 -39.03 -32.09
N SER A 136 -16.35 -39.80 -31.10
CA SER A 136 -16.92 -41.14 -30.89
C SER A 136 -18.35 -41.08 -30.35
N ASP A 137 -19.01 -42.23 -30.33
CA ASP A 137 -20.43 -42.32 -29.97
C ASP A 137 -20.72 -41.96 -28.52
N ASP A 138 -19.73 -42.16 -27.65
CA ASP A 138 -19.86 -41.83 -26.23
C ASP A 138 -18.71 -40.94 -25.77
N ALA A 139 -18.30 -40.03 -26.66
CA ALA A 139 -17.25 -39.07 -26.35
C ALA A 139 -17.70 -38.11 -25.26
N SER A 140 -16.76 -37.34 -24.72
CA SER A 140 -17.05 -36.46 -23.58
C SER A 140 -16.30 -35.14 -23.69
N LEU A 141 -17.04 -34.04 -23.69
CA LEU A 141 -16.45 -32.71 -23.78
C LEU A 141 -16.45 -32.04 -22.41
N LEU A 142 -15.37 -31.33 -22.11
CA LEU A 142 -15.17 -30.73 -20.79
C LEU A 142 -14.63 -29.31 -20.90
N THR A 143 -15.23 -28.39 -20.16
CA THR A 143 -14.77 -27.01 -20.10
C THR A 143 -14.57 -26.58 -18.66
N LEU A 144 -13.92 -25.44 -18.47
CA LEU A 144 -13.66 -24.90 -17.14
C LEU A 144 -14.38 -23.58 -16.93
N SER A 145 -15.09 -23.45 -15.81
CA SER A 145 -15.77 -22.21 -15.46
C SER A 145 -15.39 -21.78 -14.06
N TYR A 146 -15.99 -20.67 -13.61
CA TYR A 146 -15.74 -20.15 -12.28
C TYR A 146 -17.02 -19.61 -11.66
N LEU A 147 -17.07 -19.62 -10.34
CA LEU A 147 -18.22 -19.16 -9.58
C LEU A 147 -18.65 -17.75 -9.96
N GLY A 148 -17.76 -17.00 -10.59
CA GLY A 148 -18.04 -15.63 -11.00
C GLY A 148 -19.17 -15.51 -12.00
N ALA A 149 -19.57 -16.63 -12.58
CA ALA A 149 -20.71 -16.66 -13.50
C ALA A 149 -22.02 -16.62 -12.73
N GLU A 150 -22.02 -17.28 -11.59
CA GLU A 150 -23.22 -17.43 -10.78
C GLU A 150 -23.49 -16.20 -9.92
N ARG A 151 -22.43 -15.64 -9.36
CA ARG A 151 -22.53 -14.48 -8.49
C ARG A 151 -21.43 -13.47 -8.79
N ALA A 152 -21.64 -12.21 -8.41
CA ALA A 152 -20.68 -11.16 -8.70
C ALA A 152 -19.48 -11.24 -7.78
N ILE A 153 -18.31 -11.45 -8.37
CA ILE A 153 -17.07 -11.52 -7.63
C ILE A 153 -16.19 -10.32 -8.01
N PRO A 154 -15.56 -9.69 -7.01
CA PRO A 154 -14.73 -8.51 -7.28
C PRO A 154 -13.65 -8.77 -8.32
N ASN A 155 -13.54 -7.86 -9.28
CA ASN A 155 -12.47 -7.84 -10.28
C ASN A 155 -12.65 -8.86 -11.39
N TYR A 156 -13.54 -9.84 -11.18
CA TYR A 156 -13.79 -10.82 -12.22
C TYR A 156 -14.56 -10.16 -13.36
N ASN A 157 -15.52 -9.31 -13.01
CA ASN A 157 -16.17 -8.40 -13.95
C ASN A 157 -16.59 -9.04 -15.29
N THR A 158 -16.05 -8.53 -16.39
CA THR A 158 -16.49 -8.94 -17.73
C THR A 158 -16.33 -10.44 -17.95
N MET A 159 -15.41 -11.05 -17.23
CA MET A 159 -15.17 -12.48 -17.38
C MET A 159 -16.32 -13.29 -16.80
N GLY A 160 -17.04 -12.71 -15.86
CA GLY A 160 -18.19 -13.36 -15.29
C GLY A 160 -19.31 -13.49 -16.30
N LEU A 161 -19.45 -12.48 -17.15
CA LEU A 161 -20.46 -12.50 -18.20
C LEU A 161 -20.16 -13.62 -19.18
N ALA A 162 -18.90 -13.74 -19.58
CA ALA A 162 -18.49 -14.75 -20.53
C ALA A 162 -18.70 -16.15 -19.97
N LYS A 163 -18.37 -16.33 -18.72
CA LYS A 163 -18.49 -17.64 -18.09
C LYS A 163 -19.95 -18.07 -17.97
N ALA A 164 -20.85 -17.10 -17.88
CA ALA A 164 -22.27 -17.43 -17.85
C ALA A 164 -22.71 -17.93 -19.21
N ALA A 165 -22.16 -17.31 -20.26
CA ALA A 165 -22.44 -17.73 -21.63
C ALA A 165 -21.85 -19.12 -21.84
N LEU A 166 -20.65 -19.32 -21.31
CA LEU A 166 -19.96 -20.59 -21.41
C LEU A 166 -20.78 -21.71 -20.75
N GLU A 167 -21.26 -21.46 -19.54
CA GLU A 167 -22.04 -22.46 -18.82
C GLU A 167 -23.37 -22.72 -19.52
N ALA A 168 -23.86 -21.72 -20.25
CA ALA A 168 -25.08 -21.88 -21.02
C ALA A 168 -24.79 -22.73 -22.25
N SER A 169 -23.61 -22.55 -22.82
CA SER A 169 -23.21 -23.31 -24.00
C SER A 169 -23.08 -24.79 -23.68
N VAL A 170 -22.73 -25.09 -22.43
CA VAL A 170 -22.68 -26.48 -21.96
C VAL A 170 -24.04 -27.14 -22.12
N ARG A 171 -25.08 -26.42 -21.71
CA ARG A 171 -26.43 -26.98 -21.72
C ARG A 171 -26.95 -27.16 -23.15
N TYR A 172 -26.76 -26.16 -23.99
CA TYR A 172 -27.24 -26.25 -25.37
C TYR A 172 -26.42 -27.25 -26.18
N LEU A 173 -25.11 -27.32 -25.90
CA LEU A 173 -24.28 -28.33 -26.54
C LEU A 173 -24.71 -29.73 -26.18
N ALA A 174 -25.05 -29.93 -24.91
CA ALA A 174 -25.39 -31.25 -24.41
C ALA A 174 -26.63 -31.81 -25.10
N VAL A 175 -27.60 -30.95 -25.38
CA VAL A 175 -28.82 -31.37 -26.07
C VAL A 175 -28.46 -31.67 -27.50
N SER A 176 -27.64 -30.81 -28.09
CA SER A 176 -27.27 -30.93 -29.48
C SER A 176 -26.47 -32.22 -29.73
N LEU A 177 -25.48 -32.47 -28.88
CA LEU A 177 -24.60 -33.62 -29.05
C LEU A 177 -25.10 -34.87 -28.32
N GLY A 178 -26.14 -34.71 -27.51
CA GLY A 178 -26.60 -35.78 -26.65
C GLY A 178 -27.25 -36.99 -27.32
N ALA A 179 -27.99 -36.75 -28.40
CA ALA A 179 -28.67 -37.85 -29.09
C ALA A 179 -27.65 -38.85 -29.61
N LYS A 180 -26.48 -38.36 -29.96
CA LYS A 180 -25.41 -39.20 -30.47
C LYS A 180 -24.77 -39.99 -29.34
N GLY A 181 -25.05 -39.59 -28.10
CA GLY A 181 -24.50 -40.26 -26.94
C GLY A 181 -23.35 -39.50 -26.30
N VAL A 182 -23.09 -38.29 -26.79
CA VAL A 182 -21.99 -37.47 -26.30
C VAL A 182 -22.39 -36.63 -25.10
N ARG A 183 -21.48 -36.53 -24.15
CA ARG A 183 -21.72 -35.79 -22.91
C ARG A 183 -20.93 -34.48 -22.90
N VAL A 184 -21.50 -33.46 -22.29
CA VAL A 184 -20.86 -32.16 -22.22
C VAL A 184 -21.01 -31.62 -20.81
N ASN A 185 -19.88 -31.31 -20.17
CA ASN A 185 -19.88 -30.85 -18.79
C ASN A 185 -18.90 -29.73 -18.56
N ALA A 186 -19.00 -29.11 -17.39
CA ALA A 186 -18.05 -28.11 -16.97
C ALA A 186 -17.63 -28.35 -15.54
N ILE A 187 -16.40 -27.97 -15.23
CA ILE A 187 -15.96 -27.89 -13.85
C ILE A 187 -15.85 -26.42 -13.46
N SER A 188 -16.57 -26.05 -12.43
CA SER A 188 -16.41 -24.73 -11.82
C SER A 188 -15.32 -24.86 -10.78
N ALA A 189 -14.11 -24.49 -11.16
CA ALA A 189 -12.95 -24.66 -10.29
C ALA A 189 -12.83 -23.52 -9.29
N GLY A 190 -12.29 -23.82 -8.13
CA GLY A 190 -11.96 -22.81 -7.14
C GLY A 190 -10.68 -22.12 -7.54
N PRO A 191 -10.25 -21.13 -6.75
CA PRO A 191 -9.04 -20.38 -7.10
C PRO A 191 -7.80 -21.27 -7.09
N ILE A 192 -7.06 -21.22 -8.19
CA ILE A 192 -5.79 -21.93 -8.30
C ILE A 192 -4.76 -20.94 -8.82
N LYS A 193 -3.58 -20.93 -8.22
CA LYS A 193 -2.55 -20.00 -8.69
C LYS A 193 -1.96 -20.51 -10.01
N THR A 194 -2.42 -19.91 -11.10
CA THR A 194 -1.95 -20.25 -12.43
C THR A 194 -1.54 -18.97 -13.17
N LEU A 195 -1.05 -19.11 -14.39
CA LEU A 195 -0.68 -17.94 -15.19
C LEU A 195 -1.84 -16.98 -15.39
N ALA A 196 -3.00 -17.54 -15.73
CA ALA A 196 -4.18 -16.73 -15.97
C ALA A 196 -4.56 -16.00 -14.68
N ALA A 197 -4.26 -16.63 -13.56
CA ALA A 197 -4.61 -16.09 -12.25
C ALA A 197 -3.97 -14.74 -11.99
N SER A 198 -2.80 -14.49 -12.56
CA SER A 198 -2.09 -13.24 -12.31
C SER A 198 -2.80 -12.06 -12.97
N GLY A 199 -3.77 -12.35 -13.83
CA GLY A 199 -4.54 -11.29 -14.48
C GLY A 199 -5.67 -10.83 -13.59
N ILE A 200 -5.97 -11.58 -12.54
CA ILE A 200 -7.04 -11.20 -11.62
C ILE A 200 -6.43 -10.42 -10.46
N LYS A 201 -6.65 -9.12 -10.47
CA LYS A 201 -6.08 -8.27 -9.44
C LYS A 201 -6.59 -8.74 -8.09
N SER A 202 -5.71 -8.82 -7.11
CA SER A 202 -6.09 -9.28 -5.79
C SER A 202 -6.61 -10.71 -5.83
N PHE A 203 -5.97 -11.56 -6.62
CA PHE A 203 -6.26 -12.99 -6.65
C PHE A 203 -5.96 -13.59 -5.29
N GLY A 204 -4.91 -13.08 -4.68
CA GLY A 204 -4.43 -13.57 -3.39
C GLY A 204 -5.44 -13.39 -2.29
N LYS A 205 -6.22 -12.31 -2.39
CA LYS A 205 -7.24 -12.01 -1.40
C LYS A 205 -8.35 -13.06 -1.47
N ILE A 206 -8.63 -13.51 -2.70
CA ILE A 206 -9.65 -14.52 -2.91
C ILE A 206 -9.16 -15.86 -2.37
N LEU A 207 -7.89 -16.17 -2.60
CA LEU A 207 -7.31 -17.41 -2.10
C LEU A 207 -7.42 -17.50 -0.58
N ASP A 208 -7.07 -16.41 0.09
CA ASP A 208 -7.11 -16.38 1.55
C ASP A 208 -8.53 -16.53 2.04
N PHE A 209 -9.46 -15.90 1.32
CA PHE A 209 -10.86 -15.89 1.73
C PHE A 209 -11.48 -17.28 1.60
N VAL A 210 -11.13 -17.99 0.52
CA VAL A 210 -11.66 -19.33 0.29
C VAL A 210 -11.06 -20.31 1.29
N GLU A 211 -9.76 -20.19 1.56
CA GLU A 211 -9.12 -21.06 2.53
C GLU A 211 -9.71 -20.85 3.92
N SER A 212 -10.15 -19.64 4.21
CA SER A 212 -10.68 -19.30 5.52
C SER A 212 -12.15 -19.67 5.68
N ASN A 213 -12.91 -19.59 4.58
CA ASN A 213 -14.37 -19.66 4.66
C ASN A 213 -15.01 -20.88 4.00
N SER A 214 -14.28 -21.53 3.10
CA SER A 214 -14.76 -22.75 2.47
C SER A 214 -14.97 -23.85 3.53
N PRO A 215 -15.94 -24.75 3.30
CA PRO A 215 -16.21 -25.84 4.25
C PRO A 215 -15.00 -26.70 4.61
N LEU A 216 -14.19 -27.07 3.63
CA LEU A 216 -13.02 -27.91 3.85
C LEU A 216 -11.81 -27.12 4.32
N LYS A 217 -11.96 -25.81 4.41
CA LYS A 217 -10.93 -24.92 4.95
C LYS A 217 -9.62 -25.08 4.20
N ARG A 218 -9.72 -25.26 2.89
CA ARG A 218 -8.53 -25.43 2.06
C ARG A 218 -8.84 -25.12 0.60
N ASN A 219 -7.85 -24.59 -0.10
CA ASN A 219 -7.99 -24.33 -1.52
C ASN A 219 -7.75 -25.62 -2.28
N VAL A 220 -8.20 -25.68 -3.52
CA VAL A 220 -8.04 -26.88 -4.32
C VAL A 220 -6.79 -26.82 -5.19
N THR A 221 -6.43 -27.96 -5.76
CA THR A 221 -5.26 -28.08 -6.61
C THR A 221 -5.67 -28.58 -7.99
N ILE A 222 -4.73 -28.52 -8.94
CA ILE A 222 -5.00 -28.99 -10.29
C ILE A 222 -5.07 -30.51 -10.31
N GLU A 223 -4.51 -31.16 -9.28
CA GLU A 223 -4.61 -32.61 -9.15
C GLU A 223 -6.03 -33.01 -8.79
N GLN A 224 -6.67 -32.23 -7.94
CA GLN A 224 -8.05 -32.50 -7.55
C GLN A 224 -9.01 -32.22 -8.69
N VAL A 225 -8.79 -31.09 -9.38
CA VAL A 225 -9.58 -30.75 -10.55
C VAL A 225 -9.28 -31.76 -11.66
N GLY A 226 -8.05 -32.24 -11.70
CA GLY A 226 -7.64 -33.19 -12.73
C GLY A 226 -8.35 -34.53 -12.59
N ASN A 227 -8.42 -35.04 -11.37
CA ASN A 227 -9.12 -36.30 -11.11
C ASN A 227 -10.60 -36.15 -11.40
N ALA A 228 -11.16 -35.01 -11.02
CA ALA A 228 -12.56 -34.72 -11.28
C ALA A 228 -12.82 -34.63 -12.79
N GLY A 229 -11.88 -34.03 -13.51
CA GLY A 229 -11.99 -33.91 -14.95
C GLY A 229 -11.91 -35.26 -15.64
N ALA A 230 -10.95 -36.08 -15.21
CA ALA A 230 -10.76 -37.41 -15.76
C ALA A 230 -12.01 -38.26 -15.58
N PHE A 231 -12.64 -38.12 -14.42
CA PHE A 231 -13.89 -38.79 -14.14
C PHE A 231 -14.97 -38.43 -15.14
N LEU A 232 -15.16 -37.13 -15.36
CA LEU A 232 -16.20 -36.65 -16.26
C LEU A 232 -15.93 -37.04 -17.71
N LEU A 233 -14.66 -37.18 -18.05
CA LEU A 233 -14.26 -37.58 -19.40
C LEU A 233 -14.44 -39.07 -19.64
N SER A 234 -14.63 -39.82 -18.55
CA SER A 234 -14.67 -41.28 -18.62
C SER A 234 -16.09 -41.82 -18.62
N ASP A 235 -16.23 -43.09 -18.92
CA ASP A 235 -17.53 -43.74 -18.97
C ASP A 235 -18.10 -44.00 -17.57
N LEU A 236 -17.34 -43.67 -16.53
CA LEU A 236 -17.85 -43.70 -15.17
C LEU A 236 -18.94 -42.63 -15.03
N ALA A 237 -18.86 -41.59 -15.84
CA ALA A 237 -19.78 -40.46 -15.76
C ALA A 237 -20.77 -40.42 -16.93
N SER A 238 -21.16 -41.60 -17.41
CA SER A 238 -22.02 -41.70 -18.58
C SER A 238 -23.47 -41.26 -18.32
N GLY A 239 -23.83 -41.10 -17.05
CA GLY A 239 -25.14 -40.62 -16.68
C GLY A 239 -25.11 -39.12 -16.43
N VAL A 240 -23.95 -38.51 -16.68
CA VAL A 240 -23.72 -37.11 -16.36
C VAL A 240 -23.42 -36.28 -17.59
N THR A 241 -24.31 -35.34 -17.89
CA THR A 241 -24.11 -34.39 -18.97
C THR A 241 -24.82 -33.10 -18.61
N ALA A 242 -24.43 -32.00 -19.25
CA ALA A 242 -24.99 -30.68 -18.98
C ALA A 242 -24.79 -30.24 -17.54
N GLU A 243 -23.74 -30.74 -16.91
CA GLU A 243 -23.50 -30.45 -15.50
C GLU A 243 -22.38 -29.43 -15.31
N VAL A 244 -22.59 -28.48 -14.40
CA VAL A 244 -21.52 -27.62 -13.93
C VAL A 244 -21.19 -28.07 -12.53
N MET A 245 -20.10 -28.81 -12.39
CA MET A 245 -19.70 -29.40 -11.13
C MET A 245 -18.68 -28.53 -10.41
N HIS A 246 -18.98 -28.16 -9.17
CA HIS A 246 -18.08 -27.36 -8.37
C HIS A 246 -16.98 -28.21 -7.77
N VAL A 247 -15.73 -27.90 -8.10
CA VAL A 247 -14.58 -28.48 -7.45
C VAL A 247 -13.82 -27.34 -6.78
N ASP A 248 -14.35 -26.86 -5.65
CA ASP A 248 -13.81 -25.69 -4.99
C ASP A 248 -13.87 -25.80 -3.47
N SER A 249 -13.67 -27.01 -2.95
CA SER A 249 -13.70 -27.26 -1.51
C SER A 249 -15.02 -26.82 -0.89
N GLY A 250 -16.05 -26.68 -1.71
CA GLY A 250 -17.39 -26.37 -1.23
C GLY A 250 -17.70 -24.89 -1.08
N PHE A 251 -16.80 -24.03 -1.55
CA PHE A 251 -16.90 -22.60 -1.30
C PHE A 251 -18.21 -22.01 -1.80
N ASN A 252 -18.68 -22.49 -2.95
CA ASN A 252 -19.89 -21.98 -3.56
C ASN A 252 -21.16 -22.10 -2.70
N ALA A 253 -21.18 -23.02 -1.75
CA ALA A 253 -22.42 -23.36 -1.04
C ALA A 253 -22.62 -22.62 0.28
N VAL A 254 -21.71 -21.69 0.60
CA VAL A 254 -21.79 -20.95 1.86
C VAL A 254 -21.79 -19.44 1.64
N VAL A 255 -22.17 -18.72 2.69
CA VAL A 255 -21.92 -17.28 2.78
C VAL A 255 -20.86 -17.06 3.83
N GLY A 256 -19.61 -16.87 3.41
CA GLY A 256 -18.51 -16.76 4.34
C GLY A 256 -18.28 -15.33 4.81
N GLY A 257 -17.50 -15.21 5.88
CA GLY A 257 -17.08 -13.91 6.41
C GLY A 257 -17.76 -13.60 7.74
N MET A 258 -18.85 -14.30 8.03
CA MET A 258 -19.65 -14.05 9.23
C MET A 258 -19.38 -15.09 10.32
N GLY B 2 -8.52 -50.75 -7.32
CA GLY B 2 -9.42 -49.68 -7.72
C GLY B 2 -9.14 -48.39 -6.96
N PHE B 3 -9.97 -47.38 -7.18
CA PHE B 3 -9.75 -46.07 -6.56
C PHE B 3 -10.47 -45.90 -5.22
N LEU B 4 -10.89 -47.01 -4.62
CA LEU B 4 -11.43 -47.01 -3.25
C LEU B 4 -10.71 -48.01 -2.35
N ASP B 5 -9.51 -48.42 -2.75
CA ASP B 5 -8.72 -49.38 -1.99
C ASP B 5 -8.57 -49.00 -0.52
N GLY B 6 -8.92 -49.93 0.37
CA GLY B 6 -8.68 -49.73 1.79
C GLY B 6 -9.68 -48.80 2.46
N LYS B 7 -10.66 -48.36 1.69
CA LYS B 7 -11.73 -47.52 2.23
C LYS B 7 -12.84 -48.40 2.80
N ARG B 8 -13.30 -48.08 4.00
CA ARG B 8 -14.41 -48.82 4.62
C ARG B 8 -15.68 -48.01 4.51
N ILE B 9 -16.69 -48.56 3.84
CA ILE B 9 -17.89 -47.80 3.54
C ILE B 9 -19.13 -48.51 4.09
N LEU B 10 -19.96 -47.77 4.79
CA LEU B 10 -21.21 -48.29 5.36
C LEU B 10 -22.37 -47.89 4.45
N LEU B 11 -23.14 -48.88 4.00
CA LEU B 11 -24.21 -48.64 3.05
C LEU B 11 -25.58 -48.87 3.68
N THR B 12 -26.47 -47.89 3.55
CA THR B 12 -27.87 -48.06 3.94
C THR B 12 -28.74 -48.19 2.71
N GLY B 13 -29.97 -48.67 2.89
CA GLY B 13 -30.96 -48.63 1.84
C GLY B 13 -30.91 -49.74 0.80
N LEU B 14 -30.15 -50.78 1.06
CA LEU B 14 -30.14 -51.94 0.16
C LEU B 14 -31.30 -52.86 0.52
N LEU B 15 -32.26 -52.96 -0.39
CA LEU B 15 -33.51 -53.69 -0.15
C LEU B 15 -33.74 -54.76 -1.22
N SER B 16 -33.33 -54.45 -2.45
CA SER B 16 -33.41 -55.41 -3.54
C SER B 16 -32.26 -55.14 -4.49
N ASN B 17 -32.09 -55.99 -5.50
CA ASN B 17 -31.00 -55.82 -6.44
C ASN B 17 -31.32 -54.72 -7.46
N ARG B 18 -32.46 -54.05 -7.26
CA ARG B 18 -32.87 -52.91 -8.07
C ARG B 18 -32.57 -51.59 -7.36
N SER B 19 -32.35 -51.66 -6.06
CA SER B 19 -32.11 -50.48 -5.23
C SER B 19 -30.86 -49.74 -5.67
N ILE B 20 -30.90 -48.41 -5.53
CA ILE B 20 -29.76 -47.58 -5.87
C ILE B 20 -28.54 -47.98 -5.03
N ALA B 21 -28.79 -48.30 -3.76
CA ALA B 21 -27.70 -48.67 -2.85
C ALA B 21 -26.95 -49.90 -3.32
N TYR B 22 -27.62 -50.76 -4.08
CA TYR B 22 -26.99 -51.95 -4.63
C TYR B 22 -26.02 -51.60 -5.75
N GLY B 23 -26.39 -50.63 -6.57
CA GLY B 23 -25.54 -50.18 -7.65
C GLY B 23 -24.27 -49.54 -7.14
N ILE B 24 -24.40 -48.75 -6.08
CA ILE B 24 -23.25 -48.08 -5.47
C ILE B 24 -22.36 -49.12 -4.85
N ALA B 25 -22.99 -50.06 -4.15
CA ALA B 25 -22.27 -51.15 -3.52
C ALA B 25 -21.44 -51.93 -4.53
N LYS B 26 -22.00 -52.26 -5.69
CA LYS B 26 -21.27 -53.03 -6.70
C LYS B 26 -20.04 -52.27 -7.16
N ALA B 27 -20.21 -50.96 -7.35
CA ALA B 27 -19.14 -50.13 -7.85
C ALA B 27 -18.05 -49.94 -6.79
N CYS B 28 -18.46 -49.75 -5.55
CA CYS B 28 -17.50 -49.56 -4.47
C CYS B 28 -16.65 -50.81 -4.27
N LYS B 29 -17.29 -51.97 -4.27
CA LYS B 29 -16.58 -53.23 -4.14
C LYS B 29 -15.63 -53.45 -5.30
N ARG B 30 -16.10 -53.16 -6.51
CA ARG B 30 -15.30 -53.32 -7.70
C ARG B 30 -14.01 -52.51 -7.56
N GLU B 31 -14.13 -51.34 -6.92
CA GLU B 31 -13.00 -50.42 -6.81
C GLU B 31 -12.22 -50.65 -5.51
N GLY B 32 -12.52 -51.74 -4.81
CA GLY B 32 -11.66 -52.21 -3.73
C GLY B 32 -12.09 -51.87 -2.32
N ALA B 33 -13.31 -51.40 -2.15
CA ALA B 33 -13.77 -50.98 -0.82
C ALA B 33 -14.18 -52.18 0.01
N GLU B 34 -14.20 -51.97 1.32
CA GLU B 34 -14.78 -52.92 2.26
C GLU B 34 -16.15 -52.39 2.65
N LEU B 35 -17.16 -53.25 2.61
CA LEU B 35 -18.54 -52.81 2.76
C LEU B 35 -19.21 -53.35 4.01
N ALA B 36 -20.10 -52.52 4.56
CA ALA B 36 -20.98 -52.93 5.64
C ALA B 36 -22.38 -52.42 5.29
N PHE B 37 -23.40 -53.12 5.72
CA PHE B 37 -24.77 -52.82 5.30
C PHE B 37 -25.72 -52.71 6.49
N THR B 38 -26.81 -51.97 6.29
CA THR B 38 -27.87 -51.91 7.29
C THR B 38 -29.18 -52.43 6.72
N TYR B 39 -30.07 -52.81 7.62
CA TYR B 39 -31.42 -53.25 7.26
C TYR B 39 -32.40 -52.72 8.29
N VAL B 40 -33.68 -52.73 7.94
CA VAL B 40 -34.74 -52.24 8.81
C VAL B 40 -35.86 -53.26 8.93
N GLY B 41 -36.31 -53.48 10.16
CA GLY B 41 -37.19 -54.59 10.44
C GLY B 41 -36.28 -55.72 10.86
N ASP B 42 -36.85 -56.81 11.36
CA ASP B 42 -36.08 -58.02 11.61
C ASP B 42 -36.11 -58.96 10.41
N ARG B 43 -37.32 -59.27 9.94
CA ARG B 43 -37.58 -60.22 8.85
C ARG B 43 -36.57 -60.06 7.70
N PHE B 44 -36.04 -58.85 7.53
CA PHE B 44 -35.10 -58.54 6.46
C PHE B 44 -33.65 -58.89 6.81
N LYS B 45 -33.44 -59.38 8.03
CA LYS B 45 -32.09 -59.67 8.52
C LYS B 45 -31.40 -60.69 7.61
N ASP B 46 -32.16 -61.68 7.15
CA ASP B 46 -31.61 -62.74 6.31
C ASP B 46 -31.24 -62.30 4.89
N ARG B 47 -32.11 -61.53 4.25
CA ARG B 47 -31.92 -61.15 2.85
C ARG B 47 -30.70 -60.26 2.65
N ILE B 48 -30.50 -59.34 3.59
CA ILE B 48 -29.39 -58.38 3.49
C ILE B 48 -28.07 -59.11 3.67
N THR B 49 -28.08 -60.15 4.48
CA THR B 49 -26.90 -60.99 4.67
C THR B 49 -26.55 -61.70 3.37
N GLU B 50 -27.56 -62.12 2.61
CA GLU B 50 -27.32 -62.73 1.31
C GLU B 50 -26.72 -61.70 0.36
N PHE B 51 -27.23 -60.48 0.43
CA PHE B 51 -26.69 -59.40 -0.37
C PHE B 51 -25.31 -59.02 0.13
N ALA B 52 -25.15 -58.97 1.45
CA ALA B 52 -23.88 -58.60 2.05
C ALA B 52 -22.78 -59.60 1.69
N ALA B 53 -23.14 -60.88 1.65
CA ALA B 53 -22.19 -61.93 1.32
C ALA B 53 -21.82 -61.87 -0.15
N GLU B 54 -22.80 -61.46 -0.95
CA GLU B 54 -22.60 -61.27 -2.39
C GLU B 54 -21.48 -60.27 -2.61
N PHE B 55 -21.25 -59.40 -1.64
CA PHE B 55 -20.16 -58.42 -1.69
C PHE B 55 -19.05 -58.75 -0.71
N GLY B 56 -18.96 -60.02 -0.31
CA GLY B 56 -17.86 -60.47 0.51
C GLY B 56 -17.82 -59.86 1.90
N SER B 57 -19.00 -59.70 2.50
CA SER B 57 -19.12 -59.05 3.81
C SER B 57 -20.01 -59.84 4.76
N GLU B 58 -19.67 -59.79 6.04
CA GLU B 58 -20.46 -60.40 7.11
C GLU B 58 -21.11 -59.33 7.99
N LEU B 59 -20.77 -58.07 7.72
CA LEU B 59 -21.17 -56.94 8.55
C LEU B 59 -22.56 -56.42 8.22
N VAL B 60 -23.55 -56.78 9.05
CA VAL B 60 -24.91 -56.29 8.89
C VAL B 60 -25.46 -55.80 10.23
N PHE B 61 -26.15 -54.67 10.24
CA PHE B 61 -26.66 -54.09 11.47
C PHE B 61 -28.07 -53.55 11.27
N PRO B 62 -28.94 -53.73 12.27
CA PRO B 62 -30.29 -53.16 12.13
C PRO B 62 -30.30 -51.66 12.41
N CYS B 63 -31.07 -50.91 11.63
CA CYS B 63 -31.21 -49.49 11.89
C CYS B 63 -32.46 -48.91 11.25
N ASP B 64 -33.52 -48.81 12.05
CA ASP B 64 -34.71 -48.05 11.69
C ASP B 64 -34.46 -46.61 12.11
N VAL B 65 -34.23 -45.72 11.14
CA VAL B 65 -33.80 -44.36 11.44
C VAL B 65 -34.90 -43.55 12.15
N ALA B 66 -36.05 -44.16 12.38
CA ALA B 66 -37.11 -43.53 13.15
C ALA B 66 -36.80 -43.58 14.65
N ASP B 67 -35.98 -44.55 15.05
CA ASP B 67 -35.65 -44.78 16.47
C ASP B 67 -34.26 -44.26 16.79
N ASP B 68 -34.19 -43.30 17.71
CA ASP B 68 -32.90 -42.74 18.15
C ASP B 68 -31.94 -43.83 18.62
N ALA B 69 -32.50 -44.86 19.26
CA ALA B 69 -31.69 -45.92 19.87
C ALA B 69 -30.96 -46.78 18.85
N GLN B 70 -31.65 -47.15 17.78
CA GLN B 70 -31.08 -48.04 16.78
C GLN B 70 -29.94 -47.34 16.03
N ILE B 71 -30.06 -46.03 15.87
CA ILE B 71 -29.03 -45.22 15.22
C ILE B 71 -27.71 -45.25 16.01
N ASP B 72 -27.79 -44.98 17.31
CA ASP B 72 -26.61 -44.99 18.16
C ASP B 72 -25.99 -46.37 18.23
N ALA B 73 -26.83 -47.39 18.28
CA ALA B 73 -26.37 -48.77 18.39
C ALA B 73 -25.69 -49.23 17.10
N LEU B 74 -26.09 -48.64 15.97
CA LEU B 74 -25.52 -48.99 14.68
C LEU B 74 -24.02 -48.79 14.68
N PHE B 75 -23.57 -47.62 15.13
CA PHE B 75 -22.17 -47.26 15.04
C PHE B 75 -21.35 -47.74 16.25
N ALA B 76 -22.05 -48.09 17.33
CA ALA B 76 -21.38 -48.71 18.47
C ALA B 76 -21.03 -50.14 18.11
N SER B 77 -21.97 -50.82 17.45
CA SER B 77 -21.77 -52.18 17.01
C SER B 77 -20.71 -52.22 15.91
N LEU B 78 -20.79 -51.26 14.99
CA LEU B 78 -19.83 -51.20 13.88
C LEU B 78 -18.42 -50.93 14.40
N LYS B 79 -18.34 -50.17 15.48
CA LYS B 79 -17.06 -49.81 16.07
C LYS B 79 -16.29 -51.02 16.59
N THR B 80 -17.02 -52.09 16.92
CA THR B 80 -16.38 -53.29 17.43
C THR B 80 -15.69 -54.04 16.29
N HIS B 81 -16.08 -53.73 15.06
CA HIS B 81 -15.49 -54.36 13.88
C HIS B 81 -14.53 -53.41 13.19
N TRP B 82 -14.94 -52.15 13.07
CA TRP B 82 -14.14 -51.14 12.35
C TRP B 82 -13.57 -50.06 13.25
N ASP B 83 -12.28 -49.84 13.08
CA ASP B 83 -11.55 -48.82 13.80
C ASP B 83 -12.00 -47.42 13.39
N SER B 84 -12.38 -47.29 12.13
CA SER B 84 -12.79 -46.00 11.57
C SER B 84 -13.78 -46.21 10.41
N LEU B 85 -14.45 -45.13 10.02
CA LEU B 85 -15.41 -45.17 8.93
C LEU B 85 -15.02 -44.16 7.85
N ASP B 86 -14.83 -44.65 6.62
CA ASP B 86 -14.34 -43.82 5.52
C ASP B 86 -15.45 -43.31 4.60
N GLY B 87 -16.59 -44.00 4.58
CA GLY B 87 -17.68 -43.62 3.72
C GLY B 87 -19.02 -44.01 4.28
N LEU B 88 -20.01 -43.14 4.09
CA LEU B 88 -21.38 -43.41 4.50
C LEU B 88 -22.34 -43.05 3.38
N VAL B 89 -23.18 -44.01 3.00
CA VAL B 89 -24.17 -43.80 1.96
C VAL B 89 -25.56 -43.81 2.55
N HIS B 90 -26.24 -42.67 2.41
CA HIS B 90 -27.60 -42.49 2.91
C HIS B 90 -28.57 -42.66 1.74
N SER B 91 -29.07 -43.88 1.56
CA SER B 91 -29.98 -44.19 0.46
C SER B 91 -31.35 -44.54 1.02
N ILE B 92 -31.91 -43.63 1.83
CA ILE B 92 -33.14 -43.86 2.57
C ILE B 92 -34.22 -42.87 2.17
N GLY B 93 -35.44 -43.36 2.02
CA GLY B 93 -36.57 -42.51 1.74
C GLY B 93 -37.87 -43.17 2.13
N PHE B 94 -38.80 -42.36 2.62
CA PHE B 94 -40.13 -42.83 2.97
C PHE B 94 -41.11 -41.68 3.04
N ALA B 95 -42.33 -41.94 2.59
CA ALA B 95 -43.44 -41.04 2.83
C ALA B 95 -44.73 -41.84 2.75
N PRO B 96 -45.73 -41.50 3.58
CA PRO B 96 -47.03 -42.13 3.42
C PRO B 96 -47.50 -41.96 1.99
N ARG B 97 -48.00 -43.02 1.38
CA ARG B 97 -48.23 -43.00 -0.06
C ARG B 97 -49.27 -41.95 -0.48
N GLU B 98 -50.23 -41.63 0.37
CA GLU B 98 -51.22 -40.63 0.00
C GLU B 98 -50.53 -39.28 -0.15
N ALA B 99 -49.39 -39.13 0.54
CA ALA B 99 -48.64 -37.88 0.50
C ALA B 99 -47.75 -37.81 -0.75
N ILE B 100 -47.68 -38.92 -1.49
CA ILE B 100 -46.98 -38.96 -2.77
C ILE B 100 -47.91 -39.51 -3.85
N ALA B 101 -49.17 -39.08 -3.77
CA ALA B 101 -50.18 -39.50 -4.73
C ALA B 101 -51.22 -38.39 -4.87
N GLY B 102 -51.58 -38.10 -6.12
CA GLY B 102 -52.60 -37.11 -6.41
C GLY B 102 -52.15 -35.69 -6.12
N ASP B 103 -53.08 -34.88 -5.63
CA ASP B 103 -52.81 -33.47 -5.34
C ASP B 103 -51.96 -33.32 -4.08
N PHE B 104 -51.15 -32.27 -4.06
CA PHE B 104 -50.24 -32.01 -2.95
C PHE B 104 -50.96 -31.81 -1.61
N LEU B 105 -52.04 -31.04 -1.63
CA LEU B 105 -52.76 -30.72 -0.40
C LEU B 105 -53.64 -31.88 0.04
N ASP B 106 -54.09 -32.70 -0.91
CA ASP B 106 -54.95 -33.83 -0.58
C ASP B 106 -54.27 -34.75 0.42
N GLY B 107 -52.97 -34.97 0.23
CA GLY B 107 -52.23 -35.87 1.08
C GLY B 107 -51.46 -35.13 2.15
N LEU B 108 -51.70 -33.83 2.27
CA LEU B 108 -51.02 -33.06 3.29
C LEU B 108 -51.74 -33.16 4.61
N THR B 109 -51.05 -33.76 5.57
CA THR B 109 -51.49 -33.78 6.96
C THR B 109 -50.25 -33.55 7.79
N ARG B 110 -50.41 -33.04 9.01
CA ARG B 110 -49.27 -32.77 9.86
C ARG B 110 -48.44 -34.03 10.09
N GLU B 111 -49.11 -35.16 10.18
CA GLU B 111 -48.44 -36.40 10.51
C GLU B 111 -47.69 -36.95 9.30
N ASN B 112 -48.26 -36.83 8.10
CA ASN B 112 -47.57 -37.23 6.89
C ASN B 112 -46.31 -36.39 6.68
N PHE B 113 -46.41 -35.10 6.97
CA PHE B 113 -45.28 -34.19 6.86
C PHE B 113 -44.18 -34.59 7.82
N ARG B 114 -44.54 -34.85 9.07
CA ARG B 114 -43.56 -35.21 10.08
C ARG B 114 -42.76 -36.43 9.66
N ILE B 115 -43.45 -37.46 9.21
CA ILE B 115 -42.80 -38.74 8.89
C ILE B 115 -41.88 -38.64 7.69
N ALA B 116 -42.35 -38.02 6.62
CA ALA B 116 -41.56 -37.93 5.40
C ALA B 116 -40.25 -37.20 5.67
N HIS B 117 -40.33 -36.14 6.46
CA HIS B 117 -39.17 -35.33 6.79
C HIS B 117 -38.28 -36.02 7.82
N ASP B 118 -38.91 -36.74 8.74
CA ASP B 118 -38.19 -37.48 9.77
C ASP B 118 -37.28 -38.52 9.13
N ILE B 119 -37.85 -39.30 8.23
CA ILE B 119 -37.15 -40.43 7.64
C ILE B 119 -36.24 -40.03 6.49
N SER B 120 -36.71 -39.12 5.64
CA SER B 120 -36.02 -38.80 4.39
C SER B 120 -35.00 -37.67 4.51
N ALA B 121 -35.16 -36.84 5.53
CA ALA B 121 -34.28 -35.67 5.69
C ALA B 121 -33.46 -35.77 6.97
N TYR B 122 -34.13 -35.77 8.13
CA TYR B 122 -33.44 -35.79 9.41
C TYR B 122 -32.47 -36.96 9.55
N SER B 123 -32.82 -38.10 8.96
CA SER B 123 -32.04 -39.31 9.15
C SER B 123 -30.61 -39.17 8.63
N PHE B 124 -30.37 -38.22 7.74
CA PHE B 124 -29.05 -38.10 7.15
C PHE B 124 -28.05 -37.46 8.12
N PRO B 125 -28.32 -36.23 8.59
CA PRO B 125 -27.40 -35.65 9.57
C PRO B 125 -27.41 -36.39 10.91
N ALA B 126 -28.51 -37.09 11.19
CA ALA B 126 -28.59 -37.91 12.40
C ALA B 126 -27.54 -39.00 12.34
N LEU B 127 -27.45 -39.66 11.19
CA LEU B 127 -26.45 -40.69 10.99
C LEU B 127 -25.06 -40.10 10.99
N ALA B 128 -24.94 -38.89 10.45
CA ALA B 128 -23.66 -38.19 10.43
C ALA B 128 -23.18 -37.90 11.84
N LYS B 129 -24.09 -37.41 12.68
CA LYS B 129 -23.73 -37.05 14.04
C LYS B 129 -23.33 -38.27 14.87
N ALA B 130 -24.04 -39.37 14.67
CA ALA B 130 -23.80 -40.58 15.44
C ALA B 130 -22.51 -41.26 14.98
N ALA B 131 -22.09 -40.95 13.76
CA ALA B 131 -20.92 -41.58 13.17
C ALA B 131 -19.66 -40.76 13.41
N LEU B 132 -19.85 -39.50 13.78
CA LEU B 132 -18.77 -38.52 13.86
C LEU B 132 -17.56 -39.00 14.66
N PRO B 133 -17.78 -39.68 15.79
CA PRO B 133 -16.65 -40.15 16.61
C PRO B 133 -15.66 -41.09 15.92
N MET B 134 -16.05 -41.75 14.84
CA MET B 134 -15.19 -42.74 14.19
C MET B 134 -14.93 -42.45 12.70
N LEU B 135 -15.32 -41.26 12.24
CA LEU B 135 -15.04 -40.83 10.86
C LEU B 135 -13.57 -40.46 10.65
N SER B 136 -13.02 -40.86 9.52
CA SER B 136 -11.64 -40.54 9.15
C SER B 136 -11.45 -39.08 8.73
N ASP B 137 -10.18 -38.68 8.60
CA ASP B 137 -9.83 -37.34 8.13
CA ASP B 137 -9.84 -37.34 8.15
C ASP B 137 -10.43 -37.00 6.78
N ASP B 138 -10.50 -38.00 5.90
CA ASP B 138 -10.95 -37.77 4.54
C ASP B 138 -12.15 -38.64 4.21
N ALA B 139 -13.00 -38.88 5.22
CA ALA B 139 -14.20 -39.65 5.02
C ALA B 139 -15.16 -38.90 4.11
N SER B 140 -16.18 -39.61 3.61
CA SER B 140 -17.10 -39.04 2.63
C SER B 140 -18.52 -39.51 2.83
N LEU B 141 -19.45 -38.58 3.03
CA LEU B 141 -20.85 -38.93 3.22
C LEU B 141 -21.63 -38.64 1.94
N LEU B 142 -22.56 -39.53 1.61
CA LEU B 142 -23.30 -39.43 0.36
C LEU B 142 -24.77 -39.72 0.58
N THR B 143 -25.64 -38.86 0.05
CA THR B 143 -27.08 -39.07 0.10
C THR B 143 -27.67 -38.98 -1.29
N LEU B 144 -28.93 -39.40 -1.41
CA LEU B 144 -29.63 -39.42 -2.69
C LEU B 144 -30.82 -38.47 -2.68
N SER B 145 -30.90 -37.64 -3.71
CA SER B 145 -32.00 -36.69 -3.87
C SER B 145 -32.64 -36.81 -5.24
N TYR B 146 -33.64 -35.97 -5.49
CA TYR B 146 -34.33 -35.95 -6.78
C TYR B 146 -34.63 -34.51 -7.17
N LEU B 147 -34.74 -34.29 -8.48
CA LEU B 147 -35.03 -32.98 -9.03
C LEU B 147 -36.29 -32.37 -8.42
N GLY B 148 -37.12 -33.21 -7.81
CA GLY B 148 -38.36 -32.78 -7.21
C GLY B 148 -38.19 -31.81 -6.06
N ALA B 149 -36.97 -31.71 -5.55
CA ALA B 149 -36.65 -30.73 -4.51
C ALA B 149 -36.48 -29.35 -5.11
N GLU B 150 -35.90 -29.31 -6.32
CA GLU B 150 -35.58 -28.06 -6.99
C GLU B 150 -36.79 -27.46 -7.71
N ARG B 151 -37.57 -28.32 -8.35
CA ARG B 151 -38.75 -27.89 -9.10
C ARG B 151 -39.92 -28.80 -8.78
N ALA B 152 -41.13 -28.30 -8.97
CA ALA B 152 -42.32 -29.07 -8.66
C ALA B 152 -42.54 -30.12 -9.74
N ILE B 153 -42.49 -31.37 -9.33
CA ILE B 153 -42.71 -32.50 -10.23
C ILE B 153 -44.01 -33.16 -9.78
N PRO B 154 -44.88 -33.52 -10.74
CA PRO B 154 -46.17 -34.12 -10.36
C PRO B 154 -46.03 -35.34 -9.47
N ASN B 155 -46.86 -35.39 -8.43
CA ASN B 155 -46.99 -36.52 -7.53
C ASN B 155 -45.90 -36.60 -6.48
N TYR B 156 -44.78 -35.93 -6.70
CA TYR B 156 -43.68 -36.02 -5.76
C TYR B 156 -44.05 -35.33 -4.46
N ASN B 157 -44.77 -34.22 -4.58
CA ASN B 157 -45.47 -33.60 -3.45
C ASN B 157 -44.66 -33.46 -2.15
N THR B 158 -45.14 -34.07 -1.07
CA THR B 158 -44.53 -33.87 0.25
C THR B 158 -43.08 -34.28 0.27
N MET B 159 -42.73 -35.22 -0.61
CA MET B 159 -41.39 -35.75 -0.65
C MET B 159 -40.45 -34.70 -1.23
N GLY B 160 -41.01 -33.78 -2.02
CA GLY B 160 -40.23 -32.68 -2.57
C GLY B 160 -39.79 -31.71 -1.49
N LEU B 161 -40.67 -31.48 -0.52
CA LEU B 161 -40.33 -30.62 0.60
C LEU B 161 -39.19 -31.23 1.41
N ALA B 162 -39.30 -32.52 1.69
CA ALA B 162 -38.29 -33.24 2.46
C ALA B 162 -36.95 -33.26 1.73
N LYS B 163 -36.99 -33.51 0.43
CA LYS B 163 -35.77 -33.57 -0.37
C LYS B 163 -35.08 -32.22 -0.41
N ALA B 164 -35.85 -31.14 -0.30
CA ALA B 164 -35.27 -29.80 -0.26
C ALA B 164 -34.53 -29.59 1.05
N ALA B 165 -35.09 -30.12 2.14
CA ALA B 165 -34.45 -30.05 3.44
C ALA B 165 -33.18 -30.90 3.43
N LEU B 166 -33.28 -32.05 2.78
CA LEU B 166 -32.13 -32.96 2.67
C LEU B 166 -30.97 -32.28 1.97
N GLU B 167 -31.25 -31.63 0.84
CA GLU B 167 -30.19 -30.98 0.07
C GLU B 167 -29.61 -29.81 0.85
N ALA B 168 -30.41 -29.22 1.74
CA ALA B 168 -29.93 -28.17 2.60
C ALA B 168 -29.05 -28.75 3.71
N SER B 169 -29.41 -29.93 4.19
CA SER B 169 -28.63 -30.60 5.23
C SER B 169 -27.25 -30.97 4.70
N VAL B 170 -27.17 -31.22 3.41
CA VAL B 170 -25.91 -31.51 2.75
C VAL B 170 -24.93 -30.35 2.96
N ARG B 171 -25.44 -29.13 2.76
CA ARG B 171 -24.60 -27.95 2.87
C ARG B 171 -24.19 -27.66 4.31
N TYR B 172 -25.13 -27.76 5.24
CA TYR B 172 -24.82 -27.48 6.63
C TYR B 172 -23.93 -28.57 7.21
N LEU B 173 -24.14 -29.81 6.78
CA LEU B 173 -23.26 -30.90 7.17
C LEU B 173 -21.85 -30.65 6.66
N ALA B 174 -21.74 -30.14 5.44
CA ALA B 174 -20.43 -29.91 4.82
C ALA B 174 -19.63 -28.90 5.62
N VAL B 175 -20.31 -27.90 6.14
CA VAL B 175 -19.67 -26.85 6.92
C VAL B 175 -19.24 -27.38 8.28
N SER B 176 -20.12 -28.16 8.91
CA SER B 176 -19.85 -28.71 10.23
C SER B 176 -18.72 -29.73 10.23
N LEU B 177 -18.79 -30.66 9.27
CA LEU B 177 -17.84 -31.76 9.20
C LEU B 177 -16.63 -31.44 8.33
N GLY B 178 -16.70 -30.33 7.60
CA GLY B 178 -15.67 -29.99 6.64
C GLY B 178 -14.37 -29.63 7.32
N ALA B 179 -14.49 -28.99 8.48
CA ALA B 179 -13.32 -28.56 9.24
C ALA B 179 -12.49 -29.76 9.66
N LYS B 180 -13.17 -30.86 9.96
CA LYS B 180 -12.48 -32.11 10.31
C LYS B 180 -11.93 -32.83 9.09
N GLY B 181 -12.29 -32.33 7.90
CA GLY B 181 -11.79 -32.88 6.65
C GLY B 181 -12.79 -33.78 5.95
N VAL B 182 -14.00 -33.87 6.49
CA VAL B 182 -15.00 -34.77 5.95
C VAL B 182 -15.80 -34.06 4.85
N ARG B 183 -16.12 -34.82 3.80
CA ARG B 183 -16.87 -34.28 2.68
C ARG B 183 -18.28 -34.81 2.71
N VAL B 184 -19.22 -33.98 2.27
CA VAL B 184 -20.63 -34.34 2.28
C VAL B 184 -21.23 -33.91 0.96
N ASN B 185 -21.81 -34.87 0.23
CA ASN B 185 -22.38 -34.61 -1.08
C ASN B 185 -23.68 -35.35 -1.30
N ALA B 186 -24.37 -34.99 -2.37
CA ALA B 186 -25.59 -35.67 -2.78
C ALA B 186 -25.58 -35.94 -4.27
N ILE B 187 -26.23 -37.02 -4.69
CA ILE B 187 -26.53 -37.23 -6.09
C ILE B 187 -28.02 -37.03 -6.31
N SER B 188 -28.36 -36.09 -7.18
CA SER B 188 -29.73 -35.92 -7.62
C SER B 188 -29.93 -36.86 -8.80
N ALA B 189 -30.44 -38.06 -8.50
CA ALA B 189 -30.56 -39.11 -9.50
C ALA B 189 -31.83 -38.98 -10.31
N GLY B 190 -31.78 -39.44 -11.56
CA GLY B 190 -32.96 -39.50 -12.39
C GLY B 190 -33.82 -40.68 -11.99
N PRO B 191 -34.99 -40.83 -12.64
CA PRO B 191 -35.93 -41.89 -12.28
C PRO B 191 -35.39 -43.29 -12.56
N ILE B 192 -35.47 -44.14 -11.55
CA ILE B 192 -35.10 -45.54 -11.66
C ILE B 192 -36.24 -46.37 -11.11
N LYS B 193 -36.66 -47.41 -11.82
CA LYS B 193 -37.74 -48.21 -11.30
C LYS B 193 -37.22 -49.09 -10.17
N THR B 194 -37.52 -48.69 -8.95
CA THR B 194 -37.12 -49.41 -7.77
C THR B 194 -38.37 -49.68 -6.94
N LEU B 195 -38.21 -50.38 -5.83
CA LEU B 195 -39.36 -50.66 -4.96
C LEU B 195 -40.03 -49.37 -4.54
N ALA B 196 -39.23 -48.37 -4.19
CA ALA B 196 -39.75 -47.06 -3.79
C ALA B 196 -40.49 -46.39 -4.94
N ALA B 197 -40.03 -46.63 -6.16
CA ALA B 197 -40.61 -46.00 -7.35
C ALA B 197 -42.08 -46.39 -7.50
N SER B 198 -42.43 -47.57 -7.03
CA SER B 198 -43.79 -48.08 -7.18
C SER B 198 -44.76 -47.27 -6.34
N GLY B 199 -44.22 -46.46 -5.42
CA GLY B 199 -45.05 -45.62 -4.58
C GLY B 199 -45.45 -44.30 -5.21
N ILE B 200 -44.75 -43.90 -6.27
CA ILE B 200 -45.11 -42.66 -6.94
C ILE B 200 -46.01 -42.98 -8.12
N LYS B 201 -47.27 -42.61 -8.00
CA LYS B 201 -48.26 -42.92 -9.04
C LYS B 201 -47.80 -42.31 -10.34
N SER B 202 -48.00 -43.03 -11.44
CA SER B 202 -47.58 -42.56 -12.76
C SER B 202 -46.08 -42.28 -12.82
N PHE B 203 -45.32 -43.16 -12.19
CA PHE B 203 -43.86 -43.18 -12.31
C PHE B 203 -43.49 -43.43 -13.76
N GLY B 204 -44.32 -44.23 -14.43
CA GLY B 204 -44.04 -44.63 -15.80
C GLY B 204 -44.01 -43.46 -16.76
N LYS B 205 -44.85 -42.45 -16.56
CA LYS B 205 -44.80 -41.28 -17.42
C LYS B 205 -43.52 -40.47 -17.25
N ILE B 206 -42.98 -40.42 -16.05
CA ILE B 206 -41.74 -39.67 -15.85
C ILE B 206 -40.60 -40.35 -16.59
N LEU B 207 -40.55 -41.67 -16.51
CA LEU B 207 -39.54 -42.45 -17.23
C LEU B 207 -39.62 -42.19 -18.73
N ASP B 208 -40.84 -42.24 -19.26
CA ASP B 208 -41.03 -42.04 -20.69
C ASP B 208 -40.63 -40.62 -21.07
N PHE B 209 -40.97 -39.67 -20.21
CA PHE B 209 -40.73 -38.27 -20.49
C PHE B 209 -39.23 -37.96 -20.46
N VAL B 210 -38.52 -38.54 -19.49
CA VAL B 210 -37.09 -38.31 -19.36
C VAL B 210 -36.34 -38.99 -20.50
N GLU B 211 -36.76 -40.18 -20.87
CA GLU B 211 -36.13 -40.92 -21.96
C GLU B 211 -36.26 -40.14 -23.25
N SER B 212 -37.36 -39.42 -23.40
CA SER B 212 -37.64 -38.70 -24.64
C SER B 212 -36.99 -37.32 -24.68
N ASN B 213 -36.89 -36.66 -23.53
CA ASN B 213 -36.56 -35.24 -23.50
C ASN B 213 -35.20 -34.90 -22.90
N SER B 214 -34.62 -35.82 -22.13
CA SER B 214 -33.29 -35.63 -21.58
C SER B 214 -32.29 -35.50 -22.72
N PRO B 215 -31.21 -34.73 -22.52
CA PRO B 215 -30.23 -34.55 -23.59
C PRO B 215 -29.68 -35.86 -24.17
N LEU B 216 -29.40 -36.83 -23.32
CA LEU B 216 -28.84 -38.11 -23.77
C LEU B 216 -29.92 -39.06 -24.29
N LYS B 217 -31.18 -38.63 -24.23
CA LYS B 217 -32.29 -39.37 -24.80
C LYS B 217 -32.34 -40.79 -24.24
N ARG B 218 -32.01 -40.93 -22.97
CA ARG B 218 -32.00 -42.22 -22.31
C ARG B 218 -32.07 -42.04 -20.80
N ASN B 219 -32.68 -43.00 -20.11
CA ASN B 219 -32.70 -42.96 -18.66
C ASN B 219 -31.39 -43.45 -18.10
N VAL B 220 -31.15 -43.15 -16.83
CA VAL B 220 -29.92 -43.56 -16.16
C VAL B 220 -30.16 -44.87 -15.42
N THR B 221 -29.08 -45.51 -15.01
CA THR B 221 -29.13 -46.80 -14.32
C THR B 221 -28.43 -46.72 -12.98
N ILE B 222 -28.63 -47.74 -12.13
CA ILE B 222 -27.97 -47.78 -10.83
C ILE B 222 -26.50 -48.07 -11.01
N GLU B 223 -26.13 -48.55 -12.19
CA GLU B 223 -24.74 -48.78 -12.54
C GLU B 223 -24.02 -47.44 -12.68
N GLN B 224 -24.73 -46.52 -13.32
CA GLN B 224 -24.24 -45.17 -13.56
C GLN B 224 -24.22 -44.32 -12.31
N VAL B 225 -25.30 -44.39 -11.55
CA VAL B 225 -25.40 -43.71 -10.27
C VAL B 225 -24.39 -44.29 -9.28
N GLY B 226 -24.15 -45.59 -9.41
CA GLY B 226 -23.21 -46.29 -8.56
C GLY B 226 -21.80 -45.82 -8.81
N ASN B 227 -21.44 -45.69 -10.08
CA ASN B 227 -20.12 -45.20 -10.45
C ASN B 227 -19.94 -43.77 -9.98
N ALA B 228 -21.00 -42.98 -10.11
CA ALA B 228 -21.00 -41.60 -9.67
C ALA B 228 -20.80 -41.53 -8.15
N GLY B 229 -21.41 -42.46 -7.43
CA GLY B 229 -21.28 -42.52 -5.99
C GLY B 229 -19.87 -42.89 -5.57
N ALA B 230 -19.30 -43.87 -6.27
CA ALA B 230 -17.95 -44.31 -5.97
C ALA B 230 -16.97 -43.16 -6.13
N PHE B 231 -17.18 -42.37 -7.17
CA PHE B 231 -16.33 -41.20 -7.39
C PHE B 231 -16.38 -40.26 -6.20
N LEU B 232 -17.59 -39.92 -5.76
CA LEU B 232 -17.78 -38.98 -4.66
C LEU B 232 -17.28 -39.52 -3.32
N LEU B 233 -17.34 -40.83 -3.14
CA LEU B 233 -16.88 -41.45 -1.90
C LEU B 233 -15.36 -41.62 -1.88
N SER B 234 -14.72 -41.41 -3.03
CA SER B 234 -13.28 -41.67 -3.19
C SER B 234 -12.43 -40.41 -3.10
N ASP B 235 -11.11 -40.60 -3.03
CA ASP B 235 -10.19 -39.48 -2.94
C ASP B 235 -10.08 -38.73 -4.26
N LEU B 236 -10.72 -39.26 -5.30
CA LEU B 236 -10.79 -38.58 -6.58
C LEU B 236 -11.58 -37.28 -6.48
N ALA B 237 -12.55 -37.26 -5.56
CA ALA B 237 -13.43 -36.10 -5.40
C ALA B 237 -13.12 -35.36 -4.12
N SER B 238 -11.84 -35.34 -3.75
CA SER B 238 -11.45 -34.73 -2.47
C SER B 238 -11.60 -33.23 -2.50
N GLY B 239 -11.81 -32.67 -3.69
CA GLY B 239 -12.04 -31.25 -3.84
C GLY B 239 -13.52 -30.90 -3.92
N VAL B 240 -14.37 -31.91 -3.75
CA VAL B 240 -15.81 -31.75 -3.93
C VAL B 240 -16.57 -32.02 -2.65
N THR B 241 -17.25 -30.99 -2.14
CA THR B 241 -18.10 -31.14 -0.96
C THR B 241 -19.25 -30.14 -1.09
N ALA B 242 -20.34 -30.38 -0.36
CA ALA B 242 -21.52 -29.53 -0.42
C ALA B 242 -22.14 -29.49 -1.82
N GLU B 243 -21.93 -30.55 -2.59
CA GLU B 243 -22.40 -30.61 -3.97
C GLU B 243 -23.64 -31.50 -4.11
N VAL B 244 -24.58 -31.05 -4.92
CA VAL B 244 -25.68 -31.88 -5.39
C VAL B 244 -25.44 -32.18 -6.86
N MET B 245 -25.03 -33.40 -7.13
CA MET B 245 -24.64 -33.85 -8.47
C MET B 245 -25.80 -34.49 -9.22
N HIS B 246 -26.12 -33.94 -10.39
CA HIS B 246 -27.19 -34.51 -11.18
C HIS B 246 -26.67 -35.68 -12.00
N VAL B 247 -27.23 -36.85 -11.73
CA VAL B 247 -27.00 -38.03 -12.55
C VAL B 247 -28.35 -38.44 -13.14
N ASP B 248 -28.78 -37.71 -14.16
CA ASP B 248 -30.10 -37.92 -14.74
C ASP B 248 -30.10 -37.72 -16.25
N SER B 249 -29.00 -38.12 -16.89
CA SER B 249 -28.84 -37.98 -18.32
C SER B 249 -29.01 -36.52 -18.78
N GLY B 250 -28.87 -35.59 -17.85
CA GLY B 250 -28.91 -34.17 -18.16
C GLY B 250 -30.30 -33.55 -18.12
N PHE B 251 -31.28 -34.31 -17.65
CA PHE B 251 -32.67 -33.88 -17.71
C PHE B 251 -32.94 -32.56 -16.99
N ASN B 252 -32.27 -32.36 -15.85
CA ASN B 252 -32.49 -31.17 -15.04
C ASN B 252 -32.19 -29.89 -15.80
N ALA B 253 -31.38 -29.98 -16.85
CA ALA B 253 -30.84 -28.81 -17.51
C ALA B 253 -31.64 -28.34 -18.71
N VAL B 254 -32.77 -28.97 -18.99
CA VAL B 254 -33.58 -28.61 -20.13
C VAL B 254 -35.02 -28.31 -19.75
N VAL B 255 -35.73 -27.67 -20.66
CA VAL B 255 -37.18 -27.61 -20.62
C VAL B 255 -37.68 -28.48 -21.77
N GLY B 256 -38.02 -29.72 -21.46
CA GLY B 256 -38.43 -30.67 -22.49
C GLY B 256 -39.93 -30.66 -22.72
N GLY B 257 -40.36 -31.29 -23.82
CA GLY B 257 -41.76 -31.48 -24.11
C GLY B 257 -42.26 -30.64 -25.28
N MET B 258 -41.46 -29.64 -25.66
CA MET B 258 -41.85 -28.69 -26.69
C MET B 258 -41.18 -28.99 -28.03
N GLY C 2 -49.83 8.18 -8.78
CA GLY C 2 -49.35 6.81 -8.80
C GLY C 2 -48.03 6.68 -8.06
N PHE C 3 -47.44 5.49 -8.07
CA PHE C 3 -46.22 5.25 -7.30
C PHE C 3 -44.94 5.50 -8.10
N LEU C 4 -45.05 6.19 -9.23
CA LEU C 4 -43.89 6.62 -10.00
C LEU C 4 -43.93 8.13 -10.26
N ASP C 5 -44.71 8.84 -9.46
CA ASP C 5 -44.86 10.29 -9.60
C ASP C 5 -43.52 11.01 -9.67
N GLY C 6 -43.34 11.80 -10.72
CA GLY C 6 -42.19 12.65 -10.86
C GLY C 6 -40.92 11.94 -11.28
N LYS C 7 -41.03 10.64 -11.56
CA LYS C 7 -39.88 9.88 -12.05
C LYS C 7 -39.80 10.01 -13.56
N ARG C 8 -38.60 10.31 -14.06
CA ARG C 8 -38.38 10.39 -15.50
C ARG C 8 -37.69 9.14 -15.99
N ILE C 9 -38.35 8.45 -16.91
CA ILE C 9 -37.89 7.15 -17.38
C ILE C 9 -37.66 7.14 -18.87
N LEU C 10 -36.52 6.61 -19.27
CA LEU C 10 -36.17 6.44 -20.67
C LEU C 10 -36.43 4.99 -21.05
N LEU C 11 -37.25 4.79 -22.07
CA LEU C 11 -37.63 3.46 -22.54
C LEU C 11 -37.03 3.17 -23.90
N THR C 12 -36.35 2.04 -24.02
CA THR C 12 -35.88 1.55 -25.30
C THR C 12 -36.73 0.38 -25.72
N GLY C 13 -36.66 0.03 -27.00
CA GLY C 13 -37.25 -1.21 -27.48
C GLY C 13 -38.74 -1.15 -27.76
N LEU C 14 -39.33 0.04 -27.78
CA LEU C 14 -40.74 0.17 -28.14
C LEU C 14 -40.88 0.23 -29.67
N LEU C 15 -41.52 -0.79 -30.23
CA LEU C 15 -41.61 -0.97 -31.68
C LEU C 15 -43.05 -1.07 -32.17
N SER C 16 -43.90 -1.73 -31.38
CA SER C 16 -45.31 -1.85 -31.74
C SER C 16 -46.17 -1.91 -30.50
N ASN C 17 -47.48 -1.97 -30.70
CA ASN C 17 -48.41 -2.00 -29.58
C ASN C 17 -48.45 -3.38 -28.93
N ARG C 18 -47.63 -4.29 -29.43
CA ARG C 18 -47.46 -5.61 -28.83
C ARG C 18 -46.17 -5.71 -28.02
N SER C 19 -45.27 -4.75 -28.22
CA SER C 19 -43.97 -4.79 -27.57
C SER C 19 -44.08 -4.80 -26.06
N ILE C 20 -43.15 -5.51 -25.42
CA ILE C 20 -43.10 -5.56 -23.96
C ILE C 20 -42.89 -4.15 -23.44
N ALA C 21 -42.05 -3.39 -24.13
CA ALA C 21 -41.73 -2.02 -23.72
C ALA C 21 -42.97 -1.13 -23.73
N TYR C 22 -43.95 -1.48 -24.55
CA TYR C 22 -45.20 -0.73 -24.61
C TYR C 22 -46.02 -0.99 -23.36
N GLY C 23 -46.02 -2.23 -22.88
CA GLY C 23 -46.73 -2.58 -21.68
C GLY C 23 -46.15 -1.88 -20.46
N ILE C 24 -44.83 -1.79 -20.43
CA ILE C 24 -44.13 -1.09 -19.36
C ILE C 24 -44.39 0.42 -19.41
N ALA C 25 -44.28 0.98 -20.61
CA ALA C 25 -44.56 2.41 -20.83
C ALA C 25 -45.97 2.69 -20.34
N LYS C 26 -46.84 1.77 -20.69
CA LYS C 26 -48.26 1.87 -20.42
C LYS C 26 -48.50 1.95 -18.91
N ALA C 27 -47.75 1.14 -18.16
CA ALA C 27 -47.86 1.10 -16.70
C ALA C 27 -47.19 2.30 -16.01
N CYS C 28 -46.04 2.70 -16.52
CA CYS C 28 -45.29 3.83 -15.96
C CYS C 28 -46.04 5.15 -16.06
N LYS C 29 -46.68 5.40 -17.21
CA LYS C 29 -47.47 6.62 -17.39
C LYS C 29 -48.61 6.65 -16.40
N ARG C 30 -49.27 5.51 -16.26
CA ARG C 30 -50.38 5.36 -15.35
C ARG C 30 -49.97 5.74 -13.93
N GLU C 31 -48.73 5.42 -13.59
CA GLU C 31 -48.22 5.66 -12.24
C GLU C 31 -47.50 7.00 -12.10
N GLY C 32 -47.64 7.86 -13.11
CA GLY C 32 -47.27 9.26 -12.99
C GLY C 32 -45.90 9.62 -13.54
N ALA C 33 -45.31 8.71 -14.31
CA ALA C 33 -43.97 8.93 -14.84
C ALA C 33 -43.96 9.83 -16.08
N GLU C 34 -42.81 10.43 -16.35
CA GLU C 34 -42.54 11.10 -17.61
C GLU C 34 -41.67 10.20 -18.46
N LEU C 35 -42.04 10.02 -19.73
CA LEU C 35 -41.38 9.05 -20.59
C LEU C 35 -40.64 9.68 -21.74
N ALA C 36 -39.54 9.04 -22.10
CA ALA C 36 -38.82 9.36 -23.32
C ALA C 36 -38.49 8.03 -23.98
N PHE C 37 -38.42 8.02 -25.31
CA PHE C 37 -38.31 6.76 -26.04
C PHE C 37 -37.17 6.80 -27.04
N THR C 38 -36.71 5.61 -27.41
CA THR C 38 -35.75 5.47 -28.48
C THR C 38 -36.32 4.63 -29.60
N TYR C 39 -35.73 4.78 -30.78
CA TYR C 39 -36.07 3.99 -31.95
C TYR C 39 -34.78 3.72 -32.69
N VAL C 40 -34.82 2.76 -33.62
CA VAL C 40 -33.64 2.45 -34.43
C VAL C 40 -34.02 2.42 -35.91
N GLY C 41 -33.25 3.14 -36.71
CA GLY C 41 -33.57 3.35 -38.11
C GLY C 41 -34.40 4.61 -38.23
N ASP C 42 -34.46 5.18 -39.43
CA ASP C 42 -35.20 6.42 -39.65
C ASP C 42 -36.67 6.14 -39.85
N ARG C 43 -36.97 5.22 -40.77
CA ARG C 43 -38.33 4.82 -41.11
C ARG C 43 -39.27 4.67 -39.91
N PHE C 44 -38.73 4.31 -38.76
CA PHE C 44 -39.52 4.12 -37.55
C PHE C 44 -39.70 5.41 -36.74
N LYS C 45 -39.03 6.48 -37.16
CA LYS C 45 -39.06 7.74 -36.41
C LYS C 45 -40.47 8.30 -36.26
N ASP C 46 -41.24 8.17 -37.33
CA ASP C 46 -42.60 8.70 -37.32
C ASP C 46 -43.44 7.88 -36.36
N ARG C 47 -43.31 6.56 -36.42
CA ARG C 47 -44.14 5.65 -35.63
C ARG C 47 -43.96 5.80 -34.12
N ILE C 48 -42.71 5.96 -33.70
CA ILE C 48 -42.40 6.04 -32.28
C ILE C 48 -42.84 7.38 -31.71
N THR C 49 -42.76 8.42 -32.53
CA THR C 49 -43.22 9.74 -32.14
C THR C 49 -44.73 9.67 -31.91
N GLU C 50 -45.41 8.84 -32.69
CA GLU C 50 -46.85 8.67 -32.53
C GLU C 50 -47.11 8.00 -31.18
N PHE C 51 -46.26 7.03 -30.84
CA PHE C 51 -46.33 6.34 -29.55
C PHE C 51 -45.96 7.24 -28.39
N ALA C 52 -44.89 8.02 -28.56
CA ALA C 52 -44.44 8.93 -27.52
C ALA C 52 -45.52 9.96 -27.22
N ALA C 53 -46.25 10.35 -28.25
CA ALA C 53 -47.32 11.33 -28.12
C ALA C 53 -48.51 10.72 -27.38
N GLU C 54 -48.72 9.43 -27.59
CA GLU C 54 -49.78 8.69 -26.89
C GLU C 54 -49.54 8.70 -25.40
N PHE C 55 -48.27 8.84 -25.00
CA PHE C 55 -47.89 8.89 -23.59
C PHE C 55 -47.45 10.30 -23.18
N GLY C 56 -47.90 11.30 -23.93
CA GLY C 56 -47.67 12.68 -23.56
C GLY C 56 -46.22 13.11 -23.58
N SER C 57 -45.46 12.64 -24.55
CA SER C 57 -44.03 12.94 -24.64
C SER C 57 -43.64 13.35 -26.05
N GLU C 58 -42.69 14.28 -26.14
CA GLU C 58 -42.13 14.71 -27.42
C GLU C 58 -40.68 14.25 -27.52
N LEU C 59 -40.19 13.63 -26.45
CA LEU C 59 -38.80 13.23 -26.34
C LEU C 59 -38.56 11.88 -27.00
N VAL C 60 -38.05 11.92 -28.23
CA VAL C 60 -37.70 10.70 -28.96
C VAL C 60 -36.31 10.85 -29.55
N PHE C 61 -35.51 9.79 -29.45
CA PHE C 61 -34.10 9.84 -29.85
C PHE C 61 -33.68 8.59 -30.62
N PRO C 62 -32.83 8.76 -31.64
CA PRO C 62 -32.35 7.57 -32.36
C PRO C 62 -31.25 6.84 -31.60
N CYS C 63 -31.27 5.52 -31.58
CA CYS C 63 -30.19 4.77 -30.95
C CYS C 63 -30.11 3.32 -31.41
N ASP C 64 -29.20 3.07 -32.36
CA ASP C 64 -28.80 1.71 -32.69
C ASP C 64 -27.67 1.33 -31.74
N VAL C 65 -27.96 0.44 -30.80
CA VAL C 65 -27.01 0.12 -29.73
C VAL C 65 -25.76 -0.59 -30.25
N ALA C 66 -25.72 -0.85 -31.56
CA ALA C 66 -24.54 -1.41 -32.19
C ALA C 66 -23.44 -0.36 -32.39
N ASP C 67 -23.85 0.91 -32.44
CA ASP C 67 -22.91 2.01 -32.67
C ASP C 67 -22.63 2.74 -31.36
N ASP C 68 -21.38 2.72 -30.94
CA ASP C 68 -20.94 3.41 -29.73
C ASP C 68 -21.34 4.88 -29.76
N ALA C 69 -21.31 5.46 -30.95
CA ALA C 69 -21.54 6.90 -31.12
C ALA C 69 -22.97 7.29 -30.78
N GLN C 70 -23.94 6.50 -31.23
CA GLN C 70 -25.34 6.82 -31.00
C GLN C 70 -25.70 6.69 -29.53
N ILE C 71 -25.04 5.76 -28.85
CA ILE C 71 -25.26 5.56 -27.43
C ILE C 71 -24.86 6.81 -26.67
N ASP C 72 -23.66 7.30 -26.93
CA ASP C 72 -23.16 8.50 -26.27
C ASP C 72 -24.03 9.70 -26.63
N ALA C 73 -24.44 9.75 -27.89
CA ALA C 73 -25.25 10.86 -28.38
C ALA C 73 -26.66 10.83 -27.81
N LEU C 74 -27.14 9.63 -27.48
CA LEU C 74 -28.47 9.48 -26.91
C LEU C 74 -28.61 10.28 -25.62
N PHE C 75 -27.63 10.13 -24.74
CA PHE C 75 -27.69 10.73 -23.42
C PHE C 75 -27.16 12.16 -23.43
N ALA C 76 -26.51 12.56 -24.52
CA ALA C 76 -26.15 13.95 -24.71
C ALA C 76 -27.41 14.76 -25.07
N SER C 77 -28.22 14.20 -25.96
CA SER C 77 -29.47 14.83 -26.38
C SER C 77 -30.48 14.85 -25.24
N LEU C 78 -30.57 13.75 -24.51
CA LEU C 78 -31.50 13.64 -23.40
C LEU C 78 -31.16 14.63 -22.30
N LYS C 79 -29.87 14.91 -22.15
CA LYS C 79 -29.40 15.78 -21.09
C LYS C 79 -29.94 17.19 -21.27
N THR C 80 -30.26 17.55 -22.50
CA THR C 80 -30.74 18.88 -22.83
C THR C 80 -32.18 19.08 -22.40
N HIS C 81 -32.91 17.99 -22.23
CA HIS C 81 -34.31 18.05 -21.83
C HIS C 81 -34.44 17.68 -20.36
N TRP C 82 -33.74 16.61 -19.96
CA TRP C 82 -33.79 16.11 -18.60
C TRP C 82 -32.43 16.27 -17.93
N ASP C 83 -32.39 16.93 -16.78
CA ASP C 83 -31.15 17.09 -16.01
C ASP C 83 -30.76 15.76 -15.38
N SER C 84 -31.75 14.92 -15.11
CA SER C 84 -31.46 13.65 -14.47
C SER C 84 -32.38 12.56 -15.00
N LEU C 85 -31.96 11.32 -14.80
CA LEU C 85 -32.70 10.17 -15.28
C LEU C 85 -33.01 9.23 -14.12
N ASP C 86 -34.30 8.94 -13.95
CA ASP C 86 -34.74 8.16 -12.81
C ASP C 86 -34.94 6.70 -13.17
N GLY C 87 -35.11 6.42 -14.46
CA GLY C 87 -35.34 5.06 -14.92
C GLY C 87 -34.84 4.81 -16.33
N LEU C 88 -34.28 3.63 -16.54
CA LEU C 88 -33.83 3.19 -17.86
C LEU C 88 -34.31 1.77 -18.09
N VAL C 89 -34.99 1.55 -19.20
CA VAL C 89 -35.49 0.22 -19.55
C VAL C 89 -34.80 -0.33 -20.79
N HIS C 90 -34.10 -1.45 -20.62
CA HIS C 90 -33.40 -2.11 -21.72
C HIS C 90 -34.25 -3.27 -22.23
N SER C 91 -35.06 -3.00 -23.25
CA SER C 91 -35.95 -4.01 -23.81
C SER C 91 -35.52 -4.35 -25.24
N ILE C 92 -34.25 -4.72 -25.37
CA ILE C 92 -33.62 -4.90 -26.68
C ILE C 92 -33.08 -6.32 -26.87
N GLY C 93 -33.30 -6.88 -28.05
CA GLY C 93 -32.76 -8.18 -28.38
C GLY C 93 -32.65 -8.42 -29.87
N PHE C 94 -31.61 -9.14 -30.28
CA PHE C 94 -31.44 -9.50 -31.68
C PHE C 94 -30.52 -10.70 -31.85
N ALA C 95 -30.86 -11.54 -32.81
CA ALA C 95 -29.97 -12.58 -33.28
C ALA C 95 -30.35 -12.95 -34.70
N PRO C 96 -29.36 -13.29 -35.55
CA PRO C 96 -29.66 -13.81 -36.88
C PRO C 96 -30.63 -14.99 -36.82
N ARG C 97 -31.60 -15.02 -37.72
CA ARG C 97 -32.70 -15.97 -37.61
C ARG C 97 -32.24 -17.41 -37.60
N GLU C 98 -31.13 -17.68 -38.29
CA GLU C 98 -30.56 -19.03 -38.33
C GLU C 98 -29.98 -19.47 -36.99
N ALA C 99 -29.55 -18.50 -36.18
CA ALA C 99 -28.91 -18.79 -34.89
C ALA C 99 -29.93 -19.05 -33.79
N ILE C 100 -31.21 -18.85 -34.10
CA ILE C 100 -32.30 -19.16 -33.18
C ILE C 100 -33.31 -20.05 -33.87
N ALA C 101 -32.80 -21.00 -34.65
CA ALA C 101 -33.63 -21.93 -35.40
C ALA C 101 -32.94 -23.27 -35.56
N GLY C 102 -33.68 -24.34 -35.33
CA GLY C 102 -33.15 -25.67 -35.52
C GLY C 102 -32.14 -26.00 -34.44
N ASP C 103 -31.08 -26.69 -34.85
CA ASP C 103 -30.03 -27.12 -33.93
C ASP C 103 -29.12 -25.98 -33.49
N PHE C 104 -28.63 -26.10 -32.27
CA PHE C 104 -27.74 -25.09 -31.70
C PHE C 104 -26.47 -24.93 -32.52
N LEU C 105 -25.89 -26.04 -32.97
CA LEU C 105 -24.63 -25.99 -33.69
C LEU C 105 -24.79 -25.62 -35.17
N ASP C 106 -25.92 -25.98 -35.77
CA ASP C 106 -26.15 -25.69 -37.17
C ASP C 106 -26.06 -24.20 -37.47
N GLY C 107 -26.60 -23.39 -36.57
CA GLY C 107 -26.62 -21.95 -36.74
C GLY C 107 -25.53 -21.22 -36.00
N LEU C 108 -24.56 -21.97 -35.47
CA LEU C 108 -23.46 -21.38 -34.73
C LEU C 108 -22.35 -20.90 -35.66
N THR C 109 -22.10 -19.60 -35.64
CA THR C 109 -20.94 -19.03 -36.31
C THR C 109 -20.32 -18.01 -35.37
N ARG C 110 -19.04 -17.74 -35.54
CA ARG C 110 -18.36 -16.77 -34.70
C ARG C 110 -19.09 -15.44 -34.82
N GLU C 111 -19.61 -15.18 -36.02
CA GLU C 111 -20.26 -13.91 -36.32
C GLU C 111 -21.69 -13.80 -35.79
N ASN C 112 -22.46 -14.88 -35.88
CA ASN C 112 -23.80 -14.87 -35.30
C ASN C 112 -23.73 -14.72 -33.79
N PHE C 113 -22.74 -15.38 -33.20
CA PHE C 113 -22.49 -15.30 -31.77
C PHE C 113 -22.17 -13.88 -31.39
N ARG C 114 -21.28 -13.24 -32.15
CA ARG C 114 -20.86 -11.88 -31.85
C ARG C 114 -22.07 -10.94 -31.84
N ILE C 115 -22.91 -11.03 -32.85
CA ILE C 115 -24.04 -10.11 -32.99
C ILE C 115 -25.05 -10.30 -31.87
N ALA C 116 -25.37 -11.55 -31.56
CA ALA C 116 -26.37 -11.83 -30.53
C ALA C 116 -25.93 -11.28 -29.18
N HIS C 117 -24.64 -11.45 -28.87
CA HIS C 117 -24.09 -10.99 -27.61
C HIS C 117 -23.86 -9.49 -27.61
N ASP C 118 -23.50 -8.94 -28.77
CA ASP C 118 -23.30 -7.50 -28.91
C ASP C 118 -24.59 -6.74 -28.60
N ILE C 119 -25.68 -7.14 -29.24
CA ILE C 119 -26.94 -6.41 -29.12
C ILE C 119 -27.77 -6.78 -27.90
N SER C 120 -27.84 -8.06 -27.57
CA SER C 120 -28.77 -8.51 -26.56
C SER C 120 -28.19 -8.50 -25.16
N ALA C 121 -26.86 -8.49 -25.07
CA ALA C 121 -26.18 -8.53 -23.78
C ALA C 121 -25.37 -7.28 -23.52
N TYR C 122 -24.33 -7.05 -24.33
CA TYR C 122 -23.42 -5.94 -24.10
C TYR C 122 -24.12 -4.59 -24.07
N SER C 123 -25.15 -4.46 -24.89
CA SER C 123 -25.82 -3.17 -25.06
C SER C 123 -26.43 -2.67 -23.76
N PHE C 124 -26.67 -3.55 -22.80
CA PHE C 124 -27.31 -3.15 -21.55
C PHE C 124 -26.36 -2.42 -20.61
N PRO C 125 -25.25 -3.06 -20.19
CA PRO C 125 -24.34 -2.29 -19.34
C PRO C 125 -23.68 -1.15 -20.09
N ALA C 126 -23.63 -1.26 -21.42
CA ALA C 126 -23.12 -0.19 -22.25
C ALA C 126 -23.97 1.06 -22.10
N LEU C 127 -25.28 0.90 -22.20
CA LEU C 127 -26.21 2.00 -22.00
C LEU C 127 -26.18 2.52 -20.57
N ALA C 128 -25.96 1.62 -19.63
CA ALA C 128 -25.90 1.98 -18.22
C ALA C 128 -24.72 2.93 -17.99
N LYS C 129 -23.59 2.59 -18.59
CA LYS C 129 -22.38 3.38 -18.46
C LYS C 129 -22.52 4.76 -19.09
N ALA C 130 -23.17 4.81 -20.24
CA ALA C 130 -23.32 6.07 -20.96
C ALA C 130 -24.33 6.97 -20.27
N ALA C 131 -25.18 6.37 -19.45
CA ALA C 131 -26.22 7.09 -18.74
C ALA C 131 -25.75 7.52 -17.37
N LEU C 132 -24.69 6.88 -16.90
CA LEU C 132 -24.23 7.03 -15.52
C LEU C 132 -24.04 8.48 -15.08
N PRO C 133 -23.48 9.34 -15.96
CA PRO C 133 -23.30 10.73 -15.56
C PRO C 133 -24.57 11.49 -15.19
N MET C 134 -25.74 11.01 -15.63
CA MET C 134 -27.00 11.72 -15.38
C MET C 134 -28.03 10.86 -14.65
N LEU C 135 -27.62 9.71 -14.15
CA LEU C 135 -28.52 8.86 -13.37
C LEU C 135 -28.79 9.46 -12.00
N SER C 136 -30.03 9.35 -11.54
CA SER C 136 -30.38 9.83 -10.21
C SER C 136 -29.74 8.91 -9.17
N ASP C 137 -29.72 9.35 -7.92
CA ASP C 137 -29.07 8.59 -6.86
C ASP C 137 -29.82 7.30 -6.57
N ASP C 138 -31.12 7.29 -6.82
CA ASP C 138 -31.95 6.12 -6.58
C ASP C 138 -32.65 5.69 -7.86
N ALA C 139 -31.96 5.89 -8.97
CA ALA C 139 -32.46 5.48 -10.27
C ALA C 139 -32.54 3.96 -10.34
N SER C 140 -33.21 3.45 -11.35
CA SER C 140 -33.46 2.02 -11.47
C SER C 140 -33.36 1.56 -12.93
N LEU C 141 -32.47 0.60 -13.17
CA LEU C 141 -32.27 0.04 -14.51
C LEU C 141 -32.95 -1.32 -14.63
N LEU C 142 -33.54 -1.58 -15.79
CA LEU C 142 -34.32 -2.78 -16.01
C LEU C 142 -34.06 -3.40 -17.38
N THR C 143 -33.84 -4.71 -17.41
CA THR C 143 -33.67 -5.44 -18.66
C THR C 143 -34.63 -6.61 -18.71
N LEU C 144 -34.78 -7.20 -19.89
CA LEU C 144 -35.68 -8.32 -20.10
C LEU C 144 -34.89 -9.56 -20.47
N SER C 145 -35.15 -10.67 -19.79
CA SER C 145 -34.47 -11.92 -20.09
C SER C 145 -35.50 -13.02 -20.31
N TYR C 146 -35.01 -14.23 -20.56
CA TYR C 146 -35.87 -15.38 -20.78
C TYR C 146 -35.28 -16.61 -20.10
N LEU C 147 -36.15 -17.54 -19.72
CA LEU C 147 -35.76 -18.77 -19.04
C LEU C 147 -34.69 -19.55 -19.80
N GLY C 148 -34.54 -19.25 -21.08
CA GLY C 148 -33.58 -19.91 -21.94
C GLY C 148 -32.15 -19.68 -21.49
N ALA C 149 -31.95 -18.73 -20.60
CA ALA C 149 -30.63 -18.49 -20.03
C ALA C 149 -30.34 -19.54 -18.96
N GLU C 150 -31.37 -19.94 -18.23
CA GLU C 150 -31.21 -20.88 -17.13
C GLU C 150 -31.16 -22.33 -17.60
N ARG C 151 -32.02 -22.69 -18.55
CA ARG C 151 -32.08 -24.07 -19.03
C ARG C 151 -32.15 -24.09 -20.54
N ALA C 152 -31.79 -25.22 -21.13
CA ALA C 152 -31.76 -25.34 -22.57
C ALA C 152 -33.18 -25.48 -23.09
N ILE C 153 -33.59 -24.51 -23.90
CA ILE C 153 -34.90 -24.47 -24.50
C ILE C 153 -34.79 -24.66 -26.01
N PRO C 154 -35.70 -25.48 -26.59
CA PRO C 154 -35.64 -25.74 -28.03
C PRO C 154 -35.64 -24.47 -28.86
N ASN C 155 -34.72 -24.37 -29.81
CA ASN C 155 -34.67 -23.30 -30.79
C ASN C 155 -34.11 -21.97 -30.26
N TYR C 156 -34.07 -21.80 -28.94
CA TYR C 156 -33.57 -20.54 -28.40
C TYR C 156 -32.07 -20.45 -28.62
N ASN C 157 -31.38 -21.58 -28.47
CA ASN C 157 -29.98 -21.76 -28.88
C ASN C 157 -29.03 -20.61 -28.50
N THR C 158 -28.42 -19.98 -29.51
CA THR C 158 -27.36 -18.99 -29.30
C THR C 158 -27.84 -17.84 -28.43
N MET C 159 -29.15 -17.62 -28.45
CA MET C 159 -29.74 -16.53 -27.70
C MET C 159 -29.75 -16.80 -26.20
N GLY C 160 -29.76 -18.08 -25.82
CA GLY C 160 -29.72 -18.47 -24.43
C GLY C 160 -28.40 -18.13 -23.79
N LEU C 161 -27.34 -18.25 -24.57
CA LEU C 161 -26.00 -17.90 -24.13
C LEU C 161 -25.94 -16.42 -23.86
N ALA C 162 -26.48 -15.63 -24.78
CA ALA C 162 -26.46 -14.18 -24.65
C ALA C 162 -27.27 -13.74 -23.43
N LYS C 163 -28.44 -14.35 -23.24
CA LYS C 163 -29.28 -13.99 -22.11
C LYS C 163 -28.63 -14.37 -20.80
N ALA C 164 -27.78 -15.41 -20.83
CA ALA C 164 -27.06 -15.81 -19.63
C ALA C 164 -26.00 -14.77 -19.27
N ALA C 165 -25.34 -14.23 -20.28
CA ALA C 165 -24.36 -13.17 -20.07
C ALA C 165 -25.06 -11.93 -19.56
N LEU C 166 -26.24 -11.67 -20.13
CA LEU C 166 -27.06 -10.53 -19.74
C LEU C 166 -27.44 -10.58 -18.26
N GLU C 167 -27.92 -11.74 -17.80
CA GLU C 167 -28.35 -11.88 -16.41
C GLU C 167 -27.17 -11.73 -15.46
N ALA C 168 -25.98 -12.05 -15.94
CA ALA C 168 -24.77 -11.86 -15.15
C ALA C 168 -24.39 -10.39 -15.09
N SER C 169 -24.61 -9.68 -16.21
CA SER C 169 -24.30 -8.26 -16.27
C SER C 169 -25.22 -7.50 -15.32
N VAL C 170 -26.40 -8.04 -15.08
CA VAL C 170 -27.33 -7.49 -14.11
C VAL C 170 -26.68 -7.46 -12.73
N ARG C 171 -26.03 -8.56 -12.36
CA ARG C 171 -25.43 -8.68 -11.04
C ARG C 171 -24.22 -7.79 -10.88
N TYR C 172 -23.35 -7.77 -11.89
CA TYR C 172 -22.15 -6.96 -11.84
C TYR C 172 -22.48 -5.47 -11.93
N LEU C 173 -23.50 -5.12 -12.71
CA LEU C 173 -23.97 -3.74 -12.76
C LEU C 173 -24.48 -3.28 -11.40
N ALA C 174 -25.24 -4.14 -10.73
CA ALA C 174 -25.87 -3.80 -9.47
C ALA C 174 -24.80 -3.46 -8.44
N VAL C 175 -23.70 -4.19 -8.50
CA VAL C 175 -22.59 -3.96 -7.60
C VAL C 175 -21.87 -2.67 -7.94
N SER C 176 -21.67 -2.45 -9.24
CA SER C 176 -20.94 -1.29 -9.71
C SER C 176 -21.71 0.01 -9.42
N LEU C 177 -23.01 0.00 -9.70
CA LEU C 177 -23.86 1.17 -9.54
C LEU C 177 -24.53 1.25 -8.16
N GLY C 178 -24.40 0.18 -7.37
CA GLY C 178 -25.11 0.07 -6.11
C GLY C 178 -24.66 1.02 -5.03
N ALA C 179 -23.36 1.31 -4.97
CA ALA C 179 -22.83 2.21 -3.96
C ALA C 179 -23.46 3.58 -4.10
N LYS C 180 -23.75 3.95 -5.34
CA LYS C 180 -24.37 5.23 -5.65
C LYS C 180 -25.85 5.20 -5.29
N GLY C 181 -26.37 4.00 -5.05
CA GLY C 181 -27.76 3.84 -4.67
C GLY C 181 -28.64 3.37 -5.82
N VAL C 182 -28.03 3.06 -6.96
CA VAL C 182 -28.79 2.67 -8.13
C VAL C 182 -29.03 1.16 -8.13
N ARG C 183 -30.22 0.78 -8.55
CA ARG C 183 -30.64 -0.62 -8.57
C ARG C 183 -30.70 -1.13 -10.00
N VAL C 184 -30.41 -2.40 -10.17
CA VAL C 184 -30.40 -3.03 -11.48
C VAL C 184 -31.07 -4.39 -11.37
N ASN C 185 -32.12 -4.61 -12.15
CA ASN C 185 -32.85 -5.87 -12.13
C ASN C 185 -33.21 -6.33 -13.53
N ALA C 186 -33.67 -7.56 -13.63
CA ALA C 186 -34.17 -8.09 -14.88
C ALA C 186 -35.48 -8.80 -14.63
N ILE C 187 -36.36 -8.78 -15.62
CA ILE C 187 -37.54 -9.64 -15.61
C ILE C 187 -37.32 -10.75 -16.61
N SER C 188 -37.39 -11.97 -16.13
CA SER C 188 -37.40 -13.14 -17.00
C SER C 188 -38.85 -13.38 -17.38
N ALA C 189 -39.24 -12.87 -18.53
CA ALA C 189 -40.64 -12.92 -18.96
C ALA C 189 -40.98 -14.24 -19.62
N GLY C 190 -42.25 -14.63 -19.49
CA GLY C 190 -42.76 -15.79 -20.18
C GLY C 190 -43.02 -15.42 -21.63
N PRO C 191 -43.48 -16.38 -22.44
CA PRO C 191 -43.69 -16.12 -23.86
C PRO C 191 -44.76 -15.08 -24.13
N ILE C 192 -44.43 -14.08 -24.94
CA ILE C 192 -45.40 -13.08 -25.39
C ILE C 192 -45.30 -13.06 -26.91
N LYS C 193 -46.45 -13.11 -27.58
CA LYS C 193 -46.41 -13.09 -29.03
C LYS C 193 -46.12 -11.65 -29.47
N THR C 194 -44.87 -11.40 -29.84
CA THR C 194 -44.41 -10.09 -30.28
C THR C 194 -43.67 -10.22 -31.60
N LEU C 195 -43.22 -9.09 -32.15
CA LEU C 195 -42.47 -9.09 -33.39
C LEU C 195 -41.21 -9.95 -33.28
N ALA C 196 -40.48 -9.78 -32.17
CA ALA C 196 -39.27 -10.55 -31.94
C ALA C 196 -39.59 -12.04 -31.83
N ALA C 197 -40.77 -12.33 -31.30
CA ALA C 197 -41.21 -13.71 -31.07
C ALA C 197 -41.25 -14.49 -32.36
N SER C 198 -41.48 -13.79 -33.47
CA SER C 198 -41.63 -14.44 -34.77
C SER C 198 -40.32 -15.04 -35.29
N GLY C 199 -39.20 -14.70 -34.65
CA GLY C 199 -37.91 -15.24 -35.07
C GLY C 199 -37.62 -16.61 -34.47
N ILE C 200 -38.42 -17.00 -33.49
CA ILE C 200 -38.25 -18.30 -32.85
C ILE C 200 -39.18 -19.33 -33.43
N LYS C 201 -38.64 -20.33 -34.13
CA LYS C 201 -39.49 -21.34 -34.74
C LYS C 201 -40.31 -21.94 -33.59
N SER C 202 -41.45 -22.52 -33.89
CA SER C 202 -42.27 -23.12 -32.87
C SER C 202 -42.51 -22.24 -31.65
N PHE C 203 -42.77 -20.95 -31.85
CA PHE C 203 -43.12 -20.11 -30.71
C PHE C 203 -44.44 -20.60 -30.13
N GLY C 204 -45.34 -20.98 -31.02
CA GLY C 204 -46.68 -21.41 -30.65
C GLY C 204 -46.66 -22.68 -29.82
N LYS C 205 -45.70 -23.54 -30.12
CA LYS C 205 -45.57 -24.80 -29.43
C LYS C 205 -45.20 -24.52 -27.97
N ILE C 206 -44.40 -23.47 -27.76
CA ILE C 206 -44.02 -23.04 -26.42
C ILE C 206 -45.22 -22.43 -25.71
N LEU C 207 -45.99 -21.62 -26.42
CA LEU C 207 -47.19 -21.01 -25.86
C LEU C 207 -48.18 -22.05 -25.36
N ASP C 208 -48.42 -23.06 -26.17
CA ASP C 208 -49.38 -24.11 -25.81
C ASP C 208 -48.91 -24.84 -24.57
N PHE C 209 -47.60 -25.09 -24.49
CA PHE C 209 -47.04 -25.85 -23.40
C PHE C 209 -47.08 -25.10 -22.08
N VAL C 210 -46.79 -23.79 -22.11
CA VAL C 210 -46.79 -22.99 -20.88
C VAL C 210 -48.21 -22.84 -20.34
N GLU C 211 -49.17 -22.62 -21.23
CA GLU C 211 -50.56 -22.49 -20.81
C GLU C 211 -51.05 -23.77 -20.16
N SER C 212 -50.52 -24.90 -20.63
CA SER C 212 -50.98 -26.20 -20.15
C SER C 212 -50.29 -26.61 -18.85
N ASN C 213 -49.04 -26.19 -18.67
CA ASN C 213 -48.20 -26.70 -17.59
C ASN C 213 -47.80 -25.68 -16.53
N SER C 214 -47.85 -24.40 -16.84
CA SER C 214 -47.54 -23.39 -15.84
C SER C 214 -48.57 -23.52 -14.73
N PRO C 215 -48.16 -23.24 -13.47
CA PRO C 215 -49.10 -23.38 -12.36
C PRO C 215 -50.41 -22.61 -12.53
N LEU C 216 -50.35 -21.40 -13.07
CA LEU C 216 -51.56 -20.59 -13.25
C LEU C 216 -52.31 -20.98 -14.52
N LYS C 217 -51.80 -21.94 -15.26
CA LYS C 217 -52.49 -22.49 -16.43
C LYS C 217 -52.85 -21.38 -17.42
N ARG C 218 -51.96 -20.41 -17.57
CA ARG C 218 -52.22 -19.28 -18.44
C ARG C 218 -50.91 -18.60 -18.81
N ASN C 219 -50.86 -18.03 -20.01
CA ASN C 219 -49.71 -17.26 -20.42
C ASN C 219 -49.77 -15.86 -19.86
N VAL C 220 -48.63 -15.17 -19.88
CA VAL C 220 -48.55 -13.83 -19.34
C VAL C 220 -48.80 -12.81 -20.42
N THR C 221 -49.02 -11.58 -19.99
CA THR C 221 -49.34 -10.50 -20.90
C THR C 221 -48.35 -9.35 -20.73
N ILE C 222 -48.35 -8.40 -21.66
CA ILE C 222 -47.43 -7.27 -21.55
C ILE C 222 -47.89 -6.32 -20.45
N GLU C 223 -49.15 -6.44 -20.05
CA GLU C 223 -49.69 -5.68 -18.93
C GLU C 223 -49.11 -6.17 -17.62
N GLN C 224 -49.00 -7.48 -17.52
CA GLN C 224 -48.49 -8.13 -16.32
C GLN C 224 -47.00 -7.90 -16.17
N VAL C 225 -46.28 -8.04 -17.27
CA VAL C 225 -44.85 -7.75 -17.26
C VAL C 225 -44.66 -6.26 -17.03
N GLY C 226 -45.59 -5.46 -17.53
CA GLY C 226 -45.50 -4.01 -17.39
C GLY C 226 -45.64 -3.54 -15.97
N ASN C 227 -46.62 -4.09 -15.24
CA ASN C 227 -46.82 -3.73 -13.84
C ASN C 227 -45.62 -4.15 -13.01
N ALA C 228 -45.09 -5.32 -13.30
CA ALA C 228 -43.91 -5.81 -12.61
C ALA C 228 -42.73 -4.90 -12.88
N GLY C 229 -42.63 -4.42 -14.11
CA GLY C 229 -41.57 -3.52 -14.51
C GLY C 229 -41.69 -2.19 -13.80
N ALA C 230 -42.92 -1.67 -13.74
CA ALA C 230 -43.18 -0.40 -13.09
C ALA C 230 -42.79 -0.47 -11.62
N PHE C 231 -43.08 -1.60 -10.99
CA PHE C 231 -42.73 -1.82 -9.60
C PHE C 231 -41.23 -1.71 -9.37
N LEU C 232 -40.46 -2.44 -10.16
CA LEU C 232 -39.01 -2.49 -9.99
C LEU C 232 -38.37 -1.13 -10.28
N LEU C 233 -39.00 -0.35 -11.14
CA LEU C 233 -38.51 0.98 -11.49
C LEU C 233 -38.84 2.03 -10.42
N SER C 234 -39.72 1.67 -9.49
CA SER C 234 -40.21 2.61 -8.48
C SER C 234 -39.47 2.42 -7.16
N ASP C 235 -39.69 3.35 -6.23
CA ASP C 235 -39.04 3.26 -4.92
C ASP C 235 -39.68 2.19 -4.02
N LEU C 236 -40.75 1.55 -4.50
CA LEU C 236 -41.35 0.44 -3.78
C LEU C 236 -40.39 -0.73 -3.69
N ALA C 237 -39.50 -0.83 -4.68
CA ALA C 237 -38.56 -1.94 -4.78
C ALA C 237 -37.15 -1.46 -4.46
N SER C 238 -37.04 -0.50 -3.53
CA SER C 238 -35.75 0.07 -3.21
C SER C 238 -34.88 -0.92 -2.45
N GLY C 239 -35.49 -2.01 -1.99
CA GLY C 239 -34.76 -3.07 -1.31
C GLY C 239 -34.37 -4.18 -2.28
N VAL C 240 -34.69 -3.98 -3.56
CA VAL C 240 -34.51 -5.01 -4.58
C VAL C 240 -33.52 -4.58 -5.65
N THR C 241 -32.39 -5.31 -5.72
CA THR C 241 -31.40 -5.07 -6.76
C THR C 241 -30.71 -6.39 -7.08
N ALA C 242 -30.07 -6.46 -8.25
CA ALA C 242 -29.38 -7.66 -8.70
C ALA C 242 -30.31 -8.86 -8.83
N GLU C 243 -31.59 -8.61 -9.05
CA GLU C 243 -32.60 -9.66 -9.12
C GLU C 243 -33.05 -9.96 -10.54
N VAL C 244 -33.25 -11.24 -10.82
CA VAL C 244 -33.93 -11.68 -12.03
C VAL C 244 -35.29 -12.22 -11.62
N MET C 245 -36.35 -11.44 -11.87
CA MET C 245 -37.67 -11.78 -11.40
C MET C 245 -38.45 -12.51 -12.50
N HIS C 246 -38.94 -13.72 -12.21
CA HIS C 246 -39.70 -14.47 -13.20
C HIS C 246 -41.14 -14.00 -13.23
N VAL C 247 -41.57 -13.50 -14.38
CA VAL C 247 -42.98 -13.20 -14.62
C VAL C 247 -43.45 -14.10 -15.75
N ASP C 248 -43.70 -15.37 -15.43
CA ASP C 248 -44.03 -16.37 -16.43
C ASP C 248 -45.08 -17.34 -15.92
N SER C 249 -46.02 -16.82 -15.12
CA SER C 249 -47.08 -17.63 -14.53
C SER C 249 -46.54 -18.81 -13.72
N GLY C 250 -45.27 -18.73 -13.33
CA GLY C 250 -44.69 -19.74 -12.48
C GLY C 250 -44.06 -20.89 -13.24
N PHE C 251 -43.97 -20.76 -14.55
CA PHE C 251 -43.53 -21.87 -15.41
C PHE C 251 -42.13 -22.38 -15.10
N ASN C 252 -41.22 -21.47 -14.79
CA ASN C 252 -39.83 -21.83 -14.51
C ASN C 252 -39.69 -22.82 -13.36
N ALA C 253 -40.70 -22.87 -12.49
CA ALA C 253 -40.60 -23.60 -11.23
C ALA C 253 -41.17 -25.01 -11.27
N VAL C 254 -41.58 -25.48 -12.44
CA VAL C 254 -42.14 -26.82 -12.58
C VAL C 254 -41.41 -27.64 -13.63
N VAL C 255 -41.66 -28.95 -13.58
CA VAL C 255 -41.30 -29.84 -14.68
C VAL C 255 -42.61 -30.29 -15.32
N GLY C 256 -42.96 -29.62 -16.42
CA GLY C 256 -44.24 -29.87 -17.09
C GLY C 256 -44.15 -30.95 -18.15
N GLY C 257 -45.31 -31.40 -18.62
CA GLY C 257 -45.38 -32.33 -19.73
C GLY C 257 -45.84 -33.72 -19.35
N MET C 258 -45.80 -34.01 -18.05
CA MET C 258 -46.13 -35.33 -17.52
C MET C 258 -47.53 -35.38 -16.93
N GLY D 2 -55.28 2.94 -3.46
CA GLY D 2 -54.03 2.23 -3.66
C GLY D 2 -54.24 0.98 -4.51
N PHE D 3 -53.18 0.20 -4.69
CA PHE D 3 -53.26 -0.97 -5.57
C PHE D 3 -53.67 -2.25 -4.84
N LEU D 4 -54.21 -2.11 -3.64
CA LEU D 4 -54.81 -3.25 -2.92
C LEU D 4 -56.23 -2.93 -2.47
N ASP D 5 -56.86 -1.94 -3.11
CA ASP D 5 -58.22 -1.53 -2.77
C ASP D 5 -59.20 -2.70 -2.73
N GLY D 6 -59.89 -2.84 -1.62
CA GLY D 6 -60.97 -3.82 -1.49
C GLY D 6 -60.48 -5.24 -1.29
N LYS D 7 -59.17 -5.41 -1.18
CA LYS D 7 -58.59 -6.72 -0.93
C LYS D 7 -58.57 -6.98 0.57
N ARG D 8 -58.99 -8.18 0.97
CA ARG D 8 -58.95 -8.57 2.37
C ARG D 8 -57.78 -9.52 2.63
N ILE D 9 -56.88 -9.09 3.51
CA ILE D 9 -55.63 -9.81 3.74
C ILE D 9 -55.49 -10.19 5.22
N LEU D 10 -55.15 -11.45 5.46
CA LEU D 10 -54.92 -11.98 6.80
C LEU D 10 -53.43 -12.06 7.09
N LEU D 11 -52.98 -11.42 8.16
CA LEU D 11 -51.55 -11.40 8.49
C LEU D 11 -51.26 -12.19 9.76
N THR D 12 -50.29 -13.10 9.68
CA THR D 12 -49.79 -13.80 10.86
C THR D 12 -48.43 -13.23 11.24
N GLY D 13 -47.99 -13.51 12.46
CA GLY D 13 -46.62 -13.22 12.84
C GLY D 13 -46.32 -11.79 13.25
N LEU D 14 -47.36 -10.99 13.49
CA LEU D 14 -47.15 -9.64 14.00
C LEU D 14 -47.00 -9.71 15.52
N LEU D 15 -45.81 -9.37 15.98
CA LEU D 15 -45.45 -9.55 17.39
C LEU D 15 -45.00 -8.23 18.00
N SER D 16 -44.34 -7.40 17.20
CA SER D 16 -43.88 -6.11 17.65
C SER D 16 -43.85 -5.12 16.49
N ASN D 17 -43.53 -3.87 16.77
CA ASN D 17 -43.44 -2.86 15.73
C ASN D 17 -42.13 -3.01 14.96
N ARG D 18 -41.37 -4.05 15.31
CA ARG D 18 -40.14 -4.39 14.59
C ARG D 18 -40.40 -5.55 13.63
N SER D 19 -41.49 -6.27 13.86
CA SER D 19 -41.80 -7.47 13.09
C SER D 19 -41.97 -7.19 11.61
N ILE D 20 -41.55 -8.16 10.79
CA ILE D 20 -41.73 -8.05 9.35
C ILE D 20 -43.20 -7.93 9.01
N ALA D 21 -44.03 -8.70 9.72
CA ALA D 21 -45.47 -8.68 9.46
C ALA D 21 -46.06 -7.29 9.69
N TYR D 22 -45.42 -6.50 10.55
CA TYR D 22 -45.86 -5.14 10.81
C TYR D 22 -45.55 -4.23 9.62
N GLY D 23 -44.39 -4.44 9.00
CA GLY D 23 -43.99 -3.66 7.84
C GLY D 23 -44.88 -3.94 6.64
N ILE D 24 -45.24 -5.20 6.46
CA ILE D 24 -46.13 -5.60 5.38
C ILE D 24 -47.52 -5.03 5.64
N ALA D 25 -47.97 -5.15 6.88
CA ALA D 25 -49.26 -4.61 7.30
C ALA D 25 -49.35 -3.13 6.98
N LYS D 26 -48.27 -2.40 7.31
CA LYS D 26 -48.25 -0.96 7.11
C LYS D 26 -48.44 -0.62 5.65
N ALA D 27 -47.81 -1.40 4.77
CA ALA D 27 -47.89 -1.16 3.34
C ALA D 27 -49.24 -1.58 2.75
N CYS D 28 -49.77 -2.71 3.20
CA CYS D 28 -51.06 -3.19 2.70
C CYS D 28 -52.17 -2.20 3.04
N LYS D 29 -52.13 -1.65 4.25
CA LYS D 29 -53.11 -0.65 4.66
C LYS D 29 -53.05 0.59 3.79
N ARG D 30 -51.84 1.08 3.56
CA ARG D 30 -51.62 2.24 2.72
C ARG D 30 -52.18 2.06 1.33
N GLU D 31 -52.12 0.84 0.82
CA GLU D 31 -52.56 0.56 -0.55
C GLU D 31 -54.01 0.09 -0.60
N GLY D 32 -54.73 0.22 0.51
CA GLY D 32 -56.18 0.08 0.51
C GLY D 32 -56.74 -1.24 1.01
N ALA D 33 -55.91 -2.04 1.67
CA ALA D 33 -56.36 -3.36 2.12
C ALA D 33 -57.17 -3.31 3.41
N GLU D 34 -57.99 -4.33 3.63
CA GLU D 34 -58.63 -4.58 4.92
C GLU D 34 -57.85 -5.70 5.58
N LEU D 35 -57.49 -5.51 6.85
CA LEU D 35 -56.59 -6.45 7.51
C LEU D 35 -57.24 -7.18 8.68
N ALA D 36 -56.79 -8.43 8.85
CA ALA D 36 -57.12 -9.24 10.01
C ALA D 36 -55.81 -9.84 10.47
N PHE D 37 -55.69 -10.11 11.76
CA PHE D 37 -54.40 -10.52 12.34
C PHE D 37 -54.55 -11.77 13.19
N THR D 38 -53.45 -12.50 13.36
CA THR D 38 -53.41 -13.61 14.30
C THR D 38 -52.38 -13.39 15.39
N TYR D 39 -52.54 -14.10 16.50
CA TYR D 39 -51.60 -14.04 17.62
C TYR D 39 -51.54 -15.43 18.24
N VAL D 40 -50.49 -15.68 19.02
CA VAL D 40 -50.36 -16.97 19.68
C VAL D 40 -50.06 -16.69 21.16
N GLY D 41 -50.80 -17.36 22.04
CA GLY D 41 -50.76 -17.05 23.45
C GLY D 41 -51.84 -16.04 23.77
N ASP D 42 -52.20 -15.95 25.04
CA ASP D 42 -53.28 -15.05 25.45
C ASP D 42 -52.83 -13.63 25.76
N ARG D 43 -51.84 -13.49 26.65
CA ARG D 43 -51.31 -12.17 27.03
C ARG D 43 -51.12 -11.24 25.84
N PHE D 44 -50.92 -11.80 24.66
CA PHE D 44 -50.67 -11.01 23.46
C PHE D 44 -51.95 -10.50 22.82
N LYS D 45 -53.10 -10.92 23.36
CA LYS D 45 -54.39 -10.53 22.82
C LYS D 45 -54.54 -9.03 22.81
N ASP D 46 -54.05 -8.40 23.88
CA ASP D 46 -54.16 -6.97 24.07
C ASP D 46 -53.30 -6.19 23.09
N ARG D 47 -52.06 -6.64 22.93
CA ARG D 47 -51.09 -5.93 22.10
C ARG D 47 -51.49 -6.02 20.62
N ILE D 48 -51.95 -7.20 20.22
CA ILE D 48 -52.31 -7.43 18.82
C ILE D 48 -53.62 -6.73 18.48
N THR D 49 -54.53 -6.65 19.45
CA THR D 49 -55.79 -5.94 19.23
C THR D 49 -55.48 -4.45 19.01
N GLU D 50 -54.51 -3.93 19.74
CA GLU D 50 -54.05 -2.56 19.53
C GLU D 50 -53.31 -2.41 18.21
N PHE D 51 -52.55 -3.42 17.80
CA PHE D 51 -51.92 -3.35 16.49
C PHE D 51 -53.01 -3.36 15.42
N ALA D 52 -54.02 -4.19 15.63
CA ALA D 52 -55.14 -4.28 14.71
C ALA D 52 -55.90 -2.95 14.64
N ALA D 53 -55.98 -2.28 15.79
CA ALA D 53 -56.69 -1.00 15.88
C ALA D 53 -55.94 0.11 15.15
N GLU D 54 -54.61 0.02 15.18
CA GLU D 54 -53.76 0.96 14.45
C GLU D 54 -54.01 0.89 12.95
N PHE D 55 -54.45 -0.27 12.50
CA PHE D 55 -54.70 -0.54 11.08
C PHE D 55 -56.19 -0.64 10.81
N GLY D 56 -56.98 -0.05 11.69
CA GLY D 56 -58.41 0.06 11.49
C GLY D 56 -59.13 -1.27 11.47
N SER D 57 -58.70 -2.19 12.31
CA SER D 57 -59.27 -3.53 12.33
C SER D 57 -59.61 -3.98 13.75
N GLU D 58 -60.72 -4.69 13.86
CA GLU D 58 -61.15 -5.31 15.11
C GLU D 58 -61.02 -6.82 14.98
N LEU D 59 -60.60 -7.24 13.78
CA LEU D 59 -60.50 -8.64 13.42
C LEU D 59 -59.17 -9.21 13.88
N VAL D 60 -59.20 -9.87 15.03
CA VAL D 60 -58.02 -10.56 15.57
C VAL D 60 -58.40 -11.96 16.03
N PHE D 61 -57.57 -12.94 15.70
CA PHE D 61 -57.86 -14.35 15.98
C PHE D 61 -56.67 -15.10 16.54
N PRO D 62 -56.92 -16.01 17.49
CA PRO D 62 -55.80 -16.79 18.01
C PRO D 62 -55.42 -17.91 17.05
N CYS D 63 -54.13 -18.18 16.88
CA CYS D 63 -53.71 -19.32 16.06
C CYS D 63 -52.28 -19.77 16.34
N ASP D 64 -52.14 -20.79 17.18
CA ASP D 64 -50.89 -21.50 17.35
C ASP D 64 -50.81 -22.60 16.32
N VAL D 65 -49.94 -22.43 15.32
CA VAL D 65 -49.91 -23.35 14.18
C VAL D 65 -49.44 -24.75 14.55
N ALA D 66 -49.10 -24.95 15.82
CA ALA D 66 -48.76 -26.28 16.30
C ALA D 66 -50.00 -27.13 16.51
N ASP D 67 -51.14 -26.48 16.71
CA ASP D 67 -52.40 -27.17 17.00
C ASP D 67 -53.30 -27.19 15.77
N ASP D 68 -53.62 -28.39 15.29
CA ASP D 68 -54.52 -28.55 14.16
C ASP D 68 -55.85 -27.87 14.43
N ALA D 69 -56.28 -27.90 15.69
CA ALA D 69 -57.58 -27.37 16.08
C ALA D 69 -57.64 -25.84 15.93
N GLN D 70 -56.58 -25.16 16.35
CA GLN D 70 -56.57 -23.70 16.27
C GLN D 70 -56.51 -23.21 14.83
N ILE D 71 -55.84 -23.97 13.96
CA ILE D 71 -55.76 -23.62 12.55
C ILE D 71 -57.12 -23.66 11.87
N ASP D 72 -57.84 -24.76 12.05
CA ASP D 72 -59.16 -24.91 11.44
C ASP D 72 -60.09 -23.85 12.01
N ALA D 73 -59.93 -23.60 13.31
CA ALA D 73 -60.79 -22.66 14.01
C ALA D 73 -60.53 -21.22 13.57
N LEU D 74 -59.31 -20.95 13.12
CA LEU D 74 -58.94 -19.62 12.66
C LEU D 74 -59.86 -19.19 11.51
N PHE D 75 -60.02 -20.08 10.53
CA PHE D 75 -60.75 -19.74 9.31
C PHE D 75 -62.26 -19.97 9.40
N ALA D 76 -62.69 -20.73 10.41
CA ALA D 76 -64.11 -20.86 10.68
C ALA D 76 -64.60 -19.53 11.25
N SER D 77 -63.80 -18.98 12.14
CA SER D 77 -64.10 -17.70 12.76
C SER D 77 -64.03 -16.60 11.71
N LEU D 78 -63.02 -16.65 10.86
CA LEU D 78 -62.81 -15.63 9.83
C LEU D 78 -63.94 -15.63 8.81
N LYS D 79 -64.52 -16.79 8.53
CA LYS D 79 -65.58 -16.86 7.54
C LYS D 79 -66.83 -16.09 7.97
N THR D 80 -67.01 -15.93 9.27
CA THR D 80 -68.19 -15.23 9.78
C THR D 80 -68.08 -13.72 9.58
N HIS D 81 -66.85 -13.22 9.36
CA HIS D 81 -66.63 -11.80 9.13
C HIS D 81 -66.40 -11.53 7.64
N TRP D 82 -65.61 -12.38 7.01
CA TRP D 82 -65.26 -12.24 5.60
C TRP D 82 -65.84 -13.38 4.79
N ASP D 83 -66.59 -13.05 3.73
CA ASP D 83 -67.13 -14.08 2.87
C ASP D 83 -66.00 -14.74 2.08
N SER D 84 -64.94 -13.97 1.84
CA SER D 84 -63.79 -14.49 1.09
C SER D 84 -62.50 -13.84 1.56
N LEU D 85 -61.39 -14.47 1.20
CA LEU D 85 -60.05 -14.01 1.59
C LEU D 85 -59.19 -13.78 0.36
N ASP D 86 -58.64 -12.58 0.23
CA ASP D 86 -57.90 -12.21 -0.97
C ASP D 86 -56.40 -12.41 -0.79
N GLY D 87 -55.95 -12.41 0.47
CA GLY D 87 -54.53 -12.55 0.75
C GLY D 87 -54.21 -13.18 2.09
N LEU D 88 -53.17 -13.99 2.12
CA LEU D 88 -52.68 -14.58 3.36
C LEU D 88 -51.17 -14.44 3.45
N VAL D 89 -50.71 -13.88 4.56
CA VAL D 89 -49.27 -13.72 4.81
C VAL D 89 -48.82 -14.63 5.93
N HIS D 90 -47.91 -15.51 5.58
CA HIS D 90 -47.32 -16.45 6.53
C HIS D 90 -45.96 -15.95 6.98
N SER D 91 -45.93 -15.21 8.08
CA SER D 91 -44.68 -14.64 8.61
C SER D 91 -44.31 -15.28 9.94
N ILE D 92 -44.21 -16.60 9.94
CA ILE D 92 -44.02 -17.38 11.16
C ILE D 92 -42.73 -18.18 11.10
N GLY D 93 -42.01 -18.22 12.22
CA GLY D 93 -40.79 -19.00 12.32
C GLY D 93 -40.46 -19.34 13.76
N PHE D 94 -39.90 -20.52 13.96
CA PHE D 94 -39.48 -20.94 15.29
C PHE D 94 -38.44 -22.05 15.24
N ALA D 95 -37.49 -21.99 16.17
CA ALA D 95 -36.62 -23.13 16.42
C ALA D 95 -36.12 -23.05 17.86
N PRO D 96 -35.96 -24.20 18.52
CA PRO D 96 -35.30 -24.21 19.82
C PRO D 96 -33.95 -23.55 19.69
N ARG D 97 -33.61 -22.66 20.61
CA ARG D 97 -32.47 -21.79 20.39
C ARG D 97 -31.16 -22.56 20.26
N GLU D 98 -31.06 -23.74 20.89
CA GLU D 98 -29.84 -24.53 20.75
C GLU D 98 -29.72 -25.00 19.30
N ALA D 99 -30.84 -25.06 18.59
CA ALA D 99 -30.83 -25.52 17.20
C ALA D 99 -30.47 -24.38 16.23
N ILE D 100 -30.37 -23.15 16.73
CA ILE D 100 -29.95 -22.01 15.91
C ILE D 100 -28.80 -21.26 16.59
N ALA D 101 -27.89 -22.01 17.20
CA ALA D 101 -26.74 -21.42 17.87
C ALA D 101 -25.57 -22.39 17.84
N GLY D 102 -24.39 -21.87 17.52
CA GLY D 102 -23.18 -22.67 17.50
C GLY D 102 -23.17 -23.63 16.32
N ASP D 103 -22.66 -24.84 16.55
CA ASP D 103 -22.51 -25.84 15.51
C ASP D 103 -23.86 -26.44 15.13
N PHE D 104 -23.99 -26.83 13.87
CA PHE D 104 -25.22 -27.43 13.35
C PHE D 104 -25.55 -28.75 14.06
N LEU D 105 -24.54 -29.59 14.24
CA LEU D 105 -24.75 -30.92 14.81
C LEU D 105 -24.89 -30.89 16.32
N ASP D 106 -24.24 -29.94 16.97
CA ASP D 106 -24.29 -29.84 18.42
C ASP D 106 -25.73 -29.67 18.90
N GLY D 107 -26.50 -28.86 18.17
CA GLY D 107 -27.87 -28.57 18.54
C GLY D 107 -28.89 -29.38 17.75
N LEU D 108 -28.41 -30.35 16.99
CA LEU D 108 -29.31 -31.18 16.19
C LEU D 108 -29.86 -32.31 17.05
N THR D 109 -31.16 -32.29 17.24
CA THR D 109 -31.86 -33.40 17.86
C THR D 109 -33.12 -33.67 17.05
N ARG D 110 -33.63 -34.89 17.10
CA ARG D 110 -34.80 -35.23 16.33
C ARG D 110 -35.95 -34.31 16.70
N GLU D 111 -36.00 -33.93 17.98
CA GLU D 111 -37.10 -33.13 18.48
C GLU D 111 -36.98 -31.67 18.07
N ASN D 112 -35.76 -31.14 18.07
CA ASN D 112 -35.55 -29.78 17.57
C ASN D 112 -35.86 -29.72 16.07
N PHE D 113 -35.48 -30.76 15.34
CA PHE D 113 -35.75 -30.83 13.90
C PHE D 113 -37.25 -30.79 13.64
N ARG D 114 -37.99 -31.64 14.36
CA ARG D 114 -39.42 -31.75 14.16
C ARG D 114 -40.12 -30.43 14.34
N ILE D 115 -39.81 -29.74 15.44
CA ILE D 115 -40.50 -28.50 15.78
C ILE D 115 -40.20 -27.40 14.78
N ALA D 116 -38.95 -27.24 14.39
CA ALA D 116 -38.57 -26.18 13.47
C ALA D 116 -39.32 -26.35 12.16
N HIS D 117 -39.42 -27.59 11.69
CA HIS D 117 -40.09 -27.86 10.42
C HIS D 117 -41.60 -27.80 10.57
N ASP D 118 -42.09 -28.24 11.73
CA ASP D 118 -43.52 -28.22 11.99
C ASP D 118 -44.02 -26.77 11.96
N ILE D 119 -43.32 -25.90 12.67
CA ILE D 119 -43.74 -24.50 12.82
C ILE D 119 -43.35 -23.60 11.66
N SER D 120 -42.13 -23.75 11.14
CA SER D 120 -41.60 -22.79 10.18
C SER D 120 -41.92 -23.12 8.74
N ALA D 121 -42.19 -24.40 8.47
CA ALA D 121 -42.40 -24.88 7.10
C ALA D 121 -43.80 -25.42 6.87
N TYR D 122 -44.13 -26.49 7.58
CA TYR D 122 -45.39 -27.19 7.38
C TYR D 122 -46.60 -26.28 7.56
N SER D 123 -46.49 -25.33 8.48
CA SER D 123 -47.62 -24.50 8.86
C SER D 123 -48.15 -23.67 7.69
N PHE D 124 -47.32 -23.46 6.67
CA PHE D 124 -47.73 -22.61 5.56
C PHE D 124 -48.72 -23.32 4.64
N PRO D 125 -48.35 -24.48 4.09
CA PRO D 125 -49.36 -25.18 3.29
C PRO D 125 -50.53 -25.66 4.14
N ALA D 126 -50.30 -25.83 5.43
CA ALA D 126 -51.38 -26.17 6.35
C ALA D 126 -52.41 -25.04 6.41
N LEU D 127 -51.93 -23.81 6.57
CA LEU D 127 -52.82 -22.66 6.57
C LEU D 127 -53.46 -22.47 5.21
N ALA D 128 -52.71 -22.79 4.16
CA ALA D 128 -53.22 -22.70 2.80
C ALA D 128 -54.38 -23.67 2.62
N LYS D 129 -54.19 -24.89 3.11
CA LYS D 129 -55.20 -25.92 2.98
C LYS D 129 -56.47 -25.56 3.74
N ALA D 130 -56.32 -24.98 4.92
CA ALA D 130 -57.45 -24.64 5.76
C ALA D 130 -58.21 -23.42 5.24
N ALA D 131 -57.54 -22.60 4.43
CA ALA D 131 -58.14 -21.37 3.92
C ALA D 131 -58.78 -21.59 2.56
N LEU D 132 -58.42 -22.68 1.91
CA LEU D 132 -58.81 -22.93 0.53
C LEU D 132 -60.32 -22.80 0.26
N PRO D 133 -61.16 -23.30 1.19
CA PRO D 133 -62.59 -23.17 0.97
C PRO D 133 -63.11 -21.74 0.81
N MET D 134 -62.36 -20.76 1.29
CA MET D 134 -62.82 -19.36 1.24
C MET D 134 -61.83 -18.43 0.53
N LEU D 135 -60.82 -18.98 -0.14
CA LEU D 135 -59.89 -18.15 -0.89
C LEU D 135 -60.58 -17.62 -2.15
N SER D 136 -60.33 -16.35 -2.47
CA SER D 136 -60.90 -15.77 -3.68
C SER D 136 -60.21 -16.41 -4.87
N ASP D 137 -60.77 -16.23 -6.06
CA ASP D 137 -60.24 -16.90 -7.24
C ASP D 137 -58.86 -16.39 -7.63
N ASP D 138 -58.55 -15.14 -7.26
CA ASP D 138 -57.26 -14.56 -7.63
C ASP D 138 -56.51 -14.10 -6.37
N ALA D 139 -56.68 -14.88 -5.31
CA ALA D 139 -56.00 -14.62 -4.04
C ALA D 139 -54.50 -14.83 -4.17
N SER D 140 -53.76 -14.38 -3.14
CA SER D 140 -52.31 -14.41 -3.18
C SER D 140 -51.75 -14.77 -1.81
N LEU D 141 -50.98 -15.87 -1.74
CA LEU D 141 -50.37 -16.30 -0.49
C LEU D 141 -48.89 -15.95 -0.51
N LEU D 142 -48.40 -15.50 0.64
CA LEU D 142 -47.03 -14.99 0.77
C LEU D 142 -46.39 -15.48 2.05
N THR D 143 -45.16 -15.98 1.94
CA THR D 143 -44.40 -16.40 3.11
C THR D 143 -43.04 -15.71 3.10
N LEU D 144 -42.33 -15.80 4.22
CA LEU D 144 -41.03 -15.17 4.37
C LEU D 144 -39.96 -16.24 4.54
N SER D 145 -38.89 -16.12 3.76
CA SER D 145 -37.77 -17.06 3.83
C SER D 145 -36.48 -16.29 4.03
N TYR D 146 -35.37 -17.01 4.06
CA TYR D 146 -34.06 -16.39 4.24
C TYR D 146 -33.05 -17.07 3.34
N LEU D 147 -32.02 -16.33 2.96
CA LEU D 147 -30.97 -16.85 2.09
C LEU D 147 -30.36 -18.15 2.63
N GLY D 148 -30.55 -18.40 3.92
CA GLY D 148 -30.00 -19.56 4.57
C GLY D 148 -30.52 -20.88 4.03
N ALA D 149 -31.58 -20.82 3.23
CA ALA D 149 -32.11 -22.01 2.58
C ALA D 149 -31.24 -22.37 1.37
N GLU D 150 -30.74 -21.36 0.68
CA GLU D 150 -29.96 -21.57 -0.54
C GLU D 150 -28.52 -21.93 -0.23
N ARG D 151 -27.94 -21.26 0.75
CA ARG D 151 -26.54 -21.46 1.13
C ARG D 151 -26.38 -21.54 2.64
N ALA D 152 -25.32 -22.19 3.08
CA ALA D 152 -25.08 -22.38 4.51
C ALA D 152 -24.58 -21.08 5.13
N ILE D 153 -25.36 -20.57 6.07
CA ILE D 153 -25.02 -19.35 6.77
C ILE D 153 -24.73 -19.69 8.23
N PRO D 154 -23.68 -19.08 8.81
CA PRO D 154 -23.32 -19.39 10.20
C PRO D 154 -24.49 -19.22 11.15
N ASN D 155 -24.67 -20.20 12.03
CA ASN D 155 -25.67 -20.17 13.12
C ASN D 155 -27.10 -20.45 12.69
N TYR D 156 -27.40 -20.35 11.40
CA TYR D 156 -28.75 -20.56 10.96
C TYR D 156 -29.16 -22.03 11.08
N ASN D 157 -28.21 -22.91 10.77
CA ASN D 157 -28.31 -24.34 11.04
C ASN D 157 -29.65 -24.99 10.70
N THR D 158 -30.32 -25.58 11.70
CA THR D 158 -31.52 -26.38 11.46
C THR D 158 -32.61 -25.56 10.77
N MET D 159 -32.56 -24.25 10.97
CA MET D 159 -33.56 -23.37 10.42
C MET D 159 -33.41 -23.24 8.89
N GLY D 160 -32.18 -23.47 8.41
CA GLY D 160 -31.91 -23.45 6.99
C GLY D 160 -32.56 -24.64 6.29
N LEU D 161 -32.60 -25.77 6.97
CA LEU D 161 -33.25 -26.97 6.45
C LEU D 161 -34.73 -26.73 6.26
N ALA D 162 -35.36 -26.14 7.27
CA ALA D 162 -36.80 -25.87 7.22
C ALA D 162 -37.16 -24.88 6.12
N LYS D 163 -36.37 -23.82 5.97
CA LYS D 163 -36.68 -22.80 4.97
C LYS D 163 -36.52 -23.37 3.58
N ALA D 164 -35.66 -24.37 3.42
CA ALA D 164 -35.51 -25.05 2.14
C ALA D 164 -36.78 -25.84 1.86
N ALA D 165 -37.35 -26.42 2.90
CA ALA D 165 -38.62 -27.13 2.79
C ALA D 165 -39.73 -26.13 2.50
N LEU D 166 -39.66 -24.98 3.17
CA LEU D 166 -40.64 -23.91 2.98
C LEU D 166 -40.65 -23.40 1.54
N GLU D 167 -39.47 -23.11 0.99
CA GLU D 167 -39.37 -22.59 -0.37
C GLU D 167 -39.81 -23.65 -1.37
N ALA D 168 -39.69 -24.92 -1.00
CA ALA D 168 -40.16 -26.01 -1.84
C ALA D 168 -41.69 -26.09 -1.83
N SER D 169 -42.28 -25.84 -0.66
CA SER D 169 -43.74 -25.87 -0.53
C SER D 169 -44.37 -24.73 -1.31
N VAL D 170 -43.62 -23.64 -1.48
CA VAL D 170 -44.08 -22.52 -2.30
C VAL D 170 -44.37 -23.01 -3.71
N ARG D 171 -43.46 -23.81 -4.24
CA ARG D 171 -43.58 -24.30 -5.60
C ARG D 171 -44.73 -25.30 -5.70
N TYR D 172 -44.82 -26.20 -4.74
CA TYR D 172 -45.89 -27.19 -4.74
C TYR D 172 -47.26 -26.61 -4.44
N LEU D 173 -47.34 -25.63 -3.55
CA LEU D 173 -48.62 -24.96 -3.31
C LEU D 173 -49.10 -24.24 -4.57
N ALA D 174 -48.17 -23.59 -5.26
CA ALA D 174 -48.50 -22.80 -6.43
C ALA D 174 -49.11 -23.66 -7.54
N VAL D 175 -48.62 -24.89 -7.66
CA VAL D 175 -49.14 -25.81 -8.65
C VAL D 175 -50.53 -26.26 -8.24
N SER D 176 -50.68 -26.59 -6.97
CA SER D 176 -51.93 -27.12 -6.44
C SER D 176 -53.06 -26.08 -6.49
N LEU D 177 -52.75 -24.86 -6.05
CA LEU D 177 -53.74 -23.79 -6.00
C LEU D 177 -53.75 -22.95 -7.28
N GLY D 178 -52.80 -23.21 -8.18
CA GLY D 178 -52.62 -22.39 -9.36
C GLY D 178 -53.71 -22.48 -10.41
N ALA D 179 -54.27 -23.66 -10.61
CA ALA D 179 -55.31 -23.84 -11.61
C ALA D 179 -56.51 -22.95 -11.29
N LYS D 180 -56.73 -22.75 -9.99
CA LYS D 180 -57.83 -21.94 -9.50
C LYS D 180 -57.55 -20.45 -9.71
N GLY D 181 -56.30 -20.11 -10.00
CA GLY D 181 -55.92 -18.73 -10.23
C GLY D 181 -55.21 -18.13 -9.04
N VAL D 182 -54.92 -18.94 -8.04
CA VAL D 182 -54.28 -18.46 -6.82
C VAL D 182 -52.76 -18.47 -6.98
N ARG D 183 -52.12 -17.43 -6.47
CA ARG D 183 -50.68 -17.28 -6.58
C ARG D 183 -50.03 -17.53 -5.24
N VAL D 184 -48.82 -18.09 -5.27
CA VAL D 184 -48.08 -18.40 -4.04
C VAL D 184 -46.62 -18.02 -4.23
N ASN D 185 -46.13 -17.13 -3.37
CA ASN D 185 -44.75 -16.65 -3.46
C ASN D 185 -44.08 -16.49 -2.11
N ALA D 186 -42.78 -16.24 -2.13
CA ALA D 186 -42.02 -15.96 -0.93
C ALA D 186 -41.11 -14.76 -1.15
N ILE D 187 -40.86 -14.01 -0.07
CA ILE D 187 -39.81 -13.01 -0.05
C ILE D 187 -38.67 -13.52 0.79
N SER D 188 -37.50 -13.61 0.19
CA SER D 188 -36.28 -13.91 0.91
C SER D 188 -35.70 -12.59 1.41
N ALA D 189 -36.02 -12.25 2.65
CA ALA D 189 -35.62 -10.98 3.22
C ALA D 189 -34.20 -11.03 3.73
N GLY D 190 -33.50 -9.91 3.66
CA GLY D 190 -32.19 -9.79 4.26
C GLY D 190 -32.34 -9.62 5.76
N PRO D 191 -31.22 -9.55 6.48
CA PRO D 191 -31.25 -9.46 7.95
C PRO D 191 -31.90 -8.18 8.46
N ILE D 192 -32.88 -8.36 9.35
CA ILE D 192 -33.54 -7.27 10.04
C ILE D 192 -33.61 -7.55 11.54
N LYS D 193 -33.36 -6.54 12.36
CA LYS D 193 -33.45 -6.69 13.80
C LYS D 193 -34.87 -6.88 14.29
N THR D 194 -35.25 -8.12 14.56
CA THR D 194 -36.56 -8.39 15.10
C THR D 194 -36.41 -9.26 16.34
N LEU D 195 -37.53 -9.56 17.00
CA LEU D 195 -37.52 -10.40 18.18
C LEU D 195 -36.94 -11.78 17.90
N ALA D 196 -37.33 -12.37 16.77
CA ALA D 196 -36.81 -13.69 16.38
C ALA D 196 -35.31 -13.65 16.09
N ALA D 197 -34.84 -12.51 15.57
CA ALA D 197 -33.44 -12.36 15.19
C ALA D 197 -32.50 -12.55 16.38
N SER D 198 -32.99 -12.26 17.58
CA SER D 198 -32.19 -12.34 18.79
C SER D 198 -31.83 -13.77 19.15
N GLY D 199 -32.48 -14.73 18.50
CA GLY D 199 -32.22 -16.14 18.73
C GLY D 199 -31.02 -16.63 17.95
N ILE D 200 -30.57 -15.81 17.01
CA ILE D 200 -29.43 -16.15 16.17
C ILE D 200 -28.17 -15.56 16.81
N LYS D 201 -27.26 -16.46 17.19
CA LYS D 201 -26.08 -16.14 17.99
C LYS D 201 -25.27 -14.94 17.50
N SER D 202 -24.81 -14.98 16.27
CA SER D 202 -23.99 -13.89 15.73
C SER D 202 -24.75 -13.04 14.71
N PHE D 203 -25.99 -12.68 15.04
CA PHE D 203 -26.81 -11.87 14.13
C PHE D 203 -26.18 -10.52 13.80
N GLY D 204 -25.50 -9.92 14.77
CA GLY D 204 -24.90 -8.61 14.58
C GLY D 204 -23.82 -8.67 13.53
N LYS D 205 -23.08 -9.78 13.50
CA LYS D 205 -22.03 -9.97 12.51
C LYS D 205 -22.62 -10.06 11.11
N ILE D 206 -23.80 -10.64 11.00
CA ILE D 206 -24.46 -10.76 9.72
C ILE D 206 -24.89 -9.39 9.21
N LEU D 207 -25.43 -8.56 10.10
CA LEU D 207 -25.88 -7.23 9.73
C LEU D 207 -24.77 -6.36 9.17
N ASP D 208 -23.63 -6.28 9.85
CA ASP D 208 -22.54 -5.44 9.38
C ASP D 208 -22.00 -5.95 8.05
N PHE D 209 -21.94 -7.27 7.89
CA PHE D 209 -21.40 -7.85 6.67
C PHE D 209 -22.28 -7.57 5.46
N VAL D 210 -23.59 -7.64 5.65
CA VAL D 210 -24.52 -7.38 4.56
C VAL D 210 -24.47 -5.91 4.20
N GLU D 211 -24.40 -5.05 5.23
CA GLU D 211 -24.34 -3.62 5.02
C GLU D 211 -23.09 -3.25 4.24
N SER D 212 -22.02 -4.00 4.46
CA SER D 212 -20.74 -3.71 3.85
C SER D 212 -20.61 -4.29 2.43
N ASN D 213 -21.25 -5.43 2.18
CA ASN D 213 -20.99 -6.19 0.97
C ASN D 213 -22.16 -6.27 -0.01
N SER D 214 -23.37 -5.97 0.46
CA SER D 214 -24.51 -5.95 -0.43
C SER D 214 -24.24 -4.87 -1.48
N PRO D 215 -24.73 -5.07 -2.72
CA PRO D 215 -24.47 -4.08 -3.77
C PRO D 215 -24.89 -2.66 -3.37
N LEU D 216 -26.03 -2.53 -2.70
CA LEU D 216 -26.53 -1.21 -2.30
C LEU D 216 -25.90 -0.67 -1.02
N LYS D 217 -24.98 -1.44 -0.43
CA LYS D 217 -24.25 -0.99 0.75
C LYS D 217 -25.17 -0.60 1.89
N ARG D 218 -26.28 -1.32 2.04
CA ARG D 218 -27.25 -0.99 3.07
C ARG D 218 -28.14 -2.18 3.38
N ASN D 219 -28.59 -2.26 4.62
CA ASN D 219 -29.52 -3.30 5.03
C ASN D 219 -30.92 -2.93 4.60
N VAL D 220 -31.81 -3.90 4.62
CA VAL D 220 -33.18 -3.64 4.22
C VAL D 220 -33.97 -3.29 5.45
N THR D 221 -35.16 -2.75 5.24
CA THR D 221 -36.04 -2.32 6.31
C THR D 221 -37.35 -3.07 6.14
N ILE D 222 -38.18 -3.02 7.16
CA ILE D 222 -39.48 -3.68 7.08
C ILE D 222 -40.41 -2.89 6.15
N GLU D 223 -40.05 -1.64 5.85
CA GLU D 223 -40.80 -0.84 4.87
C GLU D 223 -40.55 -1.36 3.48
N GLN D 224 -39.30 -1.71 3.21
CA GLN D 224 -38.90 -2.22 1.90
C GLN D 224 -39.45 -3.61 1.66
N VAL D 225 -39.37 -4.46 2.67
CA VAL D 225 -39.94 -5.80 2.59
C VAL D 225 -41.45 -5.68 2.51
N GLY D 226 -42.00 -4.67 3.18
CA GLY D 226 -43.44 -4.47 3.20
C GLY D 226 -44.00 -4.08 1.85
N ASN D 227 -43.33 -3.17 1.15
CA ASN D 227 -43.75 -2.76 -0.17
C ASN D 227 -43.67 -3.93 -1.16
N ALA D 228 -42.60 -4.70 -1.06
CA ALA D 228 -42.41 -5.86 -1.92
C ALA D 228 -43.50 -6.90 -1.67
N GLY D 229 -43.87 -7.04 -0.40
CA GLY D 229 -44.92 -7.98 -0.02
C GLY D 229 -46.28 -7.52 -0.51
N ALA D 230 -46.57 -6.23 -0.36
CA ALA D 230 -47.85 -5.68 -0.81
C ALA D 230 -48.00 -5.88 -2.31
N PHE D 231 -46.90 -5.70 -3.02
CA PHE D 231 -46.87 -5.91 -4.47
C PHE D 231 -47.28 -7.33 -4.83
N LEU D 232 -46.65 -8.31 -4.20
CA LEU D 232 -46.91 -9.71 -4.50
C LEU D 232 -48.33 -10.10 -4.12
N LEU D 233 -48.88 -9.41 -3.12
CA LEU D 233 -50.24 -9.66 -2.67
C LEU D 233 -51.26 -9.03 -3.61
N SER D 234 -50.80 -8.14 -4.49
CA SER D 234 -51.70 -7.37 -5.34
C SER D 234 -51.79 -7.94 -6.75
N ASP D 235 -52.77 -7.45 -7.52
CA ASP D 235 -52.97 -7.93 -8.89
C ASP D 235 -51.92 -7.34 -9.84
N LEU D 236 -51.09 -6.44 -9.33
CA LEU D 236 -49.98 -5.91 -10.11
C LEU D 236 -49.03 -7.04 -10.43
N ALA D 237 -49.02 -8.05 -9.56
CA ALA D 237 -48.14 -9.21 -9.69
C ALA D 237 -48.94 -10.44 -10.10
N SER D 238 -49.97 -10.26 -10.91
CA SER D 238 -50.84 -11.37 -11.27
C SER D 238 -50.13 -12.35 -12.21
N GLY D 239 -48.99 -11.95 -12.74
CA GLY D 239 -48.20 -12.82 -13.60
C GLY D 239 -47.11 -13.56 -12.86
N VAL D 240 -47.08 -13.40 -11.54
CA VAL D 240 -46.01 -13.92 -10.70
C VAL D 240 -46.52 -14.93 -9.66
N THR D 241 -46.04 -16.16 -9.77
CA THR D 241 -46.34 -17.20 -8.79
C THR D 241 -45.16 -18.15 -8.69
N ALA D 242 -45.10 -18.90 -7.60
CA ALA D 242 -44.01 -19.86 -7.36
C ALA D 242 -42.64 -19.19 -7.30
N GLU D 243 -42.61 -17.92 -6.93
CA GLU D 243 -41.38 -17.13 -6.93
C GLU D 243 -40.80 -16.94 -5.54
N VAL D 244 -39.47 -17.03 -5.45
CA VAL D 244 -38.74 -16.59 -4.26
C VAL D 244 -37.97 -15.32 -4.62
N MET D 245 -38.52 -14.20 -4.18
CA MET D 245 -37.98 -12.88 -4.49
C MET D 245 -37.07 -12.35 -3.39
N HIS D 246 -35.83 -12.01 -3.76
CA HIS D 246 -34.88 -11.47 -2.79
C HIS D 246 -35.09 -9.98 -2.59
N VAL D 247 -35.40 -9.62 -1.36
CA VAL D 247 -35.41 -8.23 -0.95
C VAL D 247 -34.35 -8.10 0.13
N ASP D 248 -33.09 -8.07 -0.29
CA ASP D 248 -31.97 -8.07 0.65
C ASP D 248 -30.85 -7.17 0.15
N SER D 249 -31.23 -6.07 -0.49
CA SER D 249 -30.28 -5.11 -1.04
C SER D 249 -29.29 -5.74 -2.03
N GLY D 250 -29.65 -6.89 -2.57
CA GLY D 250 -28.86 -7.55 -3.59
C GLY D 250 -27.80 -8.50 -3.05
N PHE D 251 -27.82 -8.74 -1.75
CA PHE D 251 -26.74 -9.50 -1.11
C PHE D 251 -26.59 -10.92 -1.64
N ASN D 252 -27.70 -11.57 -1.93
CA ASN D 252 -27.68 -12.97 -2.39
C ASN D 252 -26.86 -13.18 -3.66
N ALA D 253 -26.67 -12.12 -4.45
CA ALA D 253 -26.10 -12.24 -5.79
C ALA D 253 -24.60 -11.99 -5.84
N VAL D 254 -23.97 -11.80 -4.69
CA VAL D 254 -22.54 -11.51 -4.64
C VAL D 254 -21.75 -12.47 -3.75
N VAL D 255 -20.43 -12.43 -3.90
CA VAL D 255 -19.53 -13.03 -2.93
C VAL D 255 -18.76 -11.92 -2.21
N GLY D 256 -19.23 -11.53 -1.03
CA GLY D 256 -18.60 -10.44 -0.31
C GLY D 256 -17.51 -10.90 0.65
N GLY D 257 -16.70 -9.96 1.11
CA GLY D 257 -15.71 -10.20 2.14
C GLY D 257 -14.27 -10.17 1.65
N MET D 258 -14.07 -10.30 0.35
CA MET D 258 -12.72 -10.36 -0.22
C MET D 258 -12.35 -9.03 -0.87
N GLY E 2 37.10 -20.63 28.06
CA GLY E 2 36.27 -19.60 28.66
C GLY E 2 34.94 -19.50 27.95
N PHE E 3 34.11 -18.53 28.35
CA PHE E 3 32.77 -18.40 27.77
C PHE E 3 32.73 -17.45 26.57
N LEU E 4 33.89 -17.14 26.00
CA LEU E 4 33.96 -16.38 24.75
C LEU E 4 34.81 -17.07 23.70
N ASP E 5 35.03 -18.37 23.89
CA ASP E 5 35.81 -19.17 22.96
C ASP E 5 35.32 -19.01 21.53
N GLY E 6 36.25 -18.70 20.62
CA GLY E 6 35.94 -18.64 19.20
C GLY E 6 35.22 -17.37 18.78
N LYS E 7 35.04 -16.45 19.71
CA LYS E 7 34.44 -15.17 19.41
C LYS E 7 35.51 -14.19 18.95
N ARG E 8 35.26 -13.50 17.84
CA ARG E 8 36.19 -12.48 17.37
C ARG E 8 35.62 -11.11 17.69
N ILE E 9 36.37 -10.35 18.48
CA ILE E 9 35.91 -9.08 19.02
C ILE E 9 36.82 -7.93 18.64
N LEU E 10 36.22 -6.86 18.14
CA LEU E 10 36.93 -5.63 17.80
C LEU E 10 36.76 -4.60 18.90
N LEU E 11 37.87 -4.12 19.46
CA LEU E 11 37.79 -3.13 20.53
C LEU E 11 38.34 -1.79 20.09
N THR E 12 37.57 -0.75 20.34
CA THR E 12 38.01 0.62 20.15
C THR E 12 38.28 1.22 21.52
N GLY E 13 38.98 2.34 21.55
CA GLY E 13 39.13 3.11 22.77
C GLY E 13 40.20 2.62 23.72
N LEU E 14 41.06 1.70 23.26
CA LEU E 14 42.19 1.26 24.07
C LEU E 14 43.33 2.26 23.89
N LEU E 15 43.67 2.98 24.95
CA LEU E 15 44.65 4.07 24.84
C LEU E 15 45.81 3.91 25.82
N SER E 16 45.52 3.39 27.01
CA SER E 16 46.55 3.14 28.00
C SER E 16 46.15 1.95 28.85
N ASN E 17 47.03 1.53 29.76
CA ASN E 17 46.73 0.37 30.58
C ASN E 17 45.74 0.71 31.69
N ARG E 18 45.26 1.95 31.70
CA ARG E 18 44.19 2.35 32.61
C ARG E 18 42.84 2.44 31.90
N SER E 19 42.87 2.44 30.58
CA SER E 19 41.66 2.59 29.78
C SER E 19 40.65 1.48 30.08
N ILE E 20 39.37 1.82 30.03
CA ILE E 20 38.31 0.83 30.24
C ILE E 20 38.43 -0.29 29.21
N ALA E 21 38.75 0.09 27.97
CA ALA E 21 38.87 -0.88 26.88
C ALA E 21 39.95 -1.91 27.16
N TYR E 22 40.94 -1.54 27.97
CA TYR E 22 42.01 -2.45 28.33
C TYR E 22 41.46 -3.51 29.27
N GLY E 23 40.57 -3.10 30.17
CA GLY E 23 39.94 -4.00 31.11
C GLY E 23 39.04 -5.00 30.42
N ILE E 24 38.29 -4.53 29.43
CA ILE E 24 37.41 -5.40 28.65
C ILE E 24 38.25 -6.37 27.83
N ALA E 25 39.28 -5.84 27.19
CA ALA E 25 40.19 -6.66 26.40
C ALA E 25 40.77 -7.77 27.23
N LYS E 26 41.23 -7.39 28.42
CA LYS E 26 41.85 -8.31 29.35
C LYS E 26 40.93 -9.44 29.75
N ALA E 27 39.67 -9.11 29.97
CA ALA E 27 38.67 -10.10 30.35
C ALA E 27 38.26 -10.98 29.17
N CYS E 28 38.12 -10.38 28.00
CA CYS E 28 37.74 -11.12 26.80
C CYS E 28 38.80 -12.15 26.40
N LYS E 29 40.07 -11.75 26.47
CA LYS E 29 41.17 -12.67 26.16
C LYS E 29 41.18 -13.83 27.14
N ARG E 30 41.00 -13.52 28.41
CA ARG E 30 40.98 -14.53 29.45
C ARG E 30 39.93 -15.58 29.14
N GLU E 31 38.82 -15.14 28.57
CA GLU E 31 37.68 -16.03 28.33
C GLU E 31 37.70 -16.63 26.93
N GLY E 32 38.81 -16.48 26.22
CA GLY E 32 39.06 -17.25 25.01
C GLY E 32 38.78 -16.56 23.69
N ALA E 33 38.60 -15.25 23.72
CA ALA E 33 38.26 -14.51 22.52
C ALA E 33 39.49 -14.21 21.66
N GLU E 34 39.25 -13.95 20.38
CA GLU E 34 40.25 -13.43 19.46
C GLU E 34 40.01 -11.93 19.32
N LEU E 35 41.07 -11.13 19.44
CA LEU E 35 40.90 -9.68 19.51
C LEU E 35 41.51 -8.93 18.34
N ALA E 36 40.85 -7.83 17.99
CA ALA E 36 41.38 -6.85 17.07
C ALA E 36 41.13 -5.47 17.68
N PHE E 37 41.99 -4.51 17.37
CA PHE E 37 41.97 -3.22 18.04
C PHE E 37 41.99 -2.07 17.05
N THR E 38 41.53 -0.90 17.49
CA THR E 38 41.66 0.31 16.70
C THR E 38 42.49 1.35 17.44
N TYR E 39 43.01 2.29 16.67
CA TYR E 39 43.77 3.41 17.20
C TYR E 39 43.40 4.60 16.34
N VAL E 40 43.71 5.81 16.79
CA VAL E 40 43.39 6.99 16.00
C VAL E 40 44.60 7.88 15.86
N GLY E 41 44.92 8.17 14.60
CA GLY E 41 46.12 8.90 14.27
C GLY E 41 47.27 7.92 14.12
N ASP E 42 48.33 8.35 13.46
CA ASP E 42 49.51 7.53 13.33
C ASP E 42 50.28 7.83 14.60
N ARG E 43 51.46 7.24 14.77
CA ARG E 43 52.30 7.47 15.94
C ARG E 43 51.80 6.80 17.21
N PHE E 44 50.49 6.59 17.34
CA PHE E 44 50.00 5.68 18.36
C PHE E 44 49.92 4.29 17.75
N LYS E 45 50.27 4.20 16.47
CA LYS E 45 50.23 2.96 15.72
C LYS E 45 51.10 1.97 16.48
N ASP E 46 52.21 2.48 17.00
CA ASP E 46 53.18 1.68 17.74
C ASP E 46 52.63 1.21 19.08
N ARG E 47 51.98 2.12 19.82
CA ARG E 47 51.52 1.80 21.17
C ARG E 47 50.45 0.73 21.15
N ILE E 48 49.52 0.82 20.21
CA ILE E 48 48.42 -0.13 20.17
C ILE E 48 48.88 -1.47 19.64
N THR E 49 49.86 -1.45 18.74
CA THR E 49 50.43 -2.67 18.18
C THR E 49 51.14 -3.40 19.32
N GLU E 50 51.75 -2.63 20.21
CA GLU E 50 52.43 -3.16 21.37
C GLU E 50 51.40 -3.74 22.34
N PHE E 51 50.26 -3.07 22.47
CA PHE E 51 49.15 -3.57 23.27
C PHE E 51 48.49 -4.80 22.66
N ALA E 52 48.32 -4.77 21.35
CA ALA E 52 47.68 -5.88 20.64
C ALA E 52 48.48 -7.17 20.78
N ALA E 53 49.80 -7.05 20.83
CA ALA E 53 50.68 -8.21 20.94
C ALA E 53 50.53 -8.85 22.31
N GLU E 54 50.29 -8.03 23.31
CA GLU E 54 50.04 -8.49 24.67
C GLU E 54 48.83 -9.42 24.74
N PHE E 55 47.92 -9.25 23.78
CA PHE E 55 46.71 -10.07 23.70
C PHE E 55 46.75 -11.02 22.51
N GLY E 56 47.94 -11.30 22.01
CA GLY E 56 48.11 -12.29 20.97
C GLY E 56 47.46 -11.89 19.66
N SER E 57 47.56 -10.61 19.31
CA SER E 57 46.94 -10.09 18.10
C SER E 57 47.88 -9.20 17.30
N GLU E 58 47.75 -9.28 15.98
CA GLU E 58 48.48 -8.41 15.06
C GLU E 58 47.51 -7.46 14.37
N LEU E 59 46.22 -7.69 14.60
CA LEU E 59 45.18 -6.97 13.87
C LEU E 59 44.85 -5.63 14.53
N VAL E 60 45.43 -4.57 13.98
CA VAL E 60 45.14 -3.22 14.44
C VAL E 60 44.85 -2.35 13.22
N PHE E 61 43.85 -1.49 13.34
CA PHE E 61 43.40 -0.68 12.20
C PHE E 61 43.13 0.76 12.65
N PRO E 62 43.46 1.74 11.80
CA PRO E 62 43.20 3.13 12.17
C PRO E 62 41.74 3.52 11.99
N CYS E 63 41.20 4.28 12.93
CA CYS E 63 39.83 4.77 12.79
C CYS E 63 39.53 5.98 13.66
N ASP E 64 39.59 7.17 13.05
CA ASP E 64 39.09 8.39 13.66
C ASP E 64 37.61 8.52 13.30
N VAL E 65 36.72 8.30 14.28
CA VAL E 65 35.29 8.20 14.00
C VAL E 65 34.64 9.50 13.55
N ALA E 66 35.42 10.58 13.49
CA ALA E 66 34.93 11.83 12.94
C ALA E 66 34.91 11.74 11.42
N ASP E 67 35.70 10.81 10.89
CA ASP E 67 35.85 10.64 9.46
C ASP E 67 35.06 9.46 8.91
N ASP E 68 34.09 9.75 8.04
CA ASP E 68 33.28 8.70 7.42
C ASP E 68 34.09 7.66 6.68
N ALA E 69 35.16 8.12 6.02
CA ALA E 69 35.95 7.23 5.16
C ALA E 69 36.71 6.19 5.98
N GLN E 70 37.26 6.59 7.11
CA GLN E 70 38.04 5.67 7.93
C GLN E 70 37.14 4.59 8.55
N ILE E 71 35.89 4.97 8.84
CA ILE E 71 34.94 4.01 9.41
C ILE E 71 34.70 2.88 8.42
N ASP E 72 34.40 3.22 7.17
CA ASP E 72 34.17 2.23 6.15
C ASP E 72 35.44 1.43 5.90
N ALA E 73 36.58 2.11 5.96
CA ALA E 73 37.87 1.48 5.69
C ALA E 73 38.25 0.49 6.80
N LEU E 74 37.76 0.75 8.01
CA LEU E 74 38.03 -0.11 9.16
C LEU E 74 37.54 -1.54 8.90
N PHE E 75 36.30 -1.65 8.45
CA PHE E 75 35.63 -2.95 8.29
C PHE E 75 35.88 -3.60 6.94
N ALA E 76 36.40 -2.84 5.99
CA ALA E 76 36.88 -3.42 4.74
C ALA E 76 38.19 -4.14 5.03
N SER E 77 39.02 -3.50 5.84
CA SER E 77 40.31 -4.06 6.23
C SER E 77 40.15 -5.29 7.10
N LEU E 78 39.22 -5.24 8.05
CA LEU E 78 38.99 -6.34 8.97
C LEU E 78 38.46 -7.55 8.22
N LYS E 79 37.71 -7.28 7.15
CA LYS E 79 37.08 -8.31 6.34
C LYS E 79 38.11 -9.22 5.67
N THR E 80 39.31 -8.70 5.46
CA THR E 80 40.38 -9.45 4.81
C THR E 80 41.01 -10.45 5.78
N HIS E 81 40.82 -10.23 7.07
CA HIS E 81 41.37 -11.12 8.09
C HIS E 81 40.28 -11.99 8.69
N TRP E 82 39.15 -11.36 9.00
CA TRP E 82 38.03 -12.03 9.63
C TRP E 82 36.84 -12.09 8.69
N ASP E 83 36.31 -13.29 8.51
CA ASP E 83 35.13 -13.48 7.68
C ASP E 83 33.90 -12.88 8.35
N SER E 84 33.92 -12.86 9.69
CA SER E 84 32.79 -12.34 10.45
C SER E 84 33.24 -11.71 11.78
N LEU E 85 32.35 -10.93 12.38
CA LEU E 85 32.63 -10.23 13.63
C LEU E 85 31.61 -10.57 14.69
N ASP E 86 32.08 -11.05 15.84
CA ASP E 86 31.20 -11.52 16.90
C ASP E 86 30.95 -10.48 17.99
N GLY E 87 31.85 -9.51 18.09
CA GLY E 87 31.73 -8.48 19.11
C GLY E 87 32.34 -7.15 18.71
N LEU E 88 31.66 -6.08 19.09
CA LEU E 88 32.17 -4.72 18.85
C LEU E 88 32.04 -3.94 20.13
N VAL E 89 33.15 -3.35 20.57
CA VAL E 89 33.18 -2.55 21.78
C VAL E 89 33.39 -1.08 21.44
N HIS E 90 32.41 -0.25 21.79
CA HIS E 90 32.49 1.19 21.55
C HIS E 90 32.86 1.91 22.83
N SER E 91 34.16 2.13 23.02
CA SER E 91 34.66 2.80 24.22
C SER E 91 35.27 4.16 23.88
N ILE E 92 34.49 4.98 23.18
CA ILE E 92 34.99 6.26 22.66
C ILE E 92 34.18 7.41 23.22
N GLY E 93 34.87 8.49 23.56
CA GLY E 93 34.22 9.70 24.03
C GLY E 93 35.11 10.90 23.86
N PHE E 94 34.52 12.03 23.53
CA PHE E 94 35.26 13.28 23.41
C PHE E 94 34.39 14.52 23.51
N ALA E 95 34.93 15.55 24.17
CA ALA E 95 34.35 16.88 24.09
C ALA E 95 35.41 17.92 24.40
N PRO E 96 35.34 19.08 23.74
CA PRO E 96 36.21 20.18 24.14
C PRO E 96 36.05 20.44 25.61
N ARG E 97 37.14 20.63 26.34
CA ARG E 97 37.07 20.64 27.80
C ARG E 97 36.18 21.75 28.34
N GLU E 98 36.08 22.87 27.62
CA GLU E 98 35.29 23.98 28.12
C GLU E 98 33.83 23.55 28.20
N ALA E 99 33.46 22.57 27.39
CA ALA E 99 32.09 22.08 27.37
C ALA E 99 31.84 21.06 28.48
N ILE E 100 32.91 20.65 29.16
CA ILE E 100 32.83 19.73 30.29
C ILE E 100 33.56 20.30 31.49
N ALA E 101 33.40 21.60 31.69
CA ALA E 101 34.05 22.28 32.81
C ALA E 101 33.22 23.47 33.27
N GLY E 102 33.04 23.60 34.58
CA GLY E 102 32.35 24.74 35.15
C GLY E 102 30.86 24.67 34.87
N ASP E 103 30.28 25.83 34.57
CA ASP E 103 28.86 25.93 34.34
C ASP E 103 28.49 25.36 32.98
N PHE E 104 27.28 24.80 32.89
CA PHE E 104 26.79 24.18 31.68
C PHE E 104 26.70 25.17 30.53
N LEU E 105 26.18 26.36 30.80
CA LEU E 105 25.97 27.35 29.76
C LEU E 105 27.24 28.10 29.39
N ASP E 106 28.15 28.26 30.34
CA ASP E 106 29.40 28.95 30.07
C ASP E 106 30.16 28.25 28.96
N GLY E 107 30.14 26.92 28.97
CA GLY E 107 30.87 26.14 27.99
C GLY E 107 30.04 25.65 26.82
N LEU E 108 28.81 26.15 26.71
CA LEU E 108 27.93 25.76 25.61
C LEU E 108 28.15 26.60 24.36
N THR E 109 28.57 25.95 23.28
CA THR E 109 28.62 26.58 21.96
C THR E 109 28.08 25.59 20.94
N ARG E 110 27.56 26.10 19.82
CA ARG E 110 26.98 25.23 18.81
C ARG E 110 27.98 24.19 18.33
N GLU E 111 29.25 24.58 18.27
CA GLU E 111 30.29 23.71 17.76
C GLU E 111 30.72 22.66 18.79
N ASN E 112 30.79 23.05 20.06
CA ASN E 112 31.13 22.10 21.12
C ASN E 112 30.06 21.04 21.24
N PHE E 113 28.82 21.46 21.10
CA PHE E 113 27.69 20.55 21.15
C PHE E 113 27.84 19.54 20.02
N ARG E 114 28.13 20.04 18.82
CA ARG E 114 28.27 19.19 17.65
C ARG E 114 29.35 18.14 17.85
N ILE E 115 30.52 18.56 18.32
CA ILE E 115 31.66 17.65 18.43
C ILE E 115 31.39 16.56 19.45
N ALA E 116 30.86 16.94 20.61
CA ALA E 116 30.61 15.98 21.67
C ALA E 116 29.64 14.90 21.20
N HIS E 117 28.61 15.34 20.49
CA HIS E 117 27.58 14.42 20.01
C HIS E 117 28.08 13.64 18.81
N ASP E 118 28.93 14.26 18.00
CA ASP E 118 29.51 13.57 16.85
C ASP E 118 30.36 12.37 17.29
N ILE E 119 31.27 12.60 18.23
CA ILE E 119 32.23 11.57 18.65
C ILE E 119 31.66 10.61 19.70
N SER E 120 30.91 11.13 20.65
CA SER E 120 30.48 10.34 21.81
C SER E 120 29.17 9.62 21.57
N ALA E 121 28.37 10.10 20.62
CA ALA E 121 27.06 9.53 20.37
C ALA E 121 26.93 8.93 18.98
N TYR E 122 27.05 9.76 17.94
CA TYR E 122 26.84 9.30 16.57
C TYR E 122 27.79 8.17 16.18
N SER E 123 29.02 8.22 16.68
CA SER E 123 30.04 7.27 16.25
C SER E 123 29.66 5.84 16.57
N PHE E 124 28.74 5.65 17.52
CA PHE E 124 28.38 4.30 17.92
C PHE E 124 27.48 3.60 16.89
N PRO E 125 26.30 4.18 16.58
CA PRO E 125 25.50 3.52 15.56
C PRO E 125 26.16 3.58 14.18
N ALA E 126 27.03 4.56 13.97
CA ALA E 126 27.76 4.67 12.73
C ALA E 126 28.64 3.44 12.54
N LEU E 127 29.35 3.06 13.59
CA LEU E 127 30.16 1.84 13.56
C LEU E 127 29.31 0.59 13.44
N ALA E 128 28.14 0.62 14.06
CA ALA E 128 27.21 -0.51 13.98
C ALA E 128 26.75 -0.71 12.54
N LYS E 129 26.41 0.39 11.88
CA LYS E 129 25.96 0.35 10.50
C LYS E 129 27.08 -0.13 9.59
N ALA E 130 28.29 0.35 9.87
CA ALA E 130 29.45 0.05 9.05
C ALA E 130 29.92 -1.39 9.22
N ALA E 131 29.55 -2.00 10.34
CA ALA E 131 29.96 -3.36 10.66
C ALA E 131 28.92 -4.39 10.23
N LEU E 132 27.69 -3.93 10.02
CA LEU E 132 26.55 -4.81 9.80
C LEU E 132 26.76 -5.88 8.73
N PRO E 133 27.42 -5.51 7.62
CA PRO E 133 27.64 -6.51 6.56
C PRO E 133 28.42 -7.76 6.98
N MET E 134 29.19 -7.68 8.07
CA MET E 134 30.03 -8.81 8.49
C MET E 134 29.76 -9.24 9.93
N LEU E 135 28.70 -8.69 10.54
CA LEU E 135 28.33 -9.11 11.89
C LEU E 135 27.70 -10.49 11.86
N SER E 136 28.05 -11.33 12.82
CA SER E 136 27.42 -12.65 12.93
C SER E 136 26.00 -12.45 13.44
N ASP E 137 25.23 -13.53 13.36
CA ASP E 137 23.81 -13.49 13.66
C ASP E 137 23.50 -13.21 15.12
N ASP E 138 24.42 -13.62 15.99
CA ASP E 138 24.26 -13.43 17.43
C ASP E 138 25.47 -12.67 17.98
N ALA E 139 25.96 -11.76 17.16
CA ALA E 139 27.04 -10.86 17.54
C ALA E 139 26.53 -9.91 18.61
N SER E 140 27.43 -9.17 19.24
CA SER E 140 27.07 -8.33 20.36
C SER E 140 27.80 -6.99 20.37
N LEU E 141 27.04 -5.90 20.41
CA LEU E 141 27.60 -4.56 20.46
C LEU E 141 27.53 -4.01 21.88
N LEU E 142 28.58 -3.30 22.28
CA LEU E 142 28.71 -2.80 23.64
C LEU E 142 29.26 -1.38 23.62
N THR E 143 28.64 -0.48 24.39
CA THR E 143 29.15 0.88 24.52
C THR E 143 29.28 1.26 25.99
N LEU E 144 29.94 2.39 26.26
CA LEU E 144 30.15 2.86 27.62
C LEU E 144 29.42 4.20 27.83
N SER E 145 28.66 4.28 28.91
CA SER E 145 27.96 5.51 29.27
C SER E 145 28.23 5.89 30.73
N TYR E 146 27.63 6.98 31.19
CA TYR E 146 27.80 7.44 32.57
C TYR E 146 26.47 7.96 33.11
N LEU E 147 26.33 7.89 34.42
CA LEU E 147 25.12 8.32 35.10
C LEU E 147 24.70 9.76 34.76
N GLY E 148 25.64 10.54 34.26
CA GLY E 148 25.39 11.93 33.92
C GLY E 148 24.35 12.10 32.83
N ALA E 149 24.01 11.02 32.15
CA ALA E 149 22.96 11.04 31.15
C ALA E 149 21.59 11.02 31.81
N GLU E 150 21.49 10.30 32.91
CA GLU E 150 20.23 10.12 33.61
C GLU E 150 19.91 11.30 34.52
N ARG E 151 20.93 11.81 35.21
CA ARG E 151 20.77 12.93 36.13
C ARG E 151 21.87 13.94 35.92
N ALA E 152 21.64 15.18 36.34
CA ALA E 152 22.60 16.24 36.13
C ALA E 152 23.76 16.14 37.10
N ILE E 153 24.95 15.96 36.55
CA ILE E 153 26.18 15.87 37.33
C ILE E 153 27.06 17.08 37.02
N PRO E 154 27.64 17.70 38.07
CA PRO E 154 28.50 18.88 37.89
C PRO E 154 29.65 18.62 36.95
N ASN E 155 29.89 19.55 36.04
CA ASN E 155 31.05 19.55 35.15
C ASN E 155 30.91 18.57 33.99
N TYR E 156 30.00 17.60 34.12
CA TYR E 156 29.80 16.65 33.04
C TYR E 156 29.09 17.35 31.90
N ASN E 157 28.13 18.20 32.25
CA ASN E 157 27.54 19.17 31.34
C ASN E 157 27.19 18.60 29.95
N THR E 158 27.81 19.15 28.91
CA THR E 158 27.46 18.82 27.54
C THR E 158 27.64 17.33 27.26
N MET E 159 28.51 16.67 28.01
CA MET E 159 28.75 15.24 27.85
C MET E 159 27.56 14.42 28.35
N GLY E 160 26.78 14.98 29.25
CA GLY E 160 25.59 14.32 29.74
C GLY E 160 24.55 14.25 28.65
N LEU E 161 24.46 15.31 27.84
CA LEU E 161 23.53 15.34 26.72
C LEU E 161 23.91 14.27 25.70
N ALA E 162 25.20 14.20 25.40
CA ALA E 162 25.70 13.26 24.41
C ALA E 162 25.43 11.83 24.88
N LYS E 163 25.68 11.57 26.15
CA LYS E 163 25.50 10.23 26.67
C LYS E 163 24.03 9.81 26.67
N ALA E 164 23.13 10.77 26.80
CA ALA E 164 21.72 10.46 26.75
C ALA E 164 21.34 10.06 25.33
N ALA E 165 21.94 10.73 24.35
CA ALA E 165 21.71 10.39 22.96
C ALA E 165 22.26 9.01 22.68
N LEU E 166 23.42 8.72 23.26
CA LEU E 166 24.06 7.42 23.12
C LEU E 166 23.15 6.31 23.65
N GLU E 167 22.60 6.50 24.84
CA GLU E 167 21.75 5.50 25.45
C GLU E 167 20.47 5.31 24.65
N ALA E 168 20.05 6.36 23.96
CA ALA E 168 18.87 6.26 23.12
C ALA E 168 19.22 5.44 21.89
N SER E 169 20.42 5.64 21.39
CA SER E 169 20.90 4.91 20.22
C SER E 169 21.05 3.43 20.51
N VAL E 170 21.34 3.10 21.77
CA VAL E 170 21.40 1.70 22.19
C VAL E 170 20.07 1.02 21.93
N ARG E 171 19.00 1.69 22.30
CA ARG E 171 17.66 1.13 22.20
C ARG E 171 17.21 1.02 20.75
N TYR E 172 17.43 2.08 19.96
CA TYR E 172 17.01 2.06 18.56
C TYR E 172 17.86 1.08 17.77
N LEU E 173 19.14 0.99 18.11
CA LEU E 173 20.02 -0.01 17.51
C LEU E 173 19.55 -1.42 17.82
N ALA E 174 19.13 -1.64 19.06
CA ALA E 174 18.74 -2.96 19.50
C ALA E 174 17.56 -3.46 18.68
N VAL E 175 16.64 -2.56 18.35
CA VAL E 175 15.47 -2.90 17.57
C VAL E 175 15.86 -3.14 16.12
N SER E 176 16.73 -2.29 15.62
CA SER E 176 17.15 -2.35 14.22
C SER E 176 17.93 -3.62 13.92
N LEU E 177 18.89 -3.94 14.76
CA LEU E 177 19.77 -5.10 14.56
C LEU E 177 19.22 -6.37 15.20
N GLY E 178 18.13 -6.25 15.95
CA GLY E 178 17.58 -7.35 16.72
C GLY E 178 16.93 -8.50 15.99
N ALA E 179 16.24 -8.23 14.88
CA ALA E 179 15.56 -9.29 14.14
C ALA E 179 16.58 -10.28 13.67
N LYS E 180 17.78 -9.77 13.37
CA LYS E 180 18.89 -10.60 12.93
C LYS E 180 19.49 -11.37 14.10
N GLY E 181 19.13 -10.96 15.32
CA GLY E 181 19.59 -11.62 16.52
C GLY E 181 20.75 -10.94 17.21
N VAL E 182 21.11 -9.74 16.74
CA VAL E 182 22.26 -9.03 17.29
C VAL E 182 21.80 -8.24 18.51
N ARG E 183 22.64 -8.22 19.52
CA ARG E 183 22.31 -7.57 20.78
C ARG E 183 23.13 -6.31 20.95
N VAL E 184 22.53 -5.31 21.59
CA VAL E 184 23.16 -4.02 21.78
C VAL E 184 22.92 -3.56 23.20
N ASN E 185 24.00 -3.29 23.92
CA ASN E 185 23.91 -2.88 25.31
C ASN E 185 24.93 -1.80 25.66
N ALA E 186 24.76 -1.23 26.84
CA ALA E 186 25.71 -0.27 27.36
C ALA E 186 26.00 -0.60 28.81
N ILE E 187 27.22 -0.29 29.23
CA ILE E 187 27.56 -0.29 30.64
C ILE E 187 27.67 1.14 31.10
N SER E 188 26.85 1.50 32.09
CA SER E 188 26.97 2.78 32.75
C SER E 188 28.00 2.63 33.85
N ALA E 189 29.23 3.00 33.56
CA ALA E 189 30.35 2.79 34.46
C ALA E 189 30.45 3.88 35.52
N GLY E 190 30.95 3.50 36.69
CA GLY E 190 31.25 4.45 37.74
C GLY E 190 32.56 5.16 37.45
N PRO E 191 32.96 6.09 38.32
CA PRO E 191 34.18 6.87 38.09
C PRO E 191 35.42 5.99 38.12
N ILE E 192 36.22 6.08 37.07
CA ILE E 192 37.51 5.39 37.03
C ILE E 192 38.55 6.38 36.53
N LYS E 193 39.72 6.41 37.17
CA LYS E 193 40.77 7.32 36.73
C LYS E 193 41.38 6.84 35.44
N THR E 194 41.00 7.46 34.34
CA THR E 194 41.58 7.12 33.04
C THR E 194 42.05 8.43 32.42
N LEU E 195 42.64 8.36 31.23
CA LEU E 195 43.08 9.56 30.55
C LEU E 195 41.94 10.55 30.33
N ALA E 196 40.79 10.03 29.91
CA ALA E 196 39.61 10.87 29.68
C ALA E 196 39.15 11.53 30.97
N ALA E 197 39.32 10.84 32.09
CA ALA E 197 38.85 11.34 33.38
C ALA E 197 39.47 12.69 33.77
N SER E 198 40.70 12.92 33.33
CA SER E 198 41.40 14.15 33.70
C SER E 198 40.79 15.39 33.03
N GLY E 199 39.92 15.18 32.06
CA GLY E 199 39.26 16.29 31.39
C GLY E 199 38.07 16.79 32.18
N ILE E 200 37.67 16.00 33.16
CA ILE E 200 36.54 16.36 34.01
C ILE E 200 37.00 17.05 35.27
N LYS E 201 36.62 18.31 35.43
CA LYS E 201 37.04 19.05 36.59
C LYS E 201 36.67 18.29 37.83
N SER E 202 37.31 18.62 38.94
CA SER E 202 37.07 17.98 40.22
C SER E 202 36.64 16.51 40.11
N PHE E 203 37.33 15.75 39.25
CA PHE E 203 37.07 14.33 39.13
C PHE E 203 37.29 13.65 40.47
N GLY E 204 38.29 14.13 41.20
CA GLY E 204 38.67 13.52 42.45
C GLY E 204 37.58 13.60 43.49
N LYS E 205 36.83 14.70 43.49
CA LYS E 205 35.74 14.85 44.46
C LYS E 205 34.65 13.83 44.19
N ILE E 206 34.43 13.52 42.92
CA ILE E 206 33.40 12.54 42.58
C ILE E 206 33.82 11.16 43.10
N LEU E 207 35.10 10.83 42.95
CA LEU E 207 35.60 9.54 43.41
C LEU E 207 35.37 9.37 44.91
N ASP E 208 35.70 10.39 45.70
CA ASP E 208 35.53 10.30 47.14
C ASP E 208 34.07 10.16 47.51
N PHE E 209 33.23 10.87 46.77
CA PHE E 209 31.80 10.88 47.05
C PHE E 209 31.18 9.52 46.77
N VAL E 210 31.60 8.89 45.67
CA VAL E 210 31.08 7.60 45.30
C VAL E 210 31.60 6.55 46.27
N GLU E 211 32.87 6.65 46.62
CA GLU E 211 33.48 5.74 47.58
C GLU E 211 32.81 5.89 48.93
N SER E 212 32.34 7.09 49.24
CA SER E 212 31.73 7.36 50.53
C SER E 212 30.26 6.94 50.59
N ASN E 213 29.57 7.05 49.47
CA ASN E 213 28.10 6.94 49.47
C ASN E 213 27.51 5.74 48.73
N SER E 214 28.29 5.11 47.85
CA SER E 214 27.80 3.93 47.16
C SER E 214 27.51 2.82 48.17
N PRO E 215 26.52 1.96 47.89
CA PRO E 215 26.20 0.88 48.83
C PRO E 215 27.40 0.02 49.19
N LEU E 216 28.25 -0.30 48.23
CA LEU E 216 29.42 -1.14 48.48
C LEU E 216 30.60 -0.35 49.04
N LYS E 217 30.44 0.97 49.15
CA LYS E 217 31.43 1.84 49.77
C LYS E 217 32.80 1.68 49.15
N ARG E 218 32.82 1.52 47.84
CA ARG E 218 34.05 1.32 47.11
C ARG E 218 33.83 1.70 45.66
N ASN E 219 34.89 2.17 45.02
CA ASN E 219 34.82 2.53 43.62
C ASN E 219 34.98 1.28 42.77
N VAL E 220 34.61 1.37 41.50
CA VAL E 220 34.74 0.23 40.61
C VAL E 220 36.08 0.31 39.87
N THR E 221 36.44 -0.81 39.25
CA THR E 221 37.70 -0.95 38.54
C THR E 221 37.46 -1.36 37.10
N ILE E 222 38.49 -1.32 36.25
CA ILE E 222 38.32 -1.73 34.87
C ILE E 222 38.19 -3.26 34.75
N GLU E 223 38.64 -4.00 35.78
CA GLU E 223 38.45 -5.46 35.80
C GLU E 223 36.99 -5.79 36.01
N GLN E 224 36.34 -5.01 36.87
CA GLN E 224 34.94 -5.21 37.16
C GLN E 224 34.09 -4.85 35.96
N VAL E 225 34.39 -3.71 35.34
CA VAL E 225 33.72 -3.31 34.12
C VAL E 225 34.07 -4.26 32.98
N GLY E 226 35.29 -4.78 33.00
CA GLY E 226 35.75 -5.69 31.97
C GLY E 226 34.99 -7.00 31.98
N ASN E 227 34.80 -7.57 33.17
CA ASN E 227 34.05 -8.81 33.30
C ASN E 227 32.58 -8.64 32.93
N ALA E 228 31.99 -7.52 33.33
CA ALA E 228 30.61 -7.23 32.98
C ALA E 228 30.51 -7.10 31.47
N GLY E 229 31.52 -6.52 30.86
CA GLY E 229 31.56 -6.37 29.42
C GLY E 229 31.69 -7.69 28.71
N ALA E 230 32.58 -8.55 29.21
CA ALA E 230 32.79 -9.87 28.62
C ALA E 230 31.49 -10.67 28.69
N PHE E 231 30.78 -10.53 29.80
CA PHE E 231 29.48 -11.17 29.95
C PHE E 231 28.49 -10.73 28.88
N LEU E 232 28.30 -9.43 28.72
CA LEU E 232 27.34 -8.90 27.76
C LEU E 232 27.71 -9.23 26.33
N LEU E 233 29.01 -9.37 26.08
CA LEU E 233 29.50 -9.72 24.76
C LEU E 233 29.35 -11.21 24.48
N SER E 234 29.06 -12.00 25.52
CA SER E 234 29.03 -13.45 25.39
C SER E 234 27.60 -13.95 25.24
N ASP E 235 27.47 -15.23 24.90
CA ASP E 235 26.16 -15.84 24.73
C ASP E 235 25.50 -16.11 26.08
N LEU E 236 26.22 -15.83 27.16
CA LEU E 236 25.62 -15.92 28.48
C LEU E 236 24.51 -14.88 28.61
N ALA E 237 24.65 -13.79 27.87
CA ALA E 237 23.72 -12.67 27.94
C ALA E 237 22.82 -12.59 26.71
N SER E 238 22.47 -13.75 26.16
CA SER E 238 21.69 -13.79 24.94
C SER E 238 20.25 -13.35 25.13
N GLY E 239 19.81 -13.23 26.38
CA GLY E 239 18.48 -12.74 26.69
C GLY E 239 18.49 -11.26 26.99
N VAL E 240 19.67 -10.63 26.86
CA VAL E 240 19.87 -9.25 27.26
C VAL E 240 20.22 -8.34 26.09
N THR E 241 19.34 -7.39 25.81
CA THR E 241 19.59 -6.38 24.78
C THR E 241 18.87 -5.09 25.15
N ALA E 242 19.32 -3.98 24.57
CA ALA E 242 18.76 -2.66 24.82
C ALA E 242 18.86 -2.28 26.30
N GLU E 243 19.84 -2.85 26.98
CA GLU E 243 20.00 -2.64 28.42
C GLU E 243 21.15 -1.69 28.71
N VAL E 244 20.94 -0.80 29.68
CA VAL E 244 22.02 -0.02 30.26
C VAL E 244 22.32 -0.54 31.64
N MET E 245 23.40 -1.29 31.77
CA MET E 245 23.76 -1.94 33.01
C MET E 245 24.69 -1.05 33.82
N HIS E 246 24.30 -0.74 35.04
CA HIS E 246 25.14 0.07 35.93
C HIS E 246 26.20 -0.79 36.59
N VAL E 247 27.46 -0.45 36.32
CA VAL E 247 28.58 -1.04 37.04
C VAL E 247 29.27 0.09 37.80
N ASP E 248 28.65 0.52 38.90
CA ASP E 248 29.13 1.68 39.64
C ASP E 248 28.97 1.46 41.14
N SER E 249 29.17 0.23 41.58
CA SER E 249 29.07 -0.12 42.98
C SER E 249 27.70 0.23 43.57
N GLY E 250 26.71 0.39 42.71
CA GLY E 250 25.34 0.62 43.16
C GLY E 250 25.04 2.08 43.38
N PHE E 251 25.96 2.96 42.98
CA PHE E 251 25.86 4.37 43.29
C PHE E 251 24.60 5.03 42.74
N ASN E 252 24.23 4.66 41.52
CA ASN E 252 23.09 5.27 40.85
C ASN E 252 21.79 5.12 41.62
N ALA E 253 21.72 4.12 42.49
CA ALA E 253 20.45 3.72 43.11
C ALA E 253 20.19 4.35 44.48
N VAL E 254 21.05 5.26 44.90
CA VAL E 254 20.89 5.91 46.21
C VAL E 254 20.85 7.42 46.09
N VAL E 255 20.41 8.06 47.17
CA VAL E 255 20.59 9.49 47.32
C VAL E 255 21.66 9.67 48.38
N GLY E 256 22.90 9.85 47.92
CA GLY E 256 24.01 9.93 48.85
C GLY E 256 24.25 11.37 49.27
N GLY E 257 25.03 11.54 50.34
CA GLY E 257 25.45 12.85 50.77
C GLY E 257 24.76 13.30 52.05
N MET E 258 23.67 12.62 52.39
CA MET E 258 22.85 13.03 53.53
C MET E 258 23.16 12.16 54.74
N GLY F 2 34.52 -23.57 36.64
CA GLY F 2 33.62 -22.53 36.17
C GLY F 2 33.83 -21.24 36.94
N PHE F 3 33.01 -20.22 36.68
CA PHE F 3 33.22 -18.92 37.33
C PHE F 3 32.38 -18.81 38.61
N LEU F 4 31.90 -19.93 39.12
CA LEU F 4 31.27 -20.01 40.43
C LEU F 4 31.89 -21.10 41.29
N ASP F 5 33.11 -21.51 40.95
CA ASP F 5 33.79 -22.57 41.70
C ASP F 5 33.80 -22.29 43.20
N GLY F 6 33.33 -23.25 43.98
CA GLY F 6 33.41 -23.16 45.43
C GLY F 6 32.39 -22.23 46.06
N LYS F 7 31.47 -21.71 45.26
CA LYS F 7 30.42 -20.86 45.79
C LYS F 7 29.27 -21.71 46.26
N ARG F 8 28.77 -21.39 47.46
CA ARG F 8 27.63 -22.09 48.04
C ARG F 8 26.39 -21.23 47.92
N ILE F 9 25.40 -21.74 47.20
CA ILE F 9 24.22 -20.97 46.86
C ILE F 9 22.97 -21.70 47.29
N LEU F 10 22.07 -20.97 47.96
CA LEU F 10 20.79 -21.50 48.38
C LEU F 10 19.70 -21.04 47.42
N LEU F 11 18.96 -21.99 46.87
CA LEU F 11 17.89 -21.70 45.91
C LEU F 11 16.51 -21.93 46.47
N THR F 12 15.67 -20.91 46.34
CA THR F 12 14.26 -21.04 46.67
C THR F 12 13.46 -21.09 45.39
N GLY F 13 12.22 -21.55 45.48
CA GLY F 13 11.30 -21.45 44.38
C GLY F 13 11.41 -22.49 43.28
N LEU F 14 12.17 -23.55 43.52
CA LEU F 14 12.26 -24.64 42.55
C LEU F 14 11.09 -25.60 42.73
N LEU F 15 10.20 -25.64 41.74
CA LEU F 15 8.95 -26.38 41.85
C LEU F 15 8.77 -27.39 40.71
N SER F 16 9.23 -27.02 39.52
CA SER F 16 9.18 -27.91 38.36
C SER F 16 10.36 -27.59 37.45
N ASN F 17 10.54 -28.37 36.39
CA ASN F 17 11.67 -28.15 35.49
C ASN F 17 11.46 -26.98 34.54
N ARG F 18 10.33 -26.28 34.69
CA ARG F 18 10.08 -25.05 33.96
C ARG F 18 10.32 -23.82 34.84
N SER F 19 10.44 -24.04 36.15
CA SER F 19 10.65 -22.95 37.09
C SER F 19 11.92 -22.18 36.77
N ILE F 20 11.88 -20.87 36.98
CA ILE F 20 13.05 -20.02 36.76
C ILE F 20 14.19 -20.48 37.66
N ALA F 21 13.87 -20.84 38.89
CA ALA F 21 14.87 -21.28 39.85
C ALA F 21 15.61 -22.54 39.37
N TYR F 22 14.94 -23.33 38.54
CA TYR F 22 15.56 -24.53 37.97
C TYR F 22 16.59 -24.13 36.93
N GLY F 23 16.28 -23.09 36.17
CA GLY F 23 17.19 -22.58 35.16
C GLY F 23 18.43 -22.00 35.79
N ILE F 24 18.23 -21.29 36.90
CA ILE F 24 19.33 -20.69 37.63
C ILE F 24 20.19 -21.80 38.25
N ALA F 25 19.52 -22.80 38.81
CA ALA F 25 20.20 -23.96 39.39
C ALA F 25 21.14 -24.62 38.38
N LYS F 26 20.64 -24.87 37.18
CA LYS F 26 21.39 -25.59 36.17
C LYS F 26 22.65 -24.83 35.74
N ALA F 27 22.55 -23.51 35.62
CA ALA F 27 23.69 -22.70 35.21
C ALA F 27 24.72 -22.58 36.33
N CYS F 28 24.23 -22.41 37.57
CA CYS F 28 25.11 -22.28 38.72
C CYS F 28 25.93 -23.54 38.91
N LYS F 29 25.29 -24.70 38.79
CA LYS F 29 25.97 -25.96 38.98
CA LYS F 29 25.97 -25.96 38.97
C LYS F 29 26.99 -26.18 37.86
N ARG F 30 26.59 -25.84 36.64
CA ARG F 30 27.47 -25.94 35.49
C ARG F 30 28.75 -25.14 35.71
N GLU F 31 28.62 -24.00 36.37
CA GLU F 31 29.76 -23.12 36.59
C GLU F 31 30.45 -23.40 37.92
N GLY F 32 30.10 -24.52 38.54
CA GLY F 32 30.88 -25.05 39.65
C GLY F 32 30.37 -24.77 41.04
N ALA F 33 29.12 -24.31 41.16
CA ALA F 33 28.58 -23.95 42.46
C ALA F 33 28.13 -25.19 43.22
N GLU F 34 28.06 -25.06 44.55
CA GLU F 34 27.43 -26.06 45.41
C GLU F 34 26.05 -25.54 45.79
N LEU F 35 25.03 -26.37 45.64
CA LEU F 35 23.66 -25.90 45.81
C LEU F 35 22.93 -26.49 46.99
N ALA F 36 22.03 -25.68 47.54
CA ALA F 36 21.08 -26.09 48.55
C ALA F 36 19.73 -25.53 48.13
N PHE F 37 18.64 -26.21 48.50
CA PHE F 37 17.32 -25.85 48.01
C PHE F 37 16.31 -25.72 49.13
N THR F 38 15.23 -24.97 48.88
CA THR F 38 14.11 -24.91 49.80
C THR F 38 12.84 -25.42 49.11
N TYR F 39 11.86 -25.80 49.92
CA TYR F 39 10.56 -26.21 49.42
C TYR F 39 9.49 -25.73 50.40
N VAL F 40 8.23 -25.76 49.99
CA VAL F 40 7.16 -25.30 50.86
C VAL F 40 6.08 -26.37 50.94
N GLY F 41 5.67 -26.68 52.17
CA GLY F 41 4.77 -27.78 52.40
C GLY F 41 5.56 -29.03 52.70
N ASP F 42 4.89 -30.01 53.29
CA ASP F 42 5.49 -31.28 53.62
C ASP F 42 5.45 -32.13 52.37
N ARG F 43 4.30 -32.11 51.70
CA ARG F 43 4.06 -32.86 50.46
C ARG F 43 5.20 -32.87 49.45
N PHE F 44 5.90 -31.74 49.35
CA PHE F 44 6.96 -31.54 48.35
C PHE F 44 8.37 -31.95 48.76
N LYS F 45 8.51 -32.46 49.98
CA LYS F 45 9.82 -32.80 50.51
C LYS F 45 10.55 -33.78 49.59
N ASP F 46 9.81 -34.73 49.05
CA ASP F 46 10.40 -35.74 48.19
C ASP F 46 10.82 -35.17 46.85
N ARG F 47 9.94 -34.38 46.21
CA ARG F 47 10.22 -33.89 44.84
C ARG F 47 11.43 -32.97 44.78
N ILE F 48 11.59 -32.13 45.80
CA ILE F 48 12.71 -31.19 45.78
C ILE F 48 14.00 -31.98 45.99
N THR F 49 13.89 -33.05 46.76
CA THR F 49 15.01 -33.96 46.99
C THR F 49 15.40 -34.61 45.69
N GLU F 50 14.41 -34.85 44.85
CA GLU F 50 14.60 -35.45 43.52
C GLU F 50 15.38 -34.49 42.64
N PHE F 51 15.03 -33.21 42.72
CA PHE F 51 15.69 -32.15 41.98
C PHE F 51 17.07 -31.83 42.50
N ALA F 52 17.21 -31.81 43.82
CA ALA F 52 18.49 -31.51 44.45
C ALA F 52 19.52 -32.55 44.03
N ALA F 53 19.05 -33.77 43.86
CA ALA F 53 19.92 -34.88 43.48
C ALA F 53 20.39 -34.71 42.03
N GLU F 54 19.52 -34.17 41.20
CA GLU F 54 19.85 -33.90 39.81
C GLU F 54 21.01 -32.92 39.74
N PHE F 55 21.14 -32.09 40.78
CA PHE F 55 22.21 -31.09 40.83
C PHE F 55 23.26 -31.49 41.87
N GLY F 56 23.30 -32.78 42.20
CA GLY F 56 24.33 -33.32 43.07
C GLY F 56 24.31 -32.80 44.49
N SER F 57 23.12 -32.63 45.04
CA SER F 57 22.95 -32.06 46.38
C SER F 57 22.01 -32.87 47.26
N GLU F 58 22.32 -32.90 48.56
CA GLU F 58 21.45 -33.51 49.57
C GLU F 58 20.83 -32.47 50.48
N LEU F 59 21.27 -31.22 50.33
CA LEU F 59 20.87 -30.16 51.24
C LEU F 59 19.56 -29.53 50.81
N VAL F 60 18.45 -29.96 51.43
CA VAL F 60 17.14 -29.38 51.16
C VAL F 60 16.42 -29.09 52.48
N PHE F 61 15.76 -27.94 52.56
CA PHE F 61 15.16 -27.47 53.80
C PHE F 61 13.76 -26.89 53.59
N PRO F 62 12.85 -27.11 54.55
CA PRO F 62 11.52 -26.53 54.39
C PRO F 62 11.49 -25.04 54.70
N CYS F 63 10.77 -24.26 53.90
CA CYS F 63 10.62 -22.83 54.19
C CYS F 63 9.42 -22.19 53.50
N ASP F 64 8.31 -22.10 54.24
CA ASP F 64 7.18 -21.27 53.84
C ASP F 64 7.43 -19.87 54.36
N VAL F 65 7.72 -18.94 53.46
CA VAL F 65 8.14 -17.60 53.88
C VAL F 65 7.01 -16.85 54.59
N ALA F 66 5.84 -17.47 54.69
CA ALA F 66 4.72 -16.89 55.43
C ALA F 66 4.92 -17.05 56.93
N ASP F 67 5.70 -18.05 57.33
CA ASP F 67 5.91 -18.36 58.74
C ASP F 67 7.30 -17.89 59.20
N ASP F 68 7.29 -17.00 60.17
CA ASP F 68 8.52 -16.45 60.73
C ASP F 68 9.48 -17.53 61.24
N ALA F 69 8.94 -18.59 61.84
CA ALA F 69 9.77 -19.62 62.47
C ALA F 69 10.55 -20.44 61.45
N GLN F 70 9.90 -20.81 60.35
CA GLN F 70 10.54 -21.66 59.34
C GLN F 70 11.69 -20.93 58.67
N ILE F 71 11.55 -19.61 58.54
CA ILE F 71 12.60 -18.78 57.96
C ILE F 71 13.84 -18.83 58.84
N ASP F 72 13.65 -18.64 60.14
CA ASP F 72 14.73 -18.69 61.09
C ASP F 72 15.33 -20.09 61.14
N ALA F 73 14.46 -21.08 61.06
CA ALA F 73 14.88 -22.49 61.14
C ALA F 73 15.66 -22.90 59.91
N LEU F 74 15.37 -22.25 58.79
CA LEU F 74 16.05 -22.55 57.53
C LEU F 74 17.55 -22.35 57.66
N PHE F 75 17.93 -21.18 58.19
CA PHE F 75 19.33 -20.80 58.24
C PHE F 75 20.04 -21.33 59.49
N ALA F 76 19.26 -21.78 60.45
CA ALA F 76 19.81 -22.50 61.58
C ALA F 76 20.23 -23.88 61.08
N SER F 77 19.37 -24.47 60.26
CA SER F 77 19.63 -25.78 59.68
C SER F 77 20.80 -25.74 58.70
N LEU F 78 20.82 -24.70 57.87
CA LEU F 78 21.86 -24.56 56.86
C LEU F 78 23.22 -24.36 57.50
N LYS F 79 23.24 -23.70 58.66
CA LYS F 79 24.47 -23.40 59.37
C LYS F 79 25.19 -24.66 59.84
N THR F 80 24.45 -25.75 60.04
CA THR F 80 25.05 -26.99 60.53
C THR F 80 25.82 -27.71 59.43
N HIS F 81 25.51 -27.39 58.18
CA HIS F 81 26.18 -27.99 57.02
C HIS F 81 27.18 -27.00 56.44
N TRP F 82 26.76 -25.74 56.35
CA TRP F 82 27.58 -24.69 55.74
C TRP F 82 28.06 -23.65 56.75
N ASP F 83 29.36 -23.40 56.69
CA ASP F 83 30.02 -22.40 57.51
C ASP F 83 29.58 -20.99 57.14
N SER F 84 29.32 -20.79 55.86
CA SER F 84 28.91 -19.50 55.34
C SER F 84 28.08 -19.66 54.07
N LEU F 85 27.40 -18.60 53.66
CA LEU F 85 26.55 -18.61 52.47
C LEU F 85 27.00 -17.56 51.47
N ASP F 86 27.28 -17.99 50.24
CA ASP F 86 27.81 -17.08 49.22
C ASP F 86 26.73 -16.55 48.30
N GLY F 87 25.60 -17.24 48.24
CA GLY F 87 24.51 -16.82 47.37
C GLY F 87 23.14 -17.22 47.87
N LEU F 88 22.19 -16.31 47.70
CA LEU F 88 20.80 -16.58 48.02
C LEU F 88 19.94 -16.09 46.87
N VAL F 89 19.12 -16.99 46.36
CA VAL F 89 18.22 -16.67 45.26
C VAL F 89 16.78 -16.71 45.75
N HIS F 90 16.12 -15.57 45.64
CA HIS F 90 14.74 -15.43 46.04
C HIS F 90 13.84 -15.51 44.82
N SER F 91 13.35 -16.72 44.53
CA SER F 91 12.50 -16.94 43.37
C SER F 91 11.08 -17.31 43.81
N ILE F 92 10.50 -16.45 44.65
CA ILE F 92 9.21 -16.72 45.27
C ILE F 92 8.19 -15.65 44.91
N GLY F 93 6.96 -16.09 44.63
CA GLY F 93 5.87 -15.19 44.34
C GLY F 93 4.54 -15.87 44.57
N PHE F 94 3.55 -15.10 45.04
CA PHE F 94 2.22 -15.64 45.22
C PHE F 94 1.19 -14.52 45.29
N ALA F 95 0.00 -14.79 44.74
CA ALA F 95 -1.15 -13.95 44.98
C ALA F 95 -2.43 -14.76 44.78
N PRO F 96 -3.47 -14.48 45.57
CA PRO F 96 -4.77 -15.13 45.34
C PRO F 96 -5.21 -14.94 43.89
N ARG F 97 -5.76 -16.01 43.31
CA ARG F 97 -5.98 -16.07 41.88
C ARG F 97 -6.91 -14.94 41.39
N GLU F 98 -7.85 -14.51 42.24
CA GLU F 98 -8.74 -13.42 41.86
C GLU F 98 -7.99 -12.10 41.73
N ALA F 99 -6.86 -12.00 42.43
CA ALA F 99 -6.07 -10.76 42.46
C ALA F 99 -5.17 -10.57 41.25
N ILE F 100 -5.07 -11.58 40.40
CA ILE F 100 -4.28 -11.47 39.16
C ILE F 100 -5.14 -11.84 37.95
N ALA F 101 -6.39 -11.40 37.97
CA ALA F 101 -7.32 -11.67 36.88
C ALA F 101 -8.34 -10.55 36.75
N GLY F 102 -8.60 -10.13 35.52
CA GLY F 102 -9.60 -9.12 35.24
C GLY F 102 -9.17 -7.73 35.66
N ASP F 103 -10.12 -6.96 36.18
CA ASP F 103 -9.85 -5.58 36.57
C ASP F 103 -9.05 -5.54 37.86
N PHE F 104 -8.22 -4.53 38.01
CA PHE F 104 -7.37 -4.39 39.18
C PHE F 104 -8.20 -4.27 40.46
N LEU F 105 -9.28 -3.49 40.40
CA LEU F 105 -10.09 -3.23 41.59
C LEU F 105 -10.99 -4.41 41.93
N ASP F 106 -11.40 -5.16 40.90
CA ASP F 106 -12.30 -6.29 41.10
C ASP F 106 -11.71 -7.31 42.06
N GLY F 107 -10.41 -7.57 41.95
CA GLY F 107 -9.74 -8.54 42.78
C GLY F 107 -9.02 -7.91 43.96
N LEU F 108 -9.26 -6.63 44.18
CA LEU F 108 -8.64 -5.92 45.30
C LEU F 108 -9.44 -6.14 46.56
N THR F 109 -8.79 -6.77 47.53
CA THR F 109 -9.32 -6.88 48.88
C THR F 109 -8.13 -6.61 49.79
N ARG F 110 -8.39 -6.17 51.01
CA ARG F 110 -7.29 -5.89 51.92
C ARG F 110 -6.45 -7.13 52.13
N GLU F 111 -7.10 -8.29 52.13
CA GLU F 111 -6.41 -9.54 52.42
C GLU F 111 -5.59 -10.05 51.24
N ASN F 112 -6.09 -9.88 50.03
CA ASN F 112 -5.32 -10.24 48.85
C ASN F 112 -4.05 -9.40 48.76
N PHE F 113 -4.17 -8.13 49.11
CA PHE F 113 -3.03 -7.21 49.13
C PHE F 113 -1.98 -7.67 50.12
N ARG F 114 -2.42 -7.96 51.34
CA ARG F 114 -1.53 -8.35 52.41
C ARG F 114 -0.72 -9.58 52.02
N ILE F 115 -1.42 -10.58 51.51
CA ILE F 115 -0.79 -11.86 51.18
C ILE F 115 0.21 -11.70 50.06
N ALA F 116 -0.18 -10.97 49.02
CA ALA F 116 0.69 -10.79 47.86
C ALA F 116 2.00 -10.12 48.26
N HIS F 117 1.90 -9.10 49.12
CA HIS F 117 3.07 -8.35 49.55
C HIS F 117 3.87 -9.11 50.60
N ASP F 118 3.18 -9.89 51.42
CA ASP F 118 3.84 -10.71 52.42
C ASP F 118 4.78 -11.72 51.79
N ILE F 119 4.26 -12.47 50.82
CA ILE F 119 4.98 -13.58 50.21
C ILE F 119 5.96 -13.16 49.12
N SER F 120 5.55 -12.20 48.28
CA SER F 120 6.31 -11.87 47.08
C SER F 120 7.34 -10.77 47.30
N ALA F 121 7.13 -9.96 48.33
CA ALA F 121 7.99 -8.80 48.60
C ALA F 121 8.70 -8.91 49.93
N TYR F 122 7.95 -8.94 51.03
CA TYR F 122 8.55 -8.95 52.36
C TYR F 122 9.52 -10.10 52.54
N SER F 123 9.21 -11.22 51.91
CA SER F 123 9.97 -12.44 52.12
C SER F 123 11.44 -12.31 51.68
N PHE F 124 11.75 -11.34 50.83
CA PHE F 124 13.11 -11.20 50.33
C PHE F 124 14.03 -10.57 51.39
N PRO F 125 13.72 -9.34 51.86
CA PRO F 125 14.58 -8.81 52.91
C PRO F 125 14.46 -9.61 54.21
N ALA F 126 13.35 -10.31 54.39
CA ALA F 126 13.19 -11.18 55.55
C ALA F 126 14.21 -12.30 55.52
N LEU F 127 14.35 -12.97 54.37
CA LEU F 127 15.34 -14.03 54.21
C LEU F 127 16.75 -13.46 54.28
N ALA F 128 16.92 -12.25 53.77
CA ALA F 128 18.22 -11.59 53.78
C ALA F 128 18.68 -11.36 55.21
N LYS F 129 17.77 -10.86 56.04
CA LYS F 129 18.08 -10.56 57.43
C LYS F 129 18.42 -11.82 58.21
N ALA F 130 17.68 -12.87 57.95
CA ALA F 130 17.83 -14.11 58.68
C ALA F 130 19.13 -14.82 58.27
N ALA F 131 19.64 -14.48 57.10
CA ALA F 131 20.84 -15.11 56.56
C ALA F 131 22.10 -14.31 56.89
N LEU F 132 21.90 -13.05 57.25
CA LEU F 132 23.01 -12.10 57.41
C LEU F 132 24.15 -12.57 58.29
N PRO F 133 23.85 -13.25 59.42
CA PRO F 133 24.91 -13.74 60.30
C PRO F 133 25.93 -14.69 59.66
N MET F 134 25.58 -15.34 58.55
CA MET F 134 26.47 -16.33 57.94
C MET F 134 26.79 -16.00 56.48
N LEU F 135 26.44 -14.80 56.05
CA LEU F 135 26.75 -14.34 54.71
C LEU F 135 28.23 -14.05 54.53
N SER F 136 28.75 -14.44 53.37
CA SER F 136 30.15 -14.24 53.00
C SER F 136 30.52 -12.78 52.72
N ASP F 137 31.83 -12.60 52.54
CA ASP F 137 32.45 -11.31 52.35
C ASP F 137 32.02 -10.64 51.06
N ASP F 138 31.77 -11.47 50.07
CA ASP F 138 31.37 -11.07 48.73
C ASP F 138 30.10 -11.80 48.31
N ALA F 139 29.21 -12.04 49.27
CA ALA F 139 27.97 -12.74 49.00
C ALA F 139 27.10 -11.96 48.03
N SER F 140 26.11 -12.65 47.48
CA SER F 140 25.27 -12.07 46.45
C SER F 140 23.84 -12.56 46.57
N LEU F 141 22.90 -11.63 46.73
CA LEU F 141 21.49 -11.97 46.82
C LEU F 141 20.80 -11.64 45.50
N LEU F 142 19.88 -12.50 45.08
CA LEU F 142 19.21 -12.35 43.81
C LEU F 142 17.73 -12.63 43.92
N THR F 143 16.91 -11.74 43.38
CA THR F 143 15.48 -11.97 43.32
C THR F 143 15.00 -11.79 41.90
N LEU F 144 13.76 -12.20 41.64
CA LEU F 144 13.17 -12.11 40.32
C LEU F 144 11.99 -11.16 40.34
N SER F 145 11.97 -10.24 39.39
CA SER F 145 10.89 -9.28 39.27
C SER F 145 10.32 -9.30 37.86
N TYR F 146 9.34 -8.43 37.60
CA TYR F 146 8.72 -8.36 36.28
C TYR F 146 8.45 -6.91 35.90
N LEU F 147 8.44 -6.66 34.61
CA LEU F 147 8.19 -5.33 34.06
C LEU F 147 6.90 -4.73 34.60
N GLY F 148 6.03 -5.58 35.12
CA GLY F 148 4.74 -5.15 35.64
C GLY F 148 4.88 -4.20 36.81
N ALA F 149 6.09 -4.11 37.37
CA ALA F 149 6.37 -3.18 38.46
C ALA F 149 6.53 -1.77 37.90
N GLU F 150 7.15 -1.69 36.72
CA GLU F 150 7.47 -0.41 36.10
C GLU F 150 6.27 0.18 35.38
N ARG F 151 5.51 -0.67 34.69
CA ARG F 151 4.36 -0.22 33.91
C ARG F 151 3.16 -1.11 34.09
N ALA F 152 1.97 -0.57 33.82
CA ALA F 152 0.74 -1.32 34.02
C ALA F 152 0.58 -2.34 32.91
N ILE F 153 0.53 -3.60 33.33
CA ILE F 153 0.34 -4.73 32.43
C ILE F 153 -1.00 -5.40 32.76
N PRO F 154 -1.77 -5.77 31.72
CA PRO F 154 -3.08 -6.38 31.97
C PRO F 154 -3.05 -7.61 32.87
N ASN F 155 -3.94 -7.65 33.85
CA ASN F 155 -4.17 -8.81 34.71
C ASN F 155 -3.09 -9.03 35.77
N TYR F 156 -1.94 -8.41 35.61
CA TYR F 156 -0.88 -8.56 36.59
C TYR F 156 -1.33 -7.89 37.89
N ASN F 157 -2.00 -6.76 37.73
CA ASN F 157 -2.71 -6.09 38.82
C ASN F 157 -1.93 -6.01 40.15
N THR F 158 -2.47 -6.60 41.22
CA THR F 158 -1.90 -6.47 42.56
C THR F 158 -0.45 -6.92 42.61
N MET F 159 -0.09 -7.81 41.70
CA MET F 159 1.24 -8.38 41.72
C MET F 159 2.26 -7.34 41.29
N GLY F 160 1.80 -6.34 40.53
CA GLY F 160 2.66 -5.25 40.12
C GLY F 160 3.02 -4.37 41.30
N LEU F 161 2.08 -4.20 42.21
CA LEU F 161 2.31 -3.43 43.43
C LEU F 161 3.36 -4.12 44.28
N ALA F 162 3.23 -5.44 44.43
CA ALA F 162 4.18 -6.21 45.23
C ALA F 162 5.58 -6.17 44.61
N LYS F 163 5.67 -6.34 43.31
CA LYS F 163 6.96 -6.35 42.64
C LYS F 163 7.64 -4.98 42.69
N ALA F 164 6.85 -3.93 42.78
CA ALA F 164 7.41 -2.58 42.91
C ALA F 164 8.07 -2.45 44.27
N ALA F 165 7.44 -3.04 45.28
CA ALA F 165 8.00 -3.06 46.62
C ALA F 165 9.28 -3.89 46.66
N LEU F 166 9.26 -5.02 45.97
CA LEU F 166 10.40 -5.92 45.92
C LEU F 166 11.63 -5.21 45.36
N GLU F 167 11.46 -4.53 44.23
CA GLU F 167 12.57 -3.85 43.58
C GLU F 167 13.08 -2.70 44.44
N ALA F 168 12.21 -2.15 45.28
CA ALA F 168 12.63 -1.12 46.22
C ALA F 168 13.41 -1.77 47.35
N SER F 169 12.99 -2.98 47.74
CA SER F 169 13.68 -3.72 48.79
C SER F 169 15.09 -4.10 48.35
N VAL F 170 15.27 -4.29 47.04
CA VAL F 170 16.58 -4.56 46.48
C VAL F 170 17.54 -3.41 46.78
N ARG F 171 17.07 -2.18 46.59
CA ARG F 171 17.90 -1.01 46.77
C ARG F 171 18.23 -0.77 48.24
N TYR F 172 17.24 -0.92 49.11
CA TYR F 172 17.48 -0.71 50.54
C TYR F 172 18.32 -1.83 51.13
N LEU F 173 18.10 -3.05 50.64
CA LEU F 173 18.95 -4.18 51.03
C LEU F 173 20.38 -3.93 50.61
N ALA F 174 20.54 -3.39 49.42
CA ALA F 174 21.87 -3.16 48.85
C ALA F 174 22.67 -2.20 49.70
N VAL F 175 22.01 -1.17 50.23
CA VAL F 175 22.67 -0.18 51.04
C VAL F 175 23.01 -0.77 52.40
N SER F 176 22.05 -1.49 52.96
CA SER F 176 22.20 -2.08 54.29
C SER F 176 23.28 -3.16 54.33
N LEU F 177 23.25 -4.05 53.35
CA LEU F 177 24.18 -5.17 53.30
C LEU F 177 25.45 -4.83 52.54
N GLY F 178 25.49 -3.65 51.92
CA GLY F 178 26.59 -3.25 51.08
C GLY F 178 27.88 -2.99 51.85
N ALA F 179 27.74 -2.44 53.06
CA ALA F 179 28.91 -2.13 53.86
C ALA F 179 29.70 -3.39 54.16
N LYS F 180 28.98 -4.50 54.30
CA LYS F 180 29.61 -5.78 54.58
C LYS F 180 30.23 -6.38 53.32
N GLY F 181 29.91 -5.79 52.16
CA GLY F 181 30.45 -6.25 50.90
C GLY F 181 29.47 -7.09 50.11
N VAL F 182 28.24 -7.20 50.62
CA VAL F 182 27.23 -8.06 50.00
C VAL F 182 26.49 -7.27 48.93
N ARG F 183 26.20 -7.95 47.82
CA ARG F 183 25.53 -7.34 46.69
C ARG F 183 24.10 -7.87 46.59
N VAL F 184 23.19 -7.01 46.14
CA VAL F 184 21.79 -7.39 46.02
C VAL F 184 21.24 -6.87 44.70
N ASN F 185 20.69 -7.79 43.91
CA ASN F 185 20.18 -7.44 42.60
C ASN F 185 18.87 -8.13 42.28
N ALA F 186 18.26 -7.71 41.19
CA ALA F 186 17.06 -8.33 40.68
C ALA F 186 17.20 -8.55 39.20
N ILE F 187 16.57 -9.61 38.72
CA ILE F 187 16.37 -9.78 37.28
C ILE F 187 14.90 -9.56 36.99
N SER F 188 14.64 -8.62 36.09
CA SER F 188 13.30 -8.45 35.55
C SER F 188 13.15 -9.40 34.37
N ALA F 189 12.60 -10.58 34.63
CA ALA F 189 12.53 -11.61 33.61
C ALA F 189 11.35 -11.39 32.70
N GLY F 190 11.50 -11.77 31.44
CA GLY F 190 10.41 -11.70 30.50
C GLY F 190 9.46 -12.85 30.73
N PRO F 191 8.34 -12.88 29.98
CA PRO F 191 7.36 -13.95 30.20
C PRO F 191 7.92 -15.33 29.87
N ILE F 192 7.80 -16.25 30.82
CA ILE F 192 8.18 -17.64 30.66
C ILE F 192 7.02 -18.50 31.14
N LYS F 193 6.63 -19.52 30.39
CA LYS F 193 5.53 -20.36 30.82
C LYS F 193 5.95 -21.31 31.94
N THR F 194 5.55 -20.97 33.15
CA THR F 194 5.83 -21.75 34.35
C THR F 194 4.53 -22.02 35.08
N LEU F 195 4.60 -22.73 36.20
CA LEU F 195 3.42 -23.00 37.01
C LEU F 195 2.74 -21.70 37.45
N ALA F 196 3.53 -20.73 37.89
CA ALA F 196 2.98 -19.46 38.32
C ALA F 196 2.29 -18.72 37.18
N ALA F 197 2.82 -18.88 35.97
CA ALA F 197 2.31 -18.18 34.80
C ALA F 197 0.85 -18.57 34.53
N SER F 198 0.48 -19.76 34.95
CA SER F 198 -0.85 -20.28 34.70
C SER F 198 -1.91 -19.50 35.47
N GLY F 199 -1.46 -18.68 36.43
CA GLY F 199 -2.35 -17.86 37.23
C GLY F 199 -2.71 -16.54 36.56
N ILE F 200 -1.98 -16.21 35.49
CA ILE F 200 -2.18 -14.96 34.77
C ILE F 200 -3.20 -15.19 33.66
N LYS F 201 -4.34 -14.52 33.77
CA LYS F 201 -5.45 -14.72 32.86
C LYS F 201 -5.05 -14.59 31.38
N SER F 202 -4.31 -13.54 31.05
CA SER F 202 -3.89 -13.31 29.66
C SER F 202 -2.41 -13.59 29.45
N PHE F 203 -1.87 -14.65 30.04
CA PHE F 203 -0.45 -14.91 29.84
C PHE F 203 -0.09 -15.23 28.39
N GLY F 204 -0.94 -15.99 27.71
CA GLY F 204 -0.65 -16.41 26.36
C GLY F 204 -0.60 -15.23 25.42
N LYS F 205 -1.44 -14.24 25.68
CA LYS F 205 -1.50 -13.05 24.86
C LYS F 205 -0.20 -12.27 25.02
N ILE F 206 0.34 -12.30 26.23
CA ILE F 206 1.60 -11.65 26.56
C ILE F 206 2.81 -12.32 25.92
N LEU F 207 2.86 -13.65 25.94
CA LEU F 207 3.96 -14.36 25.30
C LEU F 207 4.05 -14.01 23.82
N ASP F 208 2.92 -14.09 23.14
CA ASP F 208 2.88 -13.82 21.72
C ASP F 208 3.24 -12.38 21.40
N PHE F 209 2.79 -11.45 22.25
CA PHE F 209 3.07 -10.04 22.02
C PHE F 209 4.56 -9.75 22.17
N VAL F 210 5.20 -10.41 23.14
CA VAL F 210 6.62 -10.20 23.37
C VAL F 210 7.45 -10.78 22.23
N GLU F 211 7.06 -11.96 21.75
CA GLU F 211 7.73 -12.61 20.63
C GLU F 211 7.66 -11.76 19.38
N SER F 212 6.56 -11.01 19.24
CA SER F 212 6.33 -10.21 18.05
C SER F 212 7.03 -8.85 18.07
N ASN F 213 7.15 -8.25 19.26
CA ASN F 213 7.58 -6.85 19.36
C ASN F 213 8.92 -6.62 20.03
N SER F 214 9.41 -7.60 20.80
CA SER F 214 10.71 -7.46 21.43
C SER F 214 11.78 -7.31 20.36
N PRO F 215 12.84 -6.55 20.65
CA PRO F 215 13.91 -6.37 19.64
C PRO F 215 14.47 -7.67 19.09
N LEU F 216 14.68 -8.68 19.93
CA LEU F 216 15.24 -9.96 19.48
C LEU F 216 14.20 -10.90 18.86
N LYS F 217 12.95 -10.45 18.83
CA LYS F 217 11.89 -11.19 18.16
C LYS F 217 11.76 -12.60 18.71
N ARG F 218 11.95 -12.74 20.00
CA ARG F 218 11.90 -14.06 20.62
C ARG F 218 11.71 -13.90 22.11
N ASN F 219 11.05 -14.88 22.71
CA ASN F 219 10.87 -14.88 24.15
C ASN F 219 12.15 -15.37 24.78
N VAL F 220 12.30 -15.12 26.08
CA VAL F 220 13.49 -15.56 26.77
C VAL F 220 13.21 -16.92 27.39
N THR F 221 14.28 -17.60 27.79
CA THR F 221 14.19 -18.93 28.36
C THR F 221 14.81 -18.93 29.75
N ILE F 222 14.58 -20.00 30.51
CA ILE F 222 15.12 -20.10 31.84
C ILE F 222 16.64 -20.35 31.80
N GLU F 223 17.15 -20.75 30.64
CA GLU F 223 18.59 -20.88 30.47
C GLU F 223 19.22 -19.49 30.41
N GLN F 224 18.53 -18.57 29.75
CA GLN F 224 19.00 -17.21 29.59
C GLN F 224 18.95 -16.42 30.89
N VAL F 225 17.83 -16.54 31.59
CA VAL F 225 17.68 -15.95 32.92
C VAL F 225 18.64 -16.66 33.87
N GLY F 226 18.85 -17.95 33.61
CA GLY F 226 19.73 -18.74 34.45
C GLY F 226 21.17 -18.29 34.35
N ASN F 227 21.64 -18.06 33.13
CA ASN F 227 23.00 -17.57 32.93
C ASN F 227 23.19 -16.17 33.49
N ALA F 228 22.19 -15.32 33.28
CA ALA F 228 22.22 -13.95 33.80
C ALA F 228 22.25 -13.96 35.33
N GLY F 229 21.53 -14.91 35.92
CA GLY F 229 21.52 -15.04 37.36
C GLY F 229 22.88 -15.46 37.89
N ALA F 230 23.50 -16.43 37.24
CA ALA F 230 24.82 -16.92 37.63
C ALA F 230 25.87 -15.82 37.61
N PHE F 231 25.80 -14.98 36.59
CA PHE F 231 26.68 -13.84 36.46
C PHE F 231 26.59 -12.94 37.67
N LEU F 232 25.36 -12.57 38.02
CA LEU F 232 25.12 -11.68 39.14
C LEU F 232 25.53 -12.32 40.45
N LEU F 233 25.46 -13.64 40.53
CA LEU F 233 25.86 -14.37 41.73
C LEU F 233 27.38 -14.51 41.83
N SER F 234 28.08 -14.19 40.75
CA SER F 234 29.53 -14.41 40.67
C SER F 234 30.34 -13.14 40.89
N ASP F 235 31.66 -13.31 41.04
CA ASP F 235 32.57 -12.19 41.23
C ASP F 235 32.81 -11.40 39.95
N LEU F 236 32.26 -11.90 38.85
CA LEU F 236 32.31 -11.18 37.59
C LEU F 236 31.51 -9.90 37.72
N ALA F 237 30.51 -9.94 38.60
CA ALA F 237 29.60 -8.82 38.81
C ALA F 237 29.84 -8.15 40.15
N SER F 238 31.09 -8.10 40.60
CA SER F 238 31.40 -7.54 41.90
C SER F 238 31.21 -6.02 41.87
N GLY F 239 31.07 -5.47 40.67
CA GLY F 239 30.83 -4.04 40.50
C GLY F 239 29.36 -3.72 40.34
N VAL F 240 28.51 -4.74 40.47
CA VAL F 240 27.08 -4.59 40.20
C VAL F 240 26.24 -4.87 41.45
N THR F 241 25.54 -3.85 41.91
CA THR F 241 24.59 -4.02 43.01
C THR F 241 23.46 -2.99 42.90
N ALA F 242 22.36 -3.27 43.58
CA ALA F 242 21.17 -2.40 43.55
C ALA F 242 20.60 -2.28 42.14
N GLU F 243 20.86 -3.29 41.31
CA GLU F 243 20.47 -3.26 39.92
C GLU F 243 19.25 -4.13 39.64
N VAL F 244 18.34 -3.63 38.82
CA VAL F 244 17.26 -4.44 38.27
C VAL F 244 17.57 -4.64 36.79
N MET F 245 18.07 -5.83 36.47
CA MET F 245 18.55 -6.14 35.13
C MET F 245 17.46 -6.83 34.31
N HIS F 246 17.14 -6.25 33.16
CA HIS F 246 16.12 -6.85 32.29
C HIS F 246 16.68 -7.96 31.45
N VAL F 247 16.11 -9.15 31.63
CA VAL F 247 16.37 -10.28 30.75
C VAL F 247 15.04 -10.63 30.09
N ASP F 248 14.65 -9.83 29.11
CA ASP F 248 13.36 -9.97 28.47
C ASP F 248 13.46 -9.69 26.98
N SER F 249 14.59 -10.10 26.41
CA SER F 249 14.87 -9.93 24.99
C SER F 249 14.73 -8.47 24.56
N GLY F 250 14.83 -7.56 25.52
CA GLY F 250 14.82 -6.14 25.25
C GLY F 250 13.45 -5.51 25.22
N PHE F 251 12.43 -6.28 25.60
CA PHE F 251 11.04 -5.84 25.44
C PHE F 251 10.74 -4.55 26.19
N ASN F 252 11.31 -4.40 27.38
CA ASN F 252 11.05 -3.22 28.22
C ASN F 252 11.41 -1.90 27.56
N ALA F 253 12.30 -1.93 26.57
CA ALA F 253 12.88 -0.71 26.03
C ALA F 253 12.16 -0.19 24.78
N VAL F 254 11.06 -0.83 24.40
CA VAL F 254 10.34 -0.43 23.19
C VAL F 254 8.89 -0.10 23.48
N VAL F 255 8.25 0.55 22.53
CA VAL F 255 6.80 0.63 22.48
C VAL F 255 6.36 -0.22 21.31
N GLY F 256 5.99 -1.46 21.58
CA GLY F 256 5.60 -2.39 20.54
C GLY F 256 4.10 -2.34 20.30
N GLY F 257 3.66 -2.92 19.20
CA GLY F 257 2.24 -3.05 18.90
C GLY F 257 1.81 -2.16 17.75
N MET F 258 2.65 -1.20 17.40
CA MET F 258 2.33 -0.20 16.39
C MET F 258 2.98 -0.55 15.05
N GLY G 2 -6.12 35.98 35.24
CA GLY G 2 -5.67 34.60 35.22
C GLY G 2 -4.40 34.42 36.03
N PHE G 3 -3.84 33.22 36.01
CA PHE G 3 -2.67 32.94 36.85
C PHE G 3 -1.35 33.21 36.13
N LEU G 4 -1.43 33.92 35.01
CA LEU G 4 -0.23 34.39 34.31
C LEU G 4 -0.28 35.89 34.11
N ASP G 5 -1.11 36.57 34.90
CA ASP G 5 -1.27 38.00 34.82
C ASP G 5 0.08 38.72 34.85
N GLY G 6 0.31 39.56 33.85
CA GLY G 6 1.47 40.43 33.84
C GLY G 6 2.76 39.72 33.48
N LYS G 7 2.66 38.43 33.16
CA LYS G 7 3.84 37.69 32.72
C LYS G 7 4.00 37.85 31.22
N ARG G 8 5.21 38.15 30.80
CA ARG G 8 5.55 38.31 29.38
C ARG G 8 6.27 37.08 28.87
N ILE G 9 5.67 36.47 27.86
CA ILE G 9 6.15 35.19 27.36
C ILE G 9 6.46 35.22 25.86
N LEU G 10 7.63 34.68 25.51
CA LEU G 10 8.03 34.54 24.12
C LEU G 10 7.82 33.10 23.67
N LEU G 11 7.02 32.90 22.62
CA LEU G 11 6.73 31.57 22.09
C LEU G 11 7.31 31.35 20.71
N THR G 12 8.02 30.24 20.57
CA THR G 12 8.51 29.82 19.29
C THR G 12 7.65 28.67 18.80
N GLY G 13 7.74 28.37 17.50
CA GLY G 13 7.12 27.19 16.96
C GLY G 13 5.66 27.30 16.60
N LEU G 14 5.12 28.51 16.57
CA LEU G 14 3.75 28.71 16.12
C LEU G 14 3.75 28.82 14.60
N LEU G 15 3.15 27.84 13.94
CA LEU G 15 3.18 27.73 12.49
C LEU G 15 1.78 27.64 11.90
N SER G 16 0.91 26.95 12.62
CA SER G 16 -0.48 26.86 12.22
C SER G 16 -1.33 26.75 13.47
N ASN G 17 -2.64 26.78 13.32
CA ASN G 17 -3.53 26.71 14.45
C ASN G 17 -3.66 25.27 14.97
N ARG G 18 -2.87 24.36 14.42
CA ARG G 18 -2.79 23.00 14.93
C ARG G 18 -1.53 22.83 15.78
N SER G 19 -0.60 23.79 15.67
CA SER G 19 0.67 23.73 16.38
C SER G 19 0.49 23.65 17.88
N ILE G 20 1.38 22.93 18.55
CA ILE G 20 1.35 22.82 20.00
C ILE G 20 1.51 24.22 20.58
N ALA G 21 2.37 25.02 19.98
CA ALA G 21 2.62 26.38 20.44
C ALA G 21 1.37 27.25 20.37
N TYR G 22 0.45 26.92 19.47
CA TYR G 22 -0.79 27.68 19.35
C TYR G 22 -1.68 27.38 20.54
N GLY G 23 -1.71 26.13 20.98
CA GLY G 23 -2.50 25.74 22.14
C GLY G 23 -1.94 26.38 23.39
N ILE G 24 -0.61 26.43 23.49
CA ILE G 24 0.05 27.06 24.63
C ILE G 24 -0.20 28.57 24.63
N ALA G 25 -0.03 29.19 23.46
CA ALA G 25 -0.28 30.61 23.30
C ALA G 25 -1.68 30.94 23.74
N LYS G 26 -2.61 30.11 23.27
CA LYS G 26 -4.03 30.29 23.52
C LYS G 26 -4.36 30.24 25.00
N ALA G 27 -3.72 29.34 25.74
CA ALA G 27 -3.95 29.21 27.18
C ALA G 27 -3.28 30.33 27.96
N CYS G 28 -2.08 30.71 27.55
CA CYS G 28 -1.33 31.77 28.22
C CYS G 28 -2.06 33.11 28.14
N LYS G 29 -2.60 33.42 26.97
CA LYS G 29 -3.38 34.64 26.79
C LYS G 29 -4.59 34.64 27.70
N ARG G 30 -5.28 33.51 27.72
CA ARG G 30 -6.48 33.35 28.53
C ARG G 30 -6.19 33.66 29.99
N GLU G 31 -4.99 33.31 30.44
CA GLU G 31 -4.62 33.49 31.83
C GLU G 31 -3.92 34.82 32.06
N GLY G 32 -3.95 35.70 31.06
CA GLY G 32 -3.60 37.09 31.24
C GLY G 32 -2.19 37.48 30.85
N ALA G 33 -1.50 36.61 30.13
CA ALA G 33 -0.12 36.85 29.76
C ALA G 33 0.01 37.76 28.55
N GLU G 34 1.19 38.35 28.38
CA GLU G 34 1.54 39.07 27.17
C GLU G 34 2.46 38.20 26.32
N LEU G 35 2.16 38.10 25.03
CA LEU G 35 2.85 37.15 24.14
C LEU G 35 3.67 37.84 23.06
N ALA G 36 4.77 37.21 22.71
CA ALA G 36 5.58 37.59 21.56
C ALA G 36 5.94 36.31 20.82
N PHE G 37 6.15 36.39 19.51
CA PHE G 37 6.30 35.20 18.69
C PHE G 37 7.52 35.22 17.80
N THR G 38 7.98 34.03 17.42
CA THR G 38 9.03 33.91 16.41
C THR G 38 8.52 33.16 15.21
N TYR G 39 9.21 33.35 14.09
CA TYR G 39 8.90 32.65 12.86
C TYR G 39 10.21 32.39 12.12
N VAL G 40 10.16 31.50 11.14
CA VAL G 40 11.34 31.21 10.32
C VAL G 40 10.92 31.28 8.86
N GLY G 41 11.67 32.04 8.09
CA GLY G 41 11.31 32.33 6.71
C GLY G 41 10.46 33.58 6.67
N ASP G 42 10.41 34.20 5.50
CA ASP G 42 9.63 35.42 5.31
C ASP G 42 8.22 35.05 4.91
N ARG G 43 8.12 34.17 3.93
CA ARG G 43 6.83 33.68 3.40
C ARG G 43 5.80 33.42 4.52
N PHE G 44 6.28 33.09 5.71
CA PHE G 44 5.42 32.86 6.89
C PHE G 44 5.22 34.11 7.76
N LYS G 45 5.90 35.21 7.44
CA LYS G 45 5.83 36.44 8.23
C LYS G 45 4.42 37.01 8.33
N ASP G 46 3.67 36.93 7.23
CA ASP G 46 2.34 37.52 7.20
C ASP G 46 1.44 36.80 8.19
N ARG G 47 1.55 35.48 8.22
CA ARG G 47 0.68 34.66 9.06
C ARG G 47 0.97 34.80 10.55
N ILE G 48 2.23 34.89 10.93
CA ILE G 48 2.59 34.95 12.34
C ILE G 48 2.16 36.30 12.90
N THR G 49 2.22 37.31 12.05
CA THR G 49 1.76 38.65 12.42
C THR G 49 0.26 38.61 12.68
N GLU G 50 -0.46 37.83 11.88
CA GLU G 50 -1.89 37.63 12.08
C GLU G 50 -2.20 36.83 13.32
N PHE G 51 -1.38 35.81 13.60
CA PHE G 51 -1.55 35.02 14.81
C PHE G 51 -1.26 35.88 16.03
N ALA G 52 -0.21 36.68 15.93
CA ALA G 52 0.16 37.57 17.02
C ALA G 52 -0.97 38.57 17.27
N ALA G 53 -1.64 38.96 16.19
CA ALA G 53 -2.75 39.90 16.26
C ALA G 53 -3.95 39.27 16.93
N GLU G 54 -4.14 37.97 16.71
CA GLU G 54 -5.22 37.23 17.34
C GLU G 54 -5.06 37.25 18.86
N PHE G 55 -3.81 37.39 19.32
CA PHE G 55 -3.51 37.41 20.74
C PHE G 55 -3.08 38.79 21.23
N GLY G 56 -3.47 39.82 20.49
CA GLY G 56 -3.24 41.19 20.91
C GLY G 56 -1.78 41.58 20.98
N SER G 57 -1.00 41.12 20.01
CA SER G 57 0.44 41.38 20.00
C SER G 57 0.94 41.85 18.64
N GLU G 58 1.92 42.77 18.67
CA GLU G 58 2.61 43.21 17.47
C GLU G 58 4.05 42.74 17.47
N LEU G 59 4.45 42.10 18.56
CA LEU G 59 5.83 41.68 18.76
C LEU G 59 6.09 40.33 18.11
N VAL G 60 6.64 40.34 16.90
CA VAL G 60 7.02 39.11 16.22
C VAL G 60 8.43 39.28 15.66
N PHE G 61 9.24 38.23 15.78
CA PHE G 61 10.65 38.31 15.43
C PHE G 61 11.15 37.11 14.64
N PRO G 62 12.04 37.32 13.67
CA PRO G 62 12.58 36.19 12.92
C PRO G 62 13.66 35.45 13.71
N CYS G 63 13.65 34.12 13.69
CA CYS G 63 14.69 33.35 14.34
C CYS G 63 14.80 31.92 13.84
N ASP G 64 15.74 31.70 12.93
CA ASP G 64 16.14 30.36 12.53
C ASP G 64 17.22 29.91 13.50
N VAL G 65 16.89 28.96 14.37
CA VAL G 65 17.79 28.58 15.45
C VAL G 65 19.07 27.90 14.97
N ALA G 66 19.18 27.70 13.66
CA ALA G 66 20.41 27.15 13.08
C ALA G 66 21.49 28.22 12.99
N ASP G 67 21.07 29.48 12.92
CA ASP G 67 22.01 30.58 12.76
C ASP G 67 22.15 31.30 14.10
N ASP G 68 23.36 31.26 14.65
CA ASP G 68 23.66 31.93 15.92
C ASP G 68 23.32 33.42 15.88
N ALA G 69 23.50 34.02 14.71
CA ALA G 69 23.34 35.47 14.57
C ALA G 69 21.89 35.88 14.84
N GLN G 70 20.95 35.10 14.31
CA GLN G 70 19.54 35.43 14.48
C GLN G 70 19.11 35.25 15.93
N ILE G 71 19.71 34.29 16.62
CA ILE G 71 19.40 34.05 18.02
C ILE G 71 19.80 35.23 18.89
N ASP G 72 21.03 35.72 18.75
CA ASP G 72 21.46 36.88 19.52
C ASP G 72 20.63 38.09 19.11
N ALA G 73 20.35 38.18 17.82
CA ALA G 73 19.61 39.31 17.27
C ALA G 73 18.14 39.27 17.71
N LEU G 74 17.64 38.07 17.96
CA LEU G 74 16.26 37.90 18.41
C LEU G 74 16.01 38.64 19.72
N PHE G 75 16.91 38.45 20.67
CA PHE G 75 16.73 38.98 22.01
C PHE G 75 17.24 40.41 22.16
N ALA G 76 18.00 40.87 21.17
CA ALA G 76 18.36 42.27 21.11
C ALA G 76 17.11 43.05 20.75
N SER G 77 16.35 42.52 19.80
CA SER G 77 15.11 43.14 19.36
C SER G 77 14.03 43.12 20.44
N LEU G 78 13.87 41.99 21.11
CA LEU G 78 12.84 41.86 22.13
C LEU G 78 13.13 42.82 23.28
N LYS G 79 14.42 43.05 23.52
CA LYS G 79 14.85 43.90 24.62
C LYS G 79 14.41 45.34 24.41
N THR G 80 14.22 45.72 23.14
CA THR G 80 13.81 47.09 22.83
C THR G 80 12.34 47.30 23.17
N HIS G 81 11.60 46.20 23.30
CA HIS G 81 10.19 46.28 23.64
C HIS G 81 9.97 45.88 25.10
N TRP G 82 10.61 44.79 25.53
CA TRP G 82 10.45 44.26 26.88
C TRP G 82 11.73 44.37 27.71
N ASP G 83 11.62 44.92 28.91
CA ASP G 83 12.78 45.02 29.80
C ASP G 83 13.18 43.66 30.35
N SER G 84 12.22 42.76 30.48
CA SER G 84 12.50 41.43 31.01
C SER G 84 11.59 40.40 30.38
N LEU G 85 11.98 39.14 30.50
CA LEU G 85 11.27 38.03 29.91
C LEU G 85 10.89 37.02 30.99
N ASP G 86 9.60 36.72 31.09
CA ASP G 86 9.09 35.85 32.14
C ASP G 86 8.91 34.41 31.67
N GLY G 87 8.81 34.21 30.36
CA GLY G 87 8.60 32.88 29.82
C GLY G 87 9.16 32.70 28.43
N LEU G 88 9.72 31.52 28.18
CA LEU G 88 10.23 31.14 26.87
C LEU G 88 9.72 29.74 26.55
N VAL G 89 9.08 29.58 25.40
CA VAL G 89 8.57 28.27 24.99
C VAL G 89 9.32 27.77 23.76
N HIS G 90 9.97 26.63 23.93
CA HIS G 90 10.74 26.00 22.86
C HIS G 90 9.90 24.91 22.23
N SER G 91 9.17 25.25 21.17
CA SER G 91 8.31 24.28 20.49
C SER G 91 8.84 24.06 19.09
N ILE G 92 10.13 23.72 19.01
CA ILE G 92 10.85 23.59 17.75
C ILE G 92 11.40 22.18 17.61
N GLY G 93 11.31 21.63 16.41
CA GLY G 93 11.88 20.34 16.11
C GLY G 93 12.08 20.16 14.64
N PHE G 94 13.16 19.48 14.25
CA PHE G 94 13.38 19.18 12.85
C PHE G 94 14.32 18.00 12.65
N ALA G 95 14.02 17.19 11.65
CA ALA G 95 14.96 16.20 11.16
C ALA G 95 14.64 15.90 9.71
N PRO G 96 15.67 15.65 8.90
CA PRO G 96 15.40 15.17 7.54
C PRO G 96 14.51 13.95 7.61
N ARG G 97 13.49 13.88 6.77
CA ARG G 97 12.45 12.87 6.90
C ARG G 97 12.95 11.44 6.81
N GLU G 98 14.04 11.20 6.09
CA GLU G 98 14.56 9.84 5.98
C GLU G 98 15.06 9.35 7.34
N ALA G 99 15.44 10.28 8.20
CA ALA G 99 15.97 9.95 9.52
C ALA G 99 14.86 9.69 10.51
N ILE G 100 13.61 9.91 10.09
CA ILE G 100 12.45 9.67 10.92
C ILE G 100 11.46 8.77 10.19
N ALA G 101 11.99 7.79 9.46
CA ALA G 101 11.17 6.87 8.69
C ALA G 101 11.85 5.52 8.49
N GLY G 102 11.09 4.45 8.66
CA GLY G 102 11.60 3.12 8.39
C GLY G 102 12.61 2.65 9.41
N ASP G 103 13.65 1.97 8.93
CA ASP G 103 14.67 1.43 9.82
C ASP G 103 15.54 2.55 10.35
N PHE G 104 16.02 2.38 11.57
CA PHE G 104 16.86 3.39 12.21
C PHE G 104 18.16 3.63 11.44
N LEU G 105 18.80 2.54 11.02
CA LEU G 105 20.11 2.63 10.38
C LEU G 105 20.05 3.03 8.92
N ASP G 106 18.99 2.63 8.23
CA ASP G 106 18.84 2.95 6.82
C ASP G 106 18.86 4.46 6.63
N GLY G 107 18.24 5.18 7.57
CA GLY G 107 18.16 6.63 7.49
C GLY G 107 19.20 7.37 8.31
N LEU G 108 20.16 6.65 8.86
CA LEU G 108 21.21 7.25 9.68
C LEU G 108 22.38 7.78 8.85
N THR G 109 22.63 9.08 8.92
CA THR G 109 23.83 9.68 8.35
C THR G 109 24.41 10.67 9.34
N ARG G 110 25.70 10.94 9.24
CA ARG G 110 26.36 11.86 10.16
C ARG G 110 25.68 13.22 10.08
N GLU G 111 25.23 13.59 8.89
CA GLU G 111 24.63 14.90 8.67
C GLU G 111 23.19 14.96 9.18
N ASN G 112 22.43 13.90 8.97
CA ASN G 112 21.07 13.82 9.48
C ASN G 112 21.10 13.85 11.00
N PHE G 113 22.08 13.17 11.57
CA PHE G 113 22.26 13.15 13.01
C PHE G 113 22.57 14.57 13.48
N ARG G 114 23.50 15.24 12.81
CA ARG G 114 23.92 16.58 13.19
C ARG G 114 22.75 17.55 13.19
N ILE G 115 21.98 17.54 12.11
CA ILE G 115 20.88 18.48 11.91
C ILE G 115 19.78 18.22 12.92
N ALA G 116 19.45 16.96 13.14
CA ALA G 116 18.38 16.59 14.05
C ALA G 116 18.69 17.09 15.44
N HIS G 117 19.96 16.95 15.84
CA HIS G 117 20.38 17.36 17.17
C HIS G 117 20.59 18.88 17.27
N ASP G 118 21.08 19.48 16.20
CA ASP G 118 21.29 20.93 16.18
C ASP G 118 20.00 21.70 16.40
N ILE G 119 18.97 21.35 15.65
CA ILE G 119 17.71 22.09 15.67
C ILE G 119 16.81 21.68 16.83
N SER G 120 16.74 20.38 17.10
CA SER G 120 15.74 19.86 18.04
C SER G 120 16.23 19.80 19.48
N ALA G 121 17.54 19.78 19.68
CA ALA G 121 18.12 19.66 21.02
C ALA G 121 18.93 20.88 21.42
N TYR G 122 20.00 21.16 20.68
CA TYR G 122 20.90 22.26 21.02
C TYR G 122 20.20 23.61 21.09
N SER G 123 19.20 23.79 20.24
CA SER G 123 18.56 25.09 20.11
C SER G 123 17.89 25.53 21.41
N PHE G 124 17.62 24.58 22.29
CA PHE G 124 16.91 24.90 23.52
C PHE G 124 17.83 25.61 24.52
N PRO G 125 18.94 24.97 24.92
CA PRO G 125 19.81 25.74 25.83
C PRO G 125 20.44 26.95 25.15
N ALA G 126 20.56 26.91 23.82
CA ALA G 126 21.07 28.04 23.07
C ALA G 126 20.14 29.24 23.23
N LEU G 127 18.84 29.01 23.04
CA LEU G 127 17.85 30.07 23.22
C LEU G 127 17.79 30.51 24.67
N ALA G 128 17.98 29.58 25.60
CA ALA G 128 17.98 29.89 27.01
C ALA G 128 19.16 30.80 27.34
N LYS G 129 20.33 30.45 26.82
CA LYS G 129 21.56 31.20 27.07
C LYS G 129 21.48 32.61 26.49
N ALA G 130 20.89 32.73 25.31
CA ALA G 130 20.80 34.02 24.63
C ALA G 130 19.77 34.91 25.31
N ALA G 131 18.87 34.30 26.07
CA ALA G 131 17.80 35.02 26.73
C ALA G 131 18.20 35.40 28.15
N LEU G 132 19.22 34.74 28.68
CA LEU G 132 19.60 34.88 30.07
C LEU G 132 19.80 36.32 30.53
N PRO G 133 20.43 37.16 29.70
CA PRO G 133 20.67 38.55 30.12
C PRO G 133 19.40 39.33 30.48
N MET G 134 18.25 38.89 29.99
CA MET G 134 17.00 39.62 30.22
C MET G 134 15.93 38.74 30.88
N LEU G 135 16.32 37.57 31.37
CA LEU G 135 15.39 36.71 32.09
C LEU G 135 15.03 37.24 33.47
N SER G 136 13.75 37.11 33.82
CA SER G 136 13.30 37.49 35.15
C SER G 136 13.84 36.47 36.16
N ASP G 137 13.84 36.82 37.43
CA ASP G 137 14.37 35.93 38.45
C ASP G 137 13.49 34.71 38.65
N ASP G 138 12.20 34.85 38.39
CA ASP G 138 11.26 33.74 38.53
CA ASP G 138 11.26 33.74 38.53
C ASP G 138 10.78 33.28 37.17
N ALA G 139 11.58 33.53 36.14
CA ALA G 139 11.22 33.18 34.78
C ALA G 139 11.11 31.67 34.62
N SER G 140 10.50 31.25 33.51
CA SER G 140 10.22 29.83 33.30
C SER G 140 10.39 29.41 31.84
N LEU G 141 11.26 28.43 31.62
CA LEU G 141 11.52 27.91 30.28
C LEU G 141 10.85 26.56 30.07
N LEU G 142 10.30 26.34 28.88
CA LEU G 142 9.52 25.15 28.57
C LEU G 142 9.85 24.58 27.21
N THR G 143 10.05 23.28 27.12
CA THR G 143 10.27 22.61 25.83
C THR G 143 9.31 21.43 25.68
N LEU G 144 9.25 20.91 24.46
CA LEU G 144 8.37 19.79 24.12
C LEU G 144 9.20 18.58 23.73
N SER G 145 8.89 17.43 24.33
CA SER G 145 9.57 16.19 24.01
C SER G 145 8.57 15.11 23.66
N TYR G 146 9.07 13.92 23.37
CA TYR G 146 8.20 12.80 23.03
C TYR G 146 8.74 11.52 23.67
N LEU G 147 7.82 10.61 23.94
CA LEU G 147 8.15 9.34 24.57
C LEU G 147 9.26 8.56 23.86
N GLY G 148 9.49 8.89 22.60
CA GLY G 148 10.49 8.21 21.81
C GLY G 148 11.90 8.41 22.36
N ALA G 149 12.05 9.36 23.28
CA ALA G 149 13.33 9.57 23.94
C ALA G 149 13.56 8.52 25.02
N GLU G 150 12.49 8.12 25.68
CA GLU G 150 12.59 7.17 26.78
C GLU G 150 12.67 5.74 26.27
N ARG G 151 11.87 5.42 25.27
CA ARG G 151 11.82 4.07 24.72
C ARG G 151 11.82 4.11 23.21
N ALA G 152 12.24 3.02 22.58
CA ALA G 152 12.34 2.98 21.14
C ALA G 152 10.97 2.85 20.52
N ILE G 153 10.60 3.85 19.73
CA ILE G 153 9.33 3.87 19.06
C ILE G 153 9.57 3.73 17.55
N PRO G 154 8.76 2.90 16.88
CA PRO G 154 8.95 2.70 15.44
C PRO G 154 8.92 4.02 14.71
N ASN G 155 9.89 4.24 13.83
CA ASN G 155 9.95 5.38 12.94
C ASN G 155 10.44 6.67 13.60
N TYR G 156 10.44 6.74 14.93
CA TYR G 156 10.90 7.95 15.57
C TYR G 156 12.42 8.08 15.38
N ASN G 157 13.11 6.95 15.53
CA ASN G 157 14.53 6.82 15.16
C ASN G 157 15.45 7.97 15.59
N THR G 158 16.10 8.62 14.63
CA THR G 158 17.16 9.59 14.94
C THR G 158 16.62 10.71 15.81
N MET G 159 15.33 10.96 15.74
CA MET G 159 14.72 12.01 16.53
C MET G 159 14.62 11.62 18.00
N GLY G 160 14.56 10.32 18.28
CA GLY G 160 14.50 9.84 19.64
C GLY G 160 15.80 10.14 20.34
N LEU G 161 16.90 10.05 19.60
CA LEU G 161 18.22 10.36 20.12
C LEU G 161 18.29 11.83 20.50
N ALA G 162 17.81 12.68 19.61
CA ALA G 162 17.84 14.13 19.85
C ALA G 162 16.98 14.49 21.05
N LYS G 163 15.80 13.88 21.15
CA LYS G 163 14.90 14.16 22.26
C LYS G 163 15.48 13.69 23.58
N ALA G 164 16.31 12.66 23.54
CA ALA G 164 16.97 12.18 24.75
C ALA G 164 17.99 13.21 25.22
N ALA G 165 18.67 13.84 24.26
CA ALA G 165 19.61 14.90 24.57
C ALA G 165 18.89 16.11 25.12
N LEU G 166 17.74 16.41 24.51
CA LEU G 166 16.91 17.53 24.91
C LEU G 166 16.47 17.40 26.36
N GLU G 167 15.98 16.22 26.74
CA GLU G 167 15.51 15.99 28.09
C GLU G 167 16.69 16.07 29.07
N ALA G 168 17.89 15.78 28.60
CA ALA G 168 19.07 15.92 29.42
C ALA G 168 19.44 17.39 29.60
N SER G 169 19.27 18.16 28.53
CA SER G 169 19.58 19.60 28.56
C SER G 169 18.62 20.30 29.51
N VAL G 170 17.42 19.76 29.66
CA VAL G 170 16.47 20.28 30.62
C VAL G 170 17.04 20.24 32.02
N ARG G 171 17.63 19.10 32.38
CA ARG G 171 18.15 18.90 33.72
C ARG G 171 19.37 19.77 33.96
N TYR G 172 20.28 19.83 32.99
CA TYR G 172 21.48 20.64 33.14
C TYR G 172 21.17 22.14 33.11
N LEU G 173 20.21 22.53 32.29
CA LEU G 173 19.77 23.92 32.28
C LEU G 173 19.19 24.32 33.62
N ALA G 174 18.43 23.41 34.22
CA ALA G 174 17.74 23.69 35.48
C ALA G 174 18.74 23.99 36.58
N VAL G 175 19.87 23.29 36.57
CA VAL G 175 20.92 23.50 37.55
C VAL G 175 21.62 24.82 37.30
N SER G 176 21.89 25.09 36.02
CA SER G 176 22.61 26.28 35.62
C SER G 176 21.85 27.57 35.92
N LEU G 177 20.57 27.58 35.55
CA LEU G 177 19.73 28.77 35.72
C LEU G 177 18.97 28.77 37.04
N GLY G 178 19.04 27.68 37.78
CA GLY G 178 18.24 27.53 38.98
C GLY G 178 18.62 28.44 40.14
N ALA G 179 19.90 28.71 40.31
CA ALA G 179 20.35 29.54 41.42
C ALA G 179 19.73 30.93 41.29
N LYS G 180 19.53 31.35 40.04
CA LYS G 180 18.93 32.64 39.76
C LYS G 180 17.44 32.61 40.04
N GLY G 181 16.89 31.41 40.22
CA GLY G 181 15.48 31.25 40.51
C GLY G 181 14.67 30.84 39.29
N VAL G 182 15.35 30.58 38.18
CA VAL G 182 14.68 30.25 36.92
C VAL G 182 14.42 28.75 36.83
N ARG G 183 13.25 28.40 36.31
CA ARG G 183 12.83 27.01 36.19
C ARG G 183 12.85 26.54 34.74
N VAL G 184 13.15 25.25 34.56
CA VAL G 184 13.24 24.64 33.24
C VAL G 184 12.56 23.28 33.26
N ASN G 185 11.58 23.09 32.38
CA ASN G 185 10.85 21.82 32.31
C ASN G 185 10.55 21.42 30.89
N ALA G 186 10.08 20.20 30.72
CA ALA G 186 9.62 19.73 29.44
C ALA G 186 8.28 19.04 29.59
N ILE G 187 7.47 19.12 28.54
CA ILE G 187 6.27 18.30 28.43
C ILE G 187 6.53 17.23 27.40
N SER G 188 6.39 15.98 27.81
CA SER G 188 6.40 14.86 26.90
C SER G 188 4.98 14.64 26.40
N ALA G 189 4.68 15.21 25.23
CA ALA G 189 3.33 15.18 24.71
C ALA G 189 3.05 13.88 23.99
N GLY G 190 1.79 13.46 24.02
CA GLY G 190 1.34 12.33 23.23
C GLY G 190 1.19 12.81 21.81
N PRO G 191 0.81 11.90 20.89
CA PRO G 191 0.68 12.25 19.47
C PRO G 191 -0.38 13.31 19.20
N ILE G 192 -0.02 14.35 18.47
CA ILE G 192 -0.96 15.38 18.06
C ILE G 192 -0.86 15.49 16.56
N LYS G 193 -1.98 15.51 15.86
CA LYS G 193 -1.91 15.66 14.42
C LYS G 193 -1.56 17.11 14.10
N THR G 194 -0.29 17.34 13.82
CA THR G 194 0.20 18.68 13.48
C THR G 194 0.99 18.62 12.18
N LEU G 195 1.46 19.78 11.72
CA LEU G 195 2.25 19.85 10.50
C LEU G 195 3.50 18.97 10.60
N ALA G 196 4.19 19.05 11.74
CA ALA G 196 5.37 18.25 11.97
C ALA G 196 5.03 16.76 11.95
N ALA G 197 3.81 16.46 12.38
CA ALA G 197 3.34 15.08 12.49
C ALA G 197 3.38 14.36 11.15
N SER G 198 3.21 15.12 10.06
CA SER G 198 3.16 14.51 8.73
C SER G 198 4.51 13.93 8.31
N GLY G 199 5.56 14.28 9.04
CA GLY G 199 6.89 13.78 8.77
C GLY G 199 7.10 12.42 9.40
N ILE G 200 6.18 12.04 10.28
CA ILE G 200 6.27 10.76 10.96
C ILE G 200 5.47 9.71 10.21
N LYS G 201 6.16 8.74 9.62
CA LYS G 201 5.50 7.68 8.88
C LYS G 201 4.53 6.97 9.83
N SER G 202 3.62 6.16 9.30
CA SER G 202 2.62 5.47 10.10
C SER G 202 2.18 6.21 11.36
N PHE G 203 1.97 7.52 11.25
CA PHE G 203 1.48 8.33 12.37
C PHE G 203 0.08 7.88 12.82
N GLY G 204 -0.75 7.49 11.86
CA GLY G 204 -2.12 7.13 12.15
C GLY G 204 -2.25 5.89 13.03
N LYS G 205 -1.37 4.92 12.84
CA LYS G 205 -1.40 3.74 13.70
C LYS G 205 -1.00 4.07 15.12
N ILE G 206 -0.10 5.05 15.30
CA ILE G 206 0.28 5.44 16.65
C ILE G 206 -0.92 6.07 17.32
N LEU G 207 -1.64 6.90 16.57
CA LEU G 207 -2.84 7.55 17.10
C LEU G 207 -3.86 6.52 17.52
N ASP G 208 -4.11 5.54 16.65
CA ASP G 208 -5.08 4.50 16.94
C ASP G 208 -4.63 3.70 18.16
N PHE G 209 -3.34 3.43 18.21
CA PHE G 209 -2.79 2.60 19.27
C PHE G 209 -2.88 3.31 20.62
N VAL G 210 -2.62 4.61 20.64
CA VAL G 210 -2.70 5.38 21.87
C VAL G 210 -4.14 5.51 22.33
N GLU G 211 -5.05 5.77 21.40
CA GLU G 211 -6.46 5.89 21.75
C GLU G 211 -7.00 4.57 22.30
N SER G 212 -6.46 3.47 21.80
CA SER G 212 -6.94 2.15 22.18
C SER G 212 -6.34 1.65 23.49
N ASN G 213 -5.10 2.03 23.77
CA ASN G 213 -4.34 1.42 24.86
C ASN G 213 -4.02 2.33 26.04
N SER G 214 -4.04 3.64 25.82
CA SER G 214 -3.80 4.58 26.89
C SER G 214 -4.89 4.42 27.95
N PRO G 215 -4.56 4.67 29.23
CA PRO G 215 -5.53 4.53 30.32
C PRO G 215 -6.83 5.30 30.11
N LEU G 216 -6.73 6.53 29.61
CA LEU G 216 -7.91 7.36 29.38
C LEU G 216 -8.62 7.05 28.06
N LYS G 217 -8.07 6.11 27.29
CA LYS G 217 -8.73 5.66 26.07
C LYS G 217 -9.03 6.80 25.12
N ARG G 218 -8.11 7.77 25.07
CA ARG G 218 -8.31 8.93 24.21
C ARG G 218 -6.98 9.61 23.97
N ASN G 219 -6.82 10.22 22.80
CA ASN G 219 -5.63 10.98 22.50
C ASN G 219 -5.74 12.37 23.11
N VAL G 220 -4.61 13.04 23.24
CA VAL G 220 -4.61 14.36 23.85
C VAL G 220 -4.71 15.44 22.78
N THR G 221 -4.96 16.67 23.23
CA THR G 221 -5.14 17.81 22.34
C THR G 221 -4.12 18.88 22.69
N ILE G 222 -3.97 19.88 21.83
CA ILE G 222 -3.04 20.97 22.09
C ILE G 222 -3.57 21.89 23.18
N GLU G 223 -4.88 21.82 23.44
CA GLU G 223 -5.48 22.57 24.53
C GLU G 223 -5.06 21.97 25.87
N GLN G 224 -5.00 20.65 25.91
CA GLN G 224 -4.60 19.95 27.12
C GLN G 224 -3.12 20.17 27.39
N VAL G 225 -2.33 20.05 26.33
CA VAL G 225 -0.91 20.33 26.42
C VAL G 225 -0.73 21.82 26.69
N GLY G 226 -1.64 22.63 26.16
CA GLY G 226 -1.57 24.07 26.36
C GLY G 226 -1.78 24.47 27.81
N ASN G 227 -2.79 23.90 28.45
CA ASN G 227 -3.03 24.17 29.86
C ASN G 227 -1.87 23.68 30.73
N ALA G 228 -1.33 22.52 30.41
CA ALA G 228 -0.20 21.98 31.15
C ALA G 228 0.99 22.92 31.02
N GLY G 229 1.15 23.49 29.83
CA GLY G 229 2.23 24.42 29.56
C GLY G 229 2.06 25.73 30.34
N ALA G 230 0.84 26.24 30.35
CA ALA G 230 0.55 27.48 31.07
C ALA G 230 0.86 27.34 32.56
N PHE G 231 0.49 26.19 33.11
CA PHE G 231 0.77 25.87 34.50
C PHE G 231 2.26 25.92 34.81
N LEU G 232 3.04 25.23 33.99
CA LEU G 232 4.49 25.13 34.20
C LEU G 232 5.18 26.49 34.05
N LEU G 233 4.60 27.36 33.23
CA LEU G 233 5.14 28.70 33.02
C LEU G 233 4.78 29.68 34.14
N SER G 234 3.84 29.29 35.01
CA SER G 234 3.33 30.19 36.04
C SER G 234 3.96 29.94 37.40
N ASP G 235 3.70 30.82 38.35
CA ASP G 235 4.23 30.69 39.69
C ASP G 235 3.49 29.60 40.46
N LEU G 236 2.43 29.05 39.87
CA LEU G 236 1.74 27.92 40.50
C LEU G 236 2.69 26.73 40.57
N ALA G 237 3.64 26.69 39.64
CA ALA G 237 4.59 25.59 39.54
C ALA G 237 5.99 26.00 39.97
N SER G 238 6.10 26.90 40.94
CA SER G 238 7.39 27.42 41.36
C SER G 238 8.24 26.39 42.10
N GLY G 239 7.62 25.27 42.49
CA GLY G 239 8.33 24.19 43.13
C GLY G 239 8.76 23.11 42.15
N VAL G 240 8.52 23.34 40.86
CA VAL G 240 8.74 22.33 39.83
C VAL G 240 9.78 22.75 38.81
N THR G 241 10.89 22.02 38.74
CA THR G 241 11.92 22.27 37.74
C THR G 241 12.64 20.96 37.38
N ALA G 242 13.30 20.97 36.23
CA ALA G 242 14.03 19.80 35.73
C ALA G 242 13.10 18.60 35.53
N GLU G 243 11.83 18.89 35.28
CA GLU G 243 10.82 17.86 35.17
C GLU G 243 10.42 17.60 33.72
N VAL G 244 10.24 16.33 33.40
CA VAL G 244 9.60 15.92 32.15
C VAL G 244 8.22 15.37 32.46
N MET G 245 7.21 16.19 32.20
CA MET G 245 5.84 15.87 32.53
C MET G 245 5.10 15.23 31.35
N HIS G 246 4.56 14.03 31.56
CA HIS G 246 3.82 13.35 30.50
C HIS G 246 2.39 13.86 30.43
N VAL G 247 2.05 14.43 29.29
CA VAL G 247 0.67 14.78 28.98
C VAL G 247 0.27 13.96 27.75
N ASP G 248 -0.02 12.69 27.99
CA ASP G 248 -0.29 11.75 26.90
C ASP G 248 -1.39 10.76 27.29
N SER G 249 -2.35 11.23 28.07
CA SER G 249 -3.45 10.40 28.54
C SER G 249 -2.96 9.16 29.29
N GLY G 250 -1.72 9.20 29.76
CA GLY G 250 -1.17 8.13 30.58
C GLY G 250 -0.51 7.01 29.80
N PHE G 251 -0.37 7.18 28.49
CA PHE G 251 0.10 6.10 27.62
C PHE G 251 1.47 5.58 28.02
N ASN G 252 2.37 6.49 28.39
CA ASN G 252 3.74 6.13 28.73
C ASN G 252 3.82 5.09 29.85
N ALA G 253 2.77 4.99 30.66
CA ALA G 253 2.81 4.23 31.89
C ALA G 253 2.28 2.80 31.74
N VAL G 254 1.93 2.40 30.53
CA VAL G 254 1.38 1.07 30.30
C VAL G 254 2.16 0.30 29.25
N VAL G 255 1.92 -1.00 29.21
CA VAL G 255 2.29 -1.82 28.08
C VAL G 255 0.99 -2.22 27.41
N GLY G 256 0.61 -1.49 26.37
CA GLY G 256 -0.66 -1.75 25.72
C GLY G 256 -0.50 -2.78 24.64
N GLY G 257 -1.62 -3.34 24.18
CA GLY G 257 -1.60 -4.26 23.06
C GLY G 257 -1.88 -5.69 23.46
N MET G 258 -1.75 -5.99 24.75
CA MET G 258 -1.87 -7.36 25.23
C MET G 258 -3.24 -7.61 25.86
N GLY H 2 -11.95 30.54 39.92
CA GLY H 2 -10.70 29.82 39.83
C GLY H 2 -10.80 28.65 38.86
N PHE H 3 -9.74 27.85 38.75
CA PHE H 3 -9.74 26.76 37.78
C PHE H 3 -10.24 25.44 38.40
N LEU H 4 -10.86 25.53 39.57
CA LEU H 4 -11.54 24.37 40.15
C LEU H 4 -12.99 24.69 40.55
N ASP H 5 -13.56 25.75 39.97
CA ASP H 5 -14.93 26.13 40.29
C ASP H 5 -15.92 24.98 40.13
N GLY H 6 -16.69 24.75 41.18
CA GLY H 6 -17.76 23.77 41.16
C GLY H 6 -17.28 22.34 41.33
N LYS H 7 -15.99 22.17 41.55
CA LYS H 7 -15.43 20.85 41.79
C LYS H 7 -15.54 20.51 43.27
N ARG H 8 -16.02 19.32 43.57
CA ARG H 8 -16.14 18.83 44.95
C ARG H 8 -15.04 17.86 45.28
N ILE H 9 -14.24 18.22 46.27
CA ILE H 9 -13.04 17.46 46.61
C ILE H 9 -13.02 17.00 48.07
N LEU H 10 -12.72 15.72 48.24
CA LEU H 10 -12.56 15.13 49.56
C LEU H 10 -11.08 15.00 49.86
N LEU H 11 -10.63 15.61 50.97
CA LEU H 11 -9.23 15.57 51.36
C LEU H 11 -9.01 14.76 52.62
N THR H 12 -8.03 13.87 52.57
CA THR H 12 -7.61 13.12 53.74
C THR H 12 -6.30 13.68 54.28
N GLY H 13 -5.97 13.33 55.52
CA GLY H 13 -4.66 13.60 56.05
C GLY H 13 -4.38 14.99 56.60
N LEU H 14 -5.43 15.79 56.81
CA LEU H 14 -5.22 17.10 57.42
C LEU H 14 -5.14 16.92 58.93
N LEU H 15 -3.97 17.21 59.48
CA LEU H 15 -3.67 16.95 60.89
C LEU H 15 -3.20 18.21 61.60
N SER H 16 -2.49 19.06 60.87
CA SER H 16 -2.03 20.34 61.39
C SER H 16 -1.93 21.33 60.25
N ASN H 17 -1.60 22.57 60.56
CA ASN H 17 -1.47 23.59 59.54
C ASN H 17 -0.14 23.46 58.80
N ARG H 18 0.62 22.42 59.15
CA ARG H 18 1.88 22.13 58.49
C ARG H 18 1.69 20.98 57.49
N SER H 19 0.58 20.27 57.62
CA SER H 19 0.29 19.12 56.77
C SER H 19 0.23 19.48 55.30
N ILE H 20 0.67 18.56 54.45
CA ILE H 20 0.62 18.75 53.01
C ILE H 20 -0.82 18.97 52.57
N ALA H 21 -1.75 18.23 53.17
CA ALA H 21 -3.17 18.35 52.84
C ALA H 21 -3.73 19.74 53.12
N TYR H 22 -3.13 20.47 54.06
CA TYR H 22 -3.57 21.81 54.38
C TYR H 22 -3.24 22.75 53.23
N GLY H 23 -2.07 22.56 52.64
CA GLY H 23 -1.63 23.37 51.52
C GLY H 23 -2.50 23.11 50.29
N ILE H 24 -2.84 21.84 50.07
CA ILE H 24 -3.69 21.47 48.95
C ILE H 24 -5.08 22.05 49.20
N ALA H 25 -5.57 21.91 50.42
CA ALA H 25 -6.85 22.46 50.81
C ALA H 25 -6.90 23.95 50.55
N LYS H 26 -5.84 24.65 50.97
CA LYS H 26 -5.78 26.09 50.82
C LYS H 26 -5.79 26.48 49.34
N ALA H 27 -5.08 25.73 48.52
CA ALA H 27 -4.99 26.04 47.10
C ALA H 27 -6.29 25.71 46.37
N CYS H 28 -6.90 24.58 46.69
CA CYS H 28 -8.15 24.17 46.07
C CYS H 28 -9.30 25.12 46.39
N LYS H 29 -9.41 25.52 47.65
CA LYS H 29 -10.48 26.41 48.07
C LYS H 29 -10.32 27.73 47.33
N ARG H 30 -9.08 28.20 47.26
CA ARG H 30 -8.79 29.45 46.55
C ARG H 30 -9.28 29.41 45.12
N GLU H 31 -9.15 28.25 44.48
CA GLU H 31 -9.52 28.10 43.08
C GLU H 31 -10.96 27.64 42.92
N GLY H 32 -11.73 27.70 44.00
CA GLY H 32 -13.17 27.60 43.92
C GLY H 32 -13.82 26.26 44.21
N ALA H 33 -13.07 25.33 44.80
CA ALA H 33 -13.62 24.00 45.07
C ALA H 33 -14.46 24.01 46.33
N GLU H 34 -15.35 23.03 46.44
CA GLU H 34 -16.04 22.74 47.68
C GLU H 34 -15.34 21.56 48.32
N LEU H 35 -15.00 21.68 49.59
CA LEU H 35 -14.13 20.72 50.25
C LEU H 35 -14.82 19.92 51.34
N ALA H 36 -14.38 18.67 51.48
CA ALA H 36 -14.77 17.82 52.58
C ALA H 36 -13.52 17.15 53.12
N PHE H 37 -13.52 16.81 54.41
CA PHE H 37 -12.31 16.32 55.07
C PHE H 37 -12.55 15.03 55.84
N THR H 38 -11.47 14.28 56.07
CA THR H 38 -11.51 13.11 56.95
C THR H 38 -10.55 13.26 58.12
N TYR H 39 -10.81 12.46 59.16
CA TYR H 39 -9.97 12.43 60.35
C TYR H 39 -9.91 11.00 60.89
N VAL H 40 -8.96 10.75 61.79
CA VAL H 40 -8.83 9.42 62.39
C VAL H 40 -8.76 9.54 63.90
N GLY H 41 -9.60 8.75 64.56
CA GLY H 41 -9.81 8.84 65.99
C GLY H 41 -10.92 9.83 66.23
N ASP H 42 -11.58 9.73 67.37
CA ASP H 42 -12.65 10.65 67.72
C ASP H 42 -12.06 11.85 68.46
N ARG H 43 -10.81 11.69 68.90
CA ARG H 43 -10.09 12.72 69.63
C ARG H 43 -9.84 13.91 68.72
N PHE H 44 -9.67 13.61 67.44
CA PHE H 44 -9.36 14.58 66.41
C PHE H 44 -10.63 15.17 65.77
N LYS H 45 -11.78 14.73 66.26
CA LYS H 45 -13.08 15.14 65.74
C LYS H 45 -13.31 16.64 65.71
N ASP H 46 -12.95 17.32 66.81
CA ASP H 46 -13.17 18.75 66.94
C ASP H 46 -12.22 19.59 66.08
N ARG H 47 -10.95 19.20 66.08
CA ARG H 47 -9.91 19.97 65.41
C ARG H 47 -10.09 20.02 63.90
N ILE H 48 -10.50 18.91 63.30
CA ILE H 48 -10.67 18.87 61.86
C ILE H 48 -11.89 19.69 61.46
N THR H 49 -12.89 19.70 62.33
CA THR H 49 -14.08 20.52 62.11
C THR H 49 -13.66 21.97 62.14
N GLU H 50 -12.70 22.25 63.01
CA GLU H 50 -12.15 23.59 63.17
C GLU H 50 -11.34 23.96 61.92
N PHE H 51 -10.60 23.01 61.36
CA PHE H 51 -9.88 23.23 60.10
C PHE H 51 -10.83 23.32 58.91
N ALA H 52 -11.83 22.44 58.90
CA ALA H 52 -12.80 22.39 57.81
C ALA H 52 -13.55 23.71 57.71
N ALA H 53 -13.78 24.33 58.86
CA ALA H 53 -14.51 25.59 58.92
C ALA H 53 -13.69 26.72 58.31
N GLU H 54 -12.38 26.64 58.50
CA GLU H 54 -11.46 27.62 57.92
C GLU H 54 -11.58 27.62 56.40
N PHE H 55 -12.00 26.49 55.83
CA PHE H 55 -12.16 26.37 54.38
C PHE H 55 -13.63 26.32 54.00
N GLY H 56 -14.49 26.84 54.87
CA GLY H 56 -15.90 27.01 54.57
C GLY H 56 -16.66 25.71 54.40
N SER H 57 -16.34 24.71 55.22
CA SER H 57 -16.95 23.40 55.11
C SER H 57 -17.44 22.87 56.45
N GLU H 58 -18.55 22.15 56.40
CA GLU H 58 -19.11 21.46 57.57
C GLU H 58 -18.98 19.96 57.41
N LEU H 59 -18.51 19.54 56.24
CA LEU H 59 -18.45 18.13 55.87
C LEU H 59 -17.19 17.48 56.42
N VAL H 60 -17.34 16.76 57.52
CA VAL H 60 -16.24 16.01 58.12
C VAL H 60 -16.69 14.58 58.43
N PHE H 61 -15.84 13.61 58.11
CA PHE H 61 -16.17 12.20 58.28
C PHE H 61 -14.99 11.42 58.82
N PRO H 62 -15.25 10.45 59.71
CA PRO H 62 -14.15 9.62 60.23
C PRO H 62 -13.73 8.54 59.26
N CYS H 63 -12.43 8.31 59.16
CA CYS H 63 -11.94 7.21 58.34
C CYS H 63 -10.53 6.79 58.74
N ASP H 64 -10.46 5.75 59.57
CA ASP H 64 -9.21 5.06 59.83
C ASP H 64 -9.08 4.01 58.74
N VAL H 65 -8.16 4.24 57.80
CA VAL H 65 -8.09 3.39 56.61
C VAL H 65 -7.65 1.96 56.95
N ALA H 66 -7.36 1.71 58.23
CA ALA H 66 -7.05 0.36 58.68
C ALA H 66 -8.32 -0.47 58.77
N ASP H 67 -9.46 0.21 58.93
CA ASP H 67 -10.75 -0.45 59.12
C ASP H 67 -11.59 -0.42 57.85
N ASP H 68 -11.91 -1.61 57.32
CA ASP H 68 -12.75 -1.73 56.14
C ASP H 68 -14.08 -1.02 56.31
N ALA H 69 -14.61 -1.06 57.53
CA ALA H 69 -15.94 -0.53 57.81
C ALA H 69 -16.00 0.99 57.68
N GLN H 70 -14.99 1.68 58.21
CA GLN H 70 -14.99 3.13 58.19
C GLN H 70 -14.83 3.63 56.75
N ILE H 71 -14.12 2.87 55.93
CA ILE H 71 -13.93 3.21 54.53
C ILE H 71 -15.25 3.19 53.74
N ASP H 72 -16.00 2.10 53.84
CA ASP H 72 -17.27 1.99 53.14
C ASP H 72 -18.24 3.04 53.66
N ALA H 73 -18.20 3.26 54.96
CA ALA H 73 -19.11 4.20 55.61
C ALA H 73 -18.77 5.63 55.23
N LEU H 74 -17.51 5.89 54.91
CA LEU H 74 -17.08 7.24 54.56
C LEU H 74 -17.83 7.77 53.36
N PHE H 75 -17.88 6.98 52.29
CA PHE H 75 -18.45 7.45 51.03
C PHE H 75 -19.96 7.27 51.02
N ALA H 76 -20.46 6.46 51.93
CA ALA H 76 -21.90 6.35 52.13
C ALA H 76 -22.38 7.63 52.80
N SER H 77 -21.61 8.11 53.77
CA SER H 77 -21.93 9.33 54.47
C SER H 77 -21.82 10.52 53.53
N LEU H 78 -20.76 10.54 52.72
CA LEU H 78 -20.52 11.64 51.79
C LEU H 78 -21.61 11.69 50.72
N LYS H 79 -22.14 10.53 50.37
CA LYS H 79 -23.16 10.43 49.32
C LYS H 79 -24.46 11.12 49.72
N THR H 80 -24.70 11.24 51.02
CA THR H 80 -25.93 11.86 51.50
C THR H 80 -25.85 13.37 51.32
N HIS H 81 -24.64 13.88 51.13
CA HIS H 81 -24.43 15.31 50.90
C HIS H 81 -24.12 15.59 49.43
N TRP H 82 -23.27 14.77 48.83
CA TRP H 82 -22.83 14.96 47.44
C TRP H 82 -23.31 13.80 46.54
N ASP H 83 -23.99 14.08 45.43
CA ASP H 83 -24.39 12.98 44.55
C ASP H 83 -23.19 12.40 43.81
N SER H 84 -22.15 13.21 43.61
CA SER H 84 -20.95 12.74 42.91
C SER H 84 -19.70 13.40 43.46
N LEU H 85 -18.55 12.81 43.15
CA LEU H 85 -17.25 13.25 43.66
C LEU H 85 -16.26 13.56 42.54
N ASP H 86 -15.70 14.77 42.56
CA ASP H 86 -14.83 15.22 41.48
C ASP H 86 -13.34 15.06 41.81
N GLY H 87 -13.01 14.98 43.10
CA GLY H 87 -11.63 14.87 43.52
C GLY H 87 -11.44 14.14 44.83
N LEU H 88 -10.39 13.34 44.91
CA LEU H 88 -10.02 12.64 46.13
C LEU H 88 -8.53 12.84 46.38
N VAL H 89 -8.19 13.33 47.58
CA VAL H 89 -6.79 13.55 47.93
C VAL H 89 -6.39 12.57 49.02
N HIS H 90 -5.43 11.72 48.68
CA HIS H 90 -4.90 10.72 49.59
C HIS H 90 -3.57 11.19 50.14
N SER H 91 -3.59 11.86 51.29
CA SER H 91 -2.39 12.40 51.90
C SER H 91 -2.08 11.65 53.19
N ILE H 92 -1.96 10.33 53.07
CA ILE H 92 -1.84 9.45 54.22
C ILE H 92 -0.57 8.59 54.17
N GLY H 93 0.08 8.44 55.32
CA GLY H 93 1.24 7.59 55.46
C GLY H 93 1.47 7.21 56.90
N PHE H 94 1.94 5.99 57.14
CA PHE H 94 2.28 5.56 58.49
C PHE H 94 3.23 4.38 58.53
N ALA H 95 4.14 4.39 59.49
CA ALA H 95 4.93 3.21 59.83
C ALA H 95 5.39 3.30 61.26
N PRO H 96 5.48 2.14 61.95
CA PRO H 96 6.12 2.15 63.26
C PRO H 96 7.50 2.78 63.13
N ARG H 97 7.83 3.71 64.02
CA ARG H 97 9.01 4.53 63.86
C ARG H 97 10.31 3.73 63.86
N GLU H 98 10.32 2.58 64.51
CA GLU H 98 11.52 1.76 64.50
C GLU H 98 11.82 1.31 63.08
N ALA H 99 10.77 1.25 62.26
CA ALA H 99 10.91 0.82 60.88
C ALA H 99 11.37 1.94 59.96
N ILE H 100 11.42 3.17 60.48
CA ILE H 100 11.92 4.32 59.71
C ILE H 100 13.01 5.02 60.50
N ALA H 101 13.86 4.22 61.13
CA ALA H 101 14.96 4.74 61.92
C ALA H 101 16.12 3.75 61.89
N GLY H 102 17.32 4.28 61.69
CA GLY H 102 18.52 3.48 61.68
C GLY H 102 18.60 2.61 60.44
N ASP H 103 19.10 1.40 60.60
CA ASP H 103 19.28 0.49 59.48
C ASP H 103 17.96 -0.09 59.02
N PHE H 104 17.88 -0.39 57.72
CA PHE H 104 16.67 -0.93 57.13
C PHE H 104 16.25 -2.26 57.75
N LEU H 105 17.22 -3.14 57.98
CA LEU H 105 16.92 -4.47 58.49
C LEU H 105 16.66 -4.51 59.99
N ASP H 106 17.31 -3.61 60.73
CA ASP H 106 17.17 -3.58 62.18
C ASP H 106 15.72 -3.37 62.57
N GLY H 107 15.03 -2.51 61.82
CA GLY H 107 13.65 -2.18 62.09
C GLY H 107 12.68 -2.97 61.22
N LEU H 108 13.20 -3.96 60.50
CA LEU H 108 12.37 -4.79 59.65
C LEU H 108 11.73 -5.94 60.45
N THR H 109 10.42 -5.93 60.53
CA THR H 109 9.66 -7.04 61.08
C THR H 109 8.47 -7.26 60.16
N ARG H 110 7.95 -8.49 60.14
CA ARG H 110 6.83 -8.79 59.26
C ARG H 110 5.66 -7.86 59.55
N GLU H 111 5.49 -7.50 60.81
CA GLU H 111 4.35 -6.70 61.23
C GLU H 111 4.52 -5.23 60.86
N ASN H 112 5.75 -4.71 60.97
CA ASN H 112 6.03 -3.36 60.53
C ASN H 112 5.81 -3.23 59.03
N PHE H 113 6.22 -4.26 58.29
CA PHE H 113 6.03 -4.29 56.85
C PHE H 113 4.55 -4.26 56.52
N ARG H 114 3.78 -5.11 57.18
CA ARG H 114 2.36 -5.20 56.93
C ARG H 114 1.68 -3.87 57.17
N ILE H 115 1.96 -3.26 58.32
CA ILE H 115 1.28 -2.03 58.72
C ILE H 115 1.63 -0.89 57.79
N ALA H 116 2.92 -0.77 57.47
CA ALA H 116 3.38 0.31 56.62
C ALA H 116 2.72 0.27 55.25
N HIS H 117 2.60 -0.93 54.68
CA HIS H 117 2.01 -1.07 53.35
C HIS H 117 0.49 -0.98 53.41
N ASP H 118 -0.08 -1.47 54.49
CA ASP H 118 -1.53 -1.42 54.67
C ASP H 118 -1.99 0.03 54.68
N ILE H 119 -1.33 0.87 55.47
CA ILE H 119 -1.76 2.25 55.63
C ILE H 119 -1.27 3.16 54.52
N SER H 120 -0.03 3.00 54.10
CA SER H 120 0.59 3.96 53.18
C SER H 120 0.37 3.63 51.71
N ALA H 121 0.06 2.38 51.41
CA ALA H 121 -0.10 1.95 50.02
C ALA H 121 -1.51 1.47 49.71
N TYR H 122 -1.94 0.39 50.36
CA TYR H 122 -3.24 -0.21 50.07
C TYR H 122 -4.40 0.77 50.21
N SER H 123 -4.29 1.68 51.16
CA SER H 123 -5.40 2.56 51.49
C SER H 123 -5.82 3.44 50.32
N PHE H 124 -4.93 3.63 49.35
CA PHE H 124 -5.22 4.52 48.23
C PHE H 124 -6.17 3.87 47.22
N PRO H 125 -5.79 2.72 46.63
CA PRO H 125 -6.76 2.07 45.75
C PRO H 125 -7.99 1.57 46.50
N ALA H 126 -7.84 1.30 47.80
CA ALA H 126 -8.97 0.89 48.62
C ALA H 126 -10.01 2.00 48.65
N LEU H 127 -9.56 3.22 48.89
CA LEU H 127 -10.44 4.38 48.89
C LEU H 127 -11.01 4.62 47.50
N ALA H 128 -10.20 4.35 46.48
CA ALA H 128 -10.65 4.52 45.10
C ALA H 128 -11.79 3.57 44.80
N LYS H 129 -11.65 2.33 45.21
CA LYS H 129 -12.67 1.32 44.96
C LYS H 129 -13.96 1.69 45.66
N ALA H 130 -13.82 2.20 46.87
CA ALA H 130 -14.99 2.55 47.68
C ALA H 130 -15.67 3.81 47.12
N ALA H 131 -14.91 4.60 46.37
CA ALA H 131 -15.42 5.86 45.85
C ALA H 131 -16.00 5.70 44.45
N LEU H 132 -15.63 4.62 43.78
CA LEU H 132 -15.93 4.44 42.36
C LEU H 132 -17.41 4.63 41.97
N PRO H 133 -18.34 4.14 42.81
CA PRO H 133 -19.76 4.31 42.47
C PRO H 133 -20.23 5.76 42.32
N MET H 134 -19.52 6.73 42.87
CA MET H 134 -19.99 8.12 42.82
C MET H 134 -18.96 9.06 42.19
N LEU H 135 -17.91 8.52 41.58
CA LEU H 135 -16.91 9.33 40.91
C LEU H 135 -17.48 9.87 39.60
N SER H 136 -17.24 11.15 39.32
CA SER H 136 -17.69 11.74 38.06
C SER H 136 -16.81 11.28 36.91
N ASP H 137 -17.27 11.52 35.69
CA ASP H 137 -16.55 11.06 34.50
C ASP H 137 -15.22 11.77 34.30
N ASP H 138 -15.03 12.94 34.93
CA ASP H 138 -13.76 13.65 34.81
C ASP H 138 -13.14 13.85 36.19
N ALA H 139 -13.42 12.91 37.09
CA ALA H 139 -12.89 12.97 38.45
C ALA H 139 -11.39 12.78 38.47
N SER H 140 -10.77 13.12 39.59
CA SER H 140 -9.31 13.08 39.71
C SER H 140 -8.85 12.64 41.10
N LEU H 141 -8.09 11.56 41.16
CA LEU H 141 -7.55 11.07 42.43
C LEU H 141 -6.08 11.43 42.52
N LEU H 142 -5.64 11.82 43.71
CA LEU H 142 -4.27 12.31 43.90
C LEU H 142 -3.67 11.77 45.20
N THR H 143 -2.44 11.27 45.11
CA THR H 143 -1.73 10.81 46.29
C THR H 143 -0.35 11.46 46.37
N LEU H 144 0.30 11.31 47.52
CA LEU H 144 1.61 11.90 47.77
C LEU H 144 2.64 10.80 47.96
N SER H 145 3.76 10.91 47.26
CA SER H 145 4.86 9.95 47.39
C SER H 145 6.16 10.68 47.68
N TYR H 146 7.25 9.93 47.78
CA TYR H 146 8.55 10.51 48.05
C TYR H 146 9.65 9.82 47.24
N LEU H 147 10.70 10.57 46.95
CA LEU H 147 11.83 10.09 46.17
C LEU H 147 12.40 8.78 46.71
N GLY H 148 12.12 8.48 47.97
CA GLY H 148 12.62 7.28 48.60
C GLY H 148 12.09 6.01 47.96
N ALA H 149 11.07 6.16 47.12
CA ALA H 149 10.54 5.02 46.37
C ALA H 149 11.44 4.70 45.18
N GLU H 150 11.99 5.74 44.57
CA GLU H 150 12.83 5.59 43.38
C GLU H 150 14.24 5.21 43.76
N ARG H 151 14.77 5.83 44.81
CA ARG H 151 16.16 5.60 45.24
C ARG H 151 16.25 5.43 46.74
N ALA H 152 17.34 4.80 47.19
CA ALA H 152 17.52 4.52 48.61
C ALA H 152 17.93 5.79 49.33
N ILE H 153 17.10 6.19 50.27
CA ILE H 153 17.34 7.36 51.09
C ILE H 153 17.57 6.92 52.54
N PRO H 154 18.56 7.52 53.21
CA PRO H 154 18.83 7.13 54.61
C PRO H 154 17.57 7.25 55.47
N ASN H 155 17.29 6.21 56.25
CA ASN H 155 16.22 6.21 57.26
C ASN H 155 14.81 6.05 56.73
N TYR H 156 14.60 6.28 55.44
CA TYR H 156 13.26 6.15 54.90
C TYR H 156 12.82 4.69 54.94
N ASN H 157 13.77 3.80 54.65
CA ASN H 157 13.64 2.36 54.86
C ASN H 157 12.30 1.72 54.43
N THR H 158 11.57 1.12 55.37
CA THR H 158 10.39 0.33 55.04
C THR H 158 9.36 1.15 54.28
N MET H 159 9.40 2.47 54.49
CA MET H 159 8.45 3.37 53.85
C MET H 159 8.75 3.54 52.36
N GLY H 160 10.01 3.32 51.98
CA GLY H 160 10.40 3.39 50.58
C GLY H 160 9.78 2.27 49.78
N LEU H 161 9.68 1.10 50.39
CA LEU H 161 9.05 -0.05 49.76
C LEU H 161 7.57 0.24 49.53
N ALA H 162 6.91 0.77 50.56
CA ALA H 162 5.50 1.07 50.48
C ALA H 162 5.20 2.13 49.42
N LYS H 163 6.04 3.16 49.35
CA LYS H 163 5.84 4.22 48.37
C LYS H 163 6.03 3.69 46.96
N ALA H 164 6.85 2.66 46.81
CA ALA H 164 7.05 2.03 45.53
C ALA H 164 5.79 1.29 45.12
N ALA H 165 5.13 0.67 46.09
CA ALA H 165 3.87 -0.01 45.86
C ALA H 165 2.80 1.01 45.51
N LEU H 166 2.82 2.13 46.22
CA LEU H 166 1.86 3.22 45.99
C LEU H 166 1.94 3.76 44.57
N GLU H 167 3.16 4.04 44.11
CA GLU H 167 3.35 4.61 42.78
C GLU H 167 2.93 3.62 41.70
N ALA H 168 3.00 2.33 42.01
CA ALA H 168 2.51 1.31 41.10
C ALA H 168 0.99 1.28 41.12
N SER H 169 0.41 1.48 42.30
CA SER H 169 -1.05 1.48 42.44
C SER H 169 -1.62 2.66 41.66
N VAL H 170 -0.84 3.72 41.53
CA VAL H 170 -1.24 4.86 40.71
C VAL H 170 -1.45 4.42 39.28
N ARG H 171 -0.51 3.64 38.77
CA ARG H 171 -0.54 3.21 37.38
C ARG H 171 -1.67 2.20 37.12
N TYR H 172 -1.83 1.24 38.00
CA TYR H 172 -2.87 0.24 37.84
C TYR H 172 -4.25 0.84 38.05
N LEU H 173 -4.34 1.79 38.97
CA LEU H 173 -5.58 2.55 39.15
C LEU H 173 -5.91 3.37 37.92
N ALA H 174 -4.88 3.98 37.33
CA ALA H 174 -5.08 4.86 36.19
C ALA H 174 -5.69 4.08 35.03
N VAL H 175 -5.27 2.84 34.86
CA VAL H 175 -5.81 1.99 33.82
C VAL H 175 -7.22 1.54 34.15
N SER H 176 -7.43 1.13 35.40
CA SER H 176 -8.73 0.63 35.83
C SER H 176 -9.81 1.70 35.80
N LEU H 177 -9.49 2.86 36.36
CA LEU H 177 -10.45 3.97 36.44
C LEU H 177 -10.37 4.88 35.23
N GLY H 178 -9.35 4.68 34.40
CA GLY H 178 -9.10 5.56 33.27
C GLY H 178 -10.19 5.42 32.22
N ALA H 179 -10.71 4.21 32.09
CA ALA H 179 -11.75 3.94 31.11
C ALA H 179 -13.01 4.74 31.43
N LYS H 180 -13.27 4.94 32.72
CA LYS H 180 -14.45 5.67 33.15
C LYS H 180 -14.26 7.18 32.98
N GLY H 181 -13.03 7.58 32.67
CA GLY H 181 -12.70 8.98 32.45
C GLY H 181 -12.00 9.59 33.65
N VAL H 182 -11.72 8.76 34.65
CA VAL H 182 -11.10 9.23 35.88
C VAL H 182 -9.59 9.20 35.79
N ARG H 183 -8.96 10.22 36.37
CA ARG H 183 -7.52 10.35 36.35
C ARG H 183 -6.94 10.06 37.71
N VAL H 184 -5.74 9.48 37.71
CA VAL H 184 -5.04 9.12 38.93
C VAL H 184 -3.58 9.51 38.82
N ASN H 185 -3.12 10.33 39.75
CA ASN H 185 -1.74 10.81 39.74
C ASN H 185 -1.14 10.86 41.13
N ALA H 186 0.16 11.08 41.17
CA ALA H 186 0.86 11.26 42.42
C ALA H 186 1.78 12.46 42.33
N ILE H 187 1.96 13.12 43.47
CA ILE H 187 3.01 14.12 43.60
C ILE H 187 4.12 13.54 44.47
N SER H 188 5.32 13.49 43.91
CA SER H 188 6.50 13.14 44.69
C SER H 188 7.04 14.43 45.29
N ALA H 189 6.65 14.71 46.53
CA ALA H 189 6.99 15.97 47.18
C ALA H 189 8.38 15.92 47.78
N GLY H 190 9.05 17.07 47.80
CA GLY H 190 10.32 17.20 48.49
C GLY H 190 10.08 17.29 49.98
N PRO H 191 11.17 17.32 50.77
CA PRO H 191 11.04 17.32 52.23
C PRO H 191 10.34 18.56 52.78
N ILE H 192 9.32 18.34 53.59
CA ILE H 192 8.63 19.40 54.32
C ILE H 192 8.50 19.01 55.77
N LYS H 193 8.76 19.97 56.64
CA LYS H 193 8.69 19.72 58.06
C LYS H 193 7.23 19.61 58.46
N THR H 194 6.77 18.37 58.61
CA THR H 194 5.40 18.09 59.01
C THR H 194 5.42 17.17 60.22
N LEU H 195 4.26 16.85 60.77
CA LEU H 195 4.19 15.97 61.93
C LEU H 195 4.81 14.61 61.65
N ALA H 196 4.48 14.02 60.51
CA ALA H 196 5.03 12.72 60.14
C ALA H 196 6.53 12.78 59.94
N ALA H 197 7.01 13.92 59.47
CA ALA H 197 8.42 14.11 59.17
C ALA H 197 9.30 13.97 60.42
N SER H 198 8.74 14.31 61.58
CA SER H 198 9.50 14.28 62.82
C SER H 198 9.81 12.84 63.24
N GLY H 199 9.14 11.89 62.59
CA GLY H 199 9.35 10.48 62.87
C GLY H 199 10.52 9.87 62.12
N ILE H 200 11.04 10.61 61.15
CA ILE H 200 12.17 10.12 60.36
C ILE H 200 13.48 10.59 60.94
N LYS H 201 14.26 9.65 61.46
CA LYS H 201 15.53 9.98 62.11
C LYS H 201 16.41 10.77 61.15
N SER H 202 16.91 11.90 61.61
CA SER H 202 17.75 12.78 60.82
C SER H 202 17.02 13.35 59.60
N PHE H 203 15.76 13.75 59.80
CA PHE H 203 15.01 14.45 58.77
C PHE H 203 15.70 15.76 58.42
N GLY H 204 16.32 16.37 59.43
CA GLY H 204 16.95 17.66 59.27
C GLY H 204 18.10 17.68 58.30
N LYS H 205 18.89 16.61 58.23
CA LYS H 205 19.98 16.58 57.26
C LYS H 205 19.45 16.57 55.83
N ILE H 206 18.31 15.94 55.62
CA ILE H 206 17.73 15.90 54.29
C ILE H 206 17.30 17.31 53.86
N LEU H 207 16.70 18.07 54.78
CA LEU H 207 16.28 19.43 54.47
C LEU H 207 17.44 20.30 54.03
N ASP H 208 18.54 20.26 54.79
CA ASP H 208 19.70 21.08 54.48
C ASP H 208 20.33 20.67 53.17
N PHE H 209 20.37 19.36 52.91
CA PHE H 209 21.01 18.84 51.73
C PHE H 209 20.24 19.22 50.46
N VAL H 210 18.91 19.19 50.53
CA VAL H 210 18.10 19.53 49.38
C VAL H 210 18.21 21.02 49.07
N GLU H 211 18.21 21.83 50.12
CA GLU H 211 18.32 23.28 49.96
C GLU H 211 19.64 23.65 49.32
N SER H 212 20.68 22.88 49.60
CA SER H 212 22.00 23.19 49.11
C SER H 212 22.21 22.68 47.70
N ASN H 213 21.55 21.58 47.35
CA ASN H 213 21.88 20.85 46.13
C ASN H 213 20.80 20.88 45.06
N SER H 214 19.56 21.17 45.45
CA SER H 214 18.48 21.26 44.49
C SER H 214 18.79 22.39 43.51
N PRO H 215 18.34 22.24 42.25
CA PRO H 215 18.59 23.27 41.24
C PRO H 215 18.14 24.65 41.66
N LEU H 216 16.97 24.74 42.30
CA LEU H 216 16.43 26.02 42.73
C LEU H 216 17.02 26.48 44.07
N LYS H 217 17.89 25.66 44.66
CA LYS H 217 18.61 26.04 45.87
C LYS H 217 17.69 26.44 47.01
N ARG H 218 16.56 25.75 47.13
CA ARG H 218 15.58 26.08 48.14
C ARG H 218 14.66 24.90 48.35
N ASN H 219 14.13 24.74 49.55
CA ASN H 219 13.15 23.69 49.78
C ASN H 219 11.80 24.14 49.28
N VAL H 220 10.90 23.19 49.14
CA VAL H 220 9.58 23.46 48.63
C VAL H 220 8.70 23.82 49.82
N THR H 221 7.47 24.24 49.53
CA THR H 221 6.50 24.58 50.55
C THR H 221 5.20 23.80 50.30
N ILE H 222 4.30 23.80 51.26
CA ILE H 222 3.02 23.13 51.07
C ILE H 222 2.11 23.92 50.12
N GLU H 223 2.43 25.18 49.90
CA GLU H 223 1.69 25.99 48.94
C GLU H 223 2.05 25.53 47.54
N GLN H 224 3.33 25.21 47.36
CA GLN H 224 3.83 24.77 46.08
C GLN H 224 3.30 23.38 45.73
N VAL H 225 3.31 22.48 46.70
CA VAL H 225 2.72 21.19 46.50
C VAL H 225 1.20 21.34 46.35
N GLY H 226 0.64 22.33 47.05
CA GLY H 226 -0.79 22.58 47.01
C GLY H 226 -1.28 23.09 45.68
N ASN H 227 -0.58 24.05 45.10
CA ASN H 227 -0.93 24.57 43.79
C ASN H 227 -0.79 23.50 42.71
N ALA H 228 0.27 22.71 42.81
CA ALA H 228 0.49 21.60 41.88
C ALA H 228 -0.60 20.56 42.02
N GLY H 229 -1.03 20.32 43.25
CA GLY H 229 -2.08 19.35 43.52
C GLY H 229 -3.40 19.83 42.93
N ALA H 230 -3.68 21.11 43.11
CA ALA H 230 -4.90 21.71 42.58
C ALA H 230 -4.94 21.56 41.07
N PHE H 231 -3.79 21.77 40.44
CA PHE H 231 -3.65 21.63 38.99
C PHE H 231 -4.05 20.23 38.57
N LEU H 232 -3.46 19.24 39.22
CA LEU H 232 -3.69 17.84 38.88
C LEU H 232 -5.14 17.44 39.14
N LEU H 233 -5.77 18.07 40.11
CA LEU H 233 -7.17 17.80 40.43
C LEU H 233 -8.12 18.50 39.44
N SER H 234 -7.59 19.42 38.65
CA SER H 234 -8.41 20.25 37.77
C SER H 234 -8.41 19.78 36.32
N ASP H 235 -9.31 20.38 35.53
CA ASP H 235 -9.44 20.04 34.12
C ASP H 235 -8.28 20.59 33.28
N LEU H 236 -7.43 21.38 33.90
CA LEU H 236 -6.24 21.89 33.23
C LEU H 236 -5.29 20.73 32.93
N ALA H 237 -5.36 19.70 33.76
CA ALA H 237 -4.50 18.54 33.65
C ALA H 237 -5.29 17.32 33.18
N SER H 238 -6.29 17.57 32.34
CA SER H 238 -7.18 16.50 31.90
C SER H 238 -6.45 15.54 30.96
N GLY H 239 -5.28 15.93 30.50
CA GLY H 239 -4.45 15.10 29.65
C GLY H 239 -3.39 14.34 30.44
N VAL H 240 -3.44 14.45 31.76
CA VAL H 240 -2.41 13.89 32.63
C VAL H 240 -2.98 12.82 33.55
N THR H 241 -2.51 11.59 33.39
CA THR H 241 -2.91 10.51 34.28
C THR H 241 -1.76 9.51 34.40
N ALA H 242 -1.79 8.71 35.46
CA ALA H 242 -0.74 7.72 35.73
C ALA H 242 0.63 8.37 35.91
N GLU H 243 0.63 9.64 36.33
CA GLU H 243 1.86 10.41 36.45
C GLU H 243 2.34 10.54 37.89
N VAL H 244 3.65 10.42 38.06
CA VAL H 244 4.30 10.78 39.31
C VAL H 244 5.08 12.08 39.07
N MET H 245 4.51 13.18 39.55
CA MET H 245 5.08 14.49 39.29
C MET H 245 5.96 14.94 40.46
N HIS H 246 7.22 15.26 40.17
CA HIS H 246 8.13 15.72 41.21
C HIS H 246 7.95 17.19 41.51
N VAL H 247 7.59 17.49 42.74
CA VAL H 247 7.57 18.86 43.24
C VAL H 247 8.59 18.96 44.38
N ASP H 248 9.87 19.02 44.01
CA ASP H 248 10.95 18.98 44.98
C ASP H 248 12.10 19.90 44.57
N SER H 249 11.75 21.03 43.98
CA SER H 249 12.72 22.01 43.51
C SER H 249 13.73 21.41 42.54
N GLY H 250 13.40 20.26 41.96
CA GLY H 250 14.24 19.63 40.96
C GLY H 250 15.29 18.69 41.52
N PHE H 251 15.24 18.45 42.83
CA PHE H 251 16.29 17.69 43.51
C PHE H 251 16.46 16.28 42.98
N ASN H 252 15.35 15.63 42.64
CA ASN H 252 15.38 14.26 42.15
C ASN H 252 16.24 14.10 40.90
N ALA H 253 16.45 15.20 40.18
CA ALA H 253 17.06 15.16 38.86
C ALA H 253 18.56 15.43 38.87
N VAL H 254 19.16 15.57 40.06
CA VAL H 254 20.58 15.84 40.16
C VAL H 254 21.29 14.82 41.04
N VAL H 255 22.62 14.80 40.91
CA VAL H 255 23.49 14.16 41.88
C VAL H 255 24.25 15.25 42.62
N GLY H 256 23.73 15.62 43.78
CA GLY H 256 24.28 16.70 44.57
C GLY H 256 25.30 16.23 45.59
N GLY H 257 26.02 17.18 46.20
CA GLY H 257 26.86 16.88 47.33
C GLY H 257 28.35 16.89 47.10
N MET H 258 28.77 16.92 45.84
CA MET H 258 30.17 16.71 45.51
C MET H 258 30.90 18.04 45.29
N GLY I 2 30.67 36.30 -52.41
CA GLY I 2 30.39 35.44 -51.27
C GLY I 2 29.22 34.52 -51.52
N PHE I 3 28.83 33.77 -50.49
CA PHE I 3 27.76 32.79 -50.63
C PHE I 3 26.40 33.37 -50.30
N LEU I 4 26.29 34.69 -50.26
CA LEU I 4 24.99 35.36 -50.15
C LEU I 4 24.78 36.38 -51.26
N ASP I 5 25.55 36.24 -52.34
CA ASP I 5 25.42 37.14 -53.49
C ASP I 5 23.97 37.22 -53.97
N GLY I 6 23.46 38.45 -54.07
CA GLY I 6 22.15 38.69 -54.65
C GLY I 6 20.99 38.40 -53.71
N LYS I 7 21.28 38.03 -52.47
CA LYS I 7 20.24 37.81 -51.48
C LYS I 7 19.89 39.11 -50.77
N ARG I 8 18.60 39.38 -50.65
CA ARG I 8 18.11 40.56 -49.94
C ARG I 8 17.65 40.18 -48.55
N ILE I 9 18.27 40.75 -47.54
CA ILE I 9 18.01 40.36 -46.16
C ILE I 9 17.57 41.54 -45.28
N LEU I 10 16.50 41.31 -44.54
CA LEU I 10 15.98 42.29 -43.58
C LEU I 10 16.42 41.92 -42.16
N LEU I 11 17.08 42.87 -41.51
CA LEU I 11 17.66 42.67 -40.18
C LEU I 11 16.96 43.49 -39.09
N THR I 12 16.55 42.81 -38.02
CA THR I 12 16.02 43.48 -36.84
C THR I 12 17.02 43.44 -35.70
N GLY I 13 16.79 44.29 -34.69
CA GLY I 13 17.52 44.18 -33.43
C GLY I 13 18.91 44.79 -33.42
N LEU I 14 19.25 45.56 -34.43
CA LEU I 14 20.54 46.25 -34.46
C LEU I 14 20.43 47.55 -33.68
N LEU I 15 21.15 47.62 -32.56
CA LEU I 15 21.04 48.73 -31.62
C LEU I 15 22.39 49.38 -31.36
N SER I 16 23.44 48.56 -31.34
CA SER I 16 24.80 49.05 -31.17
C SER I 16 25.75 48.12 -31.92
N ASN I 17 27.03 48.47 -31.96
CA ASN I 17 28.00 47.63 -32.64
C ASN I 17 28.40 46.42 -31.80
N ARG I 18 27.72 46.25 -30.66
CA ARG I 18 27.89 45.09 -29.80
C ARG I 18 26.78 44.07 -30.06
N SER I 19 25.72 44.54 -30.71
CA SER I 19 24.54 43.72 -30.97
C SER I 19 24.83 42.51 -31.83
N ILE I 20 24.13 41.42 -31.56
CA ILE I 20 24.28 40.20 -32.36
C ILE I 20 23.90 40.50 -33.81
N ALA I 21 22.83 41.26 -34.00
CA ALA I 21 22.36 41.60 -35.34
C ALA I 21 23.40 42.40 -36.11
N TYR I 22 24.25 43.12 -35.39
CA TYR I 22 25.32 43.87 -36.03
C TYR I 22 26.36 42.91 -36.55
N GLY I 23 26.64 41.86 -35.79
CA GLY I 23 27.59 40.85 -36.19
C GLY I 23 27.09 40.08 -37.39
N ILE I 24 25.80 39.77 -37.40
CA ILE I 24 25.17 39.07 -38.50
C ILE I 24 25.17 39.95 -39.75
N ALA I 25 24.81 41.21 -39.56
CA ALA I 25 24.78 42.16 -40.66
C ALA I 25 26.13 42.21 -41.37
N LYS I 26 27.19 42.33 -40.59
CA LYS I 26 28.52 42.47 -41.16
C LYS I 26 28.90 41.22 -41.94
N ALA I 27 28.51 40.05 -41.45
CA ALA I 27 28.82 38.80 -42.13
C ALA I 27 28.03 38.67 -43.43
N CYS I 28 26.75 39.05 -43.38
CA CYS I 28 25.89 38.96 -44.55
C CYS I 28 26.35 39.85 -45.69
N LYS I 29 26.73 41.08 -45.35
CA LYS I 29 27.21 42.03 -46.36
C LYS I 29 28.48 41.47 -46.98
N ARG I 30 29.37 40.96 -46.14
CA ARG I 30 30.64 40.41 -46.59
C ARG I 30 30.43 39.33 -47.66
N GLU I 31 29.36 38.56 -47.49
CA GLU I 31 29.09 37.45 -48.39
C GLU I 31 28.17 37.85 -49.54
N GLY I 32 27.96 39.16 -49.70
CA GLY I 32 27.35 39.69 -50.90
C GLY I 32 25.88 40.07 -50.82
N ALA I 33 25.36 40.17 -49.60
CA ALA I 33 23.94 40.49 -49.42
C ALA I 33 23.65 41.98 -49.52
N GLU I 34 22.38 42.29 -49.82
CA GLU I 34 21.84 43.63 -49.69
C GLU I 34 21.03 43.67 -48.41
N LEU I 35 21.22 44.69 -47.59
CA LEU I 35 20.62 44.71 -46.27
C LEU I 35 19.60 45.83 -46.10
N ALA I 36 18.58 45.53 -45.29
CA ALA I 36 17.61 46.53 -44.84
C ALA I 36 17.44 46.31 -43.35
N PHE I 37 17.13 47.38 -42.61
CA PHE I 37 17.15 47.32 -41.16
C PHE I 37 15.87 47.87 -40.53
N THR I 38 15.60 47.44 -39.30
CA THR I 38 14.51 48.00 -38.54
C THR I 38 15.01 48.65 -37.26
N TYR I 39 14.20 49.55 -36.75
CA TYR I 39 14.47 50.24 -35.49
C TYR I 39 13.15 50.46 -34.77
N VAL I 40 13.24 50.82 -33.50
CA VAL I 40 12.06 51.08 -32.67
C VAL I 40 12.16 52.44 -32.02
N GLY I 41 11.13 53.26 -32.17
CA GLY I 41 11.20 54.64 -31.71
C GLY I 41 11.72 55.52 -32.82
N ASP I 42 11.49 56.82 -32.71
CA ASP I 42 11.93 57.75 -33.74
C ASP I 42 13.38 58.12 -33.56
N ARG I 43 13.73 58.60 -32.37
CA ARG I 43 15.10 59.00 -32.06
C ARG I 43 16.20 58.02 -32.48
N PHE I 44 15.89 56.73 -32.57
CA PHE I 44 16.91 55.74 -32.91
C PHE I 44 17.10 55.71 -34.41
N LYS I 45 16.27 56.46 -35.12
CA LYS I 45 16.34 56.53 -36.58
C LYS I 45 17.67 57.00 -37.14
N ASP I 46 18.27 58.00 -36.50
CA ASP I 46 19.51 58.55 -37.01
C ASP I 46 20.59 57.50 -36.87
N ARG I 47 20.62 56.82 -35.72
CA ARG I 47 21.66 55.84 -35.45
C ARG I 47 21.59 54.64 -36.39
N ILE I 48 20.37 54.15 -36.67
CA ILE I 48 20.23 52.98 -37.52
C ILE I 48 20.52 53.37 -38.97
N THR I 49 20.18 54.60 -39.32
CA THR I 49 20.46 55.11 -40.65
C THR I 49 21.97 55.19 -40.86
N GLU I 50 22.69 55.56 -39.81
CA GLU I 50 24.15 55.58 -39.87
C GLU I 50 24.66 54.16 -39.99
N PHE I 51 24.01 53.24 -39.29
CA PHE I 51 24.39 51.82 -39.36
C PHE I 51 24.10 51.25 -40.75
N ALA I 52 22.95 51.62 -41.31
CA ALA I 52 22.57 51.13 -42.63
C ALA I 52 23.58 51.61 -43.67
N ALA I 53 24.10 52.81 -43.45
CA ALA I 53 25.06 53.40 -44.38
C ALA I 53 26.40 52.66 -44.32
N GLU I 54 26.77 52.20 -43.13
CA GLU I 54 27.99 51.42 -42.96
C GLU I 54 27.91 50.14 -43.78
N PHE I 55 26.69 49.67 -44.05
CA PHE I 55 26.47 48.47 -44.84
C PHE I 55 25.86 48.78 -46.21
N GLY I 56 26.05 50.02 -46.66
CA GLY I 56 25.65 50.40 -48.00
C GLY I 56 24.15 50.34 -48.25
N SER I 57 23.37 50.74 -47.25
CA SER I 57 21.92 50.68 -47.36
C SER I 57 21.24 51.97 -46.92
N GLU I 58 20.14 52.29 -47.59
CA GLU I 58 19.30 53.43 -47.24
C GLU I 58 17.99 52.95 -46.64
N LEU I 59 17.81 51.63 -46.65
CA LEU I 59 16.56 51.02 -46.26
C LEU I 59 16.46 50.80 -44.76
N VAL I 60 15.80 51.72 -44.06
CA VAL I 60 15.55 51.57 -42.63
C VAL I 60 14.08 51.88 -42.36
N PHE I 61 13.46 51.06 -41.51
CA PHE I 61 12.02 51.14 -41.28
C PHE I 61 11.71 51.02 -39.81
N PRO I 62 10.72 51.79 -39.32
CA PRO I 62 10.36 51.63 -37.90
C PRO I 62 9.49 50.41 -37.67
N CYS I 63 9.73 49.67 -36.60
CA CYS I 63 8.89 48.55 -36.23
C CYS I 63 9.03 48.17 -34.77
N ASP I 64 8.09 48.66 -33.96
CA ASP I 64 7.92 48.17 -32.60
C ASP I 64 6.99 46.97 -32.65
N VAL I 65 7.54 45.78 -32.43
CA VAL I 65 6.78 44.55 -32.64
C VAL I 65 5.62 44.40 -31.66
N ALA I 66 5.46 45.36 -30.76
CA ALA I 66 4.32 45.35 -29.85
C ALA I 66 3.06 45.81 -30.59
N ASP I 67 3.25 46.57 -31.67
CA ASP I 67 2.15 47.14 -32.43
C ASP I 67 1.88 46.39 -33.74
N ASP I 68 0.67 45.84 -33.84
CA ASP I 68 0.24 45.16 -35.06
C ASP I 68 0.40 46.06 -36.28
N ALA I 69 0.16 47.35 -36.08
CA ALA I 69 0.16 48.30 -37.18
C ALA I 69 1.56 48.50 -37.78
N GLN I 70 2.56 48.63 -36.93
CA GLN I 70 3.92 48.88 -37.41
C GLN I 70 4.50 47.66 -38.11
N ILE I 71 4.10 46.47 -37.68
CA ILE I 71 4.52 45.24 -38.34
C ILE I 71 4.01 45.19 -39.77
N ASP I 72 2.72 45.46 -39.93
CA ASP I 72 2.10 45.43 -41.25
C ASP I 72 2.72 46.48 -42.16
N ALA I 73 2.98 47.66 -41.59
CA ALA I 73 3.52 48.77 -42.34
C ALA I 73 4.97 48.53 -42.74
N LEU I 74 5.67 47.72 -41.96
CA LEU I 74 7.07 47.42 -42.24
C LEU I 74 7.24 46.83 -43.62
N PHE I 75 6.45 45.81 -43.91
CA PHE I 75 6.61 45.06 -45.15
C PHE I 75 5.86 45.72 -46.29
N ALA I 76 4.97 46.63 -45.96
CA ALA I 76 4.33 47.46 -46.97
C ALA I 76 5.36 48.46 -47.50
N SER I 77 6.13 49.03 -46.59
CA SER I 77 7.17 49.98 -46.98
C SER I 77 8.29 49.27 -47.73
N LEU I 78 8.70 48.10 -47.22
CA LEU I 78 9.76 47.34 -47.86
C LEU I 78 9.31 46.88 -49.24
N LYS I 79 8.01 46.64 -49.38
CA LYS I 79 7.43 46.15 -50.62
C LYS I 79 7.61 47.13 -51.77
N THR I 80 7.71 48.41 -51.46
CA THR I 80 7.87 49.44 -52.49
C THR I 80 9.32 49.48 -52.99
N HIS I 81 10.24 48.91 -52.22
CA HIS I 81 11.66 48.87 -52.56
C HIS I 81 12.11 47.50 -53.08
N TRP I 82 11.68 46.43 -52.41
CA TRP I 82 12.09 45.07 -52.79
C TRP I 82 10.87 44.27 -53.27
N ASP I 83 10.96 43.71 -54.49
CA ASP I 83 9.87 42.89 -55.02
C ASP I 83 9.80 41.53 -54.31
N SER I 84 10.88 41.13 -53.65
CA SER I 84 10.89 39.88 -52.89
C SER I 84 11.81 39.99 -51.67
N LEU I 85 11.63 39.09 -50.70
CA LEU I 85 12.45 39.06 -49.49
C LEU I 85 13.08 37.68 -49.35
N ASP I 86 14.41 37.64 -49.29
CA ASP I 86 15.14 36.38 -49.29
C ASP I 86 15.57 35.96 -47.88
N GLY I 87 15.66 36.92 -46.98
CA GLY I 87 16.09 36.64 -45.62
C GLY I 87 15.49 37.60 -44.61
N LEU I 88 15.11 37.05 -43.47
CA LEU I 88 14.61 37.83 -42.33
C LEU I 88 15.29 37.36 -41.06
N VAL I 89 15.90 38.30 -40.34
CA VAL I 89 16.61 37.97 -39.11
C VAL I 89 15.89 38.56 -37.91
N HIS I 90 15.46 37.68 -37.02
CA HIS I 90 14.76 38.07 -35.81
C HIS I 90 15.70 38.05 -34.62
N SER I 91 16.29 39.20 -34.33
CA SER I 91 17.22 39.36 -33.22
C SER I 91 16.63 40.27 -32.15
N ILE I 92 15.42 39.94 -31.71
CA ILE I 92 14.66 40.79 -30.80
C ILE I 92 14.29 40.06 -29.51
N GLY I 93 14.42 40.76 -28.39
CA GLY I 93 14.06 40.21 -27.10
C GLY I 93 13.83 41.30 -26.07
N PHE I 94 12.88 41.07 -25.17
CA PHE I 94 12.62 42.00 -24.07
C PHE I 94 11.89 41.37 -22.90
N ALA I 95 12.26 41.80 -21.70
CA ALA I 95 11.48 41.49 -20.51
C ALA I 95 11.74 42.55 -19.44
N PRO I 96 10.71 42.87 -18.63
CA PRO I 96 10.84 43.75 -17.47
C PRO I 96 12.00 43.35 -16.57
N ARG I 97 12.67 44.35 -16.01
CA ARG I 97 13.94 44.16 -15.34
C ARG I 97 13.86 43.12 -14.23
N GLU I 98 12.72 43.11 -13.53
CA GLU I 98 12.49 42.17 -12.43
C GLU I 98 12.26 40.72 -12.86
N ALA I 99 11.80 40.52 -14.09
CA ALA I 99 11.47 39.18 -14.56
C ALA I 99 12.72 38.43 -14.97
N ILE I 100 13.85 39.13 -15.02
CA ILE I 100 15.13 38.52 -15.34
C ILE I 100 16.15 38.88 -14.27
N ALA I 101 15.68 38.88 -13.02
CA ALA I 101 16.52 39.17 -11.87
C ALA I 101 16.00 38.44 -10.64
N GLY I 102 16.91 37.83 -9.89
CA GLY I 102 16.56 37.18 -8.65
C GLY I 102 15.78 35.88 -8.83
N ASP I 103 14.82 35.68 -7.95
CA ASP I 103 14.01 34.47 -7.95
C ASP I 103 13.01 34.48 -9.10
N PHE I 104 12.69 33.30 -9.63
CA PHE I 104 11.76 33.18 -10.74
C PHE I 104 10.39 33.72 -10.36
N LEU I 105 9.94 33.37 -9.16
CA LEU I 105 8.59 33.73 -8.73
C LEU I 105 8.49 35.18 -8.25
N ASP I 106 9.57 35.71 -7.69
CA ASP I 106 9.55 37.09 -7.17
C ASP I 106 9.19 38.08 -8.27
N GLY I 107 9.71 37.87 -9.48
CA GLY I 107 9.47 38.79 -10.58
C GLY I 107 8.37 38.34 -11.52
N LEU I 108 7.64 37.28 -11.14
CA LEU I 108 6.57 36.77 -11.98
C LEU I 108 5.27 37.52 -11.74
N THR I 109 4.78 38.17 -12.78
CA THR I 109 3.45 38.76 -12.78
C THR I 109 2.84 38.42 -14.13
N ARG I 110 1.51 38.41 -14.20
CA ARG I 110 0.84 38.08 -15.45
C ARG I 110 1.29 39.03 -16.56
N GLU I 111 1.55 40.28 -16.19
CA GLU I 111 1.89 41.30 -17.18
C GLU I 111 3.33 41.14 -17.64
N ASN I 112 4.22 40.79 -16.72
CA ASN I 112 5.60 40.49 -17.08
C ASN I 112 5.68 39.27 -17.99
N PHE I 113 4.87 38.25 -17.68
CA PHE I 113 4.81 37.07 -18.52
C PHE I 113 4.33 37.45 -19.90
N ARG I 114 3.23 38.23 -19.94
CA ARG I 114 2.62 38.63 -21.19
C ARG I 114 3.59 39.38 -22.09
N ILE I 115 4.26 40.37 -21.51
CA ILE I 115 5.15 41.24 -22.28
C ILE I 115 6.34 40.45 -22.81
N ALA I 116 6.93 39.63 -21.94
CA ALA I 116 8.11 38.87 -22.31
C ALA I 116 7.83 37.95 -23.50
N HIS I 117 6.67 37.30 -23.49
CA HIS I 117 6.30 36.38 -24.56
C HIS I 117 5.84 37.14 -25.80
N ASP I 118 5.19 38.28 -25.59
CA ASP I 118 4.72 39.09 -26.69
C ASP I 118 5.88 39.56 -27.56
N ILE I 119 6.91 40.12 -26.92
CA ILE I 119 8.01 40.73 -27.65
C ILE I 119 9.04 39.70 -28.12
N SER I 120 9.36 38.74 -27.26
CA SER I 120 10.47 37.82 -27.51
C SER I 120 10.08 36.54 -28.25
N ALA I 121 8.80 36.18 -28.20
CA ALA I 121 8.33 34.94 -28.83
C ALA I 121 7.35 35.21 -29.96
N TYR I 122 6.20 35.79 -29.66
CA TYR I 122 5.15 36.01 -30.67
C TYR I 122 5.64 36.80 -31.87
N SER I 123 6.54 37.75 -31.65
CA SER I 123 6.95 38.67 -32.69
C SER I 123 7.62 37.97 -33.88
N PHE I 124 8.13 36.76 -33.66
CA PHE I 124 8.84 36.06 -34.71
C PHE I 124 7.88 35.48 -35.75
N PRO I 125 6.95 34.61 -35.33
CA PRO I 125 6.00 34.13 -36.34
C PRO I 125 5.09 35.24 -36.86
N ALA I 126 4.90 36.28 -36.06
CA ALA I 126 4.11 37.43 -36.49
C ALA I 126 4.76 38.12 -37.68
N LEU I 127 6.06 38.36 -37.60
CA LEU I 127 6.78 38.96 -38.71
C LEU I 127 6.81 38.02 -39.91
N ALA I 128 6.86 36.73 -39.65
CA ALA I 128 6.86 35.75 -40.73
C ALA I 128 5.56 35.85 -41.50
N LYS I 129 4.45 35.95 -40.78
CA LYS I 129 3.14 36.00 -41.40
C LYS I 129 3.01 37.26 -42.23
N ALA I 130 3.54 38.36 -41.72
CA ALA I 130 3.44 39.65 -42.41
C ALA I 130 4.37 39.71 -43.63
N ALA I 131 5.38 38.85 -43.66
CA ALA I 131 6.36 38.85 -44.74
C ALA I 131 5.96 37.84 -45.81
N LEU I 132 5.10 36.91 -45.44
CA LEU I 132 4.75 35.78 -46.27
C LEU I 132 4.32 36.17 -47.68
N PRO I 133 3.55 37.27 -47.82
CA PRO I 133 3.15 37.68 -49.16
C PRO I 133 4.33 38.01 -50.09
N MET I 134 5.50 38.31 -49.53
CA MET I 134 6.65 38.70 -50.34
C MET I 134 7.90 37.85 -50.08
N LEU I 135 7.75 36.74 -49.36
CA LEU I 135 8.88 35.85 -49.13
C LEU I 135 9.21 35.13 -50.43
N SER I 136 10.50 35.03 -50.75
CA SER I 136 10.89 34.31 -51.95
C SER I 136 10.72 32.81 -51.75
N ASP I 137 10.76 32.06 -52.83
CA ASP I 137 10.48 30.63 -52.80
C ASP I 137 11.54 29.84 -52.04
N ASP I 138 12.75 30.37 -51.90
CA ASP I 138 13.80 29.71 -51.14
C ASP I 138 14.30 30.62 -50.02
N ALA I 139 13.39 31.41 -49.46
CA ALA I 139 13.72 32.33 -48.38
C ALA I 139 14.12 31.58 -47.10
N SER I 140 14.70 32.32 -46.16
CA SER I 140 15.22 31.73 -44.93
C SER I 140 15.00 32.64 -43.73
N LEU I 141 14.31 32.13 -42.72
CA LEU I 141 14.08 32.89 -41.49
C LEU I 141 14.98 32.41 -40.37
N LEU I 142 15.49 33.36 -39.59
CA LEU I 142 16.47 33.09 -38.55
C LEU I 142 16.15 33.86 -37.28
N THR I 143 16.16 33.17 -36.15
CA THR I 143 15.95 33.80 -34.85
C THR I 143 17.07 33.44 -33.87
N LEU I 144 17.11 34.14 -32.74
CA LEU I 144 18.13 33.94 -31.72
C LEU I 144 17.50 33.44 -30.41
N SER I 145 18.09 32.38 -29.85
CA SER I 145 17.64 31.86 -28.56
C SER I 145 18.81 31.71 -27.62
N TYR I 146 18.54 31.17 -26.43
CA TYR I 146 19.58 30.95 -25.43
C TYR I 146 19.35 29.61 -24.75
N LEU I 147 20.43 29.01 -24.27
CA LEU I 147 20.38 27.71 -23.60
C LEU I 147 19.36 27.68 -22.46
N GLY I 148 18.99 28.87 -21.97
CA GLY I 148 18.05 28.98 -20.87
C GLY I 148 16.67 28.43 -21.21
N ALA I 149 16.44 28.17 -22.50
CA ALA I 149 15.17 27.58 -22.93
C ALA I 149 15.15 26.08 -22.64
N GLU I 150 16.29 25.43 -22.80
CA GLU I 150 16.38 23.98 -22.60
C GLU I 150 16.49 23.61 -21.14
N ARG I 151 17.28 24.39 -20.40
CA ARG I 151 17.54 24.14 -18.99
C ARG I 151 17.45 25.41 -18.18
N ALA I 152 17.22 25.27 -16.88
CA ALA I 152 17.06 26.41 -16.00
C ALA I 152 18.40 27.05 -15.69
N ILE I 153 18.54 28.31 -16.08
CA ILE I 153 19.74 29.10 -15.84
C ILE I 153 19.39 30.24 -14.88
N PRO I 154 20.27 30.50 -13.89
CA PRO I 154 20.00 31.56 -12.90
C PRO I 154 19.70 32.92 -13.53
N ASN I 155 18.64 33.56 -13.03
CA ASN I 155 18.26 34.94 -13.37
C ASN I 155 17.60 35.09 -14.72
N TYR I 156 17.74 34.09 -15.58
CA TYR I 156 17.13 34.15 -16.91
C TYR I 156 15.62 34.06 -16.77
N ASN I 157 15.18 33.22 -15.85
CA ASN I 157 13.81 33.16 -15.38
C ASN I 157 12.72 33.23 -16.47
N THR I 158 11.85 34.24 -16.40
CA THR I 158 10.68 34.30 -17.25
C THR I 158 11.09 34.30 -18.72
N MET I 159 12.30 34.74 -18.98
CA MET I 159 12.81 34.82 -20.34
C MET I 159 13.05 33.44 -20.92
N GLY I 160 13.31 32.47 -20.04
CA GLY I 160 13.50 31.10 -20.45
C GLY I 160 12.21 30.49 -20.96
N LEU I 161 11.11 30.84 -20.32
CA LEU I 161 9.80 30.36 -20.73
C LEU I 161 9.47 30.88 -22.12
N ALA I 162 9.70 32.16 -22.32
CA ALA I 162 9.41 32.81 -23.60
C ALA I 162 10.26 32.21 -24.72
N LYS I 163 11.53 31.96 -24.42
CA LYS I 163 12.44 31.38 -25.41
C LYS I 163 12.07 29.95 -25.78
N ALA I 164 11.45 29.23 -24.86
CA ALA I 164 11.00 27.88 -25.14
C ALA I 164 9.88 27.93 -26.16
N ALA I 165 9.02 28.94 -26.03
CA ALA I 165 7.95 29.16 -26.97
C ALA I 165 8.55 29.56 -28.31
N LEU I 166 9.59 30.39 -28.26
CA LEU I 166 10.27 30.84 -29.46
C LEU I 166 10.85 29.67 -30.25
N GLU I 167 11.57 28.77 -29.58
CA GLU I 167 12.18 27.63 -30.26
C GLU I 167 11.13 26.68 -30.80
N ALA I 168 9.97 26.64 -30.17
CA ALA I 168 8.87 25.82 -30.66
C ALA I 168 8.24 26.44 -31.90
N SER I 169 8.15 27.76 -31.92
CA SER I 169 7.59 28.47 -33.05
C SER I 169 8.45 28.26 -34.29
N VAL I 170 9.74 28.05 -34.07
CA VAL I 170 10.65 27.72 -35.15
C VAL I 170 10.21 26.46 -35.87
N ARG I 171 9.83 25.45 -35.10
CA ARG I 171 9.43 24.17 -35.68
C ARG I 171 8.11 24.27 -36.41
N TYR I 172 7.13 24.93 -35.79
CA TYR I 172 5.82 25.06 -36.38
C TYR I 172 5.87 25.97 -37.61
N LEU I 173 6.71 26.99 -37.53
CA LEU I 173 6.94 27.85 -38.68
C LEU I 173 7.54 27.05 -39.82
N ALA I 174 8.46 26.16 -39.49
CA ALA I 174 9.17 25.38 -40.49
C ALA I 174 8.19 24.53 -41.28
N VAL I 175 7.19 24.01 -40.60
CA VAL I 175 6.18 23.18 -41.25
C VAL I 175 5.27 24.05 -42.10
N SER I 176 4.86 25.19 -41.55
CA SER I 176 3.93 26.07 -42.24
C SER I 176 4.53 26.70 -43.50
N LEU I 177 5.74 27.23 -43.37
CA LEU I 177 6.40 27.90 -44.49
C LEU I 177 7.22 26.91 -45.32
N GLY I 178 7.34 25.69 -44.82
CA GLY I 178 8.18 24.70 -45.47
C GLY I 178 7.59 24.27 -46.80
N ALA I 179 6.27 24.22 -46.87
CA ALA I 179 5.59 23.80 -48.09
C ALA I 179 5.91 24.74 -49.25
N LYS I 180 6.07 26.01 -48.91
CA LYS I 180 6.42 27.06 -49.87
C LYS I 180 7.89 27.12 -50.21
N GLY I 181 8.70 26.35 -49.49
CA GLY I 181 10.12 26.24 -49.76
C GLY I 181 10.99 27.05 -48.81
N VAL I 182 10.36 27.66 -47.81
CA VAL I 182 11.06 28.52 -46.88
C VAL I 182 11.61 27.73 -45.69
N ARG I 183 12.80 28.11 -45.25
CA ARG I 183 13.46 27.45 -44.15
C ARG I 183 13.43 28.36 -42.92
N VAL I 184 13.33 27.75 -41.75
CA VAL I 184 13.24 28.49 -40.50
C VAL I 184 14.13 27.84 -39.45
N ASN I 185 15.05 28.61 -38.90
CA ASN I 185 16.00 28.09 -37.93
C ASN I 185 16.24 29.07 -36.82
N ALA I 186 16.91 28.60 -35.78
CA ALA I 186 17.34 29.47 -34.69
C ALA I 186 18.78 29.17 -34.35
N ILE I 187 19.48 30.19 -33.89
CA ILE I 187 20.78 30.01 -33.26
C ILE I 187 20.65 30.21 -31.77
N SER I 188 21.04 29.20 -31.00
CA SER I 188 21.16 29.35 -29.56
C SER I 188 22.58 29.83 -29.27
N ALA I 189 22.74 31.13 -29.15
CA ALA I 189 24.07 31.73 -28.98
C ALA I 189 24.50 31.71 -27.53
N GLY I 190 25.81 31.65 -27.31
CA GLY I 190 26.37 31.75 -25.98
C GLY I 190 26.38 33.17 -25.48
N PRO I 191 26.85 33.39 -24.24
CA PRO I 191 26.81 34.72 -23.63
C PRO I 191 27.70 35.71 -24.38
N ILE I 192 27.12 36.85 -24.74
CA ILE I 192 27.85 37.94 -25.36
C ILE I 192 27.54 39.25 -24.66
N LYS I 193 28.56 40.06 -24.41
CA LYS I 193 28.33 41.33 -23.76
C LYS I 193 27.63 42.29 -24.73
N THR I 194 26.32 42.40 -24.57
CA THR I 194 25.52 43.29 -25.39
C THR I 194 24.67 44.17 -24.48
N LEU I 195 23.96 45.14 -25.07
CA LEU I 195 23.10 46.01 -24.29
C LEU I 195 22.05 45.23 -23.52
N ALA I 196 21.43 44.26 -24.18
CA ALA I 196 20.41 43.44 -23.56
C ALA I 196 21.01 42.62 -22.42
N ALA I 197 22.26 42.23 -22.59
CA ALA I 197 22.94 41.38 -21.61
C ALA I 197 23.05 42.04 -20.23
N SER I 198 23.12 43.36 -20.20
CA SER I 198 23.29 44.09 -18.94
C SER I 198 22.04 44.02 -18.08
N GLY I 199 20.95 43.52 -18.67
CA GLY I 199 19.70 43.38 -17.94
C GLY I 199 19.69 42.11 -17.11
N ILE I 200 20.68 41.25 -17.35
CA ILE I 200 20.80 39.99 -16.63
C ILE I 200 21.73 40.20 -15.43
N LYS I 201 21.18 40.04 -14.23
CA LYS I 201 21.86 40.34 -12.98
C LYS I 201 23.26 39.74 -12.79
N SER I 202 23.45 38.50 -13.24
CA SER I 202 24.72 37.82 -13.05
C SER I 202 25.35 37.40 -14.37
N PHE I 203 25.28 38.28 -15.36
CA PHE I 203 25.84 37.98 -16.67
C PHE I 203 27.35 37.73 -16.64
N GLY I 204 28.07 38.50 -15.81
CA GLY I 204 29.51 38.40 -15.76
C GLY I 204 29.96 37.04 -15.26
N LYS I 205 29.20 36.50 -14.32
CA LYS I 205 29.49 35.19 -13.73
C LYS I 205 29.30 34.09 -14.75
N ILE I 206 28.31 34.26 -15.62
CA ILE I 206 28.04 33.29 -16.68
C ILE I 206 29.15 33.29 -17.71
N LEU I 207 29.62 34.47 -18.07
CA LEU I 207 30.70 34.59 -19.03
C LEU I 207 31.95 33.85 -18.56
N ASP I 208 32.31 34.07 -17.30
CA ASP I 208 33.49 33.44 -16.75
C ASP I 208 33.32 31.93 -16.68
N PHE I 209 32.11 31.49 -16.34
CA PHE I 209 31.84 30.06 -16.20
C PHE I 209 31.92 29.37 -17.56
N VAL I 210 31.39 30.02 -18.59
CA VAL I 210 31.41 29.47 -19.94
C VAL I 210 32.84 29.44 -20.47
N GLU I 211 33.58 30.52 -20.22
CA GLU I 211 34.96 30.60 -20.66
C GLU I 211 35.78 29.51 -19.99
N SER I 212 35.41 29.16 -18.75
CA SER I 212 36.14 28.17 -17.97
C SER I 212 35.74 26.73 -18.28
N ASN I 213 34.48 26.51 -18.64
CA ASN I 213 33.93 25.16 -18.70
C ASN I 213 33.56 24.64 -20.08
N SER I 214 33.39 25.55 -21.05
CA SER I 214 33.10 25.14 -22.41
C SER I 214 34.25 24.32 -22.98
N PRO I 215 33.96 23.35 -23.87
CA PRO I 215 35.03 22.54 -24.45
C PRO I 215 36.13 23.36 -25.10
N LEU I 216 35.79 24.43 -25.79
CA LEU I 216 36.79 25.27 -26.45
C LEU I 216 37.42 26.27 -25.48
N LYS I 217 36.96 26.27 -24.23
CA LYS I 217 37.58 27.09 -23.19
C LYS I 217 37.62 28.57 -23.57
N ARG I 218 36.57 29.03 -24.24
CA ARG I 218 36.49 30.41 -24.67
C ARG I 218 35.04 30.78 -24.97
N ASN I 219 34.69 32.05 -24.77
CA ASN I 219 33.36 32.52 -25.13
C ASN I 219 33.30 32.82 -26.61
N VAL I 220 32.08 32.94 -27.13
CA VAL I 220 31.89 33.21 -28.54
C VAL I 220 31.76 34.70 -28.79
N THR I 221 31.85 35.08 -30.05
CA THR I 221 31.80 36.48 -30.43
C THR I 221 30.65 36.67 -31.41
N ILE I 222 30.28 37.92 -31.66
CA ILE I 222 29.19 38.19 -32.59
C ILE I 222 29.63 37.92 -34.02
N GLU I 223 30.95 37.87 -34.25
CA GLU I 223 31.47 37.51 -35.55
C GLU I 223 31.21 36.04 -35.81
N GLN I 224 31.37 35.24 -34.77
CA GLN I 224 31.17 33.80 -34.87
C GLN I 224 29.69 33.46 -35.02
N VAL I 225 28.85 34.11 -34.23
CA VAL I 225 27.41 33.94 -34.36
C VAL I 225 26.96 34.49 -35.71
N GLY I 226 27.63 35.53 -36.17
CA GLY I 226 27.31 36.17 -37.44
C GLY I 226 27.56 35.25 -38.63
N ASN I 227 28.72 34.58 -38.63
CA ASN I 227 29.04 33.64 -39.69
C ASN I 227 28.07 32.48 -39.71
N ALA I 228 27.70 31.99 -38.54
CA ALA I 228 26.75 30.89 -38.43
C ALA I 228 25.39 31.31 -38.99
N GLY I 229 25.01 32.55 -38.73
CA GLY I 229 23.75 33.08 -39.21
C GLY I 229 23.75 33.22 -40.72
N ALA I 230 24.85 33.76 -41.25
CA ALA I 230 24.99 33.95 -42.69
C ALA I 230 24.88 32.62 -43.41
N PHE I 231 25.48 31.58 -42.81
CA PHE I 231 25.37 30.23 -43.34
C PHE I 231 23.92 29.79 -43.44
N LEU I 232 23.19 29.91 -42.34
CA LEU I 232 21.81 29.45 -42.28
C LEU I 232 20.89 30.24 -43.23
N LEU I 233 21.25 31.50 -43.46
CA LEU I 233 20.46 32.34 -44.34
C LEU I 233 20.74 32.04 -45.81
N SER I 234 21.81 31.28 -46.08
CA SER I 234 22.26 31.05 -47.45
C SER I 234 21.82 29.70 -47.99
N ASP I 235 22.04 29.49 -49.28
CA ASP I 235 21.63 28.25 -49.94
C ASP I 235 22.54 27.08 -49.56
N LEU I 236 23.61 27.38 -48.84
CA LEU I 236 24.48 26.33 -48.32
C LEU I 236 23.74 25.48 -47.30
N ALA I 237 22.72 26.06 -46.67
CA ALA I 237 21.95 25.38 -45.64
C ALA I 237 20.54 25.02 -46.13
N SER I 238 20.41 24.71 -47.42
CA SER I 238 19.09 24.43 -47.98
C SER I 238 18.54 23.10 -47.49
N GLY I 239 19.39 22.29 -46.85
CA GLY I 239 18.97 21.03 -46.28
C GLY I 239 18.64 21.16 -44.79
N VAL I 240 18.71 22.39 -44.28
CA VAL I 240 18.55 22.65 -42.86
C VAL I 240 17.35 23.54 -42.55
N THR I 241 16.38 22.99 -41.82
CA THR I 241 15.23 23.78 -41.37
C THR I 241 14.72 23.21 -40.04
N ALA I 242 13.98 24.02 -39.28
CA ALA I 242 13.44 23.61 -37.97
C ALA I 242 14.56 23.26 -36.99
N GLU I 243 15.72 23.84 -37.20
CA GLU I 243 16.91 23.54 -36.40
C GLU I 243 17.23 24.65 -35.40
N VAL I 244 17.60 24.26 -34.18
CA VAL I 244 18.20 25.17 -33.22
C VAL I 244 19.68 24.83 -33.06
N MET I 245 20.53 25.64 -33.67
CA MET I 245 21.95 25.38 -33.71
C MET I 245 22.69 26.13 -32.61
N HIS I 246 23.44 25.41 -31.79
CA HIS I 246 24.22 26.00 -30.71
C HIS I 246 25.55 26.58 -31.21
N VAL I 247 25.72 27.88 -31.01
CA VAL I 247 27.00 28.54 -31.26
C VAL I 247 27.50 29.10 -29.93
N ASP I 248 28.01 28.22 -29.07
CA ASP I 248 28.39 28.58 -27.72
C ASP I 248 29.66 27.86 -27.27
N SER I 249 30.59 27.68 -28.19
CA SER I 249 31.84 26.98 -27.91
C SER I 249 31.60 25.58 -27.33
N GLY I 250 30.40 25.04 -27.55
CA GLY I 250 30.10 23.68 -27.15
C GLY I 250 29.57 23.57 -25.73
N PHE I 251 29.31 24.71 -25.10
CA PHE I 251 28.98 24.72 -23.68
C PHE I 251 27.72 23.92 -23.34
N ASN I 252 26.72 23.97 -24.23
CA ASN I 252 25.47 23.28 -23.99
C ASN I 252 25.63 21.79 -23.75
N ALA I 253 26.72 21.23 -24.26
CA ALA I 253 26.89 19.79 -24.35
C ALA I 253 27.68 19.18 -23.20
N VAL I 254 28.03 19.98 -22.21
CA VAL I 254 28.81 19.49 -21.07
C VAL I 254 28.10 19.75 -19.74
N VAL I 255 28.57 19.07 -18.72
CA VAL I 255 28.24 19.40 -17.34
C VAL I 255 29.50 19.98 -16.73
N GLY I 256 29.60 21.30 -16.69
CA GLY I 256 30.79 21.96 -16.21
C GLY I 256 30.77 22.26 -14.73
N GLY I 257 31.93 22.59 -14.19
CA GLY I 257 32.05 23.03 -12.80
C GLY I 257 32.70 22.00 -11.89
N MET I 258 32.76 20.76 -12.36
CA MET I 258 33.26 19.65 -11.57
C MET I 258 34.70 19.29 -11.95
N GLY J 2 37.52 30.28 -51.73
CA GLY J 2 36.44 29.81 -50.87
C GLY J 2 36.80 29.92 -49.40
N PHE J 3 35.91 29.44 -48.53
CA PHE J 3 36.10 29.58 -47.10
C PHE J 3 36.84 28.39 -46.47
N LEU J 4 37.51 27.60 -47.32
CA LEU J 4 38.39 26.54 -46.84
C LEU J 4 39.78 26.65 -47.45
N ASP J 5 40.12 27.83 -47.96
CA ASP J 5 41.43 28.07 -48.55
C ASP J 5 42.57 27.65 -47.63
N GLY J 6 43.46 26.81 -48.15
CA GLY J 6 44.66 26.44 -47.42
C GLY J 6 44.43 25.41 -46.34
N LYS J 7 43.20 24.92 -46.23
CA LYS J 7 42.88 23.87 -45.27
C LYS J 7 43.17 22.50 -45.85
N ARG J 8 43.85 21.66 -45.08
CA ARG J 8 44.14 20.29 -45.49
C ARG J 8 43.19 19.35 -44.79
N ILE J 9 42.39 18.64 -45.57
CA ILE J 9 41.35 17.78 -45.02
C ILE J 9 41.52 16.35 -45.50
N LEU J 10 41.46 15.42 -44.54
CA LEU J 10 41.54 14.00 -44.82
C LEU J 10 40.13 13.42 -44.79
N LEU J 11 39.73 12.78 -45.88
CA LEU J 11 38.39 12.21 -46.03
C LEU J 11 38.36 10.70 -46.08
N THR J 12 37.53 10.11 -45.23
CA THR J 12 37.26 8.67 -45.28
C THR J 12 35.86 8.43 -45.84
N GLY J 13 35.61 7.19 -46.26
CA GLY J 13 34.28 6.76 -46.62
C GLY J 13 33.85 7.07 -48.05
N LEU J 14 34.79 7.46 -48.90
CA LEU J 14 34.48 7.67 -50.32
C LEU J 14 34.55 6.33 -51.03
N LEU J 15 33.40 5.87 -51.52
CA LEU J 15 33.29 4.53 -52.10
C LEU J 15 32.72 4.60 -53.52
N SER J 16 31.79 5.53 -53.72
CA SER J 16 31.21 5.77 -55.04
C SER J 16 30.83 7.24 -55.13
N ASN J 17 30.37 7.69 -56.31
CA ASN J 17 30.03 9.11 -56.47
C ASN J 17 28.67 9.43 -55.87
N ARG J 18 28.05 8.46 -55.21
CA ARG J 18 26.81 8.68 -54.48
C ARG J 18 27.09 8.82 -52.99
N SER J 19 28.30 8.43 -52.58
CA SER J 19 28.68 8.46 -51.17
C SER J 19 28.62 9.87 -50.58
N ILE J 20 28.24 9.94 -49.32
CA ILE J 20 28.20 11.21 -48.61
C ILE J 20 29.59 11.85 -48.59
N ALA J 21 30.61 11.04 -48.39
CA ALA J 21 31.97 11.54 -48.34
C ALA J 21 32.37 12.21 -49.65
N TYR J 22 31.75 11.77 -50.75
CA TYR J 22 32.03 12.36 -52.06
C TYR J 22 31.43 13.76 -52.13
N GLY J 23 30.25 13.92 -51.55
CA GLY J 23 29.58 15.21 -51.54
C GLY J 23 30.35 16.23 -50.73
N ILE J 24 30.89 15.80 -49.60
CA ILE J 24 31.70 16.66 -48.75
C ILE J 24 33.00 17.02 -49.47
N ALA J 25 33.63 16.01 -50.07
CA ALA J 25 34.86 16.22 -50.83
C ALA J 25 34.67 17.27 -51.91
N LYS J 26 33.57 17.16 -52.65
CA LYS J 26 33.29 18.06 -53.75
C LYS J 26 33.08 19.49 -53.24
N ALA J 27 32.42 19.63 -52.10
CA ALA J 27 32.16 20.94 -51.52
C ALA J 27 33.44 21.56 -50.96
N CYS J 28 34.24 20.74 -50.30
CA CYS J 28 35.50 21.21 -49.71
C CYS J 28 36.49 21.68 -50.76
N LYS J 29 36.63 20.92 -51.85
CA LYS J 29 37.55 21.28 -52.91
CA LYS J 29 37.55 21.28 -52.91
C LYS J 29 37.12 22.60 -53.54
N ARG J 30 35.82 22.76 -53.73
CA ARG J 30 35.25 23.98 -54.28
C ARG J 30 35.63 25.20 -53.45
N GLU J 31 35.71 25.03 -52.13
CA GLU J 31 35.97 26.14 -51.24
C GLU J 31 37.46 26.31 -50.93
N GLY J 32 38.32 25.61 -51.68
CA GLY J 32 39.74 25.89 -51.67
C GLY J 32 40.60 24.96 -50.84
N ALA J 33 40.04 23.83 -50.41
CA ALA J 33 40.77 22.90 -49.57
C ALA J 33 41.69 21.99 -50.38
N GLU J 34 42.70 21.43 -49.70
CA GLU J 34 43.51 20.36 -50.24
C GLU J 34 43.04 19.05 -49.63
N LEU J 35 42.84 18.03 -50.45
CA LEU J 35 42.19 16.81 -50.01
C LEU J 35 43.10 15.59 -50.01
N ALA J 36 42.84 14.71 -49.05
CA ALA J 36 43.44 13.39 -49.01
C ALA J 36 42.33 12.40 -48.67
N PHE J 37 42.45 11.17 -49.14
CA PHE J 37 41.40 10.18 -49.04
C PHE J 37 41.93 8.88 -48.48
N THR J 38 41.05 8.07 -47.91
CA THR J 38 41.43 6.71 -47.51
C THR J 38 40.56 5.69 -48.22
N TYR J 39 41.06 4.46 -48.25
CA TYR J 39 40.32 3.34 -48.82
C TYR J 39 40.55 2.10 -47.99
N VAL J 40 39.70 1.11 -48.19
CA VAL J 40 39.77 -0.16 -47.48
C VAL J 40 39.69 -1.30 -48.47
N GLY J 41 40.61 -2.24 -48.32
CA GLY J 41 40.82 -3.30 -49.28
C GLY J 41 41.87 -2.80 -50.24
N ASP J 42 42.57 -3.72 -50.91
CA ASP J 42 43.61 -3.32 -51.85
C ASP J 42 43.00 -3.11 -53.22
N ARG J 43 42.08 -3.99 -53.62
CA ARG J 43 41.39 -3.82 -54.91
C ARG J 43 40.85 -2.41 -55.14
N PHE J 44 40.50 -1.71 -54.06
CA PHE J 44 39.94 -0.37 -54.18
C PHE J 44 40.99 0.70 -54.32
N LYS J 45 42.26 0.31 -54.25
CA LYS J 45 43.33 1.28 -54.36
C LYS J 45 43.20 2.05 -55.66
N ASP J 46 42.89 1.31 -56.71
CA ASP J 46 42.78 1.90 -58.03
C ASP J 46 41.56 2.81 -58.08
N ARG J 47 40.43 2.35 -57.55
CA ARG J 47 39.18 3.08 -57.70
C ARG J 47 39.26 4.44 -56.97
N ILE J 48 39.83 4.45 -55.76
CA ILE J 48 39.91 5.68 -54.96
C ILE J 48 40.94 6.66 -55.50
N THR J 49 42.02 6.14 -56.05
CA THR J 49 43.07 6.97 -56.63
C THR J 49 42.47 7.75 -57.79
N GLU J 50 41.52 7.11 -58.48
CA GLU J 50 40.79 7.76 -59.56
C GLU J 50 39.95 8.89 -58.99
N PHE J 51 39.36 8.67 -57.83
CA PHE J 51 38.55 9.68 -57.17
C PHE J 51 39.41 10.84 -56.69
N ALA J 52 40.58 10.52 -56.13
CA ALA J 52 41.47 11.56 -55.61
C ALA J 52 41.94 12.48 -56.74
N ALA J 53 42.11 11.90 -57.93
CA ALA J 53 42.57 12.67 -59.08
C ALA J 53 41.51 13.66 -59.54
N GLU J 54 40.25 13.25 -59.42
CA GLU J 54 39.13 14.11 -59.76
C GLU J 54 39.15 15.38 -58.90
N PHE J 55 39.73 15.27 -57.70
CA PHE J 55 39.82 16.40 -56.79
C PHE J 55 41.25 16.92 -56.69
N GLY J 56 42.07 16.62 -57.70
CA GLY J 56 43.40 17.17 -57.81
C GLY J 56 44.35 16.71 -56.70
N SER J 57 44.23 15.44 -56.32
CA SER J 57 45.05 14.89 -55.23
C SER J 57 45.66 13.55 -55.58
N GLU J 58 46.87 13.32 -55.06
CA GLU J 58 47.55 12.04 -55.20
C GLU J 58 47.61 11.31 -53.87
N LEU J 59 47.12 11.97 -52.83
CA LEU J 59 47.22 11.46 -51.46
C LEU J 59 46.09 10.51 -51.11
N VAL J 60 46.38 9.22 -51.20
CA VAL J 60 45.46 8.16 -50.81
C VAL J 60 46.16 7.10 -49.96
N PHE J 61 45.49 6.68 -48.90
CA PHE J 61 46.08 5.77 -47.91
C PHE J 61 45.11 4.69 -47.46
N PRO J 62 45.61 3.46 -47.22
CA PRO J 62 44.72 2.41 -46.76
C PRO J 62 44.39 2.51 -45.27
N CYS J 63 43.14 2.25 -44.91
CA CYS J 63 42.76 2.23 -43.50
C CYS J 63 41.47 1.47 -43.26
N ASP J 64 41.62 0.21 -42.88
CA ASP J 64 40.51 -0.58 -42.36
C ASP J 64 40.48 -0.34 -40.86
N VAL J 65 39.48 0.41 -40.40
CA VAL J 65 39.47 0.87 -39.01
C VAL J 65 39.29 -0.27 -38.01
N ALA J 66 39.16 -1.49 -38.52
CA ALA J 66 39.12 -2.66 -37.65
C ALA J 66 40.52 -3.00 -37.17
N ASP J 67 41.53 -2.56 -37.92
CA ASP J 67 42.93 -2.89 -37.64
C ASP J 67 43.69 -1.74 -36.99
N ASP J 68 44.17 -1.97 -35.78
CA ASP J 68 44.96 -0.99 -35.05
C ASP J 68 46.18 -0.54 -35.84
N ALA J 69 46.79 -1.46 -36.57
CA ALA J 69 48.04 -1.19 -37.27
C ALA J 69 47.84 -0.18 -38.39
N GLN J 70 46.77 -0.34 -39.14
CA GLN J 70 46.50 0.53 -40.29
C GLN J 70 46.14 1.95 -39.87
N ILE J 71 45.47 2.09 -38.73
CA ILE J 71 45.09 3.41 -38.23
C ILE J 71 46.35 4.22 -37.95
N ASP J 72 47.29 3.62 -37.24
CA ASP J 72 48.56 4.28 -36.94
C ASP J 72 49.38 4.54 -38.20
N ALA J 73 49.38 3.58 -39.12
CA ALA J 73 50.18 3.69 -40.32
C ALA J 73 49.65 4.78 -41.24
N LEU J 74 48.35 5.03 -41.15
CA LEU J 74 47.69 6.04 -41.96
C LEU J 74 48.31 7.41 -41.74
N PHE J 75 48.46 7.77 -40.46
CA PHE J 75 48.93 9.11 -40.11
C PHE J 75 50.44 9.16 -40.09
N ALA J 76 51.06 7.98 -40.08
CA ALA J 76 52.50 7.90 -40.25
C ALA J 76 52.83 8.21 -41.70
N SER J 77 52.03 7.65 -42.61
CA SER J 77 52.20 7.88 -44.03
C SER J 77 51.84 9.32 -44.37
N LEU J 78 50.75 9.80 -43.80
CA LEU J 78 50.27 11.15 -44.07
C LEU J 78 51.25 12.19 -43.56
N LYS J 79 51.96 11.85 -42.48
CA LYS J 79 52.88 12.79 -41.84
C LYS J 79 54.03 13.12 -42.79
N THR J 80 54.30 12.22 -43.73
CA THR J 80 55.40 12.42 -44.68
C THR J 80 55.05 13.43 -45.77
N HIS J 81 53.75 13.66 -45.98
CA HIS J 81 53.28 14.62 -46.99
C HIS J 81 52.81 15.92 -46.38
N TRP J 82 52.03 15.81 -45.31
CA TRP J 82 51.42 16.97 -44.68
C TRP J 82 52.02 17.29 -43.33
N ASP J 83 52.37 18.55 -43.21
CA ASP J 83 52.98 19.13 -42.04
C ASP J 83 52.00 19.13 -40.87
N SER J 84 50.73 19.28 -41.18
CA SER J 84 49.66 19.30 -40.19
C SER J 84 48.36 18.84 -40.82
N LEU J 85 47.36 18.54 -40.01
CA LEU J 85 46.04 18.13 -40.51
C LEU J 85 44.97 19.07 -39.96
N ASP J 86 44.24 19.72 -40.86
CA ASP J 86 43.26 20.74 -40.48
C ASP J 86 41.84 20.19 -40.41
N GLY J 87 41.59 19.07 -41.08
CA GLY J 87 40.26 18.49 -41.11
C GLY J 87 40.28 16.99 -41.27
N LEU J 88 39.37 16.34 -40.55
CA LEU J 88 39.18 14.89 -40.66
C LEU J 88 37.69 14.60 -40.77
N VAL J 89 37.32 13.86 -41.80
CA VAL J 89 35.94 13.48 -42.02
C VAL J 89 35.76 11.99 -41.82
N HIS J 90 34.95 11.64 -40.82
CA HIS J 90 34.65 10.26 -40.50
C HIS J 90 33.29 9.89 -41.07
N SER J 91 33.30 9.34 -42.28
CA SER J 91 32.06 8.97 -42.96
C SER J 91 31.98 7.45 -43.09
N ILE J 92 32.11 6.77 -41.96
CA ILE J 92 32.22 5.31 -41.92
C ILE J 92 31.12 4.64 -41.11
N GLY J 93 30.63 3.53 -41.64
CA GLY J 93 29.63 2.74 -40.94
C GLY J 93 29.61 1.32 -41.46
N PHE J 94 29.33 0.38 -40.56
CA PHE J 94 29.15 -1.01 -40.93
C PHE J 94 28.37 -1.75 -39.87
N ALA J 95 27.53 -2.67 -40.32
CA ALA J 95 26.94 -3.65 -39.44
C ALA J 95 26.58 -4.87 -40.26
N PRO J 96 26.72 -6.07 -39.67
CA PRO J 96 26.22 -7.24 -40.40
C PRO J 96 24.76 -7.03 -40.76
N ARG J 97 24.39 -7.37 -41.99
CA ARG J 97 23.08 -6.98 -42.49
C ARG J 97 21.91 -7.59 -41.71
N GLU J 98 22.11 -8.73 -41.06
CA GLU J 98 21.01 -9.29 -40.27
C GLU J 98 20.70 -8.38 -39.09
N ALA J 99 21.69 -7.60 -38.67
CA ALA J 99 21.52 -6.71 -37.52
C ALA J 99 20.86 -5.38 -37.89
N ILE J 100 20.66 -5.16 -39.19
CA ILE J 100 19.95 -3.96 -39.65
C ILE J 100 18.81 -4.42 -40.55
N ALA J 101 18.16 -5.49 -40.12
CA ALA J 101 17.04 -6.07 -40.86
C ALA J 101 16.08 -6.76 -39.91
N GLY J 102 14.78 -6.51 -40.11
CA GLY J 102 13.76 -7.19 -39.33
C GLY J 102 13.72 -6.74 -37.89
N ASP J 103 13.48 -7.70 -37.00
CA ASP J 103 13.37 -7.40 -35.58
C ASP J 103 14.75 -7.12 -34.99
N PHE J 104 14.76 -6.23 -33.99
CA PHE J 104 16.00 -5.85 -33.33
C PHE J 104 16.62 -7.05 -32.64
N LEU J 105 15.79 -7.83 -31.97
CA LEU J 105 16.28 -8.96 -31.17
C LEU J 105 16.63 -10.16 -32.04
N ASP J 106 15.91 -10.34 -33.13
CA ASP J 106 16.17 -11.47 -34.01
C ASP J 106 17.60 -11.42 -34.53
N GLY J 107 18.06 -10.21 -34.87
CA GLY J 107 19.38 -10.04 -35.43
C GLY J 107 20.43 -9.59 -34.43
N LEU J 108 20.08 -9.59 -33.15
CA LEU J 108 21.02 -9.20 -32.11
C LEU J 108 21.88 -10.38 -31.67
N THR J 109 23.18 -10.26 -31.88
CA THR J 109 24.13 -11.21 -31.32
C THR J 109 25.32 -10.42 -30.81
N ARG J 110 26.05 -11.01 -29.86
CA ARG J 110 27.19 -10.33 -29.27
C ARG J 110 28.20 -9.90 -30.32
N GLU J 111 28.37 -10.70 -31.36
CA GLU J 111 29.37 -10.42 -32.37
C GLU J 111 28.88 -9.32 -33.31
N ASN J 112 27.59 -9.33 -33.62
CA ASN J 112 26.98 -8.27 -34.43
C ASN J 112 27.08 -6.93 -33.71
N PHE J 113 26.84 -6.96 -32.41
CA PHE J 113 26.94 -5.77 -31.60
C PHE J 113 28.36 -5.24 -31.61
N ARG J 114 29.30 -6.14 -31.38
CA ARG J 114 30.70 -5.78 -31.29
C ARG J 114 31.18 -5.12 -32.57
N ILE J 115 30.88 -5.75 -33.71
CA ILE J 115 31.37 -5.27 -34.99
C ILE J 115 30.73 -3.93 -35.33
N ALA J 116 29.43 -3.83 -35.10
CA ALA J 116 28.69 -2.62 -35.43
C ALA J 116 29.27 -1.43 -34.66
N HIS J 117 29.60 -1.64 -33.39
CA HIS J 117 30.14 -0.57 -32.57
C HIS J 117 31.63 -0.34 -32.84
N ASP J 118 32.35 -1.40 -33.13
CA ASP J 118 33.77 -1.29 -33.42
C ASP J 118 33.99 -0.40 -34.62
N ILE J 119 33.27 -0.69 -35.69
CA ILE J 119 33.48 0.01 -36.96
C ILE J 119 32.74 1.35 -37.02
N SER J 120 31.52 1.38 -36.48
CA SER J 120 30.65 2.54 -36.67
C SER J 120 30.81 3.62 -35.60
N ALA J 121 31.33 3.22 -34.43
CA ALA J 121 31.43 4.14 -33.29
C ALA J 121 32.88 4.38 -32.85
N TYR J 122 33.55 3.32 -32.42
CA TYR J 122 34.90 3.43 -31.88
C TYR J 122 35.89 4.08 -32.84
N SER J 123 35.69 3.84 -34.14
CA SER J 123 36.65 4.29 -35.14
C SER J 123 36.82 5.80 -35.20
N PHE J 124 35.85 6.56 -34.70
CA PHE J 124 35.92 8.01 -34.79
C PHE J 124 36.92 8.57 -33.77
N PRO J 125 36.71 8.30 -32.47
CA PRO J 125 37.72 8.78 -31.52
C PRO J 125 39.08 8.10 -31.67
N ALA J 126 39.09 6.90 -32.23
CA ALA J 126 40.34 6.20 -32.49
C ALA J 126 41.16 6.99 -33.50
N LEU J 127 40.52 7.42 -34.59
CA LEU J 127 41.18 8.23 -35.59
C LEU J 127 41.57 9.59 -35.05
N ALA J 128 40.76 10.11 -34.14
CA ALA J 128 41.05 11.40 -33.52
C ALA J 128 42.35 11.29 -32.73
N LYS J 129 42.44 10.22 -31.94
CA LYS J 129 43.62 9.99 -31.11
C LYS J 129 44.86 9.73 -31.95
N ALA J 130 44.72 8.98 -33.03
CA ALA J 130 45.86 8.63 -33.87
C ALA J 130 46.33 9.83 -34.68
N ALA J 131 45.45 10.80 -34.86
CA ALA J 131 45.74 11.98 -35.65
C ALA J 131 46.24 13.12 -34.81
N LEU J 132 46.00 13.02 -33.50
CA LEU J 132 46.23 14.11 -32.60
C LEU J 132 47.68 14.61 -32.82
N PRO J 133 48.68 13.72 -33.02
CA PRO J 133 50.02 14.34 -33.09
C PRO J 133 50.29 15.38 -34.16
N MET J 134 49.43 15.40 -35.15
CA MET J 134 49.58 16.29 -36.27
C MET J 134 48.33 17.15 -36.48
N LEU J 135 47.41 17.16 -35.53
CA LEU J 135 46.24 18.05 -35.65
C LEU J 135 46.68 19.49 -35.44
N SER J 136 46.19 20.39 -36.29
CA SER J 136 46.48 21.81 -36.15
C SER J 136 45.74 22.44 -34.98
N ASP J 137 46.08 23.68 -34.69
CA ASP J 137 45.58 24.38 -33.51
C ASP J 137 44.08 24.56 -33.58
N ASP J 138 43.55 24.62 -34.80
CA ASP J 138 42.12 24.82 -35.03
C ASP J 138 41.54 23.77 -35.95
N ALA J 139 42.00 22.54 -35.86
CA ALA J 139 41.47 21.49 -36.70
C ALA J 139 40.01 21.26 -36.38
N SER J 140 39.33 20.53 -37.25
CA SER J 140 37.90 20.30 -37.12
C SER J 140 37.59 18.87 -37.55
N LEU J 141 36.99 18.11 -36.63
CA LEU J 141 36.63 16.73 -36.91
C LEU J 141 35.13 16.64 -37.16
N LEU J 142 34.74 15.80 -38.12
CA LEU J 142 33.35 15.67 -38.53
C LEU J 142 32.97 14.21 -38.72
N THR J 143 31.83 13.82 -38.15
CA THR J 143 31.30 12.48 -38.32
C THR J 143 29.85 12.54 -38.79
N LEU J 144 29.33 11.40 -39.25
CA LEU J 144 27.96 11.32 -39.74
C LEU J 144 27.12 10.39 -38.88
N SER J 145 25.95 10.85 -38.48
CA SER J 145 25.02 10.03 -37.72
C SER J 145 23.66 10.04 -38.38
N TYR J 146 22.69 9.38 -37.76
CA TYR J 146 21.34 9.31 -38.28
C TYR J 146 20.35 9.42 -37.13
N LEU J 147 19.16 9.93 -37.45
CA LEU J 147 18.11 10.15 -36.46
C LEU J 147 17.82 8.88 -35.65
N GLY J 148 18.23 7.73 -36.17
CA GLY J 148 18.00 6.47 -35.49
C GLY J 148 18.69 6.35 -34.15
N ALA J 149 19.61 7.27 -33.86
CA ALA J 149 20.27 7.32 -32.57
C ALA J 149 19.35 7.94 -31.53
N GLU J 150 18.57 8.93 -31.95
CA GLU J 150 17.69 9.65 -31.05
C GLU J 150 16.40 8.91 -30.79
N ARG J 151 15.83 8.34 -31.85
CA ARG J 151 14.55 7.64 -31.75
C ARG J 151 14.62 6.31 -32.51
N ALA J 152 13.74 5.39 -32.16
CA ALA J 152 13.75 4.06 -32.77
C ALA J 152 13.13 4.11 -34.15
N ILE J 153 13.93 3.74 -35.15
CA ILE J 153 13.48 3.70 -36.55
C ILE J 153 13.50 2.24 -37.00
N PRO J 154 12.47 1.79 -37.75
CA PRO J 154 12.47 0.38 -38.13
C PRO J 154 13.70 -0.07 -38.91
N ASN J 155 14.24 -1.22 -38.53
CA ASN J 155 15.30 -1.91 -39.26
C ASN J 155 16.68 -1.32 -39.01
N TYR J 156 16.73 -0.11 -38.46
CA TYR J 156 18.01 0.50 -38.16
C TYR J 156 18.66 -0.27 -37.03
N ASN J 157 17.83 -0.66 -36.07
CA ASN J 157 18.19 -1.61 -35.01
C ASN J 157 19.56 -1.36 -34.37
N THR J 158 20.45 -2.35 -34.44
CA THR J 158 21.73 -2.31 -33.75
C THR J 158 22.55 -1.09 -34.17
N MET J 159 22.30 -0.59 -35.36
CA MET J 159 23.05 0.53 -35.87
C MET J 159 22.65 1.80 -35.12
N GLY J 160 21.44 1.80 -34.56
CA GLY J 160 20.98 2.92 -33.75
C GLY J 160 21.77 3.01 -32.45
N LEU J 161 22.10 1.85 -31.88
CA LEU J 161 22.90 1.79 -30.67
C LEU J 161 24.29 2.36 -30.92
N ALA J 162 24.90 1.94 -32.02
CA ALA J 162 26.24 2.40 -32.36
C ALA J 162 26.23 3.90 -32.59
N LYS J 163 25.21 4.37 -33.27
CA LYS J 163 25.09 5.78 -33.59
C LYS J 163 24.83 6.62 -32.34
N ALA J 164 24.19 6.01 -31.34
CA ALA J 164 23.97 6.70 -30.08
C ALA J 164 25.31 6.88 -29.39
N ALA J 165 26.15 5.86 -29.49
CA ALA J 165 27.49 5.92 -28.92
C ALA J 165 28.36 6.93 -29.66
N LEU J 166 28.24 6.94 -30.98
CA LEU J 166 29.02 7.85 -31.81
C LEU J 166 28.75 9.31 -31.46
N GLU J 167 27.48 9.68 -31.33
CA GLU J 167 27.13 11.06 -31.01
C GLU J 167 27.61 11.46 -29.62
N ALA J 168 27.74 10.48 -28.73
CA ALA J 168 28.28 10.75 -27.40
C ALA J 168 29.78 10.97 -27.49
N SER J 169 30.43 10.21 -28.37
CA SER J 169 31.86 10.32 -28.55
C SER J 169 32.21 11.69 -29.08
N VAL J 170 31.29 12.28 -29.84
CA VAL J 170 31.45 13.65 -30.31
C VAL J 170 31.61 14.59 -29.13
N ARG J 171 30.76 14.41 -28.12
CA ARG J 171 30.77 15.29 -26.97
C ARG J 171 32.03 15.09 -26.12
N TYR J 172 32.42 13.85 -25.90
CA TYR J 172 33.61 13.59 -25.10
C TYR J 172 34.88 13.99 -25.84
N LEU J 173 34.88 13.78 -27.16
CA LEU J 173 35.99 14.24 -27.99
C LEU J 173 36.14 15.75 -27.96
N ALA J 174 35.01 16.45 -27.99
CA ALA J 174 35.03 17.91 -28.04
C ALA J 174 35.70 18.47 -26.80
N VAL J 175 35.46 17.83 -25.66
CA VAL J 175 36.06 18.26 -24.41
C VAL J 175 37.55 17.97 -24.38
N SER J 176 37.90 16.77 -24.82
CA SER J 176 39.28 16.32 -24.78
C SER J 176 40.17 17.14 -25.73
N LEU J 177 39.71 17.34 -26.96
CA LEU J 177 40.48 18.07 -27.96
C LEU J 177 40.16 19.57 -27.98
N GLY J 178 39.13 19.97 -27.25
CA GLY J 178 38.65 21.34 -27.31
C GLY J 178 39.62 22.32 -26.69
N ALA J 179 40.29 21.89 -25.63
CA ALA J 179 41.26 22.73 -24.96
C ALA J 179 42.37 23.07 -25.93
N LYS J 180 42.62 22.15 -26.86
CA LYS J 180 43.69 22.31 -27.84
C LYS J 180 43.24 23.31 -28.92
N GLY J 181 41.94 23.61 -28.94
CA GLY J 181 41.39 24.54 -29.91
C GLY J 181 40.69 23.81 -31.06
N VAL J 182 40.62 22.49 -30.92
CA VAL J 182 40.02 21.64 -31.95
C VAL J 182 38.53 21.48 -31.73
N ARG J 183 37.79 21.47 -32.84
CA ARG J 183 36.33 21.34 -32.78
C ARG J 183 35.91 19.97 -33.29
N VAL J 184 34.84 19.44 -32.73
CA VAL J 184 34.34 18.12 -33.08
C VAL J 184 32.84 18.19 -33.21
N ASN J 185 32.32 17.81 -34.38
CA ASN J 185 30.90 17.88 -34.66
C ASN J 185 30.40 16.68 -35.42
N ALA J 186 29.08 16.58 -35.52
CA ALA J 186 28.44 15.55 -36.32
C ALA J 186 27.35 16.17 -37.15
N ILE J 187 27.10 15.59 -38.32
CA ILE J 187 25.90 15.87 -39.08
C ILE J 187 24.98 14.66 -39.00
N SER J 188 23.77 14.88 -38.49
CA SER J 188 22.74 13.86 -38.56
C SER J 188 21.99 14.03 -39.87
N ALA J 189 22.39 13.26 -40.87
CA ALA J 189 21.84 13.38 -42.21
C ALA J 189 20.55 12.61 -42.38
N GLY J 190 19.70 13.11 -43.26
CA GLY J 190 18.48 12.40 -43.66
C GLY J 190 18.83 11.30 -44.64
N PRO J 191 17.82 10.53 -45.07
CA PRO J 191 18.07 9.39 -45.96
C PRO J 191 18.62 9.79 -47.33
N ILE J 192 19.72 9.15 -47.71
CA ILE J 192 20.31 9.33 -49.03
C ILE J 192 20.58 7.97 -49.65
N LYS J 193 20.25 7.81 -50.93
CA LYS J 193 20.47 6.55 -51.59
C LYS J 193 21.96 6.37 -51.90
N THR J 194 22.64 5.59 -51.06
CA THR J 194 24.04 5.29 -51.25
C THR J 194 24.24 3.78 -51.18
N LEU J 195 25.48 3.33 -51.40
CA LEU J 195 25.79 1.91 -51.35
C LEU J 195 25.42 1.32 -49.99
N ALA J 196 25.74 2.05 -48.93
CA ALA J 196 25.42 1.59 -47.58
C ALA J 196 23.91 1.50 -47.37
N ALA J 197 23.17 2.40 -48.01
CA ALA J 197 21.72 2.47 -47.84
C ALA J 197 21.02 1.19 -48.26
N SER J 198 21.61 0.48 -49.23
CA SER J 198 21.00 -0.72 -49.78
C SER J 198 20.98 -1.87 -48.77
N GLY J 199 21.70 -1.71 -47.67
CA GLY J 199 21.74 -2.72 -46.64
C GLY J 199 20.56 -2.63 -45.68
N ILE J 200 19.83 -1.52 -45.77
CA ILE J 200 18.68 -1.25 -44.92
C ILE J 200 17.33 -1.64 -45.52
N LYS J 201 16.67 -2.60 -44.87
CA LYS J 201 15.39 -3.08 -45.36
C LYS J 201 14.42 -1.90 -45.43
N SER J 202 13.57 -1.89 -46.45
CA SER J 202 12.65 -0.78 -46.67
C SER J 202 13.28 0.62 -46.57
N PHE J 203 14.47 0.79 -47.13
CA PHE J 203 15.07 2.12 -47.22
C PHE J 203 14.14 3.02 -48.03
N GLY J 204 13.50 2.42 -49.03
CA GLY J 204 12.62 3.16 -49.91
C GLY J 204 11.42 3.71 -49.15
N LYS J 205 10.93 2.97 -48.16
CA LYS J 205 9.82 3.46 -47.37
C LYS J 205 10.21 4.68 -46.57
N ILE J 206 11.44 4.69 -46.10
CA ILE J 206 11.93 5.81 -45.31
C ILE J 206 12.10 7.05 -46.18
N LEU J 207 12.62 6.87 -47.40
CA LEU J 207 12.77 7.97 -48.34
C LEU J 207 11.43 8.62 -48.66
N ASP J 208 10.44 7.78 -48.97
CA ASP J 208 9.11 8.26 -49.32
C ASP J 208 8.49 9.01 -48.13
N PHE J 209 8.71 8.48 -46.94
CA PHE J 209 8.11 9.06 -45.75
C PHE J 209 8.71 10.44 -45.43
N VAL J 210 10.02 10.58 -45.61
CA VAL J 210 10.70 11.84 -45.34
C VAL J 210 10.28 12.90 -46.34
N GLU J 211 10.21 12.49 -47.60
CA GLU J 211 9.82 13.40 -48.67
C GLU J 211 8.40 13.92 -48.47
N SER J 212 7.55 13.09 -47.87
CA SER J 212 6.15 13.43 -47.67
C SER J 212 5.89 14.28 -46.42
N ASN J 213 6.69 14.07 -45.38
CA ASN J 213 6.37 14.61 -44.06
C ASN J 213 7.32 15.66 -43.57
N SER J 214 8.52 15.70 -44.14
CA SER J 214 9.49 16.71 -43.76
C SER J 214 8.92 18.09 -44.07
N PRO J 215 9.29 19.11 -43.28
CA PRO J 215 8.77 20.46 -43.51
C PRO J 215 9.00 20.96 -44.94
N LEU J 216 10.18 20.70 -45.50
CA LEU J 216 10.54 21.16 -46.84
C LEU J 216 10.01 20.26 -47.97
N LYS J 217 9.29 19.20 -47.61
CA LYS J 217 8.66 18.33 -48.59
C LYS J 217 9.69 17.75 -49.55
N ARG J 218 10.89 17.46 -49.09
CA ARG J 218 11.92 16.94 -49.98
C ARG J 218 13.05 16.28 -49.21
N ASN J 219 13.66 15.27 -49.82
CA ASN J 219 14.83 14.62 -49.24
C ASN J 219 16.08 15.42 -49.54
N VAL J 220 17.15 15.11 -48.81
CA VAL J 220 18.39 15.84 -48.97
C VAL J 220 19.32 15.16 -49.97
N THR J 221 20.35 15.90 -50.35
CA THR J 221 21.31 15.44 -51.33
C THR J 221 22.68 15.46 -50.67
N ILE J 222 23.67 14.82 -51.29
CA ILE J 222 24.99 14.78 -50.70
C ILE J 222 25.67 16.14 -50.81
N GLU J 223 25.17 17.00 -51.71
CA GLU J 223 25.68 18.35 -51.85
C GLU J 223 25.21 19.20 -50.68
N GLN J 224 23.97 19.00 -50.26
CA GLN J 224 23.41 19.75 -49.16
C GLN J 224 24.12 19.36 -47.86
N VAL J 225 24.30 18.05 -47.68
CA VAL J 225 25.07 17.55 -46.55
C VAL J 225 26.52 17.97 -46.72
N GLY J 226 26.96 18.04 -47.97
CA GLY J 226 28.32 18.41 -48.31
C GLY J 226 28.64 19.85 -47.95
N ASN J 227 27.73 20.76 -48.27
CA ASN J 227 27.92 22.17 -47.91
C ASN J 227 27.93 22.36 -46.40
N ALA J 228 27.07 21.63 -45.70
CA ALA J 228 27.03 21.71 -44.24
C ALA J 228 28.33 21.20 -43.64
N GLY J 229 28.90 20.17 -44.25
CA GLY J 229 30.15 19.60 -43.79
C GLY J 229 31.29 20.57 -43.98
N ALA J 230 31.34 21.22 -45.14
CA ALA J 230 32.38 22.20 -45.42
C ALA J 230 32.34 23.34 -44.42
N PHE J 231 31.13 23.78 -44.08
CA PHE J 231 30.93 24.83 -43.08
C PHE J 231 31.51 24.44 -41.72
N LEU J 232 31.11 23.28 -41.23
CA LEU J 232 31.52 22.80 -39.91
C LEU J 232 33.03 22.59 -39.85
N LEU J 233 33.61 22.25 -41.00
CA LEU J 233 35.04 22.06 -41.11
C LEU J 233 35.79 23.38 -41.23
N SER J 234 35.06 24.46 -41.47
CA SER J 234 35.68 25.76 -41.75
C SER J 234 35.70 26.68 -40.54
N ASP J 235 36.44 27.78 -40.69
CA ASP J 235 36.59 28.75 -39.61
C ASP J 235 35.32 29.59 -39.44
N LEU J 236 34.37 29.40 -40.33
CA LEU J 236 33.06 30.06 -40.20
C LEU J 236 32.32 29.53 -38.99
N ALA J 237 32.61 28.29 -38.61
CA ALA J 237 31.93 27.61 -37.53
C ALA J 237 32.85 27.47 -36.31
N SER J 238 33.71 28.45 -36.10
CA SER J 238 34.69 28.37 -35.02
C SER J 238 34.04 28.47 -33.65
N GLY J 239 32.77 28.87 -33.60
CA GLY J 239 32.02 28.93 -32.37
C GLY J 239 31.18 27.69 -32.13
N VAL J 240 31.30 26.71 -33.02
CA VAL J 240 30.46 25.52 -32.99
C VAL J 240 31.27 24.25 -32.75
N THR J 241 30.99 23.59 -31.64
CA THR J 241 31.59 22.28 -31.34
C THR J 241 30.64 21.46 -30.49
N ALA J 242 30.84 20.15 -30.46
CA ALA J 242 29.99 19.22 -29.71
C ALA J 242 28.55 19.25 -30.20
N GLU J 243 28.37 19.63 -31.46
CA GLU J 243 27.04 19.77 -32.04
C GLU J 243 26.69 18.61 -32.95
N VAL J 244 25.45 18.16 -32.86
CA VAL J 244 24.88 17.24 -33.83
C VAL J 244 23.88 18.02 -34.66
N MET J 245 24.28 18.35 -35.88
CA MET J 245 23.46 19.20 -36.74
C MET J 245 22.60 18.32 -37.65
N HIS J 246 21.29 18.53 -37.61
CA HIS J 246 20.39 17.79 -38.48
C HIS J 246 20.34 18.41 -39.86
N VAL J 247 20.73 17.64 -40.86
CA VAL J 247 20.55 18.03 -42.24
C VAL J 247 19.62 17.02 -42.90
N ASP J 248 18.33 17.14 -42.60
CA ASP J 248 17.34 16.16 -43.04
C ASP J 248 16.04 16.86 -43.43
N SER J 249 16.18 18.04 -44.01
CA SER J 249 15.03 18.84 -44.44
C SER J 249 14.07 19.12 -43.28
N GLY J 250 14.55 18.98 -42.05
CA GLY J 250 13.75 19.30 -40.88
C GLY J 250 12.93 18.12 -40.36
N PHE J 251 13.16 16.94 -40.93
CA PHE J 251 12.33 15.78 -40.60
C PHE J 251 12.39 15.43 -39.11
N ASN J 252 13.56 15.61 -38.50
CA ASN J 252 13.75 15.26 -37.10
C ASN J 252 12.80 15.99 -36.17
N ALA J 253 12.32 17.15 -36.60
CA ALA J 253 11.60 18.07 -35.72
C ALA J 253 10.08 17.97 -35.81
N VAL J 254 9.57 17.01 -36.57
CA VAL J 254 8.12 16.88 -36.74
C VAL J 254 7.64 15.50 -36.35
N VAL J 255 6.33 15.40 -36.14
CA VAL J 255 5.65 14.13 -36.05
C VAL J 255 4.80 13.95 -37.29
N GLY J 256 5.34 13.24 -38.27
CA GLY J 256 4.67 13.07 -39.54
C GLY J 256 3.78 11.85 -39.58
N GLY J 257 2.94 11.77 -40.59
CA GLY J 257 2.14 10.60 -40.85
C GLY J 257 0.66 10.78 -40.57
N MET J 258 0.30 11.80 -39.78
CA MET J 258 -1.09 12.01 -39.41
C MET J 258 -1.69 13.17 -40.19
N GLY K 2 -2.71 3.55 1.33
CA GLY K 2 -2.05 3.80 0.07
C GLY K 2 -0.80 4.65 0.24
N PHE K 3 -0.16 5.01 -0.86
CA PHE K 3 1.09 5.79 -0.79
C PHE K 3 0.84 7.29 -0.90
N LEU K 4 -0.40 7.72 -0.73
CA LEU K 4 -0.73 9.14 -0.63
C LEU K 4 -1.52 9.44 0.64
N ASP K 5 -1.46 8.53 1.61
CA ASP K 5 -2.16 8.70 2.89
C ASP K 5 -1.84 10.03 3.56
N GLY K 6 -2.87 10.77 3.92
CA GLY K 6 -2.71 11.99 4.70
C GLY K 6 -2.22 13.16 3.88
N LYS K 7 -2.10 12.95 2.56
CA LYS K 7 -1.72 14.01 1.65
C LYS K 7 -2.95 14.77 1.20
N ARG K 8 -2.84 16.10 1.21
CA ARG K 8 -3.91 16.97 0.76
C ARG K 8 -3.59 17.51 -0.62
N ILE K 9 -4.43 17.21 -1.60
CA ILE K 9 -4.15 17.56 -2.98
C ILE K 9 -5.29 18.37 -3.58
N LEU K 10 -4.92 19.47 -4.22
CA LEU K 10 -5.87 20.35 -4.92
C LEU K 10 -5.83 20.07 -6.41
N LEU K 11 -6.99 19.76 -6.98
CA LEU K 11 -7.12 19.42 -8.40
C LEU K 11 -7.91 20.45 -9.21
N THR K 12 -7.31 20.88 -10.30
CA THR K 12 -7.98 21.73 -11.27
C THR K 12 -8.33 20.92 -12.50
N GLY K 13 -9.24 21.44 -13.31
CA GLY K 13 -9.51 20.87 -14.61
C GLY K 13 -10.43 19.67 -14.64
N LEU K 14 -11.13 19.38 -13.55
CA LEU K 14 -12.10 18.30 -13.54
C LEU K 14 -13.41 18.84 -14.13
N LEU K 15 -13.77 18.34 -15.31
CA LEU K 15 -14.90 18.86 -16.07
C LEU K 15 -15.90 17.77 -16.44
N SER K 16 -15.38 16.58 -16.71
CA SER K 16 -16.21 15.41 -17.00
C SER K 16 -15.43 14.19 -16.49
N ASN K 17 -16.03 13.01 -16.50
CA ASN K 17 -15.31 11.84 -15.99
C ASN K 17 -14.31 11.27 -17.00
N ARG K 18 -14.18 11.93 -18.14
CA ARG K 18 -13.15 11.59 -19.12
C ARG K 18 -11.97 12.53 -18.99
N SER K 19 -12.17 13.63 -18.27
CA SER K 19 -11.12 14.61 -18.11
C SER K 19 -9.91 13.95 -17.49
N ILE K 20 -8.72 14.38 -17.88
CA ILE K 20 -7.50 13.81 -17.33
C ILE K 20 -7.47 14.01 -15.81
N ALA K 21 -7.90 15.19 -15.37
CA ALA K 21 -7.91 15.52 -13.95
C ALA K 21 -8.80 14.55 -13.17
N TYR K 22 -9.80 13.98 -13.84
CA TYR K 22 -10.69 13.04 -13.19
C TYR K 22 -9.97 11.73 -12.92
N GLY K 23 -9.13 11.33 -13.87
CA GLY K 23 -8.35 10.11 -13.74
C GLY K 23 -7.35 10.20 -12.62
N ILE K 24 -6.73 11.37 -12.47
CA ILE K 24 -5.77 11.60 -11.41
C ILE K 24 -6.47 11.61 -10.05
N ALA K 25 -7.63 12.25 -9.97
CA ALA K 25 -8.40 12.31 -8.75
C ALA K 25 -8.64 10.91 -8.20
N LYS K 26 -9.10 10.00 -9.07
CA LYS K 26 -9.42 8.66 -8.63
C LYS K 26 -8.20 7.92 -8.10
N ALA K 27 -7.05 8.12 -8.74
CA ALA K 27 -5.85 7.43 -8.31
C ALA K 27 -5.38 7.99 -6.98
N CYS K 28 -5.47 9.31 -6.85
CA CYS K 28 -5.08 9.96 -5.61
C CYS K 28 -6.00 9.53 -4.48
N LYS K 29 -7.31 9.47 -4.76
CA LYS K 29 -8.27 9.05 -3.75
C LYS K 29 -8.01 7.63 -3.31
N ARG K 30 -7.79 6.75 -4.30
CA ARG K 30 -7.52 5.35 -4.04
C ARG K 30 -6.32 5.15 -3.12
N GLU K 31 -5.32 6.03 -3.24
CA GLU K 31 -4.10 5.88 -2.48
C GLU K 31 -4.16 6.64 -1.17
N GLY K 32 -5.36 7.12 -0.81
CA GLY K 32 -5.61 7.59 0.53
C GLY K 32 -5.56 9.10 0.71
N ALA K 33 -5.57 9.83 -0.41
CA ALA K 33 -5.44 11.28 -0.34
C ALA K 33 -6.76 11.95 -0.01
N GLU K 34 -6.66 13.17 0.51
CA GLU K 34 -7.81 14.05 0.69
C GLU K 34 -7.78 15.05 -0.45
N LEU K 35 -8.92 15.26 -1.11
CA LEU K 35 -8.96 16.03 -2.34
C LEU K 35 -9.75 17.33 -2.21
N ALA K 36 -9.31 18.33 -2.96
CA ALA K 36 -10.07 19.56 -3.12
C ALA K 36 -10.09 19.90 -4.61
N PHE K 37 -11.13 20.57 -5.07
CA PHE K 37 -11.34 20.77 -6.50
C PHE K 37 -11.62 22.21 -6.85
N THR K 38 -11.33 22.57 -8.10
CA THR K 38 -11.69 23.89 -8.62
C THR K 38 -12.61 23.77 -9.84
N TYR K 39 -13.31 24.87 -10.11
CA TYR K 39 -14.19 24.94 -11.27
C TYR K 39 -14.16 26.35 -11.83
N VAL K 40 -14.64 26.50 -13.05
CA VAL K 40 -14.67 27.80 -13.72
C VAL K 40 -16.07 27.98 -14.28
N GLY K 41 -16.67 29.14 -14.07
CA GLY K 41 -18.07 29.36 -14.40
C GLY K 41 -18.87 29.02 -13.16
N ASP K 42 -20.09 29.52 -13.07
CA ASP K 42 -20.94 29.23 -11.93
C ASP K 42 -21.85 28.03 -12.21
N ARG K 43 -22.27 27.88 -13.45
CA ARG K 43 -23.15 26.76 -13.84
C ARG K 43 -22.52 25.43 -13.46
N PHE K 44 -21.19 25.42 -13.43
CA PHE K 44 -20.42 24.21 -13.20
C PHE K 44 -20.21 23.98 -11.70
N LYS K 45 -20.71 24.92 -10.89
CA LYS K 45 -20.57 24.83 -9.44
C LYS K 45 -21.20 23.56 -8.87
N ASP K 46 -22.36 23.19 -9.38
CA ASP K 46 -23.06 22.01 -8.89
C ASP K 46 -22.34 20.73 -9.32
N ARG K 47 -21.91 20.70 -10.57
CA ARG K 47 -21.31 19.50 -11.14
C ARG K 47 -20.01 19.12 -10.45
N ILE K 48 -19.18 20.11 -10.14
CA ILE K 48 -17.91 19.82 -9.49
C ILE K 48 -18.17 19.39 -8.05
N THR K 49 -19.20 19.96 -7.44
CA THR K 49 -19.57 19.58 -6.09
C THR K 49 -20.00 18.11 -6.05
N GLU K 50 -20.74 17.68 -7.07
CA GLU K 50 -21.13 16.28 -7.17
C GLU K 50 -19.92 15.40 -7.46
N PHE K 51 -18.99 15.90 -8.27
CA PHE K 51 -17.76 15.15 -8.53
C PHE K 51 -16.98 15.07 -7.22
N ALA K 52 -16.96 16.18 -6.49
CA ALA K 52 -16.21 16.26 -5.24
C ALA K 52 -16.73 15.29 -4.19
N ALA K 53 -18.04 15.08 -4.17
CA ALA K 53 -18.66 14.18 -3.19
C ALA K 53 -18.30 12.73 -3.48
N GLU K 54 -18.18 12.42 -4.76
CA GLU K 54 -17.78 11.09 -5.20
C GLU K 54 -16.41 10.73 -4.63
N PHE K 55 -15.61 11.74 -4.34
CA PHE K 55 -14.27 11.55 -3.80
C PHE K 55 -14.20 11.99 -2.33
N GLY K 56 -15.35 12.00 -1.65
CA GLY K 56 -15.39 12.24 -0.22
C GLY K 56 -14.92 13.64 0.17
N SER K 57 -15.28 14.63 -0.64
CA SER K 57 -14.84 16.00 -0.41
C SER K 57 -15.99 17.00 -0.55
N GLU K 58 -15.94 18.05 0.27
CA GLU K 58 -16.87 19.17 0.17
C GLU K 58 -16.13 20.42 -0.29
N LEU K 59 -14.82 20.30 -0.44
CA LEU K 59 -13.97 21.44 -0.74
C LEU K 59 -13.94 21.73 -2.25
N VAL K 60 -14.74 22.70 -2.69
CA VAL K 60 -14.73 23.11 -4.08
C VAL K 60 -14.65 24.63 -4.13
N PHE K 61 -13.83 25.16 -5.02
CA PHE K 61 -13.57 26.59 -5.09
C PHE K 61 -13.54 27.09 -6.52
N PRO K 62 -14.08 28.29 -6.77
CA PRO K 62 -14.00 28.80 -8.14
C PRO K 62 -12.62 29.39 -8.45
N CYS K 63 -12.13 29.15 -9.66
CA CYS K 63 -10.87 29.75 -10.09
C CYS K 63 -10.73 29.77 -11.61
N ASP K 64 -11.07 30.90 -12.20
CA ASP K 64 -10.74 31.18 -13.59
C ASP K 64 -9.35 31.78 -13.61
N VAL K 65 -8.36 31.02 -14.07
CA VAL K 65 -6.97 31.42 -13.98
C VAL K 65 -6.65 32.63 -14.84
N ALA K 66 -7.64 33.14 -15.55
CA ALA K 66 -7.48 34.38 -16.29
C ALA K 66 -7.54 35.58 -15.35
N ASP K 67 -8.18 35.39 -14.20
CA ASP K 67 -8.38 36.48 -13.23
C ASP K 67 -7.44 36.38 -12.02
N ASP K 68 -6.62 37.40 -11.85
CA ASP K 68 -5.70 37.49 -10.72
C ASP K 68 -6.44 37.36 -9.39
N ALA K 69 -7.65 37.91 -9.33
CA ALA K 69 -8.39 37.97 -8.08
C ALA K 69 -8.80 36.59 -7.62
N GLN K 70 -9.29 35.77 -8.55
CA GLN K 70 -9.77 34.44 -8.21
C GLN K 70 -8.64 33.52 -7.81
N ILE K 71 -7.46 33.69 -8.40
CA ILE K 71 -6.30 32.89 -8.06
C ILE K 71 -5.89 33.14 -6.61
N ASP K 72 -5.76 34.42 -6.25
CA ASP K 72 -5.38 34.79 -4.89
C ASP K 72 -6.45 34.37 -3.88
N ALA K 73 -7.71 34.52 -4.27
CA ALA K 73 -8.84 34.18 -3.40
C ALA K 73 -8.96 32.68 -3.18
N LEU K 74 -8.52 31.90 -4.15
CA LEU K 74 -8.59 30.43 -4.06
C LEU K 74 -7.85 29.94 -2.83
N PHE K 75 -6.64 30.41 -2.64
CA PHE K 75 -5.76 29.90 -1.59
C PHE K 75 -6.00 30.61 -0.26
N ALA K 76 -6.69 31.74 -0.31
CA ALA K 76 -7.18 32.37 0.90
C ALA K 76 -8.31 31.50 1.42
N SER K 77 -9.15 31.06 0.49
CA SER K 77 -10.27 30.18 0.80
C SER K 77 -9.80 28.80 1.23
N LEU K 78 -8.82 28.25 0.53
CA LEU K 78 -8.35 26.90 0.85
C LEU K 78 -7.72 26.86 2.23
N LYS K 79 -7.07 27.95 2.63
CA LYS K 79 -6.40 28.01 3.93
C LYS K 79 -7.37 27.92 5.10
N THR K 80 -8.62 28.29 4.87
CA THR K 80 -9.59 28.25 5.96
C THR K 80 -9.96 26.80 6.29
N HIS K 81 -9.68 25.88 5.37
CA HIS K 81 -9.96 24.47 5.59
C HIS K 81 -8.69 23.64 5.86
N TRP K 82 -7.65 23.89 5.08
CA TRP K 82 -6.39 23.17 5.17
C TRP K 82 -5.26 24.08 5.63
N ASP K 83 -4.54 23.69 6.68
CA ASP K 83 -3.41 24.49 7.14
C ASP K 83 -2.20 24.40 6.20
N SER K 84 -2.15 23.34 5.39
CA SER K 84 -1.05 23.17 4.43
C SER K 84 -1.55 22.48 3.16
N LEU K 85 -0.76 22.57 2.10
CA LEU K 85 -1.11 21.95 0.82
C LEU K 85 0.04 21.02 0.39
N ASP K 86 -0.29 19.74 0.18
CA ASP K 86 0.74 18.73 -0.13
C ASP K 86 0.88 18.47 -1.62
N GLY K 87 -0.17 18.80 -2.39
CA GLY K 87 -0.14 18.57 -3.82
C GLY K 87 -1.02 19.54 -4.58
N LEU K 88 -0.53 19.98 -5.74
CA LEU K 88 -1.31 20.81 -6.65
C LEU K 88 -1.14 20.28 -8.06
N VAL K 89 -2.26 20.01 -8.72
CA VAL K 89 -2.26 19.50 -10.08
C VAL K 89 -2.84 20.52 -11.04
N HIS K 90 -2.01 20.91 -11.99
CA HIS K 90 -2.41 21.88 -13.01
C HIS K 90 -2.80 21.14 -14.29
N SER K 91 -4.10 20.90 -14.43
CA SER K 91 -4.62 20.19 -15.61
C SER K 91 -5.49 21.12 -16.43
N ILE K 92 -4.92 22.28 -16.80
CA ILE K 92 -5.66 23.34 -17.45
C ILE K 92 -5.07 23.69 -18.81
N GLY K 93 -5.95 23.91 -19.79
CA GLY K 93 -5.52 24.33 -21.11
C GLY K 93 -6.63 25.00 -21.89
N PHE K 94 -6.26 25.99 -22.69
CA PHE K 94 -7.21 26.66 -23.55
C PHE K 94 -6.53 27.37 -24.71
N ALA K 95 -7.17 27.35 -25.87
CA ALA K 95 -6.79 28.20 -26.99
C ALA K 95 -8.01 28.42 -27.86
N PRO K 96 -8.14 29.63 -28.46
CA PRO K 96 -9.19 29.83 -29.44
C PRO K 96 -9.12 28.75 -30.50
N ARG K 97 -10.25 28.18 -30.91
CA ARG K 97 -10.20 26.96 -31.72
C ARG K 97 -9.50 27.20 -33.06
N GLU K 98 -9.52 28.42 -33.57
CA GLU K 98 -8.85 28.69 -34.84
C GLU K 98 -7.34 28.56 -34.70
N ALA K 99 -6.85 28.75 -33.48
CA ALA K 99 -5.41 28.71 -33.22
C ALA K 99 -4.91 27.27 -33.04
N ILE K 100 -5.84 26.33 -33.00
CA ILE K 100 -5.51 24.92 -32.91
C ILE K 100 -6.24 24.22 -34.04
N ALA K 101 -6.24 24.89 -35.19
CA ALA K 101 -6.93 24.41 -36.37
C ALA K 101 -6.23 24.83 -37.65
N GLY K 102 -6.02 23.89 -38.56
CA GLY K 102 -5.45 24.21 -39.86
C GLY K 102 -3.99 24.61 -39.80
N ASP K 103 -3.62 25.60 -40.60
CA ASP K 103 -2.25 26.08 -40.67
C ASP K 103 -1.92 26.88 -39.42
N PHE K 104 -0.66 26.82 -39.01
CA PHE K 104 -0.20 27.53 -37.83
C PHE K 104 -0.38 29.04 -37.99
N LEU K 105 -0.03 29.55 -39.16
CA LEU K 105 -0.06 30.98 -39.42
C LEU K 105 -1.47 31.51 -39.67
N ASP K 106 -2.33 30.66 -40.25
CA ASP K 106 -3.69 31.08 -40.56
C ASP K 106 -4.46 31.51 -39.32
N GLY K 107 -4.30 30.79 -38.22
CA GLY K 107 -5.02 31.08 -36.99
C GLY K 107 -4.21 31.86 -35.99
N LEU K 108 -3.04 32.35 -36.40
CA LEU K 108 -2.18 33.11 -35.51
C LEU K 108 -2.54 34.59 -35.48
N THR K 109 -2.94 35.06 -34.30
CA THR K 109 -3.11 36.48 -34.04
C THR K 109 -2.51 36.76 -32.67
N ARG K 110 -2.13 38.01 -32.42
CA ARG K 110 -1.52 38.37 -31.15
C ARG K 110 -2.42 38.00 -29.96
N GLU K 111 -3.73 38.13 -30.14
CA GLU K 111 -4.66 37.90 -29.05
C GLU K 111 -4.82 36.39 -28.81
N ASN K 112 -4.82 35.61 -29.88
CA ASN K 112 -4.87 34.15 -29.73
C ASN K 112 -3.63 33.61 -29.02
N PHE K 113 -2.48 34.17 -29.38
CA PHE K 113 -1.21 33.80 -28.74
C PHE K 113 -1.25 34.16 -27.26
N ARG K 114 -1.66 35.39 -26.98
CA ARG K 114 -1.70 35.89 -25.61
C ARG K 114 -2.55 35.00 -24.74
N ILE K 115 -3.74 34.69 -25.23
CA ILE K 115 -4.71 33.93 -24.46
C ILE K 115 -4.23 32.51 -24.22
N ALA K 116 -3.70 31.89 -25.27
CA ALA K 116 -3.26 30.50 -25.20
C ALA K 116 -2.17 30.35 -24.15
N HIS K 117 -1.26 31.30 -24.12
CA HIS K 117 -0.14 31.26 -23.18
C HIS K 117 -0.57 31.67 -21.77
N ASP K 118 -1.51 32.60 -21.69
CA ASP K 118 -2.01 33.07 -20.41
C ASP K 118 -2.66 31.94 -19.63
N ILE K 119 -3.54 31.20 -20.28
CA ILE K 119 -4.33 30.18 -19.62
C ILE K 119 -3.56 28.87 -19.46
N SER K 120 -2.82 28.49 -20.49
CA SER K 120 -2.21 27.16 -20.55
C SER K 120 -0.79 27.08 -19.99
N ALA K 121 -0.08 28.21 -19.92
CA ALA K 121 1.31 28.22 -19.49
C ALA K 121 1.51 29.01 -18.20
N TYR K 122 1.25 30.31 -18.25
CA TYR K 122 1.47 31.19 -17.10
C TYR K 122 0.71 30.73 -15.86
N SER K 123 -0.47 30.18 -16.06
CA SER K 123 -1.35 29.84 -14.96
C SER K 123 -0.72 28.83 -14.01
N PHE K 124 0.29 28.11 -14.47
CA PHE K 124 0.90 27.07 -13.65
C PHE K 124 1.81 27.69 -12.58
N PRO K 125 2.84 28.47 -12.98
CA PRO K 125 3.65 29.11 -11.94
C PRO K 125 2.86 30.16 -11.17
N ALA K 126 1.81 30.70 -11.77
CA ALA K 126 0.95 31.66 -11.09
C ALA K 126 0.29 30.99 -9.89
N LEU K 127 -0.27 29.81 -10.12
CA LEU K 127 -0.88 29.04 -9.04
C LEU K 127 0.19 28.60 -8.06
N ALA K 128 1.39 28.32 -8.58
CA ALA K 128 2.50 27.91 -7.74
C ALA K 128 2.87 29.03 -6.78
N LYS K 129 2.93 30.25 -7.28
CA LYS K 129 3.29 31.41 -6.47
C LYS K 129 2.25 31.71 -5.41
N ALA K 130 0.97 31.59 -5.77
CA ALA K 130 -0.11 31.92 -4.86
C ALA K 130 -0.29 30.86 -3.77
N ALA K 131 0.22 29.66 -4.02
CA ALA K 131 0.06 28.54 -3.09
C ALA K 131 1.24 28.45 -2.14
N LEU K 132 2.34 29.10 -2.50
CA LEU K 132 3.60 28.94 -1.80
C LEU K 132 3.50 29.15 -0.29
N PRO K 133 2.71 30.15 0.16
CA PRO K 133 2.60 30.38 1.60
C PRO K 133 2.09 29.18 2.38
N MET K 134 1.41 28.25 1.73
CA MET K 134 0.81 27.12 2.42
C MET K 134 1.27 25.77 1.85
N LEU K 135 2.32 25.80 1.03
CA LEU K 135 2.91 24.56 0.53
C LEU K 135 3.69 23.86 1.63
N SER K 136 3.54 22.54 1.71
CA SER K 136 4.31 21.75 2.67
C SER K 136 5.76 21.67 2.23
N ASP K 137 6.61 21.21 3.13
CA ASP K 137 8.04 21.14 2.88
C ASP K 137 8.35 20.12 1.81
N ASP K 138 7.46 19.16 1.64
CA ASP K 138 7.63 18.09 0.65
C ASP K 138 6.47 18.06 -0.32
N ALA K 139 5.92 19.23 -0.63
CA ALA K 139 4.83 19.33 -1.58
C ALA K 139 5.30 18.94 -2.96
N SER K 140 4.36 18.67 -3.85
CA SER K 140 4.65 18.20 -5.20
C SER K 140 3.66 18.79 -6.19
N LEU K 141 4.17 19.52 -7.17
CA LEU K 141 3.30 20.12 -8.19
C LEU K 141 3.40 19.34 -9.49
N LEU K 142 2.26 19.22 -10.16
CA LEU K 142 2.17 18.41 -11.37
C LEU K 142 1.34 19.14 -12.42
N THR K 143 1.85 19.19 -13.64
CA THR K 143 1.12 19.78 -14.75
C THR K 143 1.05 18.77 -15.89
N LEU K 144 0.22 19.07 -16.88
CA LEU K 144 0.04 18.19 -18.02
C LEU K 144 0.52 18.90 -19.28
N SER K 145 1.34 18.21 -20.05
CA SER K 145 1.85 18.73 -21.31
C SER K 145 1.60 17.73 -22.43
N TYR K 146 2.06 18.06 -23.63
CA TYR K 146 1.88 17.21 -24.79
C TYR K 146 3.14 17.21 -25.65
N LEU K 147 3.34 16.12 -26.37
CA LEU K 147 4.48 15.97 -27.25
C LEU K 147 4.62 17.11 -28.26
N GLY K 148 3.53 17.84 -28.48
CA GLY K 148 3.52 18.93 -29.44
C GLY K 148 4.44 20.07 -29.06
N ALA K 149 4.92 20.07 -27.82
CA ALA K 149 5.87 21.07 -27.37
C ALA K 149 7.27 20.77 -27.88
N GLU K 150 7.60 19.48 -27.94
CA GLU K 150 8.92 19.03 -28.33
C GLU K 150 9.07 19.03 -29.85
N ARG K 151 8.03 18.58 -30.53
CA ARG K 151 8.06 18.46 -31.99
C ARG K 151 6.76 18.98 -32.59
N ALA K 152 6.82 19.38 -33.86
CA ALA K 152 5.67 19.96 -34.52
C ALA K 152 4.64 18.90 -34.88
N ILE K 153 3.46 19.02 -34.31
CA ILE K 153 2.37 18.09 -34.57
C ILE K 153 1.25 18.86 -35.27
N PRO K 154 0.64 18.28 -36.32
CA PRO K 154 -0.41 19.04 -37.01
C PRO K 154 -1.58 19.49 -36.15
N ASN K 155 -1.96 20.75 -36.36
CA ASN K 155 -3.13 21.40 -35.76
C ASN K 155 -2.91 21.86 -34.34
N TYR K 156 -1.87 21.36 -33.68
CA TYR K 156 -1.62 21.75 -32.31
C TYR K 156 -1.20 23.22 -32.33
N ASN K 157 -0.42 23.57 -33.36
CA ASN K 157 -0.12 24.95 -33.70
C ASN K 157 0.24 25.81 -32.47
N THR K 158 -0.55 26.84 -32.21
CA THR K 158 -0.24 27.81 -31.17
C THR K 158 -0.12 27.16 -29.80
N MET K 159 -0.80 26.03 -29.64
CA MET K 159 -0.81 25.36 -28.35
C MET K 159 0.54 24.73 -28.06
N GLY K 160 1.27 24.41 -29.12
CA GLY K 160 2.61 23.85 -28.98
C GLY K 160 3.60 24.86 -28.43
N LEU K 161 3.43 26.10 -28.82
CA LEU K 161 4.28 27.18 -28.32
C LEU K 161 4.08 27.34 -26.82
N ALA K 162 2.82 27.35 -26.40
CA ALA K 162 2.48 27.52 -25.00
C ALA K 162 3.00 26.36 -24.17
N LYS K 163 2.85 25.14 -24.69
CA LYS K 163 3.27 23.95 -23.97
C LYS K 163 4.79 23.89 -23.80
N ALA K 164 5.52 24.48 -24.73
CA ALA K 164 6.98 24.54 -24.60
C ALA K 164 7.36 25.47 -23.46
N ALA K 165 6.63 26.56 -23.33
CA ALA K 165 6.81 27.50 -22.23
C ALA K 165 6.41 26.85 -20.93
N LEU K 166 5.32 26.08 -20.97
CA LEU K 166 4.84 25.38 -19.80
C LEU K 166 5.91 24.44 -19.26
N GLU K 167 6.54 23.67 -20.15
CA GLU K 167 7.58 22.73 -19.74
C GLU K 167 8.82 23.45 -19.22
N ALA K 168 9.03 24.66 -19.71
CA ALA K 168 10.15 25.47 -19.23
C ALA K 168 9.83 25.98 -17.83
N SER K 169 8.56 26.29 -17.60
CA SER K 169 8.13 26.78 -16.30
C SER K 169 8.33 25.71 -15.24
N VAL K 170 8.21 24.45 -15.64
CA VAL K 170 8.46 23.32 -14.75
C VAL K 170 9.88 23.36 -14.21
N ARG K 171 10.84 23.64 -15.09
CA ARG K 171 12.24 23.63 -14.70
C ARG K 171 12.55 24.82 -13.79
N TYR K 172 12.07 26.00 -14.18
CA TYR K 172 12.32 27.20 -13.41
C TYR K 172 11.57 27.17 -12.08
N LEU K 173 10.38 26.60 -12.08
CA LEU K 173 9.65 26.38 -10.85
C LEU K 173 10.43 25.44 -9.95
N ALA K 174 11.00 24.41 -10.55
CA ALA K 174 11.70 23.37 -9.80
C ALA K 174 12.89 23.94 -9.05
N VAL K 175 13.60 24.88 -9.66
CA VAL K 175 14.75 25.50 -9.03
C VAL K 175 14.28 26.45 -7.95
N SER K 176 13.24 27.22 -8.27
CA SER K 176 12.73 28.24 -7.38
C SER K 176 12.11 27.65 -6.12
N LEU K 177 11.29 26.62 -6.28
CA LEU K 177 10.62 25.98 -5.15
C LEU K 177 11.43 24.82 -4.58
N GLY K 178 12.51 24.47 -5.26
CA GLY K 178 13.29 23.30 -4.87
C GLY K 178 14.02 23.48 -3.56
N ALA K 179 14.50 24.68 -3.30
CA ALA K 179 15.20 24.97 -2.06
C ALA K 179 14.28 24.75 -0.88
N LYS K 180 12.99 25.01 -1.10
CA LYS K 180 11.99 24.83 -0.05
C LYS K 180 11.65 23.36 0.15
N GLY K 181 12.10 22.51 -0.78
CA GLY K 181 11.88 21.09 -0.69
C GLY K 181 10.74 20.62 -1.56
N VAL K 182 10.19 21.54 -2.35
CA VAL K 182 9.04 21.24 -3.20
C VAL K 182 9.48 20.71 -4.56
N ARG K 183 8.73 19.74 -5.05
CA ARG K 183 9.03 19.13 -6.34
C ARG K 183 8.01 19.56 -7.38
N VAL K 184 8.47 19.72 -8.61
CA VAL K 184 7.63 20.16 -9.71
C VAL K 184 7.93 19.33 -10.94
N ASN K 185 6.91 18.68 -11.47
CA ASN K 185 7.07 17.80 -12.62
C ASN K 185 5.92 17.96 -13.58
N ALA K 186 6.07 17.38 -14.75
CA ALA K 186 4.98 17.36 -15.73
C ALA K 186 4.83 15.97 -16.31
N ILE K 187 3.61 15.65 -16.69
CA ILE K 187 3.33 14.48 -17.50
C ILE K 187 3.00 14.93 -18.91
N SER K 188 3.79 14.45 -19.86
CA SER K 188 3.48 14.64 -21.27
C SER K 188 2.59 13.48 -21.68
N ALA K 189 1.29 13.70 -21.66
CA ALA K 189 0.32 12.64 -21.88
C ALA K 189 0.11 12.35 -23.36
N GLY K 190 -0.23 11.10 -23.66
CA GLY K 190 -0.59 10.73 -25.01
C GLY K 190 -2.01 11.19 -25.31
N PRO K 191 -2.45 10.97 -26.56
CA PRO K 191 -3.78 11.43 -26.97
C PRO K 191 -4.89 10.71 -26.26
N ILE K 192 -5.79 11.47 -25.64
CA ILE K 192 -7.00 10.93 -25.00
C ILE K 192 -8.25 11.66 -25.39
N LYS K 193 -9.30 10.90 -25.64
CA LYS K 193 -10.58 11.46 -26.02
C LYS K 193 -11.21 12.13 -24.79
N THR K 194 -11.05 13.45 -24.73
CA THR K 194 -11.61 14.27 -23.66
C THR K 194 -12.37 15.44 -24.27
N LEU K 195 -13.01 16.25 -23.41
CA LEU K 195 -13.74 17.41 -23.90
C LEU K 195 -12.83 18.35 -24.67
N ALA K 196 -11.63 18.61 -24.14
CA ALA K 196 -10.67 19.49 -24.78
C ALA K 196 -10.21 18.95 -26.13
N ALA K 197 -10.11 17.63 -26.23
CA ALA K 197 -9.61 16.98 -27.44
C ALA K 197 -10.46 17.28 -28.68
N SER K 198 -11.76 17.49 -28.47
CA SER K 198 -12.68 17.71 -29.59
C SER K 198 -12.41 19.05 -30.27
N GLY K 199 -11.62 19.89 -29.63
CA GLY K 199 -11.24 21.18 -30.17
C GLY K 199 -10.09 21.05 -31.15
N ILE K 200 -9.47 19.87 -31.15
CA ILE K 200 -8.34 19.59 -32.02
C ILE K 200 -8.89 18.97 -33.30
N LYS K 201 -8.77 19.67 -34.42
CA LYS K 201 -9.39 19.18 -35.67
C LYS K 201 -9.04 17.79 -36.11
N SER K 202 -7.75 17.42 -36.11
CA SER K 202 -7.39 16.11 -36.58
C SER K 202 -7.14 15.15 -35.43
N PHE K 203 -7.95 15.22 -34.38
CA PHE K 203 -7.72 14.35 -33.23
C PHE K 203 -7.85 12.86 -33.52
N GLY K 204 -8.83 12.49 -34.34
CA GLY K 204 -9.09 11.08 -34.62
C GLY K 204 -7.94 10.45 -35.37
N LYS K 205 -7.33 11.23 -36.24
CA LYS K 205 -6.23 10.77 -37.05
C LYS K 205 -5.02 10.49 -36.15
N ILE K 206 -4.86 11.33 -35.12
CA ILE K 206 -3.77 11.19 -34.15
C ILE K 206 -3.92 9.97 -33.26
N LEU K 207 -5.14 9.72 -32.80
CA LEU K 207 -5.40 8.55 -31.95
C LEU K 207 -5.03 7.27 -32.66
N ASP K 208 -5.48 7.14 -33.90
CA ASP K 208 -5.23 5.94 -34.68
C ASP K 208 -3.74 5.76 -34.95
N PHE K 209 -3.05 6.86 -35.20
CA PHE K 209 -1.63 6.82 -35.53
C PHE K 209 -0.81 6.35 -34.33
N VAL K 210 -1.17 6.81 -33.14
CA VAL K 210 -0.48 6.41 -31.92
C VAL K 210 -0.75 4.96 -31.59
N GLU K 211 -2.00 4.54 -31.74
CA GLU K 211 -2.38 3.16 -31.48
C GLU K 211 -1.62 2.22 -32.41
N SER K 212 -1.34 2.72 -33.61
CA SER K 212 -0.69 1.92 -34.64
C SER K 212 0.82 1.86 -34.52
N ASN K 213 1.44 2.94 -34.04
CA ASN K 213 2.89 3.10 -34.13
C ASN K 213 3.63 3.11 -32.80
N SER K 214 2.91 3.36 -31.71
CA SER K 214 3.53 3.33 -30.39
C SER K 214 4.05 1.92 -30.14
N PRO K 215 5.15 1.80 -29.37
CA PRO K 215 5.69 0.48 -29.08
C PRO K 215 4.67 -0.50 -28.50
N LEU K 216 3.82 -0.03 -27.60
CA LEU K 216 2.85 -0.91 -26.95
C LEU K 216 1.61 -1.12 -27.81
N LYS K 217 1.56 -0.49 -28.98
CA LYS K 217 0.48 -0.70 -29.94
C LYS K 217 -0.89 -0.43 -29.32
N ARG K 218 -0.95 0.60 -28.47
CA ARG K 218 -2.19 0.94 -27.79
C ARG K 218 -2.15 2.38 -27.31
N ASN K 219 -3.32 3.00 -27.23
CA ASN K 219 -3.41 4.33 -26.66
C ASN K 219 -3.41 4.22 -25.15
N VAL K 220 -3.14 5.33 -24.48
CA VAL K 220 -3.08 5.33 -23.04
C VAL K 220 -4.46 5.62 -22.51
N THR K 221 -4.62 5.53 -21.20
CA THR K 221 -5.90 5.81 -20.59
C THR K 221 -5.71 6.86 -19.48
N ILE K 222 -6.81 7.45 -19.01
CA ILE K 222 -6.70 8.45 -17.93
C ILE K 222 -6.37 7.78 -16.61
N GLU K 223 -6.61 6.47 -16.57
CA GLU K 223 -6.27 5.66 -15.40
C GLU K 223 -4.76 5.51 -15.34
N GLN K 224 -4.17 5.33 -16.53
CA GLN K 224 -2.72 5.17 -16.65
C GLN K 224 -1.97 6.46 -16.38
N VAL K 225 -2.46 7.56 -16.93
CA VAL K 225 -1.88 8.87 -16.65
C VAL K 225 -2.17 9.22 -15.19
N GLY K 226 -3.30 8.75 -14.69
CA GLY K 226 -3.70 9.03 -13.32
C GLY K 226 -2.80 8.37 -12.30
N ASN K 227 -2.46 7.11 -12.51
CA ASN K 227 -1.55 6.41 -11.61
C ASN K 227 -0.18 7.06 -11.65
N ALA K 228 0.23 7.46 -12.85
CA ALA K 228 1.52 8.13 -13.01
C ALA K 228 1.52 9.45 -12.26
N GLY K 229 0.39 10.14 -12.26
CA GLY K 229 0.27 11.40 -11.54
C GLY K 229 0.37 11.17 -10.05
N ALA K 230 -0.32 10.14 -9.57
CA ALA K 230 -0.31 9.80 -8.16
C ALA K 230 1.10 9.50 -7.69
N PHE K 231 1.86 8.80 -8.53
CA PHE K 231 3.24 8.48 -8.22
C PHE K 231 4.08 9.74 -8.02
N LEU K 232 4.03 10.65 -9.00
CA LEU K 232 4.84 11.85 -8.95
C LEU K 232 4.44 12.76 -7.80
N LEU K 233 3.17 12.69 -7.42
CA LEU K 233 2.67 13.51 -6.31
C LEU K 233 3.04 12.94 -4.94
N SER K 234 3.51 11.69 -4.92
CA SER K 234 3.75 11.00 -3.66
C SER K 234 5.22 11.02 -3.30
N ASP K 235 5.54 10.60 -2.08
CA ASP K 235 6.91 10.59 -1.59
C ASP K 235 7.74 9.49 -2.22
N LEU K 236 7.11 8.64 -3.02
CA LEU K 236 7.83 7.63 -3.79
C LEU K 236 8.74 8.28 -4.81
N ALA K 237 8.37 9.48 -5.25
CA ALA K 237 9.11 10.19 -6.29
C ALA K 237 9.83 11.40 -5.72
N SER K 238 10.32 11.28 -4.49
CA SER K 238 10.98 12.40 -3.82
C SER K 238 12.33 12.70 -4.46
N GLY K 239 12.81 11.79 -5.31
CA GLY K 239 14.06 11.99 -6.02
C GLY K 239 13.83 12.57 -7.40
N VAL K 240 12.57 12.89 -7.69
CA VAL K 240 12.17 13.33 -9.03
C VAL K 240 11.61 14.74 -9.04
N THR K 241 12.29 15.64 -9.73
CA THR K 241 11.80 17.00 -9.90
C THR K 241 12.31 17.53 -11.25
N ALA K 242 11.66 18.56 -11.78
CA ALA K 242 12.03 19.14 -13.07
C ALA K 242 11.90 18.14 -14.20
N GLU K 243 11.04 17.16 -14.04
CA GLU K 243 10.90 16.08 -15.02
C GLU K 243 9.64 16.25 -15.86
N VAL K 244 9.76 16.00 -17.15
CA VAL K 244 8.60 15.83 -18.03
C VAL K 244 8.54 14.36 -18.41
N MET K 245 7.65 13.61 -17.78
CA MET K 245 7.60 12.17 -17.95
C MET K 245 6.56 11.77 -19.00
N HIS K 246 6.97 11.02 -20.00
CA HIS K 246 6.05 10.58 -21.05
C HIS K 246 5.22 9.36 -20.65
N VAL K 247 3.91 9.54 -20.63
CA VAL K 247 2.97 8.43 -20.48
C VAL K 247 2.12 8.36 -21.75
N ASP K 248 2.70 7.81 -22.80
CA ASP K 248 2.06 7.78 -24.12
C ASP K 248 2.35 6.46 -24.83
N SER K 249 2.42 5.38 -24.07
CA SER K 249 2.72 4.07 -24.62
C SER K 249 4.04 4.05 -25.41
N GLY K 250 4.89 5.04 -25.15
CA GLY K 250 6.21 5.10 -25.75
C GLY K 250 6.28 5.83 -27.09
N PHE K 251 5.18 6.44 -27.50
CA PHE K 251 5.09 7.02 -28.85
C PHE K 251 6.15 8.08 -29.14
N ASN K 252 6.48 8.88 -28.13
CA ASN K 252 7.46 9.94 -28.29
C ASN K 252 8.82 9.43 -28.74
N ALA K 253 9.08 8.15 -28.46
CA ALA K 253 10.42 7.60 -28.61
C ALA K 253 10.64 6.88 -29.93
N VAL K 254 9.67 6.94 -30.84
CA VAL K 254 9.79 6.26 -32.12
C VAL K 254 9.59 7.23 -33.28
N VAL K 255 9.98 6.78 -34.46
CA VAL K 255 9.59 7.42 -35.71
C VAL K 255 8.62 6.46 -36.41
N GLY K 256 7.33 6.71 -36.25
CA GLY K 256 6.32 5.81 -36.77
C GLY K 256 5.89 6.15 -38.17
N GLY K 257 5.16 5.21 -38.80
CA GLY K 257 4.56 5.46 -40.10
C GLY K 257 5.17 4.70 -41.26
N MET K 258 6.35 4.11 -41.06
CA MET K 258 7.07 3.47 -42.15
C MET K 258 6.85 1.97 -42.14
N GLY L 2 1.06 -4.48 -1.41
CA GLY L 2 1.69 -3.43 -2.19
C GLY L 2 1.30 -3.49 -3.66
N PHE L 3 1.89 -2.61 -4.47
CA PHE L 3 1.50 -2.51 -5.88
C PHE L 3 2.35 -3.38 -6.79
N LEU L 4 3.06 -4.36 -6.21
CA LEU L 4 3.77 -5.36 -6.99
C LEU L 4 3.37 -6.78 -6.55
N ASP L 5 2.20 -6.89 -5.91
CA ASP L 5 1.71 -8.18 -5.43
C ASP L 5 1.71 -9.25 -6.51
N GLY L 6 2.36 -10.37 -6.20
CA GLY L 6 2.33 -11.52 -7.08
C GLY L 6 3.22 -11.39 -8.30
N LYS L 7 3.97 -10.30 -8.38
CA LYS L 7 4.91 -10.09 -9.47
C LYS L 7 6.25 -10.73 -9.17
N ARG L 8 6.78 -11.45 -10.16
CA ARG L 8 8.07 -12.10 -10.04
C ARG L 8 9.17 -11.33 -10.76
N ILE L 9 10.16 -10.89 -10.00
CA ILE L 9 11.21 -10.03 -10.53
C ILE L 9 12.61 -10.61 -10.30
N LEU L 10 13.41 -10.60 -11.36
CA LEU L 10 14.80 -11.02 -11.31
C LEU L 10 15.70 -9.79 -11.26
N LEU L 11 16.55 -9.68 -10.23
CA LEU L 11 17.44 -8.52 -10.12
C LEU L 11 18.89 -8.94 -10.30
N THR L 12 19.59 -8.21 -11.17
CA THR L 12 21.02 -8.39 -11.34
C THR L 12 21.74 -7.23 -10.68
N GLY L 13 23.04 -7.37 -10.44
CA GLY L 13 23.86 -6.28 -9.99
C GLY L 13 23.86 -5.98 -8.51
N LEU L 14 23.33 -6.89 -7.70
CA LEU L 14 23.39 -6.75 -6.24
C LEU L 14 24.74 -7.27 -5.74
N LEU L 15 25.55 -6.35 -5.20
CA LEU L 15 26.92 -6.67 -4.81
C LEU L 15 27.21 -6.34 -3.35
N SER L 16 26.61 -5.26 -2.86
CA SER L 16 26.72 -4.87 -1.46
C SER L 16 25.42 -4.18 -1.10
N ASN L 17 25.24 -3.82 0.16
CA ASN L 17 24.01 -3.14 0.55
C ASN L 17 24.04 -1.65 0.17
N ARG L 18 25.07 -1.25 -0.55
CA ARG L 18 25.16 0.09 -1.14
C ARG L 18 24.73 0.07 -2.60
N SER L 19 24.67 -1.11 -3.19
CA SER L 19 24.33 -1.25 -4.59
C SER L 19 22.92 -0.72 -4.86
N ILE L 20 22.74 -0.11 -6.03
CA ILE L 20 21.45 0.41 -6.43
C ILE L 20 20.44 -0.73 -6.50
N ALA L 21 20.90 -1.88 -7.00
CA ALA L 21 20.05 -3.05 -7.15
C ALA L 21 19.51 -3.52 -5.79
N TYR L 22 20.25 -3.22 -4.73
CA TYR L 22 19.80 -3.56 -3.39
C TYR L 22 18.64 -2.67 -2.99
N GLY L 23 18.70 -1.41 -3.39
CA GLY L 23 17.63 -0.46 -3.11
C GLY L 23 16.36 -0.83 -3.85
N ILE L 24 16.52 -1.25 -5.10
CA ILE L 24 15.39 -1.67 -5.92
C ILE L 24 14.78 -2.93 -5.33
N ALA L 25 15.65 -3.86 -4.91
CA ALA L 25 15.20 -5.09 -4.28
C ALA L 25 14.31 -4.78 -3.08
N LYS L 26 14.77 -3.85 -2.24
CA LYS L 26 14.07 -3.47 -1.02
C LYS L 26 12.70 -2.89 -1.28
N ALA L 27 12.59 -2.06 -2.32
CA ALA L 27 11.34 -1.41 -2.65
C ALA L 27 10.35 -2.42 -3.21
N CYS L 28 10.86 -3.32 -4.05
CA CYS L 28 10.05 -4.36 -4.67
C CYS L 28 9.45 -5.34 -3.67
N LYS L 29 10.25 -5.79 -2.71
CA LYS L 29 9.80 -6.75 -1.73
CA LYS L 29 9.80 -6.75 -1.72
C LYS L 29 8.72 -6.14 -0.85
N ARG L 30 8.93 -4.89 -0.46
CA ARG L 30 7.99 -4.15 0.36
C ARG L 30 6.62 -4.12 -0.30
N GLU L 31 6.60 -4.03 -1.63
CA GLU L 31 5.37 -3.89 -2.38
C GLU L 31 4.80 -5.24 -2.82
N GLY L 32 5.38 -6.33 -2.31
CA GLY L 32 4.76 -7.63 -2.43
C GLY L 32 5.33 -8.52 -3.52
N ALA L 33 6.48 -8.17 -4.07
CA ALA L 33 7.07 -8.93 -5.17
C ALA L 33 7.83 -10.15 -4.66
N GLU L 34 8.00 -11.14 -5.53
CA GLU L 34 8.91 -12.26 -5.29
C GLU L 34 10.20 -12.04 -6.06
N LEU L 35 11.33 -12.25 -5.40
CA LEU L 35 12.62 -11.88 -5.96
C LEU L 35 13.52 -13.07 -6.25
N ALA L 36 14.31 -12.92 -7.31
CA ALA L 36 15.40 -13.82 -7.63
C ALA L 36 16.60 -12.96 -7.99
N PHE L 37 17.80 -13.46 -7.74
CA PHE L 37 19.01 -12.66 -7.90
C PHE L 37 20.06 -13.38 -8.71
N THR L 38 20.96 -12.61 -9.31
CA THR L 38 22.13 -13.18 -9.96
C THR L 38 23.40 -12.65 -9.32
N TYR L 39 24.48 -13.38 -9.55
CA TYR L 39 25.80 -12.99 -9.09
C TYR L 39 26.81 -13.38 -10.15
N VAL L 40 28.00 -12.83 -10.03
CA VAL L 40 29.09 -13.10 -10.96
C VAL L 40 30.33 -13.50 -10.20
N GLY L 41 30.96 -14.58 -10.64
CA GLY L 41 32.04 -15.21 -9.92
C GLY L 41 31.46 -16.31 -9.05
N ASP L 42 32.30 -17.24 -8.62
CA ASP L 42 31.84 -18.35 -7.81
C ASP L 42 31.83 -17.91 -6.35
N ARG L 43 32.95 -17.35 -5.91
CA ARG L 43 33.13 -16.87 -4.55
C ARG L 43 31.99 -16.02 -3.96
N PHE L 44 31.27 -15.29 -4.80
CA PHE L 44 30.20 -14.41 -4.33
C PHE L 44 28.88 -15.12 -4.12
N LYS L 45 28.84 -16.40 -4.45
CA LYS L 45 27.62 -17.18 -4.31
C LYS L 45 27.11 -17.10 -2.88
N ASP L 46 28.03 -17.15 -1.93
CA ASP L 46 27.66 -17.14 -0.52
C ASP L 46 27.07 -15.77 -0.13
N ARG L 47 27.72 -14.71 -0.59
CA ARG L 47 27.31 -13.35 -0.23
C ARG L 47 25.93 -13.02 -0.78
N ILE L 48 25.67 -13.42 -2.03
CA ILE L 48 24.39 -13.13 -2.67
C ILE L 48 23.27 -14.01 -2.10
N THR L 49 23.61 -15.23 -1.70
CA THR L 49 22.63 -16.14 -1.12
C THR L 49 22.07 -15.59 0.19
N GLU L 50 22.94 -14.98 1.00
CA GLU L 50 22.50 -14.33 2.21
C GLU L 50 21.64 -13.12 1.88
N PHE L 51 21.99 -12.41 0.82
CA PHE L 51 21.20 -11.28 0.39
C PHE L 51 19.83 -11.76 -0.09
N ALA L 52 19.83 -12.87 -0.80
CA ALA L 52 18.60 -13.44 -1.31
C ALA L 52 17.68 -13.82 -0.15
N ALA L 53 18.30 -14.28 0.94
CA ALA L 53 17.54 -14.68 2.13
C ALA L 53 16.96 -13.46 2.85
N GLU L 54 17.72 -12.37 2.82
CA GLU L 54 17.28 -11.13 3.46
C GLU L 54 15.96 -10.67 2.82
N PHE L 55 15.74 -11.08 1.58
CA PHE L 55 14.51 -10.76 0.87
C PHE L 55 13.64 -12.01 0.69
N GLY L 56 13.87 -13.01 1.53
CA GLY L 56 13.03 -14.20 1.56
C GLY L 56 13.07 -15.06 0.31
N SER L 57 14.25 -15.20 -0.27
CA SER L 57 14.42 -15.95 -1.52
C SER L 57 15.59 -16.92 -1.45
N GLU L 58 15.44 -18.05 -2.14
CA GLU L 58 16.50 -19.03 -2.29
C GLU L 58 17.00 -19.02 -3.73
N LEU L 59 16.34 -18.22 -4.57
CA LEU L 59 16.61 -18.22 -5.99
C LEU L 59 17.79 -17.33 -6.33
N VAL L 60 18.94 -17.95 -6.49
CA VAL L 60 20.17 -17.28 -6.90
C VAL L 60 20.86 -18.07 -8.00
N PHE L 61 21.36 -17.35 -9.00
CA PHE L 61 21.95 -17.97 -10.18
C PHE L 61 23.20 -17.24 -10.63
N PRO L 62 24.19 -17.96 -11.13
CA PRO L 62 25.38 -17.27 -11.65
C PRO L 62 25.12 -16.70 -13.04
N CYS L 63 25.62 -15.49 -13.31
CA CYS L 63 25.52 -14.93 -14.65
C CYS L 63 26.54 -13.83 -14.88
N ASP L 64 27.67 -14.21 -15.49
CA ASP L 64 28.62 -13.25 -16.03
C ASP L 64 28.20 -12.92 -17.45
N VAL L 65 27.70 -11.71 -17.67
CA VAL L 65 27.12 -11.35 -18.95
C VAL L 65 28.16 -11.31 -20.07
N ALA L 66 29.42 -11.59 -19.73
CA ALA L 66 30.45 -11.72 -20.75
C ALA L 66 30.35 -13.06 -21.46
N ASP L 67 29.76 -14.04 -20.79
CA ASP L 67 29.65 -15.40 -21.32
C ASP L 67 28.25 -15.69 -21.84
N ASP L 68 28.16 -15.98 -23.14
CA ASP L 68 26.90 -16.30 -23.77
C ASP L 68 26.19 -17.46 -23.08
N ALA L 69 26.99 -18.42 -22.61
CA ALA L 69 26.47 -19.66 -22.06
C ALA L 69 25.73 -19.43 -20.75
N GLN L 70 26.29 -18.58 -19.90
CA GLN L 70 25.71 -18.33 -18.59
C GLN L 70 24.38 -17.60 -18.70
N ILE L 71 24.27 -16.74 -19.71
CA ILE L 71 23.03 -16.01 -19.97
C ILE L 71 21.93 -16.99 -20.33
N ASP L 72 22.23 -17.89 -21.27
CA ASP L 72 21.27 -18.91 -21.70
C ASP L 72 20.92 -19.83 -20.54
N ALA L 73 21.95 -20.18 -19.76
CA ALA L 73 21.78 -21.10 -18.64
C ALA L 73 21.01 -20.45 -17.49
N LEU L 74 21.11 -19.13 -17.37
CA LEU L 74 20.44 -18.40 -16.31
C LEU L 74 18.93 -18.63 -16.36
N PHE L 75 18.37 -18.45 -17.55
CA PHE L 75 16.92 -18.50 -17.72
C PHE L 75 16.46 -19.93 -17.94
N ALA L 76 17.41 -20.82 -18.22
CA ALA L 76 17.14 -22.24 -18.23
C ALA L 76 16.97 -22.73 -16.79
N SER L 77 17.83 -22.24 -15.91
CA SER L 77 17.74 -22.59 -14.49
C SER L 77 16.50 -21.97 -13.86
N LEU L 78 16.25 -20.71 -14.18
CA LEU L 78 15.11 -19.97 -13.64
C LEU L 78 13.84 -20.64 -14.13
N LYS L 79 13.92 -21.26 -15.31
CA LYS L 79 12.78 -21.92 -15.92
C LYS L 79 12.23 -23.03 -15.05
N THR L 80 13.10 -23.61 -14.24
CA THR L 80 12.73 -24.72 -13.38
C THR L 80 11.99 -24.32 -12.10
N HIS L 81 12.13 -23.07 -11.68
CA HIS L 81 11.47 -22.58 -10.47
C HIS L 81 10.27 -21.68 -10.77
N TRP L 82 10.44 -20.79 -11.74
CA TRP L 82 9.41 -19.83 -12.09
C TRP L 82 8.78 -20.11 -13.41
N ASP L 83 7.47 -20.08 -13.34
CA ASP L 83 6.57 -20.34 -14.43
C ASP L 83 6.65 -19.25 -15.51
N SER L 84 6.90 -18.03 -15.06
CA SER L 84 7.00 -16.85 -15.92
C SER L 84 7.88 -15.80 -15.25
N LEU L 85 8.29 -14.79 -16.00
CA LEU L 85 9.09 -13.69 -15.45
C LEU L 85 8.38 -12.37 -15.70
N ASP L 86 8.11 -11.63 -14.63
CA ASP L 86 7.33 -10.38 -14.72
C ASP L 86 8.19 -9.14 -14.75
N GLY L 87 9.42 -9.25 -14.25
CA GLY L 87 10.32 -8.12 -14.18
C GLY L 87 11.78 -8.52 -14.25
N LEU L 88 12.57 -7.72 -14.95
CA LEU L 88 14.01 -7.91 -15.02
C LEU L 88 14.69 -6.58 -14.76
N VAL L 89 15.62 -6.58 -13.81
CA VAL L 89 16.35 -5.37 -13.48
C VAL L 89 17.80 -5.53 -13.90
N HIS L 90 18.21 -4.69 -14.83
CA HIS L 90 19.58 -4.68 -15.33
C HIS L 90 20.36 -3.57 -14.65
N SER L 91 21.04 -3.92 -13.56
CA SER L 91 21.81 -2.95 -12.79
C SER L 91 23.29 -3.31 -12.90
N ILE L 92 23.77 -3.39 -14.13
CA ILE L 92 25.11 -3.87 -14.43
C ILE L 92 25.98 -2.86 -15.16
N GLY L 93 27.25 -2.79 -14.77
CA GLY L 93 28.21 -1.93 -15.43
C GLY L 93 29.65 -2.31 -15.18
N PHE L 94 30.49 -2.09 -16.19
CA PHE L 94 31.93 -2.28 -16.05
C PHE L 94 32.70 -1.52 -17.12
N ALA L 95 33.85 -1.00 -16.71
CA ALA L 95 34.82 -0.47 -17.64
C ALA L 95 36.19 -0.53 -16.97
N PRO L 96 37.25 -0.81 -17.75
CA PRO L 96 38.61 -0.73 -17.21
C PRO L 96 38.84 0.64 -16.57
N ARG L 97 39.50 0.66 -15.41
CA ARG L 97 39.56 1.85 -14.59
C ARG L 97 40.20 3.04 -15.30
N GLU L 98 41.14 2.76 -16.19
CA GLU L 98 41.81 3.82 -16.95
C GLU L 98 40.89 4.48 -17.98
N ALA L 99 39.87 3.75 -18.43
CA ALA L 99 38.97 4.26 -19.45
C ALA L 99 37.91 5.17 -18.86
N ILE L 100 37.87 5.25 -17.53
CA ILE L 100 36.97 6.15 -16.82
C ILE L 100 37.77 6.99 -15.85
N ALA L 101 38.95 7.42 -16.30
CA ALA L 101 39.84 8.25 -15.50
C ALA L 101 40.68 9.15 -16.39
N GLY L 102 40.77 10.42 -16.01
CA GLY L 102 41.59 11.37 -16.75
C GLY L 102 40.97 11.74 -18.07
N ASP L 103 41.82 11.88 -19.08
CA ASP L 103 41.38 12.30 -20.40
C ASP L 103 40.63 11.16 -21.11
N PHE L 104 39.64 11.52 -21.93
CA PHE L 104 38.87 10.50 -22.64
C PHE L 104 39.77 9.73 -23.58
N LEU L 105 40.65 10.44 -24.29
CA LEU L 105 41.48 9.80 -25.30
C LEU L 105 42.66 9.05 -24.70
N ASP L 106 43.18 9.53 -23.57
CA ASP L 106 44.33 8.88 -22.97
C ASP L 106 44.03 7.42 -22.59
N GLY L 107 42.83 7.18 -22.09
CA GLY L 107 42.45 5.85 -21.63
C GLY L 107 41.66 5.08 -22.66
N LEU L 108 41.60 5.62 -23.88
CA LEU L 108 40.85 4.98 -24.95
C LEU L 108 41.68 3.93 -25.69
N THR L 109 41.21 2.70 -25.66
CA THR L 109 41.74 1.64 -26.50
C THR L 109 40.58 0.85 -27.06
N ARG L 110 40.79 0.18 -28.18
CA ARG L 110 39.74 -0.60 -28.82
C ARG L 110 39.18 -1.63 -27.84
N GLU L 111 40.05 -2.16 -26.99
CA GLU L 111 39.66 -3.22 -26.08
C GLU L 111 38.87 -2.69 -24.90
N ASN L 112 39.24 -1.52 -24.39
CA ASN L 112 38.48 -0.89 -23.32
C ASN L 112 37.08 -0.55 -23.80
N PHE L 113 37.00 -0.06 -25.02
CA PHE L 113 35.73 0.27 -25.67
C PHE L 113 34.88 -0.98 -25.80
N ARG L 114 35.50 -2.04 -26.30
CA ARG L 114 34.79 -3.31 -26.54
C ARG L 114 34.19 -3.81 -25.24
N ILE L 115 35.01 -3.84 -24.20
CA ILE L 115 34.59 -4.39 -22.92
C ILE L 115 33.51 -3.53 -22.28
N ALA L 116 33.70 -2.22 -22.33
CA ALA L 116 32.76 -1.30 -21.71
C ALA L 116 31.37 -1.46 -22.29
N HIS L 117 31.30 -1.57 -23.62
CA HIS L 117 30.02 -1.70 -24.31
C HIS L 117 29.45 -3.11 -24.20
N ASP L 118 30.33 -4.10 -24.16
CA ASP L 118 29.90 -5.48 -24.04
C ASP L 118 29.12 -5.69 -22.75
N ILE L 119 29.70 -5.22 -21.65
CA ILE L 119 29.13 -5.46 -20.33
C ILE L 119 28.02 -4.47 -19.97
N SER L 120 28.23 -3.20 -20.31
CA SER L 120 27.36 -2.14 -19.82
C SER L 120 26.18 -1.85 -20.74
N ALA L 121 26.30 -2.21 -22.02
CA ALA L 121 25.28 -1.91 -23.01
C ALA L 121 24.65 -3.16 -23.60
N TYR L 122 25.45 -3.96 -24.30
CA TYR L 122 24.94 -5.15 -24.98
C TYR L 122 24.20 -6.10 -24.06
N SER L 123 24.65 -6.20 -22.81
CA SER L 123 24.12 -7.19 -21.88
C SER L 123 22.64 -7.01 -21.59
N PHE L 124 22.10 -5.82 -21.83
CA PHE L 124 20.71 -5.54 -21.50
C PHE L 124 19.77 -6.19 -22.52
N PRO L 125 19.92 -5.85 -23.81
CA PRO L 125 19.05 -6.54 -24.77
C PRO L 125 19.38 -8.04 -24.86
N ALA L 126 20.59 -8.43 -24.51
CA ALA L 126 20.98 -9.83 -24.49
C ALA L 126 20.15 -10.60 -23.46
N LEU L 127 20.05 -10.06 -22.26
CA LEU L 127 19.24 -10.64 -21.19
C LEU L 127 17.76 -10.59 -21.56
N ALA L 128 17.38 -9.53 -22.28
CA ALA L 128 16.02 -9.39 -22.73
C ALA L 128 15.66 -10.50 -23.69
N LYS L 129 16.56 -10.77 -24.63
CA LYS L 129 16.35 -11.78 -25.65
C LYS L 129 16.30 -13.19 -25.06
N ALA L 130 17.18 -13.45 -24.09
CA ALA L 130 17.28 -14.77 -23.48
C ALA L 130 16.11 -15.06 -22.56
N ALA L 131 15.45 -14.01 -22.11
CA ALA L 131 14.34 -14.14 -21.17
C ALA L 131 13.01 -14.24 -21.87
N LEU L 132 12.98 -13.83 -23.13
CA LEU L 132 11.74 -13.65 -23.87
C LEU L 132 10.81 -14.86 -23.87
N PRO L 133 11.37 -16.09 -23.98
CA PRO L 133 10.49 -17.26 -23.96
C PRO L 133 9.65 -17.40 -22.71
N MET L 134 10.05 -16.76 -21.61
CA MET L 134 9.32 -16.91 -20.34
C MET L 134 8.86 -15.57 -19.77
N LEU L 135 8.98 -14.50 -20.54
CA LEU L 135 8.48 -13.19 -20.10
C LEU L 135 6.96 -13.22 -20.15
N SER L 136 6.31 -12.66 -19.13
CA SER L 136 4.85 -12.57 -19.14
C SER L 136 4.43 -11.50 -20.13
N ASP L 137 3.15 -11.45 -20.44
CA ASP L 137 2.67 -10.57 -21.50
C ASP L 137 2.84 -9.09 -21.17
N ASP L 138 2.88 -8.77 -19.88
CA ASP L 138 3.03 -7.38 -19.44
C ASP L 138 4.26 -7.24 -18.57
N ALA L 139 5.32 -7.96 -18.93
CA ALA L 139 6.56 -7.89 -18.19
C ALA L 139 7.14 -6.49 -18.32
N SER L 140 8.12 -6.18 -17.48
CA SER L 140 8.70 -4.85 -17.42
C SER L 140 10.19 -4.96 -17.20
N LEU L 141 10.97 -4.40 -18.13
CA LEU L 141 12.42 -4.41 -18.03
C LEU L 141 12.92 -3.04 -17.62
N LEU L 142 13.95 -3.02 -16.78
CA LEU L 142 14.48 -1.78 -16.24
C LEU L 142 16.00 -1.83 -16.20
N THR L 143 16.62 -0.76 -16.69
CA THR L 143 18.07 -0.62 -16.64
C THR L 143 18.44 0.71 -15.99
N LEU L 144 19.71 0.87 -15.66
CA LEU L 144 20.21 2.08 -15.01
C LEU L 144 21.18 2.80 -15.93
N SER L 145 20.98 4.09 -16.10
CA SER L 145 21.89 4.91 -16.90
C SER L 145 22.33 6.11 -16.10
N TYR L 146 23.12 6.98 -16.73
CA TYR L 146 23.60 8.18 -16.07
C TYR L 146 23.59 9.34 -17.05
N LEU L 147 23.44 10.54 -16.52
CA LEU L 147 23.40 11.75 -17.30
C LEU L 147 24.61 11.88 -18.23
N GLY L 148 25.66 11.14 -17.94
CA GLY L 148 26.87 11.19 -18.74
C GLY L 148 26.69 10.76 -20.17
N ALA L 149 25.55 10.13 -20.47
CA ALA L 149 25.21 9.76 -21.85
C ALA L 149 24.72 10.98 -22.62
N GLU L 150 23.99 11.84 -21.92
CA GLU L 150 23.36 12.99 -22.55
C GLU L 150 24.36 14.10 -22.74
N ARG L 151 25.21 14.30 -21.74
CA ARG L 151 26.20 15.37 -21.78
C ARG L 151 27.54 14.87 -21.27
N ALA L 152 28.60 15.55 -21.67
CA ALA L 152 29.95 15.12 -21.31
C ALA L 152 30.26 15.45 -19.87
N ILE L 153 30.50 14.41 -19.08
CA ILE L 153 30.83 14.56 -17.68
C ILE L 153 32.26 14.10 -17.46
N PRO L 154 33.05 14.85 -16.67
CA PRO L 154 34.45 14.50 -16.45
C PRO L 154 34.65 13.09 -15.91
N ASN L 155 35.60 12.38 -16.50
CA ASN L 155 36.05 11.06 -16.04
C ASN L 155 35.12 9.94 -16.44
N TYR L 156 33.90 10.26 -16.86
CA TYR L 156 32.97 9.22 -17.25
C TYR L 156 33.45 8.62 -18.56
N ASN L 157 33.94 9.50 -19.44
CA ASN L 157 34.65 9.10 -20.66
C ASN L 157 33.96 7.96 -21.43
N THR L 158 34.66 6.85 -21.62
CA THR L 158 34.18 5.77 -22.46
C THR L 158 32.86 5.22 -21.96
N MET L 159 32.62 5.37 -20.66
CA MET L 159 31.41 4.85 -20.07
C MET L 159 30.21 5.67 -20.52
N GLY L 160 30.47 6.91 -20.90
CA GLY L 160 29.42 7.77 -21.41
C GLY L 160 28.92 7.28 -22.76
N LEU L 161 29.85 6.79 -23.57
CA LEU L 161 29.52 6.23 -24.88
C LEU L 161 28.63 5.01 -24.73
N ALA L 162 29.00 4.11 -23.83
CA ALA L 162 28.25 2.88 -23.61
C ALA L 162 26.86 3.20 -23.12
N LYS L 163 26.75 4.18 -22.23
CA LYS L 163 25.45 4.55 -21.68
C LYS L 163 24.54 5.16 -22.74
N ALA L 164 25.12 5.78 -23.74
CA ALA L 164 24.33 6.33 -24.84
C ALA L 164 23.72 5.20 -25.65
N ALA L 165 24.51 4.15 -25.84
CA ALA L 165 24.04 2.97 -26.56
C ALA L 165 22.96 2.24 -25.76
N LEU L 166 23.17 2.15 -24.45
CA LEU L 166 22.22 1.47 -23.57
C LEU L 166 20.84 2.14 -23.62
N GLU L 167 20.81 3.48 -23.52
CA GLU L 167 19.53 4.19 -23.55
C GLU L 167 18.85 4.08 -24.91
N ALA L 168 19.64 3.91 -25.96
CA ALA L 168 19.09 3.71 -27.29
C ALA L 168 18.53 2.29 -27.40
N SER L 169 19.21 1.35 -26.75
CA SER L 169 18.76 -0.03 -26.75
C SER L 169 17.43 -0.13 -26.03
N VAL L 170 17.21 0.77 -25.08
CA VAL L 170 15.93 0.86 -24.39
C VAL L 170 14.82 1.12 -25.40
N ARG L 171 15.08 2.05 -26.31
CA ARG L 171 14.08 2.44 -27.29
C ARG L 171 13.81 1.34 -28.30
N TYR L 172 14.85 0.69 -28.80
CA TYR L 172 14.67 -0.37 -29.78
C TYR L 172 14.06 -1.61 -29.14
N LEU L 173 14.43 -1.90 -27.90
CA LEU L 173 13.81 -2.99 -27.14
C LEU L 173 12.32 -2.76 -26.94
N ALA L 174 11.94 -1.53 -26.66
CA ALA L 174 10.55 -1.20 -26.38
C ALA L 174 9.69 -1.53 -27.58
N VAL L 175 10.23 -1.29 -28.77
CA VAL L 175 9.52 -1.54 -30.01
C VAL L 175 9.40 -3.03 -30.27
N SER L 176 10.50 -3.75 -30.05
CA SER L 176 10.54 -5.18 -30.33
C SER L 176 9.61 -5.96 -29.42
N LEU L 177 9.67 -5.65 -28.12
CA LEU L 177 8.89 -6.35 -27.11
C LEU L 177 7.54 -5.69 -26.84
N GLY L 178 7.33 -4.51 -27.40
CA GLY L 178 6.14 -3.72 -27.09
C GLY L 178 4.83 -4.29 -27.58
N ALA L 179 4.84 -4.90 -28.77
CA ALA L 179 3.63 -5.48 -29.33
C ALA L 179 3.14 -6.61 -28.43
N LYS L 180 4.10 -7.28 -27.80
CA LYS L 180 3.81 -8.40 -26.93
C LYS L 180 3.19 -7.91 -25.63
N GLY L 181 3.26 -6.61 -25.39
CA GLY L 181 2.72 -5.99 -24.19
C GLY L 181 3.80 -5.65 -23.18
N VAL L 182 5.06 -5.84 -23.56
CA VAL L 182 6.19 -5.63 -22.65
C VAL L 182 6.71 -4.20 -22.66
N ARG L 183 7.08 -3.71 -21.49
CA ARG L 183 7.59 -2.35 -21.33
C ARG L 183 9.07 -2.37 -20.99
N VAL L 184 9.80 -1.37 -21.49
CA VAL L 184 11.23 -1.26 -21.27
C VAL L 184 11.58 0.19 -20.96
N ASN L 185 12.20 0.41 -19.81
CA ASN L 185 12.54 1.76 -19.37
C ASN L 185 13.90 1.82 -18.73
N ALA L 186 14.38 3.03 -18.51
CA ALA L 186 15.63 3.25 -17.79
C ALA L 186 15.45 4.34 -16.75
N ILE L 187 16.20 4.21 -15.67
CA ILE L 187 16.35 5.29 -14.71
C ILE L 187 17.73 5.90 -14.87
N SER L 188 17.78 7.19 -15.15
CA SER L 188 19.04 7.92 -15.10
C SER L 188 19.22 8.42 -13.68
N ALA L 189 19.99 7.67 -12.89
CA ALA L 189 20.15 7.96 -11.48
C ALA L 189 21.21 9.02 -11.26
N GLY L 190 21.03 9.82 -10.21
CA GLY L 190 22.04 10.78 -9.81
C GLY L 190 23.16 10.05 -9.09
N PRO L 191 24.21 10.79 -8.69
CA PRO L 191 25.36 10.15 -8.06
C PRO L 191 25.04 9.50 -6.71
N ILE L 192 25.42 8.24 -6.58
CA ILE L 192 25.29 7.48 -5.34
C ILE L 192 26.62 6.81 -5.01
N LYS L 193 27.04 6.89 -3.76
CA LYS L 193 28.31 6.28 -3.36
C LYS L 193 28.16 4.76 -3.31
N THR L 194 28.65 4.10 -4.34
CA THR L 194 28.62 2.63 -4.43
C THR L 194 30.00 2.11 -4.74
N LEU L 195 30.13 0.79 -4.79
CA LEU L 195 31.38 0.13 -5.10
C LEU L 195 31.91 0.59 -6.47
N ALA L 196 31.01 0.64 -7.45
CA ALA L 196 31.38 1.05 -8.80
C ALA L 196 31.83 2.50 -8.82
N ALA L 197 31.23 3.31 -7.95
CA ALA L 197 31.52 4.74 -7.89
C ALA L 197 32.98 5.01 -7.52
N SER L 198 33.57 4.10 -6.76
CA SER L 198 34.95 4.27 -6.30
C SER L 198 35.94 4.13 -7.45
N GLY L 199 35.46 3.63 -8.58
CA GLY L 199 36.31 3.46 -9.75
C GLY L 199 36.41 4.73 -10.57
N ILE L 200 35.53 5.68 -10.27
CA ILE L 200 35.51 6.95 -10.98
C ILE L 200 36.29 8.04 -10.28
N LYS L 201 37.38 8.47 -10.92
CA LYS L 201 38.25 9.49 -10.38
C LYS L 201 37.44 10.74 -10.06
N SER L 202 37.59 11.25 -8.84
CA SER L 202 36.87 12.44 -8.39
C SER L 202 35.35 12.28 -8.43
N PHE L 203 34.86 11.14 -7.99
CA PHE L 203 33.43 10.94 -7.80
C PHE L 203 32.91 11.95 -6.77
N GLY L 204 33.73 12.24 -5.77
CA GLY L 204 33.34 13.10 -4.69
C GLY L 204 33.02 14.53 -5.09
N LYS L 205 33.77 15.09 -6.05
CA LYS L 205 33.45 16.44 -6.50
C LYS L 205 32.11 16.50 -7.20
N ILE L 206 31.74 15.43 -7.87
CA ILE L 206 30.44 15.38 -8.53
C ILE L 206 29.33 15.35 -7.49
N LEU L 207 29.54 14.58 -6.41
CA LEU L 207 28.57 14.52 -5.33
C LEU L 207 28.31 15.88 -4.72
N ASP L 208 29.39 16.59 -4.43
CA ASP L 208 29.29 17.91 -3.81
C ASP L 208 28.61 18.88 -4.77
N PHE L 209 28.91 18.76 -6.05
CA PHE L 209 28.38 19.66 -7.06
C PHE L 209 26.88 19.48 -7.24
N VAL L 210 26.42 18.23 -7.20
CA VAL L 210 25.01 17.93 -7.36
C VAL L 210 24.21 18.40 -6.16
N GLU L 211 24.76 18.16 -4.98
CA GLU L 211 24.10 18.54 -3.74
C GLU L 211 23.91 20.06 -3.67
N SER L 212 24.85 20.80 -4.24
CA SER L 212 24.82 22.25 -4.19
C SER L 212 23.93 22.88 -5.26
N ASN L 213 23.87 22.25 -6.43
CA ASN L 213 23.27 22.87 -7.62
C ASN L 213 21.98 22.24 -8.10
N SER L 214 21.71 21.00 -7.68
CA SER L 214 20.45 20.37 -8.06
C SER L 214 19.30 21.20 -7.47
N PRO L 215 18.15 21.23 -8.17
CA PRO L 215 17.02 22.02 -7.67
C PRO L 215 16.62 21.68 -6.24
N LEU L 216 16.63 20.40 -5.88
CA LEU L 216 16.23 20.00 -4.54
C LEU L 216 17.35 20.14 -3.52
N LYS L 217 18.52 20.60 -3.95
CA LYS L 217 19.63 20.86 -3.02
C LYS L 217 19.99 19.63 -2.19
N ARG L 218 19.91 18.47 -2.81
CA ARG L 218 20.22 17.24 -2.11
C ARG L 218 20.51 16.12 -3.10
N ASN L 219 21.38 15.21 -2.72
CA ASN L 219 21.65 14.02 -3.53
C ASN L 219 20.60 12.97 -3.29
N VAL L 220 20.54 12.00 -4.21
CA VAL L 220 19.55 10.94 -4.11
C VAL L 220 20.12 9.73 -3.40
N THR L 221 19.22 8.84 -3.03
CA THR L 221 19.58 7.65 -2.31
C THR L 221 19.08 6.43 -3.09
N ILE L 222 19.54 5.24 -2.71
CA ILE L 222 19.11 4.02 -3.39
C ILE L 222 17.66 3.70 -3.07
N GLU L 223 17.16 4.30 -1.99
CA GLU L 223 15.77 4.14 -1.59
C GLU L 223 14.87 4.91 -2.56
N GLN L 224 15.33 6.11 -2.93
CA GLN L 224 14.60 6.97 -3.84
C GLN L 224 14.61 6.41 -5.26
N VAL L 225 15.78 5.94 -5.70
CA VAL L 225 15.87 5.27 -6.99
C VAL L 225 15.07 3.97 -6.93
N GLY L 226 15.07 3.34 -5.76
CA GLY L 226 14.39 2.07 -5.58
C GLY L 226 12.89 2.18 -5.73
N ASN L 227 12.30 3.21 -5.13
CA ASN L 227 10.87 3.45 -5.26
C ASN L 227 10.48 3.75 -6.71
N ALA L 228 11.33 4.51 -7.40
CA ALA L 228 11.09 4.83 -8.80
C ALA L 228 11.13 3.56 -9.64
N GLY L 229 12.02 2.64 -9.30
CA GLY L 229 12.15 1.38 -10.00
C GLY L 229 10.93 0.50 -9.80
N ALA L 230 10.45 0.44 -8.57
CA ALA L 230 9.28 -0.36 -8.23
C ALA L 230 8.08 0.11 -9.05
N PHE L 231 7.96 1.41 -9.19
CA PHE L 231 6.90 2.03 -9.97
C PHE L 231 6.93 1.55 -11.42
N LEU L 232 8.10 1.67 -12.06
CA LEU L 232 8.23 1.33 -13.47
C LEU L 232 8.03 -0.16 -13.73
N LEU L 233 8.35 -0.99 -12.74
CA LEU L 233 8.17 -2.43 -12.85
C LEU L 233 6.71 -2.83 -12.65
N SER L 234 5.91 -1.90 -12.15
CA SER L 234 4.53 -2.17 -11.77
C SER L 234 3.49 -1.72 -12.81
N ASP L 235 2.25 -2.15 -12.59
CA ASP L 235 1.15 -1.80 -13.48
C ASP L 235 0.71 -0.35 -13.30
N LEU L 236 1.30 0.33 -12.32
CA LEU L 236 1.06 1.75 -12.17
C LEU L 236 1.63 2.51 -13.36
N ALA L 237 2.67 1.93 -13.96
CA ALA L 237 3.34 2.54 -15.09
C ALA L 237 3.10 1.77 -16.38
N SER L 238 1.90 1.20 -16.51
CA SER L 238 1.59 0.38 -17.68
C SER L 238 1.47 1.24 -18.93
N GLY L 239 1.42 2.56 -18.74
CA GLY L 239 1.38 3.50 -19.85
C GLY L 239 2.74 4.06 -20.22
N VAL L 240 3.79 3.55 -19.57
CA VAL L 240 5.14 4.08 -19.73
C VAL L 240 6.13 3.07 -20.32
N THR L 241 6.70 3.39 -21.48
CA THR L 241 7.75 2.56 -22.07
C THR L 241 8.70 3.43 -22.89
N ALA L 242 9.89 2.91 -23.15
CA ALA L 242 10.92 3.62 -23.92
C ALA L 242 11.32 4.93 -23.27
N GLU L 243 11.17 5.01 -21.95
CA GLU L 243 11.44 6.22 -21.21
C GLU L 243 12.75 6.13 -20.45
N VAL L 244 13.50 7.23 -20.44
CA VAL L 244 14.65 7.39 -19.54
C VAL L 244 14.28 8.40 -18.46
N MET L 245 13.99 7.90 -17.27
CA MET L 245 13.49 8.72 -16.18
C MET L 245 14.63 9.20 -15.27
N HIS L 246 14.74 10.51 -15.11
CA HIS L 246 15.78 11.08 -14.26
C HIS L 246 15.37 11.04 -12.80
N VAL L 247 16.16 10.34 -12.00
CA VAL L 247 16.03 10.36 -10.55
C VAL L 247 17.33 10.92 -9.98
N ASP L 248 17.50 12.23 -10.08
CA ASP L 248 18.74 12.88 -9.68
C ASP L 248 18.46 14.24 -9.04
N SER L 249 17.35 14.32 -8.31
CA SER L 249 16.95 15.56 -7.66
C SER L 249 16.82 16.74 -8.64
N GLY L 250 16.68 16.43 -9.93
CA GLY L 250 16.44 17.45 -10.92
C GLY L 250 17.71 18.05 -11.52
N PHE L 251 18.86 17.47 -11.20
CA PHE L 251 20.13 18.04 -11.60
C PHE L 251 20.26 18.17 -13.11
N ASN L 252 19.71 17.20 -13.83
CA ASN L 252 19.80 17.16 -15.28
C ASN L 252 19.26 18.41 -15.95
N ALA L 253 18.34 19.10 -15.28
CA ALA L 253 17.55 20.16 -15.89
C ALA L 253 18.08 21.57 -15.65
N VAL L 254 19.23 21.67 -15.01
CA VAL L 254 19.80 22.98 -14.70
C VAL L 254 21.20 23.15 -15.25
N VAL L 255 21.64 24.41 -15.29
CA VAL L 255 23.04 24.74 -15.50
C VAL L 255 23.57 25.30 -14.19
N GLY L 256 24.23 24.45 -13.42
CA GLY L 256 24.72 24.84 -12.10
C GLY L 256 26.12 25.42 -12.16
N GLY L 257 26.53 26.05 -11.06
CA GLY L 257 27.89 26.56 -10.91
C GLY L 257 27.94 28.08 -10.96
N MET L 258 26.87 28.70 -11.45
CA MET L 258 26.81 30.15 -11.62
C MET L 258 25.98 30.81 -10.52
#